data_6ACF
#
_entry.id   6ACF
#
_cell.length_a   1.0
_cell.length_b   1.0
_cell.length_c   1.0
_cell.angle_alpha   90.00
_cell.angle_beta   90.00
_cell.angle_gamma   90.00
#
_symmetry.space_group_name_H-M   'P 1'
#
_entity_poly.entity_id   1
_entity_poly.type   'polypeptide(L)'
_entity_poly.pdbx_seq_one_letter_code
;MELFQYMEKYDYEQVLFCQDKESGLKAIIVIHDTTLGPALGGTRMWMYNSEEEALEDALRLARGMTYKNAAAGLNLGGGK
TVIIGDPRKDKNEAMFRAFGRFIQGLNGRYITAEDVGTTVADMDIIYQETDYVTGISPEFGSSGNPSPATAYGVYRGMKA
AAKEAFGSDSLEGKVVAVQGVGNVAYHLCRHLHEEGAKLIVTDINKEAVARAVEEFGAKAVDPNDIYGVECDIFAPCALG
GIINDQTIPQLKAKVIAGSANNQLKEPRHGDMIHEMGIVYAPDYVINAGGVINVADELYGYNRERAMKKIEQIYDNIEKV
FAIAKRDNIPTYVAADRMAEERIETMRKARSQFLQNGHHILSRRRAR
;
_entity_poly.pdbx_strand_id   A,B,C,D,E,F,G,H
#
# COMPACT_ATOMS: atom_id res chain seq x y z
N MET A 1 3.47 35.20 -31.93
CA MET A 1 4.06 34.08 -32.63
C MET A 1 2.96 33.25 -33.30
N GLU A 2 1.73 33.44 -32.81
CA GLU A 2 0.57 32.60 -33.11
C GLU A 2 0.87 31.15 -32.74
N LEU A 3 0.98 30.94 -31.43
CA LEU A 3 1.70 29.78 -30.91
C LEU A 3 0.89 28.50 -31.05
N PHE A 4 -0.45 28.58 -31.06
CA PHE A 4 -1.22 27.37 -31.33
C PHE A 4 -1.13 26.92 -32.78
N GLN A 5 -0.85 27.83 -33.72
CA GLN A 5 -0.61 27.38 -35.09
C GLN A 5 0.67 26.57 -35.18
N TYR A 6 1.74 27.05 -34.55
CA TYR A 6 3.00 26.33 -34.59
C TYR A 6 2.92 25.04 -33.80
N MET A 7 2.11 24.98 -32.74
CA MET A 7 1.89 23.72 -32.06
C MET A 7 1.05 22.76 -32.92
N GLU A 8 0.04 23.28 -33.62
CA GLU A 8 -0.87 22.42 -34.36
C GLU A 8 -0.21 21.83 -35.59
N LYS A 9 0.74 22.56 -36.20
CA LYS A 9 1.41 22.03 -37.39
C LYS A 9 2.26 20.81 -37.10
N TYR A 10 2.91 20.75 -35.93
CA TYR A 10 3.83 19.66 -35.62
C TYR A 10 3.32 18.75 -34.52
N ASP A 11 2.12 19.02 -33.98
CA ASP A 11 1.49 18.26 -32.89
C ASP A 11 2.38 18.26 -31.65
N TYR A 12 2.67 19.45 -31.16
CA TYR A 12 3.25 19.61 -29.84
C TYR A 12 2.19 19.38 -28.79
N GLU A 13 2.51 18.61 -27.76
CA GLU A 13 1.53 18.37 -26.70
C GLU A 13 1.38 19.59 -25.81
N GLN A 14 2.44 20.01 -25.14
CA GLN A 14 2.37 21.10 -24.19
C GLN A 14 3.53 22.06 -24.34
N VAL A 15 3.24 23.31 -24.02
CA VAL A 15 4.24 24.31 -23.67
C VAL A 15 3.82 24.86 -22.31
N LEU A 16 4.78 25.12 -21.43
CA LEU A 16 4.46 25.35 -20.03
C LEU A 16 5.39 26.39 -19.45
N PHE A 17 4.85 27.54 -19.04
CA PHE A 17 5.66 28.68 -18.60
C PHE A 17 5.69 28.71 -17.08
N CYS A 18 6.84 28.40 -16.50
CA CYS A 18 7.03 28.49 -15.07
C CYS A 18 7.63 29.84 -14.71
N GLN A 19 7.25 30.34 -13.54
CA GLN A 19 7.70 31.63 -13.06
C GLN A 19 7.72 31.59 -11.55
N ASP A 20 8.77 32.16 -10.96
CA ASP A 20 8.82 32.30 -9.51
C ASP A 20 9.53 33.60 -9.19
N LYS A 21 8.87 34.46 -8.42
CA LYS A 21 9.29 35.85 -8.27
C LYS A 21 10.35 36.01 -7.18
N GLU A 22 10.22 35.30 -6.07
CA GLU A 22 11.19 35.41 -4.98
C GLU A 22 12.49 34.68 -5.26
N SER A 23 12.58 33.95 -6.36
CA SER A 23 13.81 33.34 -6.79
C SER A 23 14.29 33.81 -8.15
N GLY A 24 13.44 34.45 -8.95
CA GLY A 24 13.82 34.94 -10.25
C GLY A 24 13.76 33.92 -11.36
N LEU A 25 12.98 32.85 -11.19
CA LEU A 25 12.92 31.80 -12.20
C LEU A 25 11.94 32.16 -13.31
N LYS A 26 12.40 32.01 -14.56
CA LYS A 26 11.57 32.12 -15.75
C LYS A 26 11.93 30.93 -16.62
N ALA A 27 11.05 29.94 -16.72
CA ALA A 27 11.37 28.70 -17.43
C ALA A 27 10.28 28.35 -18.43
N ILE A 28 10.68 27.70 -19.53
CA ILE A 28 9.79 27.27 -20.58
C ILE A 28 10.02 25.79 -20.76
N ILE A 29 9.08 24.96 -20.37
CA ILE A 29 9.19 23.52 -20.58
C ILE A 29 8.31 23.14 -21.74
N VAL A 30 8.87 22.50 -22.75
CA VAL A 30 8.13 22.15 -23.95
C VAL A 30 8.16 20.65 -24.11
N ILE A 31 6.98 20.05 -24.20
CA ILE A 31 6.80 18.62 -24.39
C ILE A 31 6.17 18.43 -25.77
N HIS A 32 6.87 17.71 -26.65
CA HIS A 32 6.40 17.47 -28.01
C HIS A 32 5.56 16.22 -28.13
N ASP A 33 6.10 15.08 -27.73
CA ASP A 33 5.40 13.83 -27.92
C ASP A 33 5.77 12.92 -26.76
N THR A 34 4.76 12.34 -26.12
CA THR A 34 4.95 11.36 -25.06
C THR A 34 4.24 10.06 -25.39
N THR A 35 4.31 9.64 -26.65
CA THR A 35 3.73 8.36 -27.07
C THR A 35 4.58 7.19 -26.58
N LEU A 36 5.90 7.26 -26.81
CA LEU A 36 6.76 6.14 -26.46
C LEU A 36 6.99 6.04 -24.97
N GLY A 37 7.21 7.16 -24.30
CA GLY A 37 7.40 7.18 -22.88
C GLY A 37 7.34 8.59 -22.34
N PRO A 38 7.95 8.81 -21.18
CA PRO A 38 8.07 10.17 -20.67
C PRO A 38 9.04 11.00 -21.47
N ALA A 39 8.80 12.30 -21.49
CA ALA A 39 9.62 13.22 -22.29
C ALA A 39 10.90 13.49 -21.54
N LEU A 40 11.99 12.88 -21.96
CA LEU A 40 13.31 13.23 -21.44
C LEU A 40 13.88 14.39 -22.24
N GLY A 41 14.41 15.37 -21.53
CA GLY A 41 15.03 16.50 -22.20
C GLY A 41 16.02 17.24 -21.34
N GLY A 42 16.92 17.97 -21.97
CA GLY A 42 17.88 18.73 -21.21
C GLY A 42 17.29 19.99 -20.62
N THR A 43 17.95 20.51 -19.60
CA THR A 43 17.64 21.80 -19.03
C THR A 43 18.74 22.77 -19.43
N ARG A 44 18.41 23.73 -20.27
CA ARG A 44 19.39 24.64 -20.86
CA ARG A 44 19.39 24.64 -20.85
C ARG A 44 19.15 26.04 -20.32
N MET A 45 20.21 26.67 -19.83
CA MET A 45 20.13 28.01 -19.27
C MET A 45 20.98 28.94 -20.12
N TRP A 46 20.35 29.97 -20.68
CA TRP A 46 21.04 30.89 -21.58
C TRP A 46 20.23 32.16 -21.66
N MET A 47 20.94 33.28 -21.83
CA MET A 47 20.31 34.59 -21.82
C MET A 47 19.88 34.97 -23.23
N TYR A 48 18.61 35.31 -23.40
CA TYR A 48 18.05 35.67 -24.69
C TYR A 48 17.70 37.16 -24.70
N ASN A 49 17.56 37.69 -25.92
CA ASN A 49 17.16 39.09 -26.06
C ASN A 49 15.67 39.28 -25.84
N SER A 50 14.89 38.21 -25.88
CA SER A 50 13.44 38.30 -25.77
C SER A 50 12.90 36.96 -25.27
N GLU A 51 11.57 36.88 -25.18
CA GLU A 51 10.92 35.63 -24.83
C GLU A 51 10.75 34.72 -26.04
N GLU A 52 10.49 35.32 -27.20
CA GLU A 52 10.16 34.55 -28.40
C GLU A 52 11.34 33.74 -28.91
N GLU A 53 12.56 34.25 -28.71
CA GLU A 53 13.76 33.50 -29.07
C GLU A 53 13.86 32.23 -28.24
N ALA A 54 13.63 32.34 -26.93
CA ALA A 54 13.65 31.18 -26.05
C ALA A 54 12.53 30.20 -26.39
N LEU A 55 11.38 30.72 -26.78
CA LEU A 55 10.26 29.86 -27.13
C LEU A 55 10.54 29.06 -28.39
N GLU A 56 11.03 29.73 -29.45
CA GLU A 56 11.41 29.03 -30.68
C GLU A 56 12.52 28.01 -30.44
N ASP A 57 13.48 28.36 -29.59
CA ASP A 57 14.59 27.46 -29.28
C ASP A 57 14.11 26.20 -28.56
N ALA A 58 13.20 26.37 -27.60
CA ALA A 58 12.66 25.23 -26.87
C ALA A 58 11.80 24.34 -27.76
N LEU A 59 11.06 24.93 -28.68
CA LEU A 59 10.20 24.15 -29.58
C LEU A 59 11.03 23.31 -30.55
N ARG A 60 12.06 23.92 -31.16
CA ARG A 60 12.95 23.17 -32.06
C ARG A 60 13.68 22.05 -31.33
N LEU A 61 14.17 22.32 -30.12
CA LEU A 61 14.91 21.28 -29.41
C LEU A 61 13.99 20.19 -28.88
N ALA A 62 12.72 20.49 -28.61
CA ALA A 62 11.78 19.45 -28.22
C ALA A 62 11.49 18.49 -29.38
N ARG A 63 11.31 19.03 -30.58
CA ARG A 63 11.11 18.17 -31.75
CA ARG A 63 11.11 18.16 -31.73
C ARG A 63 12.36 17.33 -32.03
N GLY A 64 13.54 17.94 -31.90
CA GLY A 64 14.78 17.22 -32.12
C GLY A 64 15.00 16.10 -31.12
N MET A 65 14.66 16.33 -29.85
CA MET A 65 14.77 15.26 -28.85
C MET A 65 13.75 14.17 -29.07
N THR A 66 12.58 14.49 -29.63
CA THR A 66 11.63 13.44 -29.99
C THR A 66 12.22 12.49 -31.01
N TYR A 67 12.77 13.04 -32.10
CA TYR A 67 13.36 12.16 -33.11
C TYR A 67 14.62 11.45 -32.63
N LYS A 68 15.41 12.09 -31.77
CA LYS A 68 16.60 11.44 -31.21
C LYS A 68 16.23 10.27 -30.31
N ASN A 69 15.27 10.47 -29.39
CA ASN A 69 14.87 9.37 -28.52
C ASN A 69 14.18 8.26 -29.28
N ALA A 70 13.45 8.60 -30.35
CA ALA A 70 12.75 7.56 -31.11
C ALA A 70 13.73 6.73 -31.92
N ALA A 71 14.68 7.37 -32.59
CA ALA A 71 15.61 6.63 -33.44
C ALA A 71 16.64 5.84 -32.63
N ALA A 72 16.87 6.20 -31.38
CA ALA A 72 17.84 5.52 -30.54
C ALA A 72 17.35 4.18 -30.02
N GLY A 73 16.06 3.91 -30.08
CA GLY A 73 15.50 2.71 -29.51
C GLY A 73 15.10 2.83 -28.06
N LEU A 74 14.81 4.03 -27.58
CA LEU A 74 14.48 4.28 -26.19
C LEU A 74 12.98 4.46 -26.03
N ASN A 75 12.49 4.10 -24.85
CA ASN A 75 11.07 4.27 -24.52
C ASN A 75 10.87 5.61 -23.82
N LEU A 76 11.21 6.67 -24.54
CA LEU A 76 11.23 8.01 -24.01
C LEU A 76 10.72 8.96 -25.08
N GLY A 77 10.09 10.03 -24.63
CA GLY A 77 9.56 11.03 -25.53
C GLY A 77 10.52 12.19 -25.72
N GLY A 78 9.99 13.27 -26.27
CA GLY A 78 10.83 14.42 -26.50
C GLY A 78 10.34 15.68 -25.83
N GLY A 79 11.21 16.31 -25.07
CA GLY A 79 10.93 17.61 -24.48
C GLY A 79 12.21 18.37 -24.30
N LYS A 80 12.08 19.57 -23.75
CA LYS A 80 13.21 20.48 -23.56
C LYS A 80 12.79 21.62 -22.66
N THR A 81 13.65 21.97 -21.71
CA THR A 81 13.45 23.13 -20.86
C THR A 81 14.45 24.20 -21.28
N VAL A 82 14.00 25.44 -21.32
CA VAL A 82 14.87 26.60 -21.43
C VAL A 82 14.61 27.49 -20.23
N ILE A 83 15.63 27.70 -19.41
CA ILE A 83 15.57 28.71 -18.35
C ILE A 83 16.16 29.99 -18.88
N ILE A 84 15.43 31.09 -18.76
CA ILE A 84 15.87 32.39 -19.24
C ILE A 84 16.63 33.07 -18.12
N GLY A 85 17.93 33.21 -18.29
CA GLY A 85 18.76 33.86 -17.29
C GLY A 85 20.21 33.76 -17.70
N ASP A 86 21.07 34.26 -16.83
CA ASP A 86 22.50 34.21 -17.06
C ASP A 86 23.10 33.16 -16.13
N PRO A 87 23.74 32.11 -16.63
CA PRO A 87 24.32 31.10 -15.75
C PRO A 87 25.60 31.54 -15.04
N ARG A 88 26.06 32.78 -15.21
CA ARG A 88 27.22 33.26 -14.51
C ARG A 88 26.88 34.23 -13.38
N LYS A 89 25.70 34.85 -13.42
CA LYS A 89 25.30 35.80 -12.39
C LYS A 89 23.94 35.56 -11.78
N ASP A 90 23.15 34.62 -12.29
CA ASP A 90 21.74 34.51 -11.90
C ASP A 90 21.38 33.07 -11.56
N LYS A 91 22.21 32.41 -10.76
CA LYS A 91 21.87 31.11 -10.19
C LYS A 91 21.87 31.19 -8.67
N ASN A 92 20.91 30.50 -8.07
CA ASN A 92 20.88 30.28 -6.64
C ASN A 92 20.11 28.99 -6.37
N GLU A 93 19.99 28.65 -5.10
CA GLU A 93 19.32 27.40 -4.73
C GLU A 93 17.82 27.48 -4.96
N ALA A 94 17.25 28.67 -4.76
CA ALA A 94 15.81 28.81 -4.68
C ALA A 94 15.13 28.59 -6.01
N MET A 95 15.77 28.99 -7.11
CA MET A 95 15.17 28.77 -8.42
C MET A 95 15.19 27.31 -8.81
N PHE A 96 16.20 26.54 -8.38
CA PHE A 96 16.17 25.12 -8.70
C PHE A 96 15.28 24.32 -7.76
N ARG A 97 15.08 24.78 -6.52
CA ARG A 97 14.07 24.13 -5.68
C ARG A 97 12.66 24.40 -6.22
N ALA A 98 12.41 25.64 -6.65
CA ALA A 98 11.13 25.96 -7.28
C ALA A 98 10.93 25.17 -8.57
N PHE A 99 11.98 25.07 -9.39
CA PHE A 99 11.89 24.33 -10.64
C PHE A 99 11.74 22.83 -10.42
N GLY A 100 12.36 22.27 -9.39
CA GLY A 100 12.14 20.88 -9.08
C GLY A 100 10.73 20.60 -8.60
N ARG A 101 10.12 21.56 -7.89
CA ARG A 101 8.72 21.38 -7.55
C ARG A 101 7.80 21.51 -8.76
N PHE A 102 8.17 22.33 -9.74
CA PHE A 102 7.38 22.37 -10.96
C PHE A 102 7.54 21.09 -11.80
N ILE A 103 8.69 20.41 -11.71
CA ILE A 103 8.82 19.13 -12.40
C ILE A 103 8.04 18.05 -11.68
N GLN A 104 8.07 18.06 -10.34
CA GLN A 104 7.26 17.13 -9.55
C GLN A 104 5.78 17.38 -9.74
N GLY A 105 5.38 18.60 -10.12
CA GLY A 105 3.99 18.87 -10.42
C GLY A 105 3.52 18.36 -11.75
N LEU A 106 4.40 17.76 -12.55
CA LEU A 106 4.00 17.09 -13.79
C LEU A 106 3.80 15.59 -13.61
N ASN A 107 4.20 15.03 -12.46
CA ASN A 107 4.04 13.62 -12.10
C ASN A 107 4.73 12.70 -13.11
N GLY A 108 6.02 12.90 -13.31
CA GLY A 108 6.80 11.96 -14.09
C GLY A 108 6.59 12.04 -15.58
N ARG A 109 5.77 12.96 -16.04
CA ARG A 109 5.49 13.18 -17.45
C ARG A 109 6.65 13.84 -18.17
N TYR A 110 7.60 14.41 -17.43
CA TYR A 110 8.78 15.05 -17.99
C TYR A 110 9.99 14.79 -17.11
N ILE A 111 11.06 14.26 -17.70
CA ILE A 111 12.29 13.91 -17.02
C ILE A 111 13.39 14.82 -17.54
N THR A 112 14.18 15.41 -16.63
CA THR A 112 15.17 16.40 -17.02
C THR A 112 16.59 15.88 -16.88
N ALA A 113 17.48 16.47 -17.68
CA ALA A 113 18.90 16.14 -17.66
C ALA A 113 19.68 17.44 -17.78
N GLU A 114 21.00 17.35 -17.76
CA GLU A 114 21.78 18.57 -17.92
C GLU A 114 22.07 18.83 -19.40
N ASP A 115 22.43 20.07 -19.69
CA ASP A 115 22.60 20.52 -21.06
C ASP A 115 23.49 21.76 -21.00
N VAL A 116 23.53 22.54 -22.07
CA VAL A 116 24.34 23.76 -22.12
C VAL A 116 23.73 24.78 -21.17
N GLY A 117 24.44 25.08 -20.08
CA GLY A 117 23.96 26.08 -19.16
C GLY A 117 23.94 25.60 -17.73
N THR A 118 23.68 24.31 -17.53
CA THR A 118 23.62 23.72 -16.21
C THR A 118 24.70 22.67 -16.07
N THR A 119 25.04 22.37 -14.81
CA THR A 119 26.07 21.41 -14.44
C THR A 119 25.45 20.33 -13.58
N VAL A 120 26.23 19.30 -13.24
CA VAL A 120 25.74 18.39 -12.20
C VAL A 120 26.20 18.89 -10.84
N ALA A 121 25.66 20.04 -10.47
CA ALA A 121 25.45 20.51 -9.11
C ALA A 121 24.11 21.19 -8.99
N ASP A 122 23.53 21.58 -10.12
CA ASP A 122 22.18 22.09 -10.19
C ASP A 122 21.18 20.95 -10.34
N MET A 123 21.59 19.83 -10.96
CA MET A 123 20.80 18.61 -10.87
C MET A 123 21.11 17.82 -9.62
N ASP A 124 21.25 18.47 -8.51
CA ASP A 124 21.29 17.93 -7.15
C ASP A 124 20.42 18.76 -6.24
N ILE A 125 20.21 20.02 -6.58
CA ILE A 125 19.21 20.83 -5.92
C ILE A 125 17.83 20.43 -6.44
N ILE A 126 17.73 20.13 -7.73
CA ILE A 126 16.50 19.61 -8.30
C ILE A 126 16.18 18.23 -7.75
N TYR A 127 17.21 17.41 -7.54
CA TYR A 127 17.01 16.06 -7.00
C TYR A 127 16.45 16.07 -5.58
N GLN A 128 16.66 17.16 -4.83
CA GLN A 128 16.04 17.29 -3.52
C GLN A 128 14.53 17.44 -3.62
N GLU A 129 14.00 17.88 -4.76
CA GLU A 129 12.57 18.08 -4.90
C GLU A 129 11.88 17.07 -5.80
N THR A 130 12.61 16.21 -6.49
CA THR A 130 11.99 15.30 -7.45
C THR A 130 12.87 14.09 -7.68
N ASP A 131 12.26 13.03 -8.20
CA ASP A 131 12.96 11.87 -8.75
C ASP A 131 13.19 11.97 -10.24
N TYR A 132 12.54 12.91 -10.92
CA TYR A 132 12.49 12.87 -12.37
C TYR A 132 13.62 13.72 -12.93
N VAL A 133 14.82 13.27 -12.64
CA VAL A 133 16.06 13.93 -13.03
C VAL A 133 17.12 12.85 -13.17
N THR A 134 17.93 12.96 -14.22
CA THR A 134 18.94 11.94 -14.49
C THR A 134 20.32 12.60 -14.61
N GLY A 135 21.34 11.83 -14.25
CA GLY A 135 22.66 12.36 -14.07
C GLY A 135 23.00 12.75 -12.64
N ILE A 136 22.47 12.04 -11.65
CA ILE A 136 22.47 12.53 -10.28
C ILE A 136 23.30 11.64 -9.37
N SER A 137 23.36 10.35 -9.67
CA SER A 137 23.73 9.35 -8.69
C SER A 137 25.23 9.28 -8.51
N PRO A 138 25.71 8.77 -7.37
CA PRO A 138 27.14 8.48 -7.26
C PRO A 138 27.59 7.35 -8.15
N GLU A 139 26.69 6.44 -8.53
CA GLU A 139 27.05 5.38 -9.48
C GLU A 139 27.30 5.95 -10.87
N PHE A 140 26.36 6.75 -11.38
CA PHE A 140 26.59 7.46 -12.62
C PHE A 140 27.63 8.57 -12.45
N GLY A 141 27.78 9.10 -11.24
CA GLY A 141 28.83 10.08 -10.99
C GLY A 141 30.22 9.48 -11.01
N SER A 142 30.35 8.18 -10.79
CA SER A 142 31.64 7.50 -10.87
C SER A 142 31.86 6.89 -12.26
N SER A 143 30.99 5.97 -12.67
CA SER A 143 31.25 5.15 -13.86
C SER A 143 30.46 5.61 -15.08
N GLY A 144 29.94 6.83 -15.07
CA GLY A 144 29.07 7.29 -16.12
C GLY A 144 29.59 8.46 -16.92
N ASN A 145 30.85 8.39 -17.35
CA ASN A 145 31.43 9.43 -18.20
C ASN A 145 30.73 9.45 -19.55
N PRO A 146 30.18 10.59 -19.98
CA PRO A 146 29.37 10.61 -21.22
C PRO A 146 30.20 10.48 -22.49
N SER A 147 31.41 11.03 -22.51
CA SER A 147 32.24 11.08 -23.71
C SER A 147 32.78 9.74 -24.21
N PRO A 148 33.20 8.77 -23.37
CA PRO A 148 33.50 7.44 -23.94
C PRO A 148 32.28 6.76 -24.53
N ALA A 149 31.10 6.98 -23.96
CA ALA A 149 29.88 6.43 -24.53
C ALA A 149 29.57 7.04 -25.89
N THR A 150 29.70 8.37 -26.00
CA THR A 150 29.41 9.04 -27.26
C THR A 150 30.41 8.64 -28.32
N ALA A 151 31.69 8.48 -27.93
CA ALA A 151 32.70 8.03 -28.88
C ALA A 151 32.51 6.58 -29.28
N TYR A 152 32.02 5.73 -28.37
CA TYR A 152 31.75 4.34 -28.74
C TYR A 152 30.58 4.26 -29.71
N GLY A 153 29.60 5.14 -29.55
CA GLY A 153 28.51 5.22 -30.52
C GLY A 153 28.95 5.73 -31.87
N VAL A 154 29.84 6.74 -31.88
CA VAL A 154 30.38 7.24 -33.16
C VAL A 154 31.22 6.17 -33.84
N TYR A 155 31.95 5.37 -33.04
CA TYR A 155 32.70 4.23 -33.54
C TYR A 155 31.80 3.22 -34.25
N ARG A 156 30.71 2.82 -33.61
CA ARG A 156 29.81 1.83 -34.21
C ARG A 156 29.09 2.37 -35.45
N GLY A 157 28.67 3.64 -35.40
CA GLY A 157 28.05 4.25 -36.57
C GLY A 157 29.00 4.40 -37.74
N MET A 158 30.28 4.66 -37.46
CA MET A 158 31.25 4.74 -38.52
C MET A 158 31.55 3.37 -39.11
N LYS A 159 31.49 2.31 -38.29
CA LYS A 159 31.55 0.94 -38.81
C LYS A 159 30.40 0.66 -39.76
N ALA A 160 29.19 1.08 -39.40
CA ALA A 160 28.03 0.83 -40.27
C ALA A 160 28.12 1.61 -41.57
N ALA A 161 28.56 2.87 -41.50
CA ALA A 161 28.74 3.64 -42.73
C ALA A 161 29.89 3.11 -43.58
N ALA A 162 30.92 2.52 -42.94
CA ALA A 162 32.00 1.91 -43.69
C ALA A 162 31.54 0.65 -44.40
N LYS A 163 30.68 -0.15 -43.76
CA LYS A 163 30.16 -1.33 -44.44
C LYS A 163 29.15 -0.95 -45.54
N GLU A 164 28.49 0.20 -45.39
CA GLU A 164 27.64 0.69 -46.47
C GLU A 164 28.47 1.12 -47.68
N ALA A 165 29.49 1.93 -47.46
CA ALA A 165 30.21 2.54 -48.58
C ALA A 165 31.35 1.69 -49.12
N PHE A 166 31.82 0.70 -48.37
CA PHE A 166 32.99 -0.08 -48.74
C PHE A 166 32.73 -1.55 -48.93
N GLY A 167 31.76 -2.12 -48.23
CA GLY A 167 31.47 -3.53 -48.34
C GLY A 167 31.79 -4.29 -47.07
N SER A 168 32.91 -3.95 -46.43
CA SER A 168 33.29 -4.52 -45.16
C SER A 168 33.50 -3.42 -44.14
N ASP A 169 33.22 -3.73 -42.87
CA ASP A 169 33.33 -2.75 -41.81
C ASP A 169 34.74 -2.57 -41.27
N SER A 170 35.72 -3.28 -41.82
CA SER A 170 37.09 -3.18 -41.32
C SER A 170 37.70 -1.86 -41.75
N LEU A 171 38.17 -1.08 -40.76
CA LEU A 171 38.84 0.18 -41.03
C LEU A 171 40.35 0.06 -40.97
N GLU A 172 40.90 -1.15 -41.01
CA GLU A 172 42.34 -1.37 -40.91
C GLU A 172 42.97 -0.94 -42.23
N GLY A 173 43.47 0.28 -42.27
CA GLY A 173 44.04 0.86 -43.46
C GLY A 173 43.30 2.04 -44.04
N LYS A 174 42.48 2.73 -43.24
CA LYS A 174 41.68 3.84 -43.73
C LYS A 174 42.20 5.15 -43.14
N VAL A 175 41.80 6.24 -43.77
CA VAL A 175 42.29 7.57 -43.44
C VAL A 175 41.11 8.37 -42.91
N VAL A 176 41.13 8.67 -41.61
CA VAL A 176 40.00 9.31 -40.93
C VAL A 176 40.41 10.72 -40.55
N ALA A 177 39.70 11.71 -41.09
CA ALA A 177 39.96 13.11 -40.80
C ALA A 177 39.01 13.59 -39.71
N VAL A 178 39.57 14.07 -38.61
CA VAL A 178 38.81 14.49 -37.43
C VAL A 178 39.16 15.94 -37.13
N GLN A 179 38.13 16.79 -36.99
CA GLN A 179 38.35 18.14 -36.50
C GLN A 179 37.81 18.26 -35.08
N GLY A 180 38.54 19.00 -34.25
CA GLY A 180 38.30 19.01 -32.82
C GLY A 180 39.00 17.85 -32.15
N VAL A 181 39.73 18.11 -31.06
CA VAL A 181 40.39 17.04 -30.32
C VAL A 181 39.79 17.17 -28.91
N GLY A 182 38.49 17.45 -28.85
CA GLY A 182 37.74 17.34 -27.61
C GLY A 182 37.67 15.90 -27.10
N ASN A 183 36.97 15.75 -25.97
CA ASN A 183 36.98 14.50 -25.21
C ASN A 183 36.36 13.35 -26.00
N VAL A 184 35.23 13.62 -26.67
CA VAL A 184 34.59 12.64 -27.52
C VAL A 184 35.50 12.27 -28.68
N ALA A 185 36.10 13.29 -29.31
CA ALA A 185 36.99 13.03 -30.44
C ALA A 185 38.28 12.36 -29.99
N TYR A 186 38.76 12.64 -28.78
CA TYR A 186 39.98 12.00 -28.29
C TYR A 186 39.76 10.52 -28.01
N HIS A 187 38.61 10.17 -27.39
CA HIS A 187 38.30 8.76 -27.21
C HIS A 187 37.98 8.07 -28.54
N LEU A 188 37.42 8.81 -29.51
CA LEU A 188 37.21 8.28 -30.85
C LEU A 188 38.53 7.95 -31.52
N CYS A 189 39.51 8.85 -31.39
CA CYS A 189 40.85 8.58 -31.93
C CYS A 189 41.52 7.41 -31.22
N ARG A 190 41.25 7.22 -29.93
CA ARG A 190 41.76 6.03 -29.24
C ARG A 190 41.17 4.75 -29.80
N HIS A 191 39.84 4.74 -30.03
CA HIS A 191 39.21 3.56 -30.62
C HIS A 191 39.72 3.28 -32.03
N LEU A 192 39.88 4.33 -32.83
CA LEU A 192 40.37 4.16 -34.21
C LEU A 192 41.83 3.75 -34.25
N HIS A 193 42.63 4.17 -33.26
CA HIS A 193 44.02 3.75 -33.22
C HIS A 193 44.17 2.33 -32.71
N GLU A 194 43.33 1.91 -31.77
CA GLU A 194 43.36 0.51 -31.33
C GLU A 194 42.82 -0.42 -32.39
N GLU A 195 41.97 0.08 -33.30
CA GLU A 195 41.62 -0.74 -34.45
C GLU A 195 42.78 -0.81 -35.43
N GLY A 196 43.53 0.28 -35.58
CA GLY A 196 44.60 0.32 -36.55
C GLY A 196 44.26 1.07 -37.81
N ALA A 197 43.70 2.27 -37.67
CA ALA A 197 43.39 3.13 -38.79
C ALA A 197 44.29 4.36 -38.77
N LYS A 198 44.57 4.89 -39.96
CA LYS A 198 45.41 6.08 -40.07
C LYS A 198 44.57 7.32 -39.81
N LEU A 199 45.07 8.18 -38.93
CA LEU A 199 44.31 9.31 -38.41
C LEU A 199 44.94 10.62 -38.82
N ILE A 200 44.10 11.62 -39.07
CA ILE A 200 44.53 12.99 -39.35
C ILE A 200 43.64 13.91 -38.53
N VAL A 201 44.23 14.59 -37.55
CA VAL A 201 43.45 15.33 -36.56
C VAL A 201 43.78 16.81 -36.66
N THR A 202 42.81 17.62 -36.21
CA THR A 202 43.05 19.05 -36.04
C THR A 202 42.11 19.59 -34.97
N ASP A 203 42.42 20.79 -34.49
CA ASP A 203 41.66 21.46 -33.45
C ASP A 203 42.05 22.93 -33.47
N ILE A 204 41.21 23.76 -32.84
CA ILE A 204 41.52 25.18 -32.72
C ILE A 204 42.74 25.39 -31.82
N ASN A 205 42.83 24.63 -30.73
CA ASN A 205 43.94 24.74 -29.80
C ASN A 205 45.11 23.87 -30.24
N LYS A 206 46.32 24.43 -30.15
CA LYS A 206 47.52 23.72 -30.58
C LYS A 206 47.91 22.62 -29.60
N GLU A 207 47.53 22.79 -28.32
CA GLU A 207 47.94 21.84 -27.29
C GLU A 207 47.27 20.49 -27.44
N ALA A 208 45.97 20.49 -27.78
CA ALA A 208 45.27 19.22 -28.00
C ALA A 208 45.77 18.52 -29.25
N VAL A 209 46.14 19.28 -30.29
CA VAL A 209 46.72 18.68 -31.49
C VAL A 209 48.07 18.06 -31.17
N ALA A 210 48.88 18.73 -30.34
CA ALA A 210 50.18 18.20 -29.95
C ALA A 210 50.02 16.94 -29.10
N ARG A 211 49.03 16.92 -28.20
CA ARG A 211 48.73 15.72 -27.43
C ARG A 211 48.30 14.56 -28.32
N ALA A 212 47.47 14.85 -29.34
CA ALA A 212 47.00 13.80 -30.23
C ALA A 212 48.12 13.25 -31.10
N VAL A 213 49.05 14.11 -31.53
CA VAL A 213 50.19 13.64 -32.32
C VAL A 213 51.16 12.84 -31.46
N GLU A 214 51.38 13.27 -30.21
CA GLU A 214 52.23 12.49 -29.31
C GLU A 214 51.61 11.14 -28.95
N GLU A 215 50.28 11.06 -28.85
CA GLU A 215 49.68 9.81 -28.39
C GLU A 215 49.37 8.84 -29.52
N PHE A 216 48.65 9.27 -30.56
CA PHE A 216 48.08 8.32 -31.49
C PHE A 216 48.66 8.43 -32.91
N GLY A 217 49.67 9.25 -33.11
CA GLY A 217 50.39 9.28 -34.37
C GLY A 217 49.60 9.83 -35.55
N ALA A 218 49.29 11.12 -35.52
CA ALA A 218 48.50 11.76 -36.56
C ALA A 218 49.28 12.95 -37.13
N LYS A 219 48.62 13.71 -38.00
CA LYS A 219 49.22 14.87 -38.65
C LYS A 219 48.66 16.15 -38.06
N ALA A 220 49.56 17.04 -37.63
CA ALA A 220 49.17 18.36 -37.14
C ALA A 220 48.78 19.22 -38.32
N VAL A 221 47.48 19.41 -38.52
CA VAL A 221 46.93 20.10 -39.68
C VAL A 221 46.24 21.36 -39.21
N ASP A 222 46.36 22.44 -40.00
CA ASP A 222 45.69 23.68 -39.71
C ASP A 222 44.17 23.51 -39.75
N PRO A 223 43.43 24.29 -38.95
CA PRO A 223 41.97 24.09 -38.88
C PRO A 223 41.21 24.55 -40.12
N ASN A 224 41.83 25.33 -41.00
CA ASN A 224 41.12 25.86 -42.16
C ASN A 224 41.15 24.93 -43.37
N ASP A 225 42.12 24.02 -43.45
CA ASP A 225 42.29 23.17 -44.60
C ASP A 225 42.11 21.69 -44.27
N ILE A 226 41.27 21.39 -43.28
CA ILE A 226 40.94 19.99 -42.98
C ILE A 226 39.94 19.45 -43.99
N TYR A 227 39.22 20.33 -44.70
CA TYR A 227 38.18 19.90 -45.63
C TYR A 227 38.78 19.32 -46.90
N GLY A 228 39.87 19.92 -47.39
CA GLY A 228 40.56 19.49 -48.58
C GLY A 228 41.54 18.36 -48.41
N VAL A 229 41.63 17.78 -47.21
CA VAL A 229 42.50 16.63 -46.99
C VAL A 229 41.89 15.40 -47.67
N GLU A 230 42.68 14.72 -48.49
CA GLU A 230 42.21 13.51 -49.16
C GLU A 230 42.09 12.38 -48.14
N CYS A 231 40.87 11.89 -47.96
CA CYS A 231 40.59 10.86 -46.96
C CYS A 231 39.36 10.09 -47.40
N ASP A 232 39.04 9.05 -46.64
CA ASP A 232 37.78 8.34 -46.83
C ASP A 232 36.68 8.89 -45.93
N ILE A 233 36.90 8.86 -44.63
CA ILE A 233 35.88 9.21 -43.64
C ILE A 233 36.26 10.54 -43.00
N PHE A 234 35.35 11.50 -43.06
CA PHE A 234 35.49 12.76 -42.34
C PHE A 234 34.56 12.74 -41.12
N ALA A 235 35.11 13.05 -39.95
CA ALA A 235 34.37 12.93 -38.69
C ALA A 235 34.33 14.29 -38.01
N PRO A 236 33.34 15.13 -38.34
CA PRO A 236 33.26 16.46 -37.72
C PRO A 236 32.79 16.37 -36.27
N CYS A 237 33.53 17.04 -35.38
CA CYS A 237 33.25 16.91 -33.96
C CYS A 237 33.37 18.23 -33.20
N ALA A 238 33.27 19.38 -33.89
CA ALA A 238 33.50 20.65 -33.23
C ALA A 238 32.24 21.51 -33.12
N LEU A 239 31.62 21.87 -34.24
CA LEU A 239 30.48 22.78 -34.22
C LEU A 239 29.45 22.31 -35.24
N GLY A 240 28.45 23.15 -35.47
CA GLY A 240 27.43 22.91 -36.47
C GLY A 240 27.43 24.00 -37.53
N GLY A 241 26.58 23.80 -38.53
CA GLY A 241 26.60 24.69 -39.67
C GLY A 241 27.84 24.55 -40.53
N ILE A 242 28.44 23.36 -40.51
CA ILE A 242 29.68 23.13 -41.24
C ILE A 242 29.41 23.05 -42.74
N ILE A 243 28.56 22.10 -43.13
CA ILE A 243 28.33 21.81 -44.54
C ILE A 243 27.46 22.92 -45.11
N ASN A 244 28.09 23.88 -45.78
CA ASN A 244 27.36 24.91 -46.51
C ASN A 244 27.99 25.12 -47.89
N ASP A 245 27.58 26.19 -48.58
CA ASP A 245 28.01 26.40 -49.97
C ASP A 245 29.51 26.71 -50.04
N GLN A 246 30.07 27.26 -48.97
CA GLN A 246 31.50 27.52 -48.95
C GLN A 246 32.32 26.25 -48.79
N THR A 247 31.75 25.21 -48.19
CA THR A 247 32.54 24.05 -47.76
C THR A 247 32.28 22.77 -48.55
N ILE A 248 31.23 22.72 -49.37
CA ILE A 248 30.96 21.52 -50.17
C ILE A 248 32.05 21.16 -51.18
N PRO A 249 32.50 22.05 -52.07
CA PRO A 249 33.42 21.58 -53.13
C PRO A 249 34.85 21.34 -52.69
N GLN A 250 35.16 21.26 -51.39
CA GLN A 250 36.49 20.89 -50.92
C GLN A 250 36.60 19.45 -50.45
N LEU A 251 35.49 18.74 -50.29
CA LEU A 251 35.53 17.37 -49.79
C LEU A 251 36.10 16.41 -50.82
N LYS A 252 37.23 15.80 -50.49
CA LYS A 252 37.73 14.64 -51.20
C LYS A 252 37.29 13.34 -50.56
N ALA A 253 36.37 13.41 -49.60
CA ALA A 253 35.91 12.24 -48.86
C ALA A 253 34.60 11.73 -49.43
N LYS A 254 34.14 10.59 -48.90
CA LYS A 254 32.89 10.00 -49.32
C LYS A 254 32.00 9.56 -48.16
N VAL A 255 32.49 9.62 -46.93
CA VAL A 255 31.72 9.25 -45.74
C VAL A 255 31.85 10.38 -44.73
N ILE A 256 30.72 10.89 -44.25
CA ILE A 256 30.70 11.87 -43.16
C ILE A 256 29.98 11.23 -41.98
N ALA A 257 30.70 11.10 -40.85
CA ALA A 257 30.10 10.51 -39.66
C ALA A 257 30.86 11.03 -38.43
N GLY A 258 30.26 11.99 -37.73
CA GLY A 258 30.89 12.58 -36.56
C GLY A 258 29.89 12.85 -35.47
N SER A 259 30.40 13.35 -34.34
CA SER A 259 29.60 13.58 -33.15
C SER A 259 29.07 15.00 -33.06
N ALA A 260 29.10 15.75 -34.15
CA ALA A 260 28.67 17.13 -34.10
C ALA A 260 27.16 17.24 -34.22
N ASN A 261 26.61 18.26 -33.56
CA ASN A 261 25.19 18.54 -33.63
C ASN A 261 24.92 19.56 -34.73
N ASN A 262 23.79 19.36 -35.45
CA ASN A 262 23.31 20.25 -36.51
C ASN A 262 24.34 20.40 -37.62
N GLN A 263 24.73 19.26 -38.20
CA GLN A 263 25.85 19.24 -39.14
C GLN A 263 25.45 19.86 -40.47
N LEU A 264 24.33 19.43 -41.03
CA LEU A 264 23.81 20.08 -42.23
C LEU A 264 23.25 21.44 -41.87
N LYS A 265 23.75 22.49 -42.54
CA LYS A 265 23.27 23.83 -42.24
C LYS A 265 21.84 24.02 -42.72
N GLU A 266 21.53 23.52 -43.91
CA GLU A 266 20.20 23.56 -44.51
C GLU A 266 19.97 22.21 -45.18
N PRO A 267 18.70 21.76 -45.29
CA PRO A 267 18.45 20.45 -45.92
C PRO A 267 18.79 20.38 -47.41
N ARG A 268 18.91 21.52 -48.09
CA ARG A 268 19.35 21.52 -49.49
CA ARG A 268 19.34 21.48 -49.49
C ARG A 268 20.79 21.02 -49.61
N HIS A 269 21.60 21.24 -48.58
CA HIS A 269 22.96 20.71 -48.59
C HIS A 269 22.97 19.21 -48.43
N GLY A 270 22.01 18.67 -47.66
CA GLY A 270 21.84 17.22 -47.63
C GLY A 270 21.36 16.67 -48.95
N ASP A 271 20.54 17.42 -49.68
CA ASP A 271 20.16 17.02 -51.03
C ASP A 271 21.37 17.01 -51.97
N MET A 272 22.26 18.01 -51.81
CA MET A 272 23.47 18.06 -52.64
C MET A 272 24.42 16.90 -52.33
N ILE A 273 24.57 16.56 -51.04
CA ILE A 273 25.39 15.40 -50.65
C ILE A 273 24.77 14.11 -51.18
N HIS A 274 23.45 14.01 -51.16
CA HIS A 274 22.78 12.84 -51.75
C HIS A 274 22.97 12.77 -53.25
N GLU A 275 23.09 13.92 -53.92
CA GLU A 275 23.42 13.91 -55.34
C GLU A 275 24.86 13.46 -55.57
N MET A 276 25.81 13.96 -54.78
CA MET A 276 27.22 13.67 -55.01
C MET A 276 27.63 12.25 -54.62
N GLY A 277 26.76 11.47 -54.01
CA GLY A 277 27.12 10.13 -53.63
C GLY A 277 27.95 10.01 -52.37
N ILE A 278 28.16 11.11 -51.65
CA ILE A 278 28.84 11.04 -50.36
C ILE A 278 27.88 10.40 -49.35
N VAL A 279 28.31 9.29 -48.77
CA VAL A 279 27.48 8.54 -47.82
C VAL A 279 27.40 9.34 -46.52
N TYR A 280 26.25 9.94 -46.26
CA TYR A 280 26.03 10.76 -45.07
C TYR A 280 25.17 9.96 -44.08
N ALA A 281 25.79 9.52 -43.00
CA ALA A 281 24.94 9.02 -41.93
C ALA A 281 24.45 10.18 -41.08
N PRO A 282 23.19 10.18 -40.66
CA PRO A 282 22.59 11.39 -40.08
C PRO A 282 23.13 11.68 -38.69
N ASP A 283 23.02 12.95 -38.31
CA ASP A 283 23.77 13.45 -37.16
C ASP A 283 23.18 12.96 -35.83
N TYR A 284 21.85 13.02 -35.67
CA TYR A 284 21.25 12.68 -34.39
C TYR A 284 21.07 11.18 -34.18
N VAL A 285 21.55 10.33 -35.09
CA VAL A 285 21.59 8.90 -34.86
C VAL A 285 22.97 8.43 -34.43
N ILE A 286 24.03 9.03 -34.96
CA ILE A 286 25.39 8.64 -34.63
C ILE A 286 25.73 9.02 -33.20
N ASN A 287 25.52 10.29 -32.84
CA ASN A 287 25.97 10.81 -31.56
C ASN A 287 24.98 10.54 -30.42
N ALA A 288 24.08 9.58 -30.58
CA ALA A 288 23.05 9.33 -29.59
C ALA A 288 23.51 8.45 -28.44
N GLY A 289 24.82 8.28 -28.25
CA GLY A 289 25.28 7.42 -27.17
C GLY A 289 25.17 8.05 -25.81
N GLY A 290 25.30 9.38 -25.72
CA GLY A 290 25.24 10.04 -24.43
C GLY A 290 23.83 10.05 -23.85
N VAL A 291 22.82 10.18 -24.72
CA VAL A 291 21.44 10.16 -24.27
C VAL A 291 21.05 8.76 -23.81
N ILE A 292 21.56 7.72 -24.49
CA ILE A 292 21.41 6.35 -24.03
C ILE A 292 22.09 6.14 -22.68
N ASN A 293 23.27 6.76 -22.49
CA ASN A 293 23.99 6.58 -21.23
C ASN A 293 23.26 7.26 -20.08
N VAL A 294 22.68 8.44 -20.31
CA VAL A 294 21.95 9.08 -19.21
C VAL A 294 20.54 8.52 -19.06
N ALA A 295 20.03 7.82 -20.07
CA ALA A 295 18.72 7.19 -19.94
C ALA A 295 18.79 5.79 -19.33
N ASP A 296 19.95 5.16 -19.34
CA ASP A 296 20.09 3.86 -18.69
C ASP A 296 20.14 3.97 -17.18
N GLU A 297 20.37 5.17 -16.65
CA GLU A 297 20.38 5.41 -15.22
C GLU A 297 19.01 5.19 -14.57
N LEU A 298 17.93 5.32 -15.35
CA LEU A 298 16.57 5.16 -14.83
C LEU A 298 16.26 3.74 -14.39
N TYR A 299 17.00 2.75 -14.88
CA TYR A 299 16.87 1.37 -14.45
C TYR A 299 17.65 1.07 -13.18
N GLY A 300 18.46 1.99 -12.71
CA GLY A 300 19.56 1.66 -11.81
C GLY A 300 20.78 1.42 -12.68
N TYR A 301 21.83 2.20 -12.48
CA TYR A 301 22.87 2.31 -13.49
C TYR A 301 23.76 1.07 -13.52
N ASN A 302 24.02 0.59 -14.73
CA ASN A 302 24.90 -0.55 -14.93
C ASN A 302 25.61 -0.32 -16.26
N ARG A 303 26.95 -0.43 -16.24
CA ARG A 303 27.75 -0.03 -17.40
C ARG A 303 27.63 -1.04 -18.53
N GLU A 304 27.49 -2.32 -18.21
CA GLU A 304 27.49 -3.36 -19.24
C GLU A 304 26.20 -3.32 -20.06
N ARG A 305 25.05 -3.15 -19.39
CA ARG A 305 23.77 -3.00 -20.09
C ARG A 305 23.75 -1.74 -20.94
N ALA A 306 24.33 -0.65 -20.43
CA ALA A 306 24.38 0.61 -21.17
C ALA A 306 25.21 0.48 -22.44
N MET A 307 26.41 -0.12 -22.33
CA MET A 307 27.27 -0.26 -23.51
C MET A 307 26.72 -1.29 -24.49
N LYS A 308 26.00 -2.31 -23.98
CA LYS A 308 25.31 -3.25 -24.85
C LYS A 308 24.19 -2.56 -25.62
N LYS A 309 23.57 -1.54 -25.03
CA LYS A 309 22.57 -0.77 -25.77
C LYS A 309 23.21 0.21 -26.75
N ILE A 310 24.36 0.79 -26.41
CA ILE A 310 25.07 1.72 -27.29
C ILE A 310 25.64 0.99 -28.51
N GLU A 311 25.88 -0.32 -28.39
CA GLU A 311 26.37 -1.12 -29.52
C GLU A 311 25.40 -1.11 -30.71
N GLN A 312 24.10 -0.95 -30.48
CA GLN A 312 23.08 -1.07 -31.52
C GLN A 312 22.98 0.14 -32.45
N ILE A 313 23.86 1.15 -32.31
CA ILE A 313 23.87 2.27 -33.25
C ILE A 313 24.34 1.82 -34.63
N TYR A 314 25.12 0.74 -34.67
CA TYR A 314 25.42 0.01 -35.90
C TYR A 314 24.15 -0.39 -36.65
N ASP A 315 23.23 -1.09 -35.96
CA ASP A 315 21.99 -1.51 -36.58
C ASP A 315 21.06 -0.34 -36.86
N ASN A 316 21.16 0.73 -36.07
CA ASN A 316 20.34 1.93 -36.32
C ASN A 316 20.74 2.60 -37.63
N ILE A 317 22.04 2.83 -37.83
CA ILE A 317 22.53 3.37 -39.09
C ILE A 317 22.24 2.42 -40.25
N GLU A 318 22.29 1.10 -40.00
CA GLU A 318 21.96 0.14 -41.04
C GLU A 318 20.50 0.24 -41.47
N LYS A 319 19.59 0.45 -40.51
CA LYS A 319 18.19 0.65 -40.85
C LYS A 319 17.94 1.97 -41.56
N VAL A 320 18.68 3.03 -41.20
CA VAL A 320 18.57 4.31 -41.91
C VAL A 320 18.96 4.14 -43.38
N PHE A 321 20.07 3.43 -43.62
CA PHE A 321 20.50 3.20 -45.00
C PHE A 321 19.56 2.26 -45.74
N ALA A 322 18.93 1.31 -45.03
CA ALA A 322 17.95 0.44 -45.67
C ALA A 322 16.70 1.20 -46.10
N ILE A 323 16.21 2.11 -45.26
CA ILE A 323 15.05 2.92 -45.63
C ILE A 323 15.39 3.91 -46.74
N ALA A 324 16.61 4.45 -46.72
CA ALA A 324 17.05 5.38 -47.76
C ALA A 324 17.18 4.69 -49.12
N LYS A 325 17.68 3.45 -49.14
CA LYS A 325 17.70 2.72 -50.39
C LYS A 325 16.31 2.22 -50.79
N ARG A 326 15.42 2.04 -49.82
CA ARG A 326 14.09 1.51 -50.11
CA ARG A 326 14.10 1.51 -50.12
C ARG A 326 13.22 2.57 -50.79
N ASP A 327 13.24 3.79 -50.27
CA ASP A 327 12.33 4.82 -50.77
C ASP A 327 13.04 5.82 -51.69
N ASN A 328 14.35 5.65 -51.92
CA ASN A 328 15.19 6.50 -52.79
C ASN A 328 15.14 7.97 -52.33
N ILE A 329 15.35 8.17 -51.05
CA ILE A 329 15.26 9.48 -50.41
C ILE A 329 16.61 9.74 -49.76
N PRO A 330 16.93 11.01 -49.46
CA PRO A 330 18.16 11.29 -48.70
C PRO A 330 18.09 10.75 -47.28
N THR A 331 19.26 10.60 -46.67
CA THR A 331 19.35 9.89 -45.40
C THR A 331 18.86 10.71 -44.23
N TYR A 332 18.91 12.05 -44.33
CA TYR A 332 18.35 12.86 -43.25
C TYR A 332 16.83 12.83 -43.26
N VAL A 333 16.22 12.53 -44.40
CA VAL A 333 14.80 12.25 -44.45
C VAL A 333 14.53 10.82 -43.99
N ALA A 334 15.45 9.90 -44.29
CA ALA A 334 15.28 8.50 -43.91
C ALA A 334 15.33 8.31 -42.40
N ALA A 335 16.11 9.14 -41.69
CA ALA A 335 16.16 9.02 -40.24
C ALA A 335 14.86 9.52 -39.59
N ASP A 336 14.30 10.61 -40.12
CA ASP A 336 13.01 11.09 -39.64
C ASP A 336 11.90 10.09 -39.91
N ARG A 337 11.91 9.45 -41.07
CA ARG A 337 10.87 8.47 -41.37
C ARG A 337 11.05 7.19 -40.57
N MET A 338 12.29 6.80 -40.26
CA MET A 338 12.54 5.70 -39.32
C MET A 338 11.93 5.99 -37.95
N ALA A 339 12.17 7.20 -37.44
CA ALA A 339 11.65 7.55 -36.12
C ALA A 339 10.12 7.64 -36.11
N GLU A 340 9.53 8.20 -37.15
CA GLU A 340 8.08 8.32 -37.21
C GLU A 340 7.40 6.96 -37.38
N GLU A 341 8.00 6.07 -38.16
CA GLU A 341 7.45 4.72 -38.28
C GLU A 341 7.58 3.96 -36.97
N ARG A 342 8.64 4.19 -36.19
CA ARG A 342 8.72 3.55 -34.89
C ARG A 342 7.64 4.07 -33.95
N ILE A 343 7.38 5.38 -33.96
CA ILE A 343 6.35 5.94 -33.09
C ILE A 343 4.95 5.42 -33.46
N GLU A 344 4.64 5.39 -34.77
CA GLU A 344 3.32 4.92 -35.20
C GLU A 344 3.13 3.42 -34.94
N THR A 345 4.18 2.63 -35.15
CA THR A 345 4.07 1.19 -34.94
C THR A 345 3.96 0.87 -33.45
N MET A 346 4.68 1.60 -32.60
CA MET A 346 4.57 1.32 -31.18
C MET A 346 3.29 1.89 -30.58
N ARG A 347 2.62 2.80 -31.26
CA ARG A 347 1.28 3.17 -30.83
CA ARG A 347 1.28 3.17 -30.82
C ARG A 347 0.27 2.11 -31.23
N LYS A 348 0.39 1.56 -32.44
CA LYS A 348 -0.59 0.58 -32.89
C LYS A 348 -0.34 -0.83 -32.37
N ALA A 349 0.83 -1.11 -31.78
CA ALA A 349 1.16 -2.46 -31.34
C ALA A 349 1.16 -2.64 -29.83
N ARG A 350 1.07 -1.56 -29.07
CA ARG A 350 0.93 -1.61 -27.61
C ARG A 350 -0.45 -1.15 -27.19
N SER A 351 -1.48 -1.56 -27.91
CA SER A 351 -2.82 -1.02 -27.73
C SER A 351 -3.72 -1.90 -26.89
N GLN A 352 -3.39 -3.17 -26.70
CA GLN A 352 -4.26 -4.04 -25.93
C GLN A 352 -4.19 -3.71 -24.44
N PHE A 353 -5.33 -3.88 -23.78
CA PHE A 353 -5.54 -3.39 -22.42
C PHE A 353 -4.75 -4.17 -21.39
N LEU A 354 -4.14 -3.44 -20.46
CA LEU A 354 -3.56 -3.98 -19.24
C LEU A 354 -3.82 -2.99 -18.14
N GLN A 355 -4.08 -3.48 -16.94
CA GLN A 355 -4.24 -2.58 -15.80
C GLN A 355 -3.02 -2.57 -14.90
N ASN A 356 -1.94 -3.20 -15.32
CA ASN A 356 -0.68 -3.22 -14.59
C ASN A 356 0.50 -3.11 -15.55
N GLY A 357 0.41 -2.18 -16.50
CA GLY A 357 1.45 -2.07 -17.51
C GLY A 357 2.73 -1.43 -16.98
N HIS A 358 3.85 -1.82 -17.56
CA HIS A 358 5.14 -1.27 -17.22
C HIS A 358 5.54 -0.16 -18.18
N HIS A 359 6.26 0.80 -17.64
CA HIS A 359 6.86 1.89 -18.39
C HIS A 359 8.25 2.15 -17.82
N ILE A 360 8.85 3.29 -18.18
CA ILE A 360 10.23 3.54 -17.81
C ILE A 360 10.36 3.88 -16.34
N LEU A 361 9.26 4.28 -15.69
CA LEU A 361 9.27 4.76 -14.32
C LEU A 361 8.59 3.78 -13.37
N SER A 362 8.34 2.56 -13.83
CA SER A 362 7.64 1.61 -13.01
C SER A 362 8.57 1.03 -11.95
N ARG A 363 8.00 0.72 -10.79
CA ARG A 363 8.75 0.09 -9.72
C ARG A 363 8.52 -1.41 -9.83
N ARG A 364 9.56 -2.15 -10.14
CA ARG A 364 9.39 -3.57 -10.44
C ARG A 364 10.30 -4.43 -9.57
N ARG A 365 10.29 -5.73 -9.85
CA ARG A 365 11.02 -6.69 -9.04
CA ARG A 365 11.03 -6.70 -9.06
C ARG A 365 12.53 -6.52 -9.25
N ALA A 366 13.28 -6.70 -8.16
CA ALA A 366 14.71 -6.43 -8.18
C ALA A 366 15.46 -7.45 -9.03
N ARG A 367 15.36 -8.73 -8.67
CA ARG A 367 15.99 -9.86 -9.35
C ARG A 367 17.51 -9.71 -9.53
N MET B 1 3.06 39.70 -26.17
CA MET B 1 2.40 40.17 -24.96
C MET B 1 3.46 40.49 -23.91
N GLU B 2 4.65 39.93 -24.11
CA GLU B 2 5.75 39.89 -23.13
C GLU B 2 5.25 39.22 -21.85
N LEU B 3 5.01 37.92 -21.99
CA LEU B 3 4.14 37.21 -21.06
C LEU B 3 4.81 36.95 -19.73
N PHE B 4 6.14 36.83 -19.69
CA PHE B 4 6.80 36.72 -18.39
C PHE B 4 6.79 38.01 -17.60
N GLN B 5 6.68 39.17 -18.26
CA GLN B 5 6.51 40.41 -17.50
C GLN B 5 5.16 40.44 -16.80
N TYR B 6 4.11 40.06 -17.52
CA TYR B 6 2.77 40.06 -16.91
C TYR B 6 2.65 38.98 -15.86
N MET B 7 3.37 37.86 -16.01
CA MET B 7 3.39 36.87 -14.94
C MET B 7 4.19 37.37 -13.74
N GLU B 8 5.30 38.06 -13.98
CA GLU B 8 6.18 38.47 -12.88
C GLU B 8 5.56 39.59 -12.05
N LYS B 9 4.76 40.45 -12.68
CA LYS B 9 4.12 41.54 -11.94
C LYS B 9 3.13 41.06 -10.90
N TYR B 10 2.37 39.99 -11.19
CA TYR B 10 1.33 39.52 -10.30
C TYR B 10 1.65 38.18 -9.65
N ASP B 11 2.81 37.60 -9.95
CA ASP B 11 3.25 36.30 -9.44
C ASP B 11 2.27 35.20 -9.82
N TYR B 12 2.07 35.05 -11.12
CA TYR B 12 1.41 33.88 -11.66
C TYR B 12 2.35 32.69 -11.61
N GLU B 13 1.86 31.55 -11.15
CA GLU B 13 2.71 30.37 -11.11
C GLU B 13 2.93 29.78 -12.50
N GLN B 14 1.85 29.36 -13.15
CA GLN B 14 1.97 28.70 -14.44
C GLN B 14 0.94 29.20 -15.43
N VAL B 15 1.33 29.16 -16.69
CA VAL B 15 0.42 29.18 -17.83
C VAL B 15 0.78 27.95 -18.66
N LEU B 16 -0.22 27.27 -19.22
CA LEU B 16 0.02 25.95 -19.76
C LEU B 16 -0.85 25.74 -20.99
N PHE B 17 -0.22 25.56 -22.16
CA PHE B 17 -0.93 25.50 -23.43
C PHE B 17 -1.09 24.05 -23.85
N CYS B 18 -2.31 23.54 -23.79
CA CYS B 18 -2.62 22.20 -24.26
C CYS B 18 -3.09 22.24 -25.70
N GLN B 19 -2.75 21.20 -26.45
CA GLN B 19 -3.12 21.10 -27.85
C GLN B 19 -3.27 19.64 -28.19
N ASP B 20 -4.28 19.32 -28.98
CA ASP B 20 -4.44 17.96 -29.48
C ASP B 20 -5.03 18.05 -30.88
N LYS B 21 -4.34 17.43 -31.85
CA LYS B 21 -4.63 17.67 -33.26
C LYS B 21 -5.76 16.78 -33.77
N GLU B 22 -5.80 15.53 -33.36
CA GLU B 22 -6.83 14.61 -33.83
C GLU B 22 -8.17 14.84 -33.16
N SER B 23 -8.25 15.73 -32.19
CA SER B 23 -9.51 16.13 -31.59
C SER B 23 -9.81 17.61 -31.74
N GLY B 24 -8.83 18.44 -32.08
CA GLY B 24 -9.05 19.86 -32.26
C GLY B 24 -9.00 20.67 -30.99
N LEU B 25 -8.36 20.17 -29.94
CA LEU B 25 -8.33 20.87 -28.67
C LEU B 25 -7.24 21.93 -28.65
N LYS B 26 -7.60 23.14 -28.23
CA LYS B 26 -6.65 24.23 -27.96
C LYS B 26 -7.08 24.82 -26.63
N ALA B 27 -6.31 24.58 -25.57
CA ALA B 27 -6.70 25.00 -24.23
C ALA B 27 -5.58 25.76 -23.54
N ILE B 28 -5.95 26.70 -22.68
CA ILE B 28 -5.01 27.52 -21.93
C ILE B 28 -5.40 27.36 -20.47
N ILE B 29 -4.59 26.68 -19.69
CA ILE B 29 -4.83 26.54 -18.26
C ILE B 29 -3.90 27.47 -17.53
N VAL B 30 -4.44 28.35 -16.70
CA VAL B 30 -3.65 29.35 -16.00
C VAL B 30 -3.83 29.14 -14.51
N ILE B 31 -2.71 28.95 -13.81
CA ILE B 31 -2.67 28.77 -12.37
C ILE B 31 -1.95 29.98 -11.79
N HIS B 32 -2.65 30.73 -10.93
CA HIS B 32 -2.10 31.93 -10.32
C HIS B 32 -1.39 31.66 -9.00
N ASP B 33 -2.08 31.05 -8.06
CA ASP B 33 -1.51 30.85 -6.74
C ASP B 33 -2.06 29.56 -6.19
N THR B 34 -1.19 28.69 -5.71
CA THR B 34 -1.57 27.45 -5.05
C THR B 34 -0.97 27.37 -3.66
N THR B 35 -0.98 28.49 -2.94
CA THR B 35 -0.52 28.52 -1.56
C THR B 35 -1.53 27.87 -0.62
N LEU B 36 -2.80 28.25 -0.74
CA LEU B 36 -3.82 27.73 0.19
C LEU B 36 -4.17 26.29 -0.12
N GLY B 37 -4.33 25.95 -1.38
CA GLY B 37 -4.64 24.60 -1.77
C GLY B 37 -4.48 24.41 -3.26
N PRO B 38 -5.14 23.42 -3.82
CA PRO B 38 -5.16 23.27 -5.27
C PRO B 38 -5.97 24.35 -5.95
N ALA B 39 -5.58 24.66 -7.18
CA ALA B 39 -6.22 25.73 -7.94
C ALA B 39 -7.54 25.22 -8.49
N LEU B 40 -8.65 25.59 -7.89
CA LEU B 40 -9.95 25.31 -8.47
C LEU B 40 -10.32 26.44 -9.43
N GLY B 41 -10.80 26.05 -10.60
CA GLY B 41 -11.24 27.03 -11.57
C GLY B 41 -12.21 26.49 -12.59
N GLY B 42 -12.97 27.37 -13.21
CA GLY B 42 -13.90 26.93 -14.21
C GLY B 42 -13.23 26.60 -15.52
N THR B 43 -13.92 25.82 -16.33
CA THR B 43 -13.51 25.54 -17.70
C THR B 43 -14.47 26.29 -18.62
N ARG B 44 -13.96 27.29 -19.31
CA ARG B 44 -14.79 28.18 -20.12
CA ARG B 44 -14.79 28.17 -20.12
C ARG B 44 -14.44 27.98 -21.59
N MET B 45 -15.46 27.78 -22.41
CA MET B 45 -15.28 27.55 -23.84
C MET B 45 -15.95 28.69 -24.59
N TRP B 46 -15.18 29.42 -25.39
CA TRP B 46 -15.68 30.57 -26.10
C TRP B 46 -14.75 30.88 -27.25
N MET B 47 -15.30 31.39 -28.34
CA MET B 47 -14.53 31.64 -29.55
C MET B 47 -13.95 33.04 -29.52
N TYR B 48 -12.65 33.14 -29.70
CA TYR B 48 -11.95 34.41 -29.68
C TYR B 48 -11.43 34.75 -31.08
N ASN B 49 -11.14 36.03 -31.28
CA ASN B 49 -10.58 36.46 -32.55
C ASN B 49 -9.10 36.14 -32.66
N SER B 50 -8.44 35.83 -31.56
CA SER B 50 -7.01 35.59 -31.55
C SER B 50 -6.66 34.73 -30.35
N GLU B 51 -5.36 34.48 -30.18
CA GLU B 51 -4.88 33.76 -29.00
C GLU B 51 -4.71 34.70 -27.81
N GLU B 52 -4.29 35.93 -28.07
CA GLU B 52 -3.93 36.86 -27.01
C GLU B 52 -5.16 37.28 -26.19
N GLU B 53 -6.33 37.35 -26.83
CA GLU B 53 -7.57 37.64 -26.12
C GLU B 53 -7.88 36.55 -25.11
N ALA B 54 -7.75 35.29 -25.53
CA ALA B 54 -7.95 34.16 -24.64
C ALA B 54 -6.94 34.12 -23.52
N LEU B 55 -5.70 34.51 -23.82
CA LEU B 55 -4.65 34.51 -22.81
C LEU B 55 -4.91 35.57 -21.74
N GLU B 56 -5.25 36.80 -22.16
CA GLU B 56 -5.59 37.86 -21.21
C GLU B 56 -6.81 37.50 -20.38
N ASP B 57 -7.79 36.86 -21.01
CA ASP B 57 -9.02 36.47 -20.32
C ASP B 57 -8.74 35.42 -19.25
N ALA B 58 -7.91 34.44 -19.57
CA ALA B 58 -7.56 33.39 -18.61
C ALA B 58 -6.73 33.94 -17.46
N LEU B 59 -5.84 34.90 -17.73
CA LEU B 59 -5.01 35.48 -16.68
C LEU B 59 -5.84 36.31 -15.69
N ARG B 60 -6.75 37.15 -16.21
CA ARG B 60 -7.63 37.93 -15.34
C ARG B 60 -8.54 37.04 -14.51
N LEU B 61 -9.10 35.99 -15.11
CA LEU B 61 -9.99 35.13 -14.36
C LEU B 61 -9.26 34.25 -13.36
N ALA B 62 -7.98 33.93 -13.61
CA ALA B 62 -7.19 33.20 -12.63
C ALA B 62 -6.91 34.05 -11.39
N ARG B 63 -6.57 35.32 -11.59
CA ARG B 63 -6.38 36.22 -10.45
CA ARG B 63 -6.38 36.20 -10.44
C ARG B 63 -7.68 36.42 -9.67
N GLY B 64 -8.79 36.57 -10.39
CA GLY B 64 -10.08 36.74 -9.74
C GLY B 64 -10.50 35.53 -8.93
N MET B 65 -10.24 34.33 -9.45
CA MET B 65 -10.56 33.12 -8.68
C MET B 65 -9.65 32.96 -7.48
N THR B 66 -8.40 33.44 -7.55
CA THR B 66 -7.54 33.43 -6.37
C THR B 66 -8.14 34.25 -5.25
N TYR B 67 -8.54 35.49 -5.55
CA TYR B 67 -9.13 36.32 -4.50
C TYR B 67 -10.49 35.82 -4.04
N LYS B 68 -11.29 35.23 -4.94
CA LYS B 68 -12.58 34.66 -4.54
C LYS B 68 -12.41 33.47 -3.62
N ASN B 69 -11.53 32.53 -3.97
CA ASN B 69 -11.32 31.38 -3.09
C ASN B 69 -10.69 31.77 -1.78
N ALA B 70 -9.84 32.80 -1.76
CA ALA B 70 -9.20 33.20 -0.52
C ALA B 70 -10.18 33.89 0.41
N ALA B 71 -11.01 34.80 -0.13
CA ALA B 71 -11.95 35.53 0.73
C ALA B 71 -13.11 34.67 1.20
N ALA B 72 -13.39 33.57 0.50
CA ALA B 72 -14.52 32.72 0.88
C ALA B 72 -14.22 31.83 2.07
N GLY B 73 -12.96 31.69 2.45
CA GLY B 73 -12.59 30.79 3.52
C GLY B 73 -12.29 29.38 3.08
N LEU B 74 -11.92 29.17 1.83
CA LEU B 74 -11.68 27.86 1.26
C LEU B 74 -10.19 27.58 1.17
N ASN B 75 -9.84 26.30 1.26
CA ASN B 75 -8.45 25.88 1.13
C ASN B 75 -8.16 25.50 -0.31
N LEU B 76 -8.32 26.49 -1.18
CA LEU B 76 -8.24 26.31 -2.61
C LEU B 76 -7.54 27.51 -3.21
N GLY B 77 -6.84 27.27 -4.31
CA GLY B 77 -6.14 28.32 -5.00
C GLY B 77 -6.94 28.89 -6.15
N GLY B 78 -6.25 29.63 -7.01
CA GLY B 78 -6.94 30.22 -8.13
C GLY B 78 -6.38 29.83 -9.47
N GLY B 79 -7.23 29.34 -10.35
CA GLY B 79 -6.86 29.05 -11.72
C GLY B 79 -8.07 29.20 -12.61
N LYS B 80 -7.85 28.95 -13.90
CA LYS B 80 -8.90 29.11 -14.91
C LYS B 80 -8.43 28.48 -16.21
N THR B 81 -9.32 27.74 -16.85
CA THR B 81 -9.08 27.18 -18.17
C THR B 81 -9.91 27.95 -19.17
N VAL B 82 -9.33 28.25 -20.33
CA VAL B 82 -10.06 28.72 -21.49
C VAL B 82 -9.81 27.75 -22.63
N ILE B 83 -10.86 27.13 -23.12
CA ILE B 83 -10.77 26.34 -24.35
C ILE B 83 -11.17 27.23 -25.51
N ILE B 84 -10.34 27.30 -26.54
CA ILE B 84 -10.61 28.13 -27.70
C ILE B 84 -11.37 27.29 -28.71
N GLY B 85 -12.64 27.63 -28.91
CA GLY B 85 -13.47 26.92 -29.86
C GLY B 85 -14.88 27.44 -29.79
N ASP B 86 -15.75 26.82 -30.56
CA ASP B 86 -17.16 27.18 -30.57
C ASP B 86 -17.93 26.10 -29.85
N PRO B 87 -18.65 26.39 -28.76
CA PRO B 87 -19.41 25.36 -28.06
C PRO B 87 -20.69 24.92 -28.76
N ARG B 88 -20.98 25.44 -29.95
CA ARG B 88 -22.14 25.00 -30.69
C ARG B 88 -21.79 24.11 -31.88
N LYS B 89 -20.56 24.18 -32.37
CA LYS B 89 -20.15 23.37 -33.52
C LYS B 89 -18.87 22.58 -33.32
N ASP B 90 -18.15 22.76 -32.22
CA ASP B 90 -16.80 22.20 -32.09
C ASP B 90 -16.63 21.48 -30.76
N LYS B 91 -17.58 20.64 -30.40
CA LYS B 91 -17.44 19.75 -29.26
C LYS B 91 -17.56 18.30 -29.72
N ASN B 92 -16.73 17.44 -29.13
CA ASN B 92 -16.84 16.01 -29.27
C ASN B 92 -16.26 15.35 -28.03
N GLU B 93 -16.27 14.03 -28.01
CA GLU B 93 -15.77 13.30 -26.85
C GLU B 93 -14.26 13.38 -26.74
N ALA B 94 -13.58 13.41 -27.89
CA ALA B 94 -12.14 13.21 -27.92
C ALA B 94 -11.39 14.37 -27.32
N MET B 95 -11.89 15.60 -27.48
CA MET B 95 -11.21 16.74 -26.89
C MET B 95 -11.36 16.77 -25.38
N PHE B 96 -12.47 16.27 -24.84
CA PHE B 96 -12.57 16.24 -23.38
C PHE B 96 -11.85 15.03 -22.77
N ARG B 97 -11.71 13.93 -23.51
CA ARG B 97 -10.85 12.86 -23.01
C ARG B 97 -9.39 13.28 -23.02
N ALA B 98 -8.96 13.97 -24.08
CA ALA B 98 -7.61 14.53 -24.12
C ALA B 98 -7.38 15.56 -23.02
N PHE B 99 -8.36 16.43 -22.81
CA PHE B 99 -8.24 17.45 -21.77
C PHE B 99 -8.29 16.86 -20.37
N GLY B 100 -9.05 15.79 -20.14
CA GLY B 100 -9.01 15.13 -18.86
C GLY B 100 -7.68 14.45 -18.59
N ARG B 101 -7.02 13.93 -19.64
CA ARG B 101 -5.68 13.41 -19.44
C ARG B 101 -4.67 14.51 -19.19
N PHE B 102 -4.87 15.69 -19.76
CA PHE B 102 -3.96 16.80 -19.42
C PHE B 102 -4.19 17.30 -17.99
N ILE B 103 -5.41 17.18 -17.46
CA ILE B 103 -5.63 17.56 -16.06
C ILE B 103 -5.03 16.51 -15.13
N GLN B 104 -5.17 15.23 -15.48
CA GLN B 104 -4.55 14.15 -14.72
C GLN B 104 -3.02 14.24 -14.79
N GLY B 105 -2.48 14.85 -15.83
CA GLY B 105 -1.04 15.05 -15.90
C GLY B 105 -0.51 16.17 -15.03
N LEU B 106 -1.39 16.89 -14.33
CA LEU B 106 -0.96 17.87 -13.33
C LEU B 106 -0.94 17.31 -11.92
N ASN B 107 -1.49 16.12 -11.70
CA ASN B 107 -1.51 15.41 -10.42
C ASN B 107 -2.21 16.23 -9.33
N GLY B 108 -3.46 16.61 -9.59
CA GLY B 108 -4.26 17.22 -8.55
C GLY B 108 -3.92 18.66 -8.23
N ARG B 109 -2.97 19.24 -8.94
CA ARG B 109 -2.54 20.61 -8.77
C ARG B 109 -3.56 21.60 -9.32
N TYR B 110 -4.51 21.13 -10.14
CA TYR B 110 -5.56 21.95 -10.71
C TYR B 110 -6.85 21.16 -10.78
N ILE B 111 -7.92 21.72 -10.21
CA ILE B 111 -9.24 21.11 -10.15
C ILE B 111 -10.19 21.95 -10.99
N THR B 112 -10.98 21.31 -11.85
CA THR B 112 -11.81 22.03 -12.79
C THR B 112 -13.30 21.93 -12.44
N ALA B 113 -14.05 22.93 -12.89
CA ALA B 113 -15.50 22.99 -12.69
C ALA B 113 -16.11 23.50 -13.99
N GLU B 114 -17.43 23.61 -14.01
CA GLU B 114 -18.07 24.14 -15.21
C GLU B 114 -18.20 25.66 -15.12
N ASP B 115 -18.38 26.28 -16.27
CA ASP B 115 -18.40 27.73 -16.37
C ASP B 115 -19.15 28.06 -17.66
N VAL B 116 -19.02 29.30 -18.14
CA VAL B 116 -19.67 29.73 -19.37
C VAL B 116 -19.05 28.99 -20.54
N GLY B 117 -19.81 28.09 -21.16
CA GLY B 117 -19.31 27.39 -22.33
C GLY B 117 -19.45 25.89 -22.22
N THR B 118 -19.35 25.36 -21.01
CA THR B 118 -19.47 23.94 -20.76
C THR B 118 -20.67 23.66 -19.88
N THR B 119 -21.14 22.41 -19.93
CA THR B 119 -22.29 21.94 -19.19
C THR B 119 -21.86 20.78 -18.31
N VAL B 120 -22.78 20.28 -17.47
CA VAL B 120 -22.48 19.00 -16.81
C VAL B 120 -22.99 17.87 -17.68
N ALA B 121 -22.37 17.73 -18.84
CA ALA B 121 -22.22 16.51 -19.62
C ALA B 121 -20.83 16.42 -20.19
N ASP B 122 -20.11 17.54 -20.23
CA ASP B 122 -18.72 17.59 -20.59
C ASP B 122 -17.85 17.35 -19.37
N MET B 123 -18.32 17.71 -18.17
CA MET B 123 -17.68 17.25 -16.94
C MET B 123 -18.17 15.88 -16.53
N ASP B 124 -18.33 14.98 -17.44
CA ASP B 124 -18.56 13.55 -17.27
C ASP B 124 -17.68 12.78 -18.22
N ILE B 125 -17.31 13.39 -19.33
CA ILE B 125 -16.28 12.85 -20.20
C ILE B 125 -14.92 13.09 -19.57
N ILE B 126 -14.74 14.25 -18.95
CA ILE B 126 -13.52 14.55 -18.20
C ILE B 126 -13.40 13.65 -16.98
N TYR B 127 -14.54 13.36 -16.32
CA TYR B 127 -14.52 12.49 -15.15
C TYR B 127 -14.09 11.07 -15.47
N GLN B 128 -14.24 10.63 -16.72
CA GLN B 128 -13.73 9.33 -17.12
C GLN B 128 -12.20 9.29 -17.13
N GLU B 129 -11.53 10.44 -17.21
CA GLU B 129 -10.08 10.47 -17.25
C GLU B 129 -9.43 11.02 -16.00
N THR B 130 -10.19 11.56 -15.04
CA THR B 130 -9.59 12.19 -13.88
C THR B 130 -10.58 12.22 -12.73
N ASP B 131 -10.04 12.39 -11.52
CA ASP B 131 -10.81 12.71 -10.33
C ASP B 131 -10.90 14.20 -10.07
N TYR B 132 -10.10 15.02 -10.74
CA TYR B 132 -9.94 16.41 -10.34
C TYR B 132 -10.92 17.27 -11.12
N VAL B 133 -12.19 17.01 -10.85
CA VAL B 133 -13.31 17.68 -11.49
C VAL B 133 -14.46 17.67 -10.50
N THR B 134 -15.16 18.79 -10.42
CA THR B 134 -16.25 18.92 -9.45
C THR B 134 -17.53 19.33 -10.17
N GLY B 135 -18.67 18.92 -9.61
CA GLY B 135 -19.94 19.02 -10.27
C GLY B 135 -20.34 17.77 -11.04
N ILE B 136 -19.97 16.59 -10.56
CA ILE B 136 -20.04 15.38 -11.37
C ILE B 136 -21.04 14.38 -10.82
N SER B 137 -21.21 14.36 -9.50
CA SER B 137 -21.77 13.21 -8.81
C SER B 137 -23.28 13.19 -8.92
N PRO B 138 -23.90 12.01 -8.76
CA PRO B 138 -25.37 11.99 -8.62
C PRO B 138 -25.86 12.63 -7.35
N GLU B 139 -25.03 12.67 -6.30
CA GLU B 139 -25.41 13.37 -5.06
C GLU B 139 -25.48 14.88 -5.29
N PHE B 140 -24.42 15.46 -5.86
CA PHE B 140 -24.48 16.86 -6.24
C PHE B 140 -25.39 17.08 -7.44
N GLY B 141 -25.60 16.05 -8.28
CA GLY B 141 -26.55 16.16 -9.37
C GLY B 141 -27.99 16.18 -8.90
N SER B 142 -28.27 15.67 -7.72
CA SER B 142 -29.61 15.72 -7.15
C SER B 142 -29.79 16.94 -6.23
N SER B 143 -29.00 17.02 -5.16
CA SER B 143 -29.23 17.99 -4.09
C SER B 143 -28.31 19.20 -4.16
N GLY B 144 -27.65 19.42 -5.30
CA GLY B 144 -26.64 20.46 -5.41
C GLY B 144 -26.98 21.57 -6.38
N ASN B 145 -28.20 22.10 -6.31
CA ASN B 145 -28.59 23.24 -7.14
C ASN B 145 -27.78 24.47 -6.76
N PRO B 146 -27.07 25.10 -7.71
CA PRO B 146 -26.17 26.21 -7.34
C PRO B 146 -26.89 27.49 -6.97
N SER B 147 -28.03 27.77 -7.59
CA SER B 147 -28.75 29.03 -7.41
C SER B 147 -29.38 29.26 -6.04
N PRO B 148 -29.98 28.26 -5.35
CA PRO B 148 -30.36 28.51 -3.95
C PRO B 148 -29.19 28.78 -3.04
N ALA B 149 -28.04 28.16 -3.30
CA ALA B 149 -26.84 28.44 -2.52
C ALA B 149 -26.35 29.87 -2.75
N THR B 150 -26.32 30.31 -4.01
CA THR B 150 -25.87 31.65 -4.31
C THR B 150 -26.82 32.69 -3.74
N ALA B 151 -28.13 32.41 -3.80
CA ALA B 151 -29.10 33.33 -3.21
C ALA B 151 -29.04 33.34 -1.69
N TYR B 152 -28.72 32.21 -1.06
CA TYR B 152 -28.57 32.19 0.39
C TYR B 152 -27.33 32.99 0.82
N GLY B 153 -26.28 32.93 0.01
CA GLY B 153 -25.11 33.77 0.27
C GLY B 153 -25.39 35.25 0.08
N VAL B 154 -26.15 35.60 -0.96
CA VAL B 154 -26.53 37.01 -1.17
C VAL B 154 -27.42 37.50 -0.04
N TYR B 155 -28.29 36.61 0.47
CA TYR B 155 -29.12 36.90 1.63
C TYR B 155 -28.28 37.24 2.86
N ARG B 156 -27.29 36.40 3.18
CA ARG B 156 -26.45 36.65 4.36
C ARG B 156 -25.58 37.90 4.21
N GLY B 157 -25.04 38.12 3.00
CA GLY B 157 -24.26 39.32 2.77
C GLY B 157 -25.08 40.59 2.84
N MET B 158 -26.34 40.52 2.41
CA MET B 158 -27.22 41.67 2.52
C MET B 158 -27.61 41.93 3.96
N LYS B 159 -27.73 40.88 4.78
CA LYS B 159 -27.89 41.05 6.23
C LYS B 159 -26.70 41.78 6.84
N ALA B 160 -25.49 41.40 6.44
CA ALA B 160 -24.30 42.05 7.00
C ALA B 160 -24.19 43.51 6.57
N ALA B 161 -24.50 43.80 5.30
CA ALA B 161 -24.50 45.19 4.85
C ALA B 161 -25.61 46.00 5.48
N ALA B 162 -26.74 45.35 5.80
CA ALA B 162 -27.82 46.04 6.49
C ALA B 162 -27.44 46.38 7.92
N LYS B 163 -26.73 45.47 8.60
CA LYS B 163 -26.28 45.78 9.96
C LYS B 163 -25.16 46.83 9.95
N GLU B 164 -24.40 46.89 8.86
CA GLU B 164 -23.41 47.96 8.73
C GLU B 164 -24.07 49.32 8.55
N ALA B 165 -25.02 49.42 7.62
CA ALA B 165 -25.56 50.72 7.26
C ALA B 165 -26.74 51.16 8.12
N PHE B 166 -27.38 50.25 8.85
CA PHE B 166 -28.60 50.55 9.59
C PHE B 166 -28.49 50.34 11.09
N GLY B 167 -27.64 49.41 11.54
CA GLY B 167 -27.50 49.15 12.95
C GLY B 167 -28.01 47.77 13.33
N SER B 168 -29.13 47.37 12.76
CA SER B 168 -29.67 46.04 12.95
C SER B 168 -29.84 45.35 11.61
N ASP B 169 -29.71 44.02 11.61
CA ASP B 169 -29.80 43.25 10.39
C ASP B 169 -31.22 42.92 9.97
N SER B 170 -32.24 43.39 10.71
CA SER B 170 -33.61 43.08 10.37
C SER B 170 -34.05 43.88 9.15
N LEU B 171 -34.51 43.17 8.12
CA LEU B 171 -35.01 43.80 6.91
C LEU B 171 -36.53 43.88 6.88
N GLU B 172 -37.19 43.68 8.01
CA GLU B 172 -38.65 43.69 8.07
C GLU B 172 -39.13 45.14 7.95
N GLY B 173 -39.48 45.53 6.74
CA GLY B 173 -39.89 46.87 6.43
C GLY B 173 -38.98 47.64 5.50
N LYS B 174 -38.15 46.95 4.70
CA LYS B 174 -37.21 47.60 3.82
C LYS B 174 -37.63 47.41 2.37
N VAL B 175 -37.06 48.24 1.51
CA VAL B 175 -37.43 48.29 0.10
C VAL B 175 -36.21 47.85 -0.71
N VAL B 176 -36.30 46.67 -1.32
CA VAL B 176 -35.18 46.04 -2.01
C VAL B 176 -35.46 46.07 -3.51
N ALA B 177 -34.60 46.75 -4.26
CA ALA B 177 -34.73 46.84 -5.71
C ALA B 177 -33.83 45.80 -6.37
N VAL B 178 -34.43 44.92 -7.15
CA VAL B 178 -33.73 43.80 -7.79
C VAL B 178 -33.94 43.90 -9.29
N GLN B 179 -32.85 43.86 -10.06
CA GLN B 179 -32.97 43.74 -11.51
C GLN B 179 -32.53 42.34 -11.93
N GLY B 180 -33.24 41.80 -12.92
CA GLY B 180 -33.13 40.40 -13.27
C GLY B 180 -34.00 39.55 -12.38
N VAL B 181 -34.79 38.64 -12.96
CA VAL B 181 -35.62 37.73 -12.18
C VAL B 181 -35.13 36.34 -12.61
N GLY B 182 -33.82 36.21 -12.78
CA GLY B 182 -33.20 34.91 -12.92
C GLY B 182 -33.32 34.06 -11.66
N ASN B 183 -32.74 32.86 -11.74
CA ASN B 183 -32.96 31.83 -10.72
C ASN B 183 -32.39 32.24 -9.37
N VAL B 184 -31.18 32.82 -9.37
CA VAL B 184 -30.58 33.34 -8.15
C VAL B 184 -31.43 34.47 -7.58
N ALA B 185 -31.86 35.39 -8.45
CA ALA B 185 -32.68 36.50 -8.00
C ALA B 185 -34.07 36.06 -7.58
N TYR B 186 -34.61 35.01 -8.19
CA TYR B 186 -35.92 34.51 -7.79
C TYR B 186 -35.89 33.85 -6.42
N HIS B 187 -34.85 33.05 -6.14
CA HIS B 187 -34.70 32.50 -4.80
C HIS B 187 -34.36 33.59 -3.78
N LEU B 188 -33.63 34.63 -4.20
CA LEU B 188 -33.38 35.78 -3.33
C LEU B 188 -34.67 36.48 -2.96
N CYS B 189 -35.55 36.69 -3.94
CA CYS B 189 -36.85 37.29 -3.65
C CYS B 189 -37.71 36.39 -2.76
N ARG B 190 -37.57 35.07 -2.88
CA ARG B 190 -38.25 34.17 -1.95
C ARG B 190 -37.76 34.34 -0.52
N HIS B 191 -36.43 34.41 -0.34
CA HIS B 191 -35.88 34.63 1.00
C HIS B 191 -36.30 35.98 1.58
N LEU B 192 -36.29 37.02 0.75
CA LEU B 192 -36.66 38.35 1.23
C LEU B 192 -38.15 38.45 1.50
N HIS B 193 -38.98 37.69 0.78
CA HIS B 193 -40.41 37.70 1.06
C HIS B 193 -40.76 36.88 2.29
N GLU B 194 -40.04 35.78 2.53
CA GLU B 194 -40.26 35.02 3.76
C GLU B 194 -39.74 35.76 4.98
N GLU B 195 -38.76 36.66 4.80
CA GLU B 195 -38.41 37.54 5.90
C GLU B 195 -39.49 38.59 6.12
N GLY B 196 -40.10 39.08 5.05
CA GLY B 196 -41.08 40.14 5.16
C GLY B 196 -40.55 41.50 4.78
N ALA B 197 -39.88 41.59 3.64
CA ALA B 197 -39.38 42.86 3.12
C ALA B 197 -40.14 43.23 1.85
N LYS B 198 -40.27 44.53 1.62
CA LYS B 198 -40.97 45.02 0.43
C LYS B 198 -40.02 44.98 -0.77
N LEU B 199 -40.49 44.39 -1.86
CA LEU B 199 -39.66 44.08 -3.01
C LEU B 199 -40.11 44.86 -4.23
N ILE B 200 -39.14 45.26 -5.06
CA ILE B 200 -39.39 45.91 -6.34
C ILE B 200 -38.49 45.25 -7.37
N VAL B 201 -39.08 44.53 -8.32
CA VAL B 201 -38.32 43.68 -9.21
C VAL B 201 -38.46 44.16 -10.64
N THR B 202 -37.47 43.82 -11.45
CA THR B 202 -37.55 44.02 -12.90
C THR B 202 -36.65 43.02 -13.60
N ASP B 203 -36.87 42.89 -14.91
CA ASP B 203 -36.13 41.96 -15.75
C ASP B 203 -36.36 42.38 -17.19
N ILE B 204 -35.50 41.89 -18.09
CA ILE B 204 -35.65 42.15 -19.52
C ILE B 204 -36.91 41.47 -20.04
N ASN B 205 -37.18 40.24 -19.60
CA ASN B 205 -38.34 39.49 -20.04
C ASN B 205 -39.56 39.83 -19.17
N LYS B 206 -40.70 40.00 -19.84
CA LYS B 206 -41.93 40.38 -19.15
C LYS B 206 -42.52 39.21 -18.37
N GLU B 207 -42.25 37.98 -18.82
CA GLU B 207 -42.84 36.80 -18.21
C GLU B 207 -42.29 36.54 -16.81
N ALA B 208 -40.98 36.73 -16.61
CA ALA B 208 -40.41 36.56 -15.29
C ALA B 208 -40.88 37.65 -14.32
N VAL B 209 -41.07 38.86 -14.82
CA VAL B 209 -41.61 39.95 -14.00
C VAL B 209 -43.05 39.64 -13.59
N ALA B 210 -43.84 39.08 -14.51
CA ALA B 210 -45.22 38.72 -14.21
C ALA B 210 -45.27 37.58 -13.20
N ARG B 211 -44.37 36.60 -13.32
CA ARG B 211 -44.27 35.53 -12.33
C ARG B 211 -43.89 36.06 -10.95
N ALA B 212 -42.95 37.02 -10.91
CA ALA B 212 -42.53 37.57 -9.63
C ALA B 212 -43.63 38.40 -8.97
N VAL B 213 -44.41 39.13 -9.78
CA VAL B 213 -45.52 39.90 -9.22
C VAL B 213 -46.65 38.99 -8.74
N GLU B 214 -46.93 37.90 -9.49
CA GLU B 214 -47.92 36.94 -9.03
C GLU B 214 -47.48 36.19 -7.78
N GLU B 215 -46.19 35.93 -7.61
CA GLU B 215 -45.77 35.13 -6.47
C GLU B 215 -45.48 35.95 -5.23
N PHE B 216 -44.63 36.97 -5.32
CA PHE B 216 -44.09 37.58 -4.11
C PHE B 216 -44.52 39.03 -3.91
N GLY B 217 -45.42 39.54 -4.75
CA GLY B 217 -46.03 40.84 -4.51
C GLY B 217 -45.08 42.02 -4.68
N ALA B 218 -44.65 42.28 -5.91
CA ALA B 218 -43.71 43.35 -6.19
C ALA B 218 -44.30 44.27 -7.26
N LYS B 219 -43.48 45.22 -7.72
CA LYS B 219 -43.90 46.20 -8.71
C LYS B 219 -43.26 45.88 -10.06
N ALA B 220 -44.08 45.77 -11.10
CA ALA B 220 -43.59 45.58 -12.46
C ALA B 220 -43.02 46.88 -12.97
N VAL B 221 -41.70 46.98 -12.99
CA VAL B 221 -40.99 48.21 -13.31
C VAL B 221 -40.21 47.99 -14.60
N ASP B 222 -40.13 49.02 -15.44
CA ASP B 222 -39.36 48.97 -16.66
C ASP B 222 -37.87 48.81 -16.35
N PRO B 223 -37.12 48.14 -17.24
CA PRO B 223 -35.70 47.87 -16.94
C PRO B 223 -34.80 49.10 -17.01
N ASN B 224 -35.25 50.20 -17.60
CA ASN B 224 -34.40 51.37 -17.76
C ASN B 224 -34.42 52.31 -16.56
N ASP B 225 -35.47 52.27 -15.75
CA ASP B 225 -35.63 53.20 -14.64
C ASP B 225 -35.64 52.50 -13.29
N ILE B 226 -34.93 51.38 -13.17
CA ILE B 226 -34.77 50.72 -11.87
C ILE B 226 -33.76 51.45 -11.01
N TYR B 227 -32.91 52.27 -11.63
CA TYR B 227 -31.83 52.94 -10.89
C TYR B 227 -32.38 54.10 -10.06
N GLY B 228 -33.35 54.83 -10.60
CA GLY B 228 -33.99 55.96 -9.95
C GLY B 228 -35.09 55.62 -8.98
N VAL B 229 -35.35 54.34 -8.74
CA VAL B 229 -36.35 53.94 -7.75
C VAL B 229 -35.82 54.23 -6.35
N GLU B 230 -36.61 54.94 -5.55
CA GLU B 230 -36.22 55.24 -4.18
C GLU B 230 -36.30 53.97 -3.33
N CYS B 231 -35.17 53.54 -2.80
CA CYS B 231 -35.09 52.30 -2.04
C CYS B 231 -33.91 52.40 -1.08
N ASP B 232 -33.77 51.38 -0.25
CA ASP B 232 -32.58 51.26 0.60
C ASP B 232 -31.51 50.41 -0.07
N ILE B 233 -31.84 49.17 -0.39
CA ILE B 233 -30.88 48.19 -0.89
C ILE B 233 -31.18 47.94 -2.36
N PHE B 234 -30.16 48.13 -3.20
CA PHE B 234 -30.22 47.75 -4.61
C PHE B 234 -29.41 46.48 -4.82
N ALA B 235 -30.01 45.48 -5.45
CA ALA B 235 -29.41 44.16 -5.60
C ALA B 235 -29.26 43.82 -7.08
N PRO B 236 -28.17 44.24 -7.72
CA PRO B 236 -28.00 43.96 -9.16
C PRO B 236 -27.66 42.49 -9.39
N CYS B 237 -28.39 41.87 -10.33
CA CYS B 237 -28.26 40.44 -10.53
C CYS B 237 -28.29 40.04 -12.00
N ALA B 238 -28.01 40.97 -12.93
CA ALA B 238 -28.15 40.67 -14.35
C ALA B 238 -26.82 40.64 -15.10
N LEU B 239 -26.07 41.74 -15.11
CA LEU B 239 -24.85 41.82 -15.89
C LEU B 239 -23.80 42.58 -15.09
N GLY B 240 -22.69 42.89 -15.76
CA GLY B 240 -21.63 43.69 -15.19
C GLY B 240 -21.43 44.97 -15.98
N GLY B 241 -20.52 45.80 -15.47
CA GLY B 241 -20.34 47.11 -16.04
C GLY B 241 -21.51 48.04 -15.79
N ILE B 242 -22.25 47.80 -14.69
CA ILE B 242 -23.44 48.58 -14.39
C ILE B 242 -23.05 49.98 -13.91
N ILE B 243 -22.28 50.04 -12.83
CA ILE B 243 -21.97 51.30 -12.18
C ILE B 243 -20.93 52.02 -13.03
N ASN B 244 -21.39 52.97 -13.84
CA ASN B 244 -20.51 53.85 -14.59
C ASN B 244 -20.98 55.29 -14.50
N ASP B 245 -20.41 56.18 -15.31
CA ASP B 245 -20.69 57.61 -15.21
C ASP B 245 -22.13 57.92 -15.61
N GLN B 246 -22.73 57.08 -16.46
CA GLN B 246 -24.12 57.27 -16.84
C GLN B 246 -25.08 56.90 -15.72
N THR B 247 -24.68 56.01 -14.82
CA THR B 247 -25.62 55.40 -13.88
C THR B 247 -25.43 55.82 -12.43
N ILE B 248 -24.33 56.49 -12.08
CA ILE B 248 -24.12 56.94 -10.70
C ILE B 248 -25.17 57.94 -10.19
N PRO B 249 -25.43 59.08 -10.85
CA PRO B 249 -26.31 60.07 -10.21
C PRO B 249 -27.80 59.74 -10.21
N GLN B 250 -28.21 58.50 -10.49
CA GLN B 250 -29.61 58.11 -10.37
C GLN B 250 -29.91 57.32 -9.11
N LEU B 251 -28.90 56.87 -8.36
CA LEU B 251 -29.13 56.06 -7.18
C LEU B 251 -29.71 56.88 -6.04
N LYS B 252 -30.93 56.54 -5.63
CA LYS B 252 -31.49 57.00 -4.38
C LYS B 252 -31.25 56.01 -3.25
N ALA B 253 -30.41 55.00 -3.48
CA ALA B 253 -30.15 53.96 -2.49
C ALA B 253 -28.85 54.24 -1.76
N LYS B 254 -28.56 53.41 -0.75
CA LYS B 254 -27.35 53.54 0.03
C LYS B 254 -26.62 52.21 0.24
N VAL B 255 -27.20 51.09 -0.17
CA VAL B 255 -26.57 49.77 -0.05
C VAL B 255 -26.68 49.09 -1.40
N ILE B 256 -25.54 48.62 -1.92
CA ILE B 256 -25.49 47.82 -3.14
C ILE B 256 -24.97 46.44 -2.76
N ALA B 257 -25.77 45.40 -2.98
CA ALA B 257 -25.36 44.04 -2.66
C ALA B 257 -26.15 43.07 -3.53
N GLY B 258 -25.52 42.56 -4.59
CA GLY B 258 -26.17 41.65 -5.50
C GLY B 258 -25.23 40.55 -5.96
N SER B 259 -25.78 39.63 -6.76
CA SER B 259 -25.07 38.46 -7.22
C SER B 259 -24.40 38.66 -8.57
N ALA B 260 -24.25 39.89 -9.02
CA ALA B 260 -23.69 40.14 -10.33
C ALA B 260 -22.17 40.11 -10.28
N ASN B 261 -21.57 39.67 -11.38
CA ASN B 261 -20.12 39.65 -11.51
C ASN B 261 -19.65 40.93 -12.19
N ASN B 262 -18.50 41.45 -11.72
CA ASN B 262 -17.83 42.63 -12.27
C ASN B 262 -18.75 43.85 -12.22
N GLN B 263 -19.21 44.17 -11.01
CA GLN B 263 -20.23 45.20 -10.85
C GLN B 263 -19.67 46.59 -11.08
N LEU B 264 -18.54 46.90 -10.43
CA LEU B 264 -17.88 48.16 -10.71
C LEU B 264 -17.20 48.08 -12.06
N LYS B 265 -17.51 49.04 -12.95
CA LYS B 265 -16.93 49.02 -14.28
C LYS B 265 -15.44 49.38 -14.22
N GLU B 266 -15.09 50.37 -13.41
CA GLU B 266 -13.72 50.81 -13.18
C GLU B 266 -13.58 51.10 -11.70
N PRO B 267 -12.38 50.97 -11.13
CA PRO B 267 -12.21 51.23 -9.69
C PRO B 267 -12.43 52.69 -9.27
N ARG B 268 -12.36 53.63 -10.21
CA ARG B 268 -12.68 55.03 -9.89
CA ARG B 268 -12.67 55.02 -9.85
C ARG B 268 -14.15 55.18 -9.50
N HIS B 269 -15.02 54.32 -10.05
CA HIS B 269 -16.43 54.36 -9.66
C HIS B 269 -16.61 53.84 -8.23
N GLY B 270 -15.79 52.87 -7.83
CA GLY B 270 -15.77 52.46 -6.43
C GLY B 270 -15.26 53.54 -5.52
N ASP B 271 -14.29 54.35 -5.99
CA ASP B 271 -13.84 55.51 -5.24
C ASP B 271 -14.97 56.54 -5.11
N MET B 272 -15.75 56.73 -6.17
CA MET B 272 -16.87 57.67 -6.11
C MET B 272 -17.96 57.19 -5.15
N ILE B 273 -18.26 55.88 -5.16
CA ILE B 273 -19.23 55.32 -4.21
C ILE B 273 -18.72 55.45 -2.78
N HIS B 274 -17.41 55.26 -2.57
CA HIS B 274 -16.83 55.47 -1.25
C HIS B 274 -16.90 56.92 -0.81
N GLU B 275 -16.83 57.86 -1.77
CA GLU B 275 -17.05 59.26 -1.42
C GLU B 275 -18.50 59.53 -1.06
N MET B 276 -19.45 58.99 -1.81
CA MET B 276 -20.86 59.29 -1.60
C MET B 276 -21.47 58.63 -0.36
N GLY B 277 -20.74 57.75 0.31
CA GLY B 277 -21.27 57.10 1.48
C GLY B 277 -22.22 55.95 1.21
N ILE B 278 -22.36 55.54 -0.05
CA ILE B 278 -23.14 54.35 -0.37
C ILE B 278 -22.36 53.12 0.07
N VAL B 279 -22.95 52.33 0.97
CA VAL B 279 -22.28 51.14 1.51
C VAL B 279 -22.23 50.08 0.42
N TYR B 280 -21.05 49.85 -0.13
CA TYR B 280 -20.83 48.88 -1.19
C TYR B 280 -20.15 47.64 -0.60
N ALA B 281 -20.90 46.56 -0.50
CA ALA B 281 -20.22 45.31 -0.22
C ALA B 281 -19.67 44.72 -1.51
N PRO B 282 -18.45 44.18 -1.51
CA PRO B 282 -17.78 43.84 -2.77
C PRO B 282 -18.40 42.64 -3.45
N ASP B 283 -18.19 42.57 -4.76
CA ASP B 283 -18.97 41.66 -5.59
C ASP B 283 -18.55 40.19 -5.41
N TYR B 284 -17.25 39.91 -5.40
CA TYR B 284 -16.78 38.53 -5.34
C TYR B 284 -16.79 37.94 -3.93
N VAL B 285 -17.29 38.67 -2.92
CA VAL B 285 -17.49 38.10 -1.61
C VAL B 285 -18.95 37.73 -1.37
N ILE B 286 -19.89 38.49 -1.91
CA ILE B 286 -21.31 38.23 -1.73
C ILE B 286 -21.73 36.98 -2.49
N ASN B 287 -21.41 36.92 -3.78
CA ASN B 287 -21.90 35.86 -4.65
C ASN B 287 -21.06 34.59 -4.59
N ALA B 288 -20.25 34.41 -3.55
CA ALA B 288 -19.33 33.28 -3.47
C ALA B 288 -19.98 32.01 -2.95
N GLY B 289 -21.31 31.93 -2.94
CA GLY B 289 -21.96 30.73 -2.42
C GLY B 289 -21.89 29.56 -3.37
N GLY B 290 -21.89 29.81 -4.68
CA GLY B 290 -21.86 28.72 -5.64
C GLY B 290 -20.52 28.01 -5.68
N VAL B 291 -19.43 28.77 -5.50
CA VAL B 291 -18.10 28.18 -5.48
C VAL B 291 -17.90 27.36 -4.21
N ILE B 292 -18.47 27.82 -3.08
CA ILE B 292 -18.50 27.03 -1.87
C ILE B 292 -19.32 25.75 -2.06
N ASN B 293 -20.43 25.84 -2.80
CA ASN B 293 -21.27 24.66 -3.01
C ASN B 293 -20.56 23.63 -3.89
N VAL B 294 -19.84 24.08 -4.92
CA VAL B 294 -19.14 23.10 -5.76
C VAL B 294 -17.82 22.66 -5.13
N ALA B 295 -17.30 23.41 -4.16
CA ALA B 295 -16.09 23.00 -3.47
C ALA B 295 -16.36 22.08 -2.29
N ASP B 296 -17.59 22.06 -1.77
CA ASP B 296 -17.91 21.13 -0.70
C ASP B 296 -18.08 19.71 -1.19
N GLU B 297 -18.22 19.51 -2.50
CA GLU B 297 -18.32 18.19 -3.10
C GLU B 297 -17.04 17.37 -2.93
N LEU B 298 -15.89 18.03 -2.77
CA LEU B 298 -14.61 17.35 -2.63
C LEU B 298 -14.49 16.54 -1.34
N TYR B 299 -15.30 16.85 -0.33
CA TYR B 299 -15.35 16.09 0.91
C TYR B 299 -16.26 14.88 0.81
N GLY B 300 -17.01 14.73 -0.27
CA GLY B 300 -18.21 13.91 -0.26
C GLY B 300 -19.36 14.82 0.09
N TYR B 301 -20.34 14.93 -0.81
CA TYR B 301 -21.27 16.04 -0.74
C TYR B 301 -22.28 15.87 0.38
N ASN B 302 -22.49 16.94 1.13
CA ASN B 302 -23.47 16.96 2.20
C ASN B 302 -24.04 18.37 2.26
N ARG B 303 -25.37 18.47 2.24
CA ARG B 303 -26.03 19.77 2.09
C ARG B 303 -25.93 20.60 3.35
N GLU B 304 -25.96 19.97 4.52
CA GLU B 304 -25.97 20.71 5.78
C GLU B 304 -24.62 21.37 6.06
N ARG B 305 -23.53 20.64 5.82
CA ARG B 305 -22.19 21.21 5.96
C ARG B 305 -21.95 22.34 4.97
N ALA B 306 -22.45 22.17 3.73
CA ALA B 306 -22.30 23.20 2.70
C ALA B 306 -23.04 24.48 3.08
N MET B 307 -24.30 24.36 3.53
CA MET B 307 -25.06 25.55 3.89
C MET B 307 -24.54 26.19 5.17
N LYS B 308 -24.00 25.38 6.09
CA LYS B 308 -23.34 25.90 7.27
C LYS B 308 -22.08 26.69 6.90
N LYS B 309 -21.41 26.31 5.81
CA LYS B 309 -20.27 27.10 5.34
C LYS B 309 -20.73 28.36 4.59
N ILE B 310 -21.83 28.28 3.85
CA ILE B 310 -22.35 29.44 3.11
C ILE B 310 -22.89 30.50 4.08
N GLU B 311 -23.29 30.10 5.29
CA GLU B 311 -23.76 31.04 6.31
C GLU B 311 -22.70 32.09 6.68
N GLN B 312 -21.41 31.76 6.57
CA GLN B 312 -20.34 32.63 7.04
C GLN B 312 -20.02 33.80 6.11
N ILE B 313 -20.80 34.01 5.03
CA ILE B 313 -20.61 35.19 4.19
C ILE B 313 -21.00 36.46 4.93
N TYR B 314 -21.89 36.32 5.92
CA TYR B 314 -22.16 37.36 6.91
C TYR B 314 -20.88 37.85 7.59
N ASP B 315 -20.12 36.92 8.17
CA ASP B 315 -18.87 37.28 8.83
C ASP B 315 -17.81 37.73 7.85
N ASN B 316 -17.84 37.24 6.61
CA ASN B 316 -16.89 37.68 5.59
C ASN B 316 -17.10 39.15 5.24
N ILE B 317 -18.34 39.54 4.96
CA ILE B 317 -18.68 40.94 4.71
C ILE B 317 -18.40 41.80 5.94
N GLU B 318 -18.61 41.24 7.15
CA GLU B 318 -18.29 41.97 8.37
C GLU B 318 -16.79 42.25 8.50
N LYS B 319 -15.95 41.28 8.13
CA LYS B 319 -14.51 41.51 8.14
C LYS B 319 -14.06 42.49 7.07
N VAL B 320 -14.71 42.48 5.89
CA VAL B 320 -14.40 43.46 4.85
C VAL B 320 -14.69 44.88 5.35
N PHE B 321 -15.84 45.06 6.00
CA PHE B 321 -16.17 46.38 6.54
C PHE B 321 -15.30 46.76 7.71
N ALA B 322 -14.84 45.78 8.50
CA ALA B 322 -13.90 46.08 9.59
C ALA B 322 -12.55 46.55 9.06
N ILE B 323 -12.02 45.90 8.01
CA ILE B 323 -10.76 46.32 7.43
C ILE B 323 -10.91 47.68 6.73
N ALA B 324 -12.06 47.92 6.09
CA ALA B 324 -12.29 49.20 5.42
C ALA B 324 -12.38 50.35 6.42
N LYS B 325 -13.01 50.13 7.58
CA LYS B 325 -13.01 51.16 8.59
C LYS B 325 -11.66 51.27 9.29
N ARG B 326 -10.88 50.19 9.30
CA ARG B 326 -9.58 50.20 9.99
CA ARG B 326 -9.59 50.21 9.99
C ARG B 326 -8.55 51.02 9.21
N ASP B 327 -8.48 50.82 7.90
CA ASP B 327 -7.43 51.45 7.11
C ASP B 327 -7.95 52.66 6.32
N ASN B 328 -9.24 52.98 6.44
CA ASN B 328 -9.90 54.11 5.76
C ASN B 328 -9.74 54.02 4.24
N ILE B 329 -10.03 52.85 3.70
CA ILE B 329 -9.86 52.55 2.29
C ILE B 329 -11.22 52.13 1.76
N PRO B 330 -11.43 52.19 0.43
CA PRO B 330 -12.67 51.65 -0.13
C PRO B 330 -12.79 50.15 0.04
N THR B 331 -14.02 49.65 -0.07
CA THR B 331 -14.29 48.26 0.29
C THR B 331 -13.80 47.28 -0.76
N TYR B 332 -13.70 47.71 -2.03
CA TYR B 332 -13.15 46.81 -3.03
C TYR B 332 -11.65 46.64 -2.87
N VAL B 333 -10.99 47.61 -2.25
CA VAL B 333 -9.60 47.43 -1.84
C VAL B 333 -9.53 46.61 -0.57
N ALA B 334 -10.51 46.78 0.32
CA ALA B 334 -10.53 46.05 1.59
C ALA B 334 -10.73 44.55 1.39
N ALA B 335 -11.46 44.15 0.35
CA ALA B 335 -11.64 42.73 0.09
C ALA B 335 -10.36 42.09 -0.44
N ASP B 336 -9.64 42.80 -1.32
CA ASP B 336 -8.35 42.31 -1.79
C ASP B 336 -7.35 42.21 -0.66
N ARG B 337 -7.33 43.18 0.24
CA ARG B 337 -6.38 43.11 1.35
C ARG B 337 -6.76 42.05 2.37
N MET B 338 -8.05 41.80 2.56
CA MET B 338 -8.50 40.65 3.36
C MET B 338 -7.99 39.34 2.79
N ALA B 339 -8.13 39.16 1.48
CA ALA B 339 -7.70 37.92 0.85
C ALA B 339 -6.18 37.76 0.89
N GLU B 340 -5.43 38.84 0.66
CA GLU B 340 -3.98 38.76 0.68
C GLU B 340 -3.44 38.53 2.09
N GLU B 341 -4.07 39.13 3.10
CA GLU B 341 -3.65 38.85 4.48
C GLU B 341 -3.97 37.42 4.87
N ARG B 342 -5.07 36.84 4.36
CA ARG B 342 -5.32 35.44 4.65
C ARG B 342 -4.28 34.54 3.99
N ILE B 343 -3.87 34.84 2.75
CA ILE B 343 -2.86 34.03 2.08
C ILE B 343 -1.51 34.11 2.79
N GLU B 344 -1.09 35.33 3.18
CA GLU B 344 0.20 35.50 3.86
C GLU B 344 0.20 34.85 5.24
N THR B 345 -0.90 34.98 5.97
CA THR B 345 -0.96 34.41 7.32
C THR B 345 -1.03 32.89 7.26
N MET B 346 -1.73 32.32 6.28
CA MET B 346 -1.77 30.88 6.20
C MET B 346 -0.49 30.29 5.61
N ARG B 347 0.34 31.10 4.96
CA ARG B 347 1.67 30.63 4.61
CA ARG B 347 1.67 30.62 4.60
C ARG B 347 2.59 30.65 5.82
N LYS B 348 2.51 31.69 6.64
CA LYS B 348 3.40 31.79 7.78
C LYS B 348 2.95 30.97 8.99
N ALA B 349 1.73 30.46 9.02
CA ALA B 349 1.21 29.74 10.17
C ALA B 349 1.06 28.25 9.97
N ARG B 350 1.22 27.76 8.74
CA ARG B 350 1.23 26.33 8.44
C ARG B 350 2.61 25.88 8.00
N SER B 351 3.64 26.37 8.66
CA SER B 351 5.00 26.19 8.21
C SER B 351 5.73 25.06 8.92
N GLN B 352 5.26 24.61 10.07
CA GLN B 352 5.97 23.55 10.79
C GLN B 352 5.80 22.21 10.09
N PHE B 353 6.86 21.40 10.18
CA PHE B 353 7.01 20.19 9.39
C PHE B 353 6.04 19.10 9.81
N LEU B 354 5.45 18.44 8.82
CA LEU B 354 4.70 17.20 8.99
C LEU B 354 4.97 16.35 7.77
N GLN B 355 5.09 15.04 7.96
CA GLN B 355 5.26 14.15 6.83
C GLN B 355 3.97 13.42 6.48
N ASN B 356 2.85 13.78 7.11
CA ASN B 356 1.55 13.21 6.83
C ASN B 356 0.48 14.29 6.88
N GLY B 357 0.73 15.42 6.22
CA GLY B 357 -0.19 16.53 6.29
C GLY B 357 -1.43 16.31 5.43
N HIS B 358 -2.53 16.91 5.86
CA HIS B 358 -3.79 16.85 5.14
C HIS B 358 -3.98 18.08 4.28
N HIS B 359 -4.63 17.87 3.15
CA HIS B 359 -5.05 18.94 2.24
C HIS B 359 -6.44 18.59 1.73
N ILE B 360 -6.88 19.28 0.67
CA ILE B 360 -8.26 19.14 0.22
C ILE B 360 -8.46 17.81 -0.50
N LEU B 361 -7.39 17.17 -0.95
CA LEU B 361 -7.46 15.96 -1.76
C LEU B 361 -6.98 14.74 -1.00
N SER B 362 -6.82 14.85 0.31
CA SER B 362 -6.29 13.76 1.09
C SER B 362 -7.37 12.70 1.30
N ARG B 363 -6.95 11.45 1.35
CA ARG B 363 -7.84 10.34 1.63
C ARG B 363 -7.76 10.05 3.12
N ARG B 364 -8.86 10.29 3.83
CA ARG B 364 -8.81 10.22 5.28
C ARG B 364 -9.89 9.26 5.82
N ARG B 365 -9.98 9.22 7.14
CA ARG B 365 -10.89 8.29 7.81
CA ARG B 365 -10.88 8.30 7.82
C ARG B 365 -12.33 8.69 7.57
N ALA B 366 -13.19 7.67 7.40
CA ALA B 366 -14.58 7.92 7.03
C ALA B 366 -15.36 8.57 8.16
N ARG B 367 -15.43 7.90 9.32
CA ARG B 367 -16.13 8.35 10.52
C ARG B 367 -17.59 8.72 10.30
N MET C 1 -8.32 -31.05 -35.16
CA MET C 1 -7.48 -31.83 -34.26
C MET C 1 -8.36 -32.44 -33.17
N GLU C 2 -9.56 -31.88 -33.00
CA GLU C 2 -10.46 -32.14 -31.89
C GLU C 2 -9.75 -31.83 -30.57
N LEU C 3 -9.51 -30.54 -30.39
CA LEU C 3 -8.47 -30.09 -29.46
C LEU C 3 -8.90 -30.22 -28.01
N PHE C 4 -10.21 -30.15 -27.72
CA PHE C 4 -10.63 -30.41 -26.35
C PHE C 4 -10.52 -31.89 -25.96
N GLN C 5 -10.56 -32.81 -26.92
CA GLN C 5 -10.29 -34.21 -26.57
C GLN C 5 -8.85 -34.40 -26.14
N TYR C 6 -7.91 -33.80 -26.89
CA TYR C 6 -6.51 -33.93 -26.54
C TYR C 6 -6.18 -33.18 -25.27
N MET C 7 -6.88 -32.09 -24.98
CA MET C 7 -6.70 -31.42 -23.70
C MET C 7 -7.30 -32.25 -22.56
N GLU C 8 -8.45 -32.88 -22.79
CA GLU C 8 -9.14 -33.59 -21.72
C GLU C 8 -8.42 -34.88 -21.34
N LYS C 9 -7.75 -35.53 -22.31
CA LYS C 9 -7.04 -36.77 -22.01
C LYS C 9 -5.86 -36.55 -21.06
N TYR C 10 -5.15 -35.43 -21.17
CA TYR C 10 -3.95 -35.20 -20.37
C TYR C 10 -4.13 -34.11 -19.34
N ASP C 11 -5.31 -33.49 -19.26
CA ASP C 11 -5.64 -32.39 -18.35
C ASP C 11 -4.71 -31.19 -18.58
N TYR C 12 -4.72 -30.69 -19.80
CA TYR C 12 -4.13 -29.40 -20.10
C TYR C 12 -5.02 -28.31 -19.57
N GLU C 13 -4.43 -27.31 -18.90
CA GLU C 13 -5.25 -26.22 -18.40
C GLU C 13 -5.67 -25.28 -19.52
N GLN C 14 -4.72 -24.67 -20.20
CA GLN C 14 -5.03 -23.68 -21.22
C GLN C 14 -4.19 -23.86 -22.46
N VAL C 15 -4.79 -23.48 -23.58
CA VAL C 15 -4.07 -23.17 -24.82
C VAL C 15 -4.54 -21.77 -25.21
N LEU C 16 -3.63 -20.94 -25.72
CA LEU C 16 -3.92 -19.52 -25.83
C LEU C 16 -3.27 -18.97 -27.08
N PHE C 17 -4.08 -18.49 -28.03
CA PHE C 17 -3.59 -18.07 -29.34
C PHE C 17 -3.47 -16.55 -29.36
N CYS C 18 -2.24 -16.05 -29.37
CA CYS C 18 -1.99 -14.63 -29.50
C CYS C 18 -1.76 -14.26 -30.96
N GLN C 19 -2.20 -13.06 -31.32
CA GLN C 19 -2.08 -12.58 -32.68
C GLN C 19 -1.96 -11.06 -32.63
N ASP C 20 -1.07 -10.52 -33.46
CA ASP C 20 -0.96 -9.07 -33.59
C ASP C 20 -0.62 -8.76 -35.03
N LYS C 21 -1.44 -7.92 -35.67
CA LYS C 21 -1.41 -7.76 -37.12
C LYS C 21 -0.36 -6.74 -37.55
N GLU C 22 -0.22 -5.64 -36.82
CA GLU C 22 0.74 -4.60 -37.18
C GLU C 22 2.17 -4.97 -36.84
N SER C 23 2.39 -6.10 -36.17
CA SER C 23 3.71 -6.63 -35.93
C SER C 23 3.95 -8.00 -36.52
N GLY C 24 2.92 -8.72 -36.91
CA GLY C 24 3.07 -10.03 -37.50
C GLY C 24 3.21 -11.16 -36.52
N LEU C 25 2.77 -10.99 -35.28
CA LEU C 25 2.94 -12.01 -34.27
C LEU C 25 1.83 -13.05 -34.36
N LYS C 26 2.23 -14.33 -34.35
CA LYS C 26 1.32 -15.46 -34.24
C LYS C 26 1.94 -16.40 -33.21
N ALA C 27 1.36 -16.47 -32.01
CA ALA C 27 1.97 -17.23 -30.93
C ALA C 27 0.95 -18.18 -30.29
N ILE C 28 1.45 -19.31 -29.79
CA ILE C 28 0.64 -20.32 -29.15
C ILE C 28 1.26 -20.57 -27.79
N ILE C 29 0.60 -20.14 -26.73
CA ILE C 29 1.09 -20.39 -25.38
C ILE C 29 0.27 -21.52 -24.79
N VAL C 30 0.92 -22.57 -24.33
CA VAL C 30 0.23 -23.73 -23.81
C VAL C 30 0.66 -23.95 -22.37
N ILE C 31 -0.31 -23.98 -21.47
CA ILE C 31 -0.11 -24.21 -20.05
C ILE C 31 -0.74 -25.54 -19.71
N HIS C 32 0.05 -26.49 -19.22
CA HIS C 32 -0.40 -27.83 -18.89
C HIS C 32 -0.88 -27.94 -17.44
N ASP C 33 -0.02 -27.60 -16.50
CA ASP C 33 -0.37 -27.78 -15.09
C ASP C 33 0.31 -26.67 -14.31
N THR C 34 -0.46 -25.98 -13.47
CA THR C 34 0.06 -24.97 -12.57
C THR C 34 -0.30 -25.29 -11.13
N THR C 35 -0.19 -26.57 -10.76
CA THR C 35 -0.42 -26.98 -9.38
C THR C 35 0.74 -26.58 -8.48
N LEU C 36 1.98 -26.88 -8.91
CA LEU C 36 3.14 -26.62 -8.06
C LEU C 36 3.48 -25.14 -8.02
N GLY C 37 3.42 -24.47 -9.14
CA GLY C 37 3.69 -23.06 -9.20
C GLY C 37 3.29 -22.48 -10.53
N PRO C 38 3.88 -21.34 -10.90
CA PRO C 38 3.65 -20.79 -12.23
C PRO C 38 4.31 -21.63 -13.31
N ALA C 39 3.72 -21.60 -14.49
CA ALA C 39 4.21 -22.41 -15.61
C ALA C 39 5.41 -21.73 -16.22
N LEU C 40 6.60 -22.23 -15.93
CA LEU C 40 7.80 -21.78 -16.62
C LEU C 40 7.98 -22.58 -17.90
N GLY C 41 8.26 -21.89 -18.99
CA GLY C 41 8.51 -22.54 -20.25
C GLY C 41 9.31 -21.72 -21.22
N GLY C 42 9.94 -22.38 -22.18
CA GLY C 42 10.70 -21.66 -23.17
C GLY C 42 9.82 -21.01 -24.21
N THR C 43 10.38 -20.01 -24.87
CA THR C 43 9.77 -19.39 -26.03
C THR C 43 10.54 -19.83 -27.26
N ARG C 44 9.90 -20.61 -28.11
CA ARG C 44 10.56 -21.23 -29.25
CA ARG C 44 10.56 -21.23 -29.25
C ARG C 44 9.98 -20.64 -30.53
N MET C 45 10.85 -20.19 -31.42
CA MET C 45 10.44 -19.59 -32.68
C MET C 45 10.95 -20.46 -33.82
N TRP C 46 10.03 -20.96 -34.64
CA TRP C 46 10.39 -21.86 -35.73
C TRP C 46 9.25 -21.87 -36.73
N MET C 47 9.62 -22.04 -38.00
CA MET C 47 8.65 -21.97 -39.09
C MET C 47 8.05 -23.34 -39.35
N TYR C 48 6.73 -23.42 -39.33
CA TYR C 48 6.01 -24.66 -39.54
C TYR C 48 5.26 -24.62 -40.87
N ASN C 49 4.91 -25.80 -41.36
CA ASN C 49 4.13 -25.88 -42.60
C ASN C 49 2.67 -25.57 -42.37
N SER C 50 2.21 -25.60 -41.12
CA SER C 50 0.80 -25.40 -40.81
C SER C 50 0.68 -24.92 -39.38
N GLU C 51 -0.57 -24.75 -38.93
CA GLU C 51 -0.83 -24.39 -37.54
C GLU C 51 -0.82 -25.61 -36.64
N GLU C 52 -1.31 -26.75 -37.15
CA GLU C 52 -1.50 -27.93 -36.34
C GLU C 52 -0.17 -28.54 -35.89
N GLU C 53 0.87 -28.40 -36.71
CA GLU C 53 2.21 -28.84 -36.32
C GLU C 53 2.71 -28.06 -35.12
N ALA C 54 2.53 -26.74 -35.15
CA ALA C 54 2.93 -25.89 -34.03
C ALA C 54 2.10 -26.19 -32.79
N LEU C 55 0.83 -26.50 -32.97
CA LEU C 55 -0.03 -26.81 -31.84
C LEU C 55 0.38 -28.12 -31.17
N GLU C 56 0.60 -29.18 -31.95
CA GLU C 56 1.07 -30.45 -31.40
C GLU C 56 2.43 -30.30 -30.72
N ASP C 57 3.31 -29.49 -31.31
CA ASP C 57 4.64 -29.28 -30.75
C ASP C 57 4.57 -28.58 -29.40
N ALA C 58 3.71 -27.55 -29.30
CA ALA C 58 3.56 -26.83 -28.04
C ALA C 58 2.92 -27.68 -26.97
N LEU C 59 1.98 -28.56 -27.34
CA LEU C 59 1.32 -29.42 -26.36
C LEU C 59 2.28 -30.46 -25.79
N ARG C 60 3.06 -31.11 -26.67
CA ARG C 60 4.07 -32.07 -26.20
C ARG C 60 5.12 -31.42 -25.32
N LEU C 61 5.59 -30.25 -25.70
CA LEU C 61 6.63 -29.61 -24.90
C LEU C 61 6.08 -29.05 -23.59
N ALA C 62 4.79 -28.70 -23.53
CA ALA C 62 4.20 -28.28 -22.26
C ALA C 62 4.12 -29.45 -21.28
N ARG C 63 3.72 -30.62 -21.76
CA ARG C 63 3.69 -31.80 -20.89
CA ARG C 63 3.69 -31.79 -20.88
C ARG C 63 5.09 -32.18 -20.43
N GLY C 64 6.07 -32.10 -21.34
CA GLY C 64 7.44 -32.41 -20.99
C GLY C 64 8.03 -31.46 -19.96
N MET C 65 7.72 -30.16 -20.07
CA MET C 65 8.18 -29.22 -19.07
C MET C 65 7.48 -29.40 -17.74
N THR C 66 6.24 -29.88 -17.73
CA THR C 66 5.58 -30.22 -16.46
C THR C 66 6.35 -31.30 -15.73
N TYR C 67 6.66 -32.40 -16.42
CA TYR C 67 7.40 -33.47 -15.75
C TYR C 67 8.83 -33.08 -15.40
N LYS C 68 9.48 -32.24 -16.22
CA LYS C 68 10.83 -31.79 -15.91
C LYS C 68 10.85 -30.89 -14.68
N ASN C 69 9.94 -29.91 -14.60
CA ASN C 69 9.91 -29.05 -13.43
C ASN C 69 9.50 -29.80 -12.18
N ALA C 70 8.63 -30.81 -12.31
CA ALA C 70 8.21 -31.56 -11.13
C ALA C 70 9.31 -32.46 -10.61
N ALA C 71 10.01 -33.17 -11.50
CA ALA C 71 11.06 -34.08 -11.05
C ALA C 71 12.31 -33.36 -10.56
N ALA C 72 12.50 -32.10 -10.97
CA ALA C 72 13.68 -31.35 -10.57
C ALA C 72 13.61 -30.84 -9.14
N GLY C 73 12.43 -30.83 -8.53
CA GLY C 73 12.27 -30.27 -7.21
C GLY C 73 11.93 -28.80 -7.19
N LEU C 74 11.36 -28.27 -8.26
CA LEU C 74 11.07 -26.86 -8.39
C LEU C 74 9.59 -26.59 -8.16
N ASN C 75 9.29 -25.41 -7.66
CA ASN C 75 7.91 -24.98 -7.43
C ASN C 75 7.39 -24.23 -8.65
N LEU C 76 7.38 -24.95 -9.77
CA LEU C 76 7.06 -24.37 -11.06
C LEU C 76 6.25 -25.39 -11.85
N GLY C 77 5.38 -24.88 -12.70
CA GLY C 77 4.54 -25.71 -13.53
C GLY C 77 5.14 -25.93 -14.91
N GLY C 78 4.30 -26.41 -15.81
CA GLY C 78 4.78 -26.65 -17.15
C GLY C 78 4.00 -25.93 -18.22
N GLY C 79 4.72 -25.19 -19.06
CA GLY C 79 4.13 -24.56 -20.21
C GLY C 79 5.16 -24.42 -21.30
N LYS C 80 4.74 -23.85 -22.42
CA LYS C 80 5.59 -23.68 -23.59
C LYS C 80 4.93 -22.74 -24.57
N THR C 81 5.72 -21.82 -25.12
CA THR C 81 5.27 -20.94 -26.18
C THR C 81 5.91 -21.37 -27.48
N VAL C 82 5.13 -21.37 -28.56
CA VAL C 82 5.64 -21.49 -29.90
C VAL C 82 5.23 -20.24 -30.68
N ILE C 83 6.20 -19.48 -31.15
CA ILE C 83 5.94 -18.39 -32.09
C ILE C 83 6.12 -18.92 -33.49
N ILE C 84 5.12 -18.73 -34.35
CA ILE C 84 5.16 -19.20 -35.72
C ILE C 84 5.78 -18.09 -36.57
N GLY C 85 6.98 -18.33 -37.06
CA GLY C 85 7.66 -17.37 -37.91
C GLY C 85 9.05 -17.87 -38.22
N ASP C 86 9.79 -17.03 -38.92
CA ASP C 86 11.16 -17.35 -39.27
C ASP C 86 12.08 -16.48 -38.42
N PRO C 87 12.95 -17.05 -37.59
CA PRO C 87 13.85 -16.23 -36.77
C PRO C 87 15.00 -15.59 -37.53
N ARG C 88 15.09 -15.75 -38.84
CA ARG C 88 16.12 -15.09 -39.62
C ARG C 88 15.60 -13.92 -40.45
N LYS C 89 14.29 -13.88 -40.72
CA LYS C 89 13.71 -12.81 -41.52
C LYS C 89 12.51 -12.13 -40.90
N ASP C 90 11.97 -12.62 -39.79
CA ASP C 90 10.68 -12.15 -39.29
C ASP C 90 10.75 -11.82 -37.80
N LYS C 91 11.78 -11.09 -37.39
CA LYS C 91 11.85 -10.54 -36.04
C LYS C 91 11.92 -9.03 -36.10
N ASN C 92 11.22 -8.39 -35.17
CA ASN C 92 11.34 -6.97 -34.93
C ASN C 92 10.98 -6.70 -33.47
N GLU C 93 11.03 -5.42 -33.09
CA GLU C 93 10.76 -5.05 -31.71
C GLU C 93 9.28 -5.19 -31.38
N ALA C 94 8.42 -4.93 -32.36
CA ALA C 94 7.00 -4.75 -32.09
C ALA C 94 6.33 -6.06 -31.71
N MET C 95 6.77 -7.18 -32.29
CA MET C 95 6.17 -8.45 -31.92
C MET C 95 6.56 -8.89 -30.53
N PHE C 96 7.76 -8.54 -30.07
CA PHE C 96 8.10 -8.91 -28.70
C PHE C 96 7.53 -7.94 -27.68
N ARG C 97 7.29 -6.68 -28.04
CA ARG C 97 6.55 -5.80 -27.13
C ARG C 97 5.09 -6.24 -27.01
N ALA C 98 4.48 -6.62 -28.14
CA ALA C 98 3.13 -7.17 -28.10
C ALA C 98 3.07 -8.46 -27.30
N PHE C 99 4.05 -9.34 -27.50
CA PHE C 99 4.09 -10.60 -26.78
C PHE C 99 4.37 -10.43 -25.30
N GLY C 100 5.19 -9.44 -24.91
CA GLY C 100 5.37 -9.16 -23.51
C GLY C 100 4.12 -8.62 -22.85
N ARG C 101 3.32 -7.85 -23.60
CA ARG C 101 2.05 -7.42 -23.03
C ARG C 101 1.05 -8.58 -22.93
N PHE C 102 1.12 -9.55 -23.83
CA PHE C 102 0.27 -10.72 -23.66
C PHE C 102 0.72 -11.60 -22.48
N ILE C 103 2.02 -11.60 -22.15
CA ILE C 103 2.45 -12.34 -20.96
C ILE C 103 2.04 -11.60 -19.70
N GLN C 104 2.16 -10.27 -19.70
CA GLN C 104 1.68 -9.46 -18.58
C GLN C 104 0.18 -9.56 -18.41
N GLY C 105 -0.56 -9.87 -19.48
CA GLY C 105 -1.99 -10.09 -19.36
C GLY C 105 -2.39 -11.42 -18.76
N LEU C 106 -1.43 -12.27 -18.43
CA LEU C 106 -1.70 -13.50 -17.69
C LEU C 106 -1.48 -13.35 -16.19
N ASN C 107 -0.86 -12.25 -15.75
CA ASN C 107 -0.61 -11.92 -14.35
C ASN C 107 0.24 -12.99 -13.66
N GLY C 108 1.41 -13.26 -14.21
CA GLY C 108 2.37 -14.11 -13.53
C GLY C 108 2.05 -15.59 -13.56
N ARG C 109 0.98 -15.97 -14.23
CA ARG C 109 0.56 -17.35 -14.38
C ARG C 109 1.45 -18.12 -15.35
N TYR C 110 2.25 -17.43 -16.15
CA TYR C 110 3.18 -18.04 -17.10
C TYR C 110 4.46 -17.23 -17.16
N ILE C 111 5.59 -17.90 -16.95
CA ILE C 111 6.91 -17.29 -16.95
C ILE C 111 7.69 -17.85 -18.12
N THR C 112 8.34 -16.98 -18.90
CA THR C 112 9.00 -17.39 -20.13
C THR C 112 10.51 -17.36 -20.02
N ALA C 113 11.16 -18.19 -20.84
CA ALA C 113 12.61 -18.26 -20.92
C ALA C 113 13.00 -18.38 -22.38
N GLU C 114 14.29 -18.45 -22.66
CA GLU C 114 14.69 -18.62 -24.04
C GLU C 114 14.81 -20.09 -24.39
N ASP C 115 14.79 -20.37 -25.69
CA ASP C 115 14.75 -21.73 -26.18
C ASP C 115 15.27 -21.68 -27.62
N VAL C 116 15.02 -22.74 -28.39
CA VAL C 116 15.46 -22.80 -29.79
C VAL C 116 14.66 -21.78 -30.59
N GLY C 117 15.33 -20.73 -31.05
CA GLY C 117 14.65 -19.75 -31.88
C GLY C 117 14.86 -18.34 -31.40
N THR C 118 14.97 -18.17 -30.09
CA THR C 118 15.16 -16.87 -29.48
C THR C 118 16.50 -16.81 -28.77
N THR C 119 16.98 -15.59 -28.56
CA THR C 119 18.26 -15.30 -27.92
C THR C 119 18.01 -14.44 -26.69
N VAL C 120 19.06 -14.17 -25.91
CA VAL C 120 18.90 -13.14 -24.89
C VAL C 120 19.30 -11.78 -25.48
N ALA C 121 18.49 -11.35 -26.44
CA ALA C 121 18.24 -9.98 -26.82
C ALA C 121 16.78 -9.76 -27.10
N ASP C 122 16.04 -10.83 -27.33
CA ASP C 122 14.60 -10.82 -27.45
C ASP C 122 13.94 -10.95 -26.08
N MET C 123 14.61 -11.61 -25.13
CA MET C 123 14.18 -11.52 -23.73
C MET C 123 14.79 -10.31 -23.04
N ASP C 124 14.81 -9.18 -23.69
CA ASP C 124 15.08 -7.86 -23.17
C ASP C 124 14.08 -6.86 -23.71
N ILE C 125 13.52 -7.16 -24.87
CA ILE C 125 12.37 -6.43 -25.37
C ILE C 125 11.12 -6.87 -24.62
N ILE C 126 11.03 -8.16 -24.31
CA ILE C 126 9.95 -8.67 -23.48
C ILE C 126 10.06 -8.15 -22.06
N TYR C 127 11.28 -8.02 -21.55
CA TYR C 127 11.49 -7.51 -20.20
C TYR C 127 11.04 -6.06 -20.04
N GLN C 128 10.99 -5.30 -21.13
CA GLN C 128 10.44 -3.95 -21.07
C GLN C 128 8.95 -3.95 -20.81
N GLU C 129 8.25 -5.04 -21.09
CA GLU C 129 6.82 -5.09 -20.90
C GLU C 129 6.37 -5.98 -19.75
N THR C 130 7.26 -6.75 -19.12
CA THR C 130 6.85 -7.68 -18.09
C THR C 130 8.01 -8.01 -17.17
N ASP C 131 7.69 -8.51 -15.99
CA ASP C 131 8.64 -9.13 -15.07
C ASP C 131 8.74 -10.63 -15.25
N TYR C 132 7.82 -11.25 -15.98
CA TYR C 132 7.68 -12.71 -15.95
C TYR C 132 8.50 -13.30 -17.09
N VAL C 133 9.80 -13.09 -16.98
CA VAL C 133 10.78 -13.53 -17.95
C VAL C 133 12.09 -13.77 -17.21
N THR C 134 12.77 -14.85 -17.55
CA THR C 134 14.00 -15.21 -16.85
C THR C 134 15.13 -15.39 -17.86
N GLY C 135 16.34 -15.12 -17.40
CA GLY C 135 17.48 -15.00 -18.27
C GLY C 135 17.79 -13.59 -18.72
N ILE C 136 17.53 -12.59 -17.88
CA ILE C 136 17.49 -11.20 -18.33
C ILE C 136 18.59 -10.36 -17.70
N SER C 137 18.98 -10.71 -16.48
CA SER C 137 19.67 -9.77 -15.60
C SER C 137 21.15 -9.68 -15.95
N PRO C 138 21.82 -8.58 -15.58
CA PRO C 138 23.28 -8.56 -15.69
C PRO C 138 23.96 -9.52 -14.74
N GLU C 139 23.32 -9.86 -13.62
CA GLU C 139 23.89 -10.86 -12.71
C GLU C 139 23.89 -12.25 -13.34
N PHE C 140 22.73 -12.69 -13.86
CA PHE C 140 22.68 -13.93 -14.62
C PHE C 140 23.39 -13.78 -15.97
N GLY C 141 23.47 -12.55 -16.51
CA GLY C 141 24.23 -12.34 -17.73
C GLY C 141 25.72 -12.46 -17.54
N SER C 142 26.21 -12.29 -16.32
CA SER C 142 27.63 -12.47 -16.03
C SER C 142 27.92 -13.88 -15.52
N SER C 143 27.31 -14.27 -14.40
CA SER C 143 27.71 -15.48 -13.69
C SER C 143 26.75 -16.64 -13.93
N GLY C 144 25.92 -16.56 -14.97
CA GLY C 144 24.88 -17.56 -15.18
C GLY C 144 25.01 -18.35 -16.46
N ASN C 145 26.21 -18.85 -16.74
CA ASN C 145 26.44 -19.71 -17.91
C ASN C 145 25.68 -21.02 -17.75
N PRO C 146 24.81 -21.37 -18.70
CA PRO C 146 23.95 -22.56 -18.51
C PRO C 146 24.70 -23.88 -18.63
N SER C 147 25.71 -23.95 -19.49
CA SER C 147 26.42 -25.20 -19.78
C SER C 147 27.27 -25.77 -18.65
N PRO C 148 27.98 -25.00 -17.82
CA PRO C 148 28.60 -25.61 -16.63
C PRO C 148 27.59 -26.15 -15.65
N ALA C 149 26.42 -25.51 -15.53
CA ALA C 149 25.37 -26.02 -14.67
C ALA C 149 24.82 -27.34 -15.19
N THR C 150 24.57 -27.42 -16.50
CA THR C 150 24.03 -28.65 -17.08
C THR C 150 25.04 -29.77 -16.98
N ALA C 151 26.33 -29.46 -17.18
CA ALA C 151 27.36 -30.47 -17.04
C ALA C 151 27.55 -30.91 -15.60
N TYR C 152 27.37 -30.01 -14.63
CA TYR C 152 27.47 -30.38 -13.22
C TYR C 152 26.30 -31.29 -12.84
N GLY C 153 25.13 -31.04 -13.41
CA GLY C 153 24.01 -31.95 -13.20
C GLY C 153 24.20 -33.32 -13.83
N VAL C 154 24.78 -33.35 -15.04
CA VAL C 154 25.08 -34.63 -15.69
C VAL C 154 26.14 -35.39 -14.90
N TYR C 155 27.10 -34.67 -14.32
CA TYR C 155 28.11 -35.23 -13.44
C TYR C 155 27.47 -35.92 -12.22
N ARG C 156 26.58 -35.23 -11.53
CA ARG C 156 25.94 -35.80 -10.34
C ARG C 156 25.03 -36.98 -10.68
N GLY C 157 24.28 -36.88 -11.79
CA GLY C 157 23.44 -37.99 -12.21
C GLY C 157 24.24 -39.21 -12.63
N MET C 158 25.41 -38.99 -13.23
CA MET C 158 26.26 -40.11 -13.59
C MET C 158 26.89 -40.76 -12.36
N LYS C 159 27.17 -39.95 -11.31
CA LYS C 159 27.56 -40.52 -10.02
C LYS C 159 26.48 -41.41 -9.44
N ALA C 160 25.23 -40.98 -9.51
CA ALA C 160 24.13 -41.77 -8.96
C ALA C 160 23.92 -43.06 -9.75
N ALA C 161 24.00 -42.99 -11.08
CA ALA C 161 23.89 -44.20 -11.89
C ALA C 161 25.08 -45.12 -11.70
N ALA C 162 26.26 -44.57 -11.41
CA ALA C 162 27.43 -45.40 -11.13
C ALA C 162 27.29 -46.11 -9.80
N LYS C 163 26.72 -45.45 -8.79
CA LYS C 163 26.49 -46.13 -7.52
C LYS C 163 25.36 -47.15 -7.62
N GLU C 164 24.41 -46.94 -8.55
CA GLU C 164 23.40 -47.95 -8.79
C GLU C 164 24.00 -49.20 -9.45
N ALA C 165 24.77 -49.02 -10.51
CA ALA C 165 25.22 -50.15 -11.31
C ALA C 165 26.51 -50.79 -10.81
N PHE C 166 27.29 -50.09 -9.98
CA PHE C 166 28.60 -50.55 -9.55
C PHE C 166 28.74 -50.76 -8.06
N GLY C 167 28.01 -50.02 -7.24
CA GLY C 167 28.11 -50.15 -5.81
C GLY C 167 28.70 -48.93 -5.15
N SER C 168 29.72 -48.35 -5.77
CA SER C 168 30.33 -47.11 -5.32
C SER C 168 30.29 -46.08 -6.42
N ASP C 169 30.19 -44.81 -6.03
CA ASP C 169 30.09 -43.72 -7.00
C ASP C 169 31.44 -43.26 -7.54
N SER C 170 32.54 -43.88 -7.14
CA SER C 170 33.85 -43.47 -7.61
C SER C 170 34.05 -43.89 -9.05
N LEU C 171 34.35 -42.91 -9.91
CA LEU C 171 34.63 -43.18 -11.31
C LEU C 171 36.12 -43.21 -11.62
N GLU C 172 36.97 -43.31 -10.60
CA GLU C 172 38.42 -43.31 -10.80
C GLU C 172 38.83 -44.65 -11.38
N GLY C 173 38.97 -44.68 -12.70
CA GLY C 173 39.29 -45.89 -13.42
C GLY C 173 38.21 -46.38 -14.36
N LYS C 174 37.29 -45.53 -14.79
CA LYS C 174 36.19 -45.93 -15.65
C LYS C 174 36.36 -45.35 -17.04
N VAL C 175 35.64 -45.91 -17.99
CA VAL C 175 35.77 -45.57 -19.40
C VAL C 175 34.45 -44.95 -19.84
N VAL C 176 34.47 -43.65 -20.11
CA VAL C 176 33.26 -42.88 -20.41
C VAL C 176 33.29 -42.50 -21.88
N ALA C 177 32.30 -42.96 -22.64
CA ALA C 177 32.19 -42.65 -24.05
C ALA C 177 31.21 -41.50 -24.24
N VAL C 178 31.69 -40.41 -24.84
CA VAL C 178 30.92 -39.19 -25.03
C VAL C 178 30.87 -38.87 -26.51
N GLN C 179 29.67 -38.64 -27.04
CA GLN C 179 29.54 -38.12 -28.40
C GLN C 179 29.08 -36.67 -28.35
N GLY C 180 29.63 -35.86 -29.25
CA GLY C 180 29.49 -34.42 -29.18
C GLY C 180 30.52 -33.83 -28.25
N VAL C 181 31.21 -32.78 -28.68
CA VAL C 181 32.18 -32.09 -27.83
C VAL C 181 31.67 -30.65 -27.77
N GLY C 182 30.35 -30.52 -27.68
CA GLY C 182 29.73 -29.25 -27.36
C GLY C 182 30.10 -28.76 -25.95
N ASN C 183 29.54 -27.59 -25.60
CA ASN C 183 29.94 -26.88 -24.39
C ASN C 183 29.61 -27.66 -23.12
N VAL C 184 28.41 -28.25 -23.08
CA VAL C 184 28.01 -29.09 -21.97
C VAL C 184 28.91 -30.32 -21.88
N ALA C 185 29.16 -30.95 -23.03
CA ALA C 185 30.02 -32.13 -23.04
C ALA C 185 31.47 -31.78 -22.74
N TYR C 186 31.93 -30.59 -23.13
CA TYR C 186 33.30 -30.20 -22.84
C TYR C 186 33.51 -29.95 -21.35
N HIS C 187 32.55 -29.27 -20.70
CA HIS C 187 32.64 -29.12 -19.26
C HIS C 187 32.44 -30.44 -18.52
N LEU C 188 31.64 -31.35 -19.09
CA LEU C 188 31.50 -32.69 -18.54
C LEU C 188 32.81 -33.45 -18.60
N CYS C 189 33.52 -33.35 -19.73
CA CYS C 189 34.84 -33.97 -19.84
C CYS C 189 35.85 -33.34 -18.89
N ARG C 190 35.73 -32.04 -18.62
CA ARG C 190 36.58 -31.41 -17.61
C ARG C 190 36.33 -31.98 -16.22
N HIS C 191 35.05 -32.13 -15.84
CA HIS C 191 34.72 -32.72 -14.54
C HIS C 191 35.20 -34.16 -14.43
N LEU C 192 35.02 -34.95 -15.50
CA LEU C 192 35.44 -36.34 -15.48
C LEU C 192 36.96 -36.48 -15.50
N HIS C 193 37.67 -35.53 -16.10
CA HIS C 193 39.12 -35.59 -16.08
C HIS C 193 39.68 -35.12 -14.75
N GLU C 194 39.06 -34.14 -14.10
CA GLU C 194 39.50 -33.75 -12.76
C GLU C 194 39.16 -34.81 -11.73
N GLU C 195 38.15 -35.64 -11.98
CA GLU C 195 37.97 -36.80 -11.12
C GLU C 195 39.04 -37.85 -11.38
N GLY C 196 39.45 -38.01 -12.63
CA GLY C 196 40.41 -39.03 -12.98
C GLY C 196 39.79 -40.26 -13.63
N ALA C 197 38.94 -40.05 -14.62
CA ALA C 197 38.33 -41.13 -15.38
C ALA C 197 38.86 -41.13 -16.81
N LYS C 198 38.92 -42.31 -17.41
CA LYS C 198 39.38 -42.44 -18.78
C LYS C 198 38.26 -42.09 -19.74
N LEU C 199 38.56 -41.22 -20.70
CA LEU C 199 37.56 -40.62 -21.56
C LEU C 199 37.78 -41.02 -23.01
N ILE C 200 36.68 -41.20 -23.74
CA ILE C 200 36.69 -41.47 -25.18
C ILE C 200 35.65 -40.58 -25.81
N VAL C 201 36.08 -39.60 -26.61
CA VAL C 201 35.20 -38.56 -27.10
C VAL C 201 35.10 -38.64 -28.61
N THR C 202 33.98 -38.11 -29.12
CA THR C 202 33.83 -37.90 -30.56
C THR C 202 32.84 -36.77 -30.80
N ASP C 203 32.85 -36.27 -32.04
CA ASP C 203 32.00 -35.17 -32.46
C ASP C 203 31.97 -35.18 -33.98
N ILE C 204 30.98 -34.48 -34.55
CA ILE C 204 30.90 -34.33 -36.00
C ILE C 204 32.07 -33.50 -36.52
N ASN C 205 32.43 -32.44 -35.80
CA ASN C 205 33.52 -31.57 -36.20
C ASN C 205 34.86 -32.11 -35.69
N LYS C 206 35.87 -32.07 -36.56
CA LYS C 206 37.19 -32.58 -36.21
C LYS C 206 37.92 -31.66 -35.25
N GLU C 207 37.60 -30.35 -35.29
CA GLU C 207 38.32 -29.37 -34.49
C GLU C 207 38.03 -29.53 -33.00
N ALA C 208 36.76 -29.79 -32.65
CA ALA C 208 36.42 -30.01 -31.24
C ALA C 208 37.01 -31.30 -30.71
N VAL C 209 37.10 -32.34 -31.56
CA VAL C 209 37.74 -33.58 -31.16
C VAL C 209 39.24 -33.37 -30.93
N ALA C 210 39.87 -32.57 -31.79
CA ALA C 210 41.29 -32.26 -31.62
C ALA C 210 41.54 -31.44 -30.36
N ARG C 211 40.64 -30.49 -30.06
CA ARG C 211 40.74 -29.74 -28.82
C ARG C 211 40.58 -30.64 -27.59
N ALA C 212 39.65 -31.59 -27.65
CA ALA C 212 39.42 -32.49 -26.53
C ALA C 212 40.60 -33.43 -26.31
N VAL C 213 41.23 -33.89 -27.41
CA VAL C 213 42.40 -34.77 -27.27
C VAL C 213 43.60 -33.98 -26.76
N GLU C 214 43.77 -32.74 -27.22
CA GLU C 214 44.86 -31.91 -26.69
C GLU C 214 44.66 -31.54 -25.22
N GLU C 215 43.41 -31.38 -24.78
CA GLU C 215 43.20 -30.92 -23.41
C GLU C 215 43.10 -32.07 -22.40
N PHE C 216 42.23 -33.03 -22.63
CA PHE C 216 41.88 -33.97 -21.56
C PHE C 216 42.31 -35.40 -21.84
N GLY C 217 43.05 -35.65 -22.92
CA GLY C 217 43.65 -36.95 -23.16
C GLY C 217 42.66 -38.06 -23.48
N ALA C 218 42.02 -37.97 -24.64
CA ALA C 218 41.02 -38.94 -25.05
C ALA C 218 41.41 -39.53 -26.41
N LYS C 219 40.51 -40.33 -26.97
CA LYS C 219 40.73 -40.99 -28.26
C LYS C 219 39.88 -40.33 -29.33
N ALA C 220 40.53 -39.93 -30.43
CA ALA C 220 39.82 -39.37 -31.58
C ALA C 220 39.14 -40.50 -32.32
N VAL C 221 37.83 -40.63 -32.15
CA VAL C 221 37.04 -41.74 -32.67
C VAL C 221 36.06 -41.18 -33.70
N ASP C 222 35.83 -41.96 -34.77
CA ASP C 222 34.87 -41.58 -35.78
C ASP C 222 33.45 -41.54 -35.19
N PRO C 223 32.58 -40.68 -35.73
CA PRO C 223 31.24 -40.53 -35.14
C PRO C 223 30.30 -41.71 -35.38
N ASN C 224 30.63 -42.61 -36.32
CA ASN C 224 29.73 -43.71 -36.65
C ASN C 224 29.94 -44.94 -35.78
N ASP C 225 31.11 -45.10 -35.17
CA ASP C 225 31.43 -46.30 -34.40
C ASP C 225 31.68 -45.99 -32.93
N ILE C 226 31.02 -44.96 -32.40
CA ILE C 226 31.10 -44.69 -30.96
C ILE C 226 30.23 -45.66 -30.18
N TYR C 227 29.26 -46.30 -30.84
CA TYR C 227 28.32 -47.16 -30.14
C TYR C 227 28.97 -48.49 -29.77
N GLY C 228 29.82 -49.03 -30.65
CA GLY C 228 30.52 -50.27 -30.45
C GLY C 228 31.78 -50.18 -29.62
N VAL C 229 32.11 -49.01 -29.08
CA VAL C 229 33.27 -48.88 -28.21
C VAL C 229 32.97 -49.55 -26.87
N GLU C 230 33.87 -50.43 -26.44
CA GLU C 230 33.71 -51.11 -25.15
C GLU C 230 33.96 -50.12 -24.02
N CYS C 231 32.94 -49.87 -23.21
CA CYS C 231 33.01 -48.90 -22.14
C CYS C 231 32.01 -49.28 -21.06
N ASP C 232 32.04 -48.54 -19.96
CA ASP C 232 31.02 -48.68 -18.93
C ASP C 232 29.86 -47.71 -19.15
N ILE C 233 30.17 -46.41 -19.17
CA ILE C 233 29.16 -45.35 -19.22
C ILE C 233 29.20 -44.71 -20.59
N PHE C 234 28.06 -44.68 -21.27
CA PHE C 234 27.90 -43.93 -22.51
C PHE C 234 27.09 -42.68 -22.22
N ALA C 235 27.60 -41.52 -22.65
CA ALA C 235 27.01 -40.23 -22.33
C ALA C 235 26.63 -39.51 -23.61
N PRO C 236 25.44 -39.75 -24.15
CA PRO C 236 25.04 -39.09 -25.40
C PRO C 236 24.70 -37.63 -25.17
N CYS C 237 25.28 -36.76 -26.01
CA CYS C 237 25.14 -35.32 -25.78
C CYS C 237 24.94 -34.55 -27.07
N ALA C 238 24.49 -35.18 -28.16
CA ALA C 238 24.40 -34.50 -29.44
C ALA C 238 22.97 -34.31 -29.92
N LEU C 239 22.20 -35.37 -30.11
CA LEU C 239 20.86 -35.26 -30.67
C LEU C 239 19.94 -36.23 -29.94
N GLY C 240 18.73 -36.38 -30.48
CA GLY C 240 17.75 -37.32 -29.98
C GLY C 240 17.39 -38.34 -31.05
N GLY C 241 16.56 -39.31 -30.63
CA GLY C 241 16.26 -40.42 -31.51
C GLY C 241 17.44 -41.34 -31.72
N ILE C 242 18.35 -41.40 -30.74
CA ILE C 242 19.55 -42.21 -30.86
C ILE C 242 19.22 -43.68 -30.73
N ILE C 243 18.63 -44.06 -29.60
CA ILE C 243 18.41 -45.47 -29.27
C ILE C 243 17.23 -45.95 -30.10
N ASN C 244 17.54 -46.62 -31.21
CA ASN C 244 16.51 -47.28 -32.01
C ASN C 244 16.97 -48.69 -32.40
N ASP C 245 16.23 -49.33 -33.32
CA ASP C 245 16.51 -50.73 -33.66
C ASP C 245 17.85 -50.89 -34.36
N GLN C 246 18.31 -49.83 -35.03
CA GLN C 246 19.61 -49.88 -35.68
C GLN C 246 20.76 -49.81 -34.68
N THR C 247 20.53 -49.20 -33.51
CA THR C 247 21.63 -48.86 -32.62
C THR C 247 21.68 -49.65 -31.32
N ILE C 248 20.64 -50.43 -31.00
CA ILE C 248 20.65 -51.23 -29.78
C ILE C 248 21.74 -52.31 -29.74
N PRO C 249 21.87 -53.22 -30.73
CA PRO C 249 22.81 -54.33 -30.54
C PRO C 249 24.28 -53.98 -30.70
N GLN C 250 24.68 -52.70 -30.69
CA GLN C 250 26.09 -52.33 -30.70
C GLN C 250 26.62 -51.91 -29.34
N LEU C 251 25.75 -51.70 -28.34
CA LEU C 251 26.20 -51.24 -27.04
C LEU C 251 26.94 -52.34 -26.29
N LYS C 252 28.22 -52.09 -26.01
CA LYS C 252 28.97 -52.86 -25.03
C LYS C 252 28.94 -52.23 -23.65
N ALA C 253 28.10 -51.22 -23.46
CA ALA C 253 28.03 -50.49 -22.20
C ALA C 253 26.87 -50.98 -21.36
N LYS C 254 26.78 -50.46 -20.13
CA LYS C 254 25.71 -50.83 -19.22
C LYS C 254 25.05 -49.64 -18.54
N VAL C 255 25.58 -48.43 -18.72
CA VAL C 255 25.02 -47.22 -18.13
C VAL C 255 24.90 -46.18 -19.24
N ILE C 256 23.71 -45.62 -19.42
CA ILE C 256 23.49 -44.50 -20.35
C ILE C 256 23.05 -43.31 -19.52
N ALA C 257 23.84 -42.23 -19.58
CA ALA C 257 23.51 -41.01 -18.83
C ALA C 257 24.17 -39.82 -19.52
N GLY C 258 23.38 -39.05 -20.28
CA GLY C 258 23.90 -37.92 -21.00
C GLY C 258 22.92 -36.76 -20.98
N SER C 259 23.36 -35.65 -21.58
CA SER C 259 22.60 -34.40 -21.57
C SER C 259 21.71 -34.24 -22.79
N ALA C 260 21.46 -35.32 -23.53
CA ALA C 260 20.68 -35.20 -24.74
C ALA C 260 19.19 -35.22 -24.44
N ASN C 261 18.42 -34.51 -25.25
CA ASN C 261 16.98 -34.49 -25.14
C ASN C 261 16.37 -35.54 -26.05
N ASN C 262 15.30 -36.19 -25.56
CA ASN C 262 14.53 -37.20 -26.29
C ASN C 262 15.40 -38.37 -26.73
N GLN C 263 16.05 -38.99 -25.75
CA GLN C 263 17.07 -39.99 -26.05
C GLN C 263 16.44 -41.29 -26.55
N LEU C 264 15.44 -41.80 -25.84
CA LEU C 264 14.69 -42.95 -26.33
C LEU C 264 13.80 -42.52 -27.49
N LYS C 265 13.95 -43.18 -28.63
CA LYS C 265 13.14 -42.81 -29.79
C LYS C 265 11.69 -43.20 -29.59
N GLU C 266 11.45 -44.39 -29.04
CA GLU C 266 10.13 -44.91 -28.71
C GLU C 266 10.24 -45.60 -27.36
N PRO C 267 9.14 -45.66 -26.59
CA PRO C 267 9.21 -46.31 -25.26
C PRO C 267 9.47 -47.81 -25.30
N ARG C 268 9.22 -48.48 -26.44
CA ARG C 268 9.55 -49.88 -26.58
CA ARG C 268 9.56 -49.89 -26.54
C ARG C 268 11.06 -50.11 -26.50
N HIS C 269 11.85 -49.12 -26.92
CA HIS C 269 13.30 -49.23 -26.79
C HIS C 269 13.73 -49.11 -25.34
N GLY C 270 13.01 -48.31 -24.55
CA GLY C 270 13.24 -48.30 -23.11
C GLY C 270 12.85 -49.61 -22.46
N ASP C 271 11.80 -50.26 -22.96
CA ASP C 271 11.47 -51.60 -22.49
C ASP C 271 12.57 -52.61 -22.83
N MET C 272 13.16 -52.48 -24.03
CA MET C 272 14.26 -53.37 -24.42
C MET C 272 15.51 -53.14 -23.56
N ILE C 273 15.82 -51.88 -23.26
CA ILE C 273 16.95 -51.58 -22.37
C ILE C 273 16.69 -52.10 -20.96
N HIS C 274 15.44 -52.01 -20.50
CA HIS C 274 15.08 -52.58 -19.20
C HIS C 274 15.19 -54.11 -19.20
N GLU C 275 14.94 -54.74 -20.35
CA GLU C 275 15.17 -56.18 -20.45
C GLU C 275 16.66 -56.52 -20.42
N MET C 276 17.49 -55.76 -21.14
CA MET C 276 18.91 -56.08 -21.26
C MET C 276 19.71 -55.75 -20.00
N GLY C 277 19.13 -55.11 -19.00
CA GLY C 277 19.87 -54.80 -17.81
C GLY C 277 20.78 -53.59 -17.91
N ILE C 278 20.72 -52.85 -19.01
CA ILE C 278 21.48 -51.60 -19.12
C ILE C 278 20.80 -50.56 -18.23
N VAL C 279 21.54 -50.03 -17.27
CA VAL C 279 21.01 -49.07 -16.32
C VAL C 279 20.80 -47.74 -17.04
N TYR C 280 19.55 -47.39 -17.30
CA TYR C 280 19.19 -46.17 -18.01
C TYR C 280 18.65 -45.16 -17.00
N ALA C 281 19.43 -44.13 -16.73
CA ALA C 281 18.82 -43.03 -16.01
C ALA C 281 18.08 -42.11 -16.98
N PRO C 282 16.90 -41.63 -16.63
CA PRO C 282 16.03 -40.98 -17.62
C PRO C 282 16.56 -39.61 -18.03
N ASP C 283 16.13 -39.19 -19.22
CA ASP C 283 16.79 -38.07 -19.89
C ASP C 283 16.43 -36.73 -19.24
N TYR C 284 15.15 -36.49 -18.94
CA TYR C 284 14.75 -35.19 -18.43
C TYR C 284 15.01 -35.00 -16.93
N VAL C 285 15.64 -35.96 -16.26
CA VAL C 285 16.08 -35.77 -14.89
C VAL C 285 17.56 -35.44 -14.81
N ILE C 286 18.38 -36.02 -15.69
CA ILE C 286 19.82 -35.78 -15.68
C ILE C 286 20.13 -34.35 -16.12
N ASN C 287 19.60 -33.95 -17.28
CA ASN C 287 19.98 -32.68 -17.89
C ASN C 287 19.17 -31.49 -17.35
N ALA C 288 18.56 -31.63 -16.18
CA ALA C 288 17.70 -30.59 -15.64
C ALA C 288 18.45 -29.50 -14.91
N GLY C 289 19.77 -29.38 -15.10
CA GLY C 289 20.51 -28.37 -14.39
C GLY C 289 20.33 -26.97 -14.95
N GLY C 290 20.09 -26.87 -16.26
CA GLY C 290 19.93 -25.55 -16.86
C GLY C 290 18.62 -24.89 -16.49
N VAL C 291 17.56 -25.69 -16.35
CA VAL C 291 16.26 -25.16 -15.94
C VAL C 291 16.30 -24.72 -14.48
N ILE C 292 17.03 -25.47 -13.63
CA ILE C 292 17.29 -25.03 -12.27
C ILE C 292 18.09 -23.74 -12.23
N ASN C 293 19.06 -23.59 -13.15
CA ASN C 293 19.88 -22.39 -13.16
C ASN C 293 19.07 -21.17 -13.60
N VAL C 294 18.17 -21.33 -14.58
CA VAL C 294 17.37 -20.19 -14.99
C VAL C 294 16.18 -19.96 -14.05
N ALA C 295 15.81 -20.95 -13.25
CA ALA C 295 14.74 -20.77 -12.28
C ALA C 295 15.22 -20.22 -10.96
N ASP C 296 16.52 -20.31 -10.66
CA ASP C 296 17.04 -19.71 -9.45
C ASP C 296 17.16 -18.19 -9.55
N GLU C 297 17.09 -17.65 -10.76
CA GLU C 297 17.12 -16.20 -10.98
C GLU C 297 15.91 -15.50 -10.38
N LEU C 298 14.78 -16.20 -10.22
CA LEU C 298 13.56 -15.61 -9.69
C LEU C 298 13.68 -15.19 -8.23
N TYR C 299 14.62 -15.75 -7.49
CA TYR C 299 14.90 -15.35 -6.12
C TYR C 299 15.81 -14.14 -6.03
N GLY C 300 16.37 -13.69 -7.13
CA GLY C 300 17.57 -12.88 -7.10
C GLY C 300 18.75 -13.81 -7.21
N TYR C 301 19.56 -13.65 -8.25
CA TYR C 301 20.47 -14.72 -8.65
C TYR C 301 21.65 -14.83 -7.71
N ASN C 302 21.96 -16.06 -7.33
CA ASN C 302 23.11 -16.35 -6.49
C ASN C 302 23.64 -17.71 -6.92
N ARG C 303 24.95 -17.78 -7.18
CA ARG C 303 25.55 -18.96 -7.79
C ARG C 303 25.63 -20.11 -6.81
N GLU C 304 25.87 -19.83 -5.52
CA GLU C 304 26.08 -20.89 -4.54
C GLU C 304 24.78 -21.63 -4.23
N ARG C 305 23.67 -20.89 -4.07
CA ARG C 305 22.37 -21.50 -3.87
C ARG C 305 21.95 -22.33 -5.09
N ALA C 306 22.24 -21.81 -6.30
CA ALA C 306 21.89 -22.52 -7.52
C ALA C 306 22.65 -23.83 -7.64
N MET C 307 23.97 -23.81 -7.40
CA MET C 307 24.75 -25.04 -7.51
C MET C 307 24.44 -26.01 -6.38
N LYS C 308 24.07 -25.50 -5.20
CA LYS C 308 23.60 -26.35 -4.12
C LYS C 308 22.29 -27.03 -4.47
N LYS C 309 21.46 -26.38 -5.28
CA LYS C 309 20.24 -27.04 -5.76
C LYS C 309 20.53 -28.04 -6.89
N ILE C 310 21.50 -27.73 -7.76
CA ILE C 310 21.86 -28.63 -8.86
C ILE C 310 22.53 -29.91 -8.33
N GLU C 311 23.13 -29.84 -7.13
CA GLU C 311 23.74 -31.02 -6.51
C GLU C 311 22.73 -32.15 -6.27
N GLN C 312 21.46 -31.83 -6.06
CA GLN C 312 20.45 -32.82 -5.68
C GLN C 312 19.96 -33.71 -6.83
N ILE C 313 20.54 -33.59 -8.04
CA ILE C 313 20.18 -34.49 -9.12
C ILE C 313 20.67 -35.91 -8.84
N TYR C 314 21.71 -36.03 -8.01
CA TYR C 314 22.12 -37.29 -7.40
C TYR C 314 20.96 -37.97 -6.68
N ASP C 315 20.32 -37.25 -5.74
CA ASP C 315 19.20 -37.82 -5.01
C ASP C 315 17.97 -38.02 -5.88
N ASN C 316 17.82 -37.19 -6.93
CA ASN C 316 16.70 -37.36 -7.86
C ASN C 316 16.81 -38.67 -8.63
N ILE C 317 17.98 -38.95 -9.21
CA ILE C 317 18.23 -40.22 -9.89
C ILE C 317 18.14 -41.38 -8.91
N GLU C 318 18.56 -41.18 -7.65
CA GLU C 318 18.44 -42.21 -6.64
C GLU C 318 16.98 -42.55 -6.34
N LYS C 319 16.11 -41.54 -6.28
CA LYS C 319 14.69 -41.80 -6.09
C LYS C 319 14.04 -42.46 -7.31
N VAL C 320 14.49 -42.10 -8.52
CA VAL C 320 13.99 -42.78 -9.73
C VAL C 320 14.32 -44.26 -9.69
N PHE C 321 15.56 -44.60 -9.32
CA PHE C 321 15.95 -46.00 -9.23
C PHE C 321 15.26 -46.72 -8.07
N ALA C 322 14.96 -46.00 -6.98
CA ALA C 322 14.21 -46.59 -5.88
C ALA C 322 12.78 -46.94 -6.28
N ILE C 323 12.11 -46.04 -7.01
CA ILE C 323 10.76 -46.32 -7.47
C ILE C 323 10.75 -47.42 -8.53
N ALA C 324 11.77 -47.46 -9.39
CA ALA C 324 11.86 -48.50 -10.41
C ALA C 324 12.09 -49.87 -9.80
N LYS C 325 12.91 -49.96 -8.74
CA LYS C 325 13.05 -51.24 -8.06
C LYS C 325 11.83 -51.57 -7.21
N ARG C 326 11.08 -50.55 -6.78
CA ARG C 326 9.94 -50.78 -5.91
CA ARG C 326 9.94 -50.80 -5.91
C ARG C 326 8.77 -51.37 -6.69
N ASP C 327 8.48 -50.83 -7.87
CA ASP C 327 7.30 -51.25 -8.62
C ASP C 327 7.65 -52.17 -9.78
N ASN C 328 8.94 -52.48 -9.97
CA ASN C 328 9.46 -53.36 -11.04
C ASN C 328 9.04 -52.88 -12.43
N ILE C 329 9.27 -51.59 -12.66
CA ILE C 329 8.86 -50.91 -13.89
C ILE C 329 10.13 -50.33 -14.51
N PRO C 330 10.11 -50.02 -15.81
CA PRO C 330 11.26 -49.32 -16.41
C PRO C 330 11.43 -47.91 -15.85
N THR C 331 12.64 -47.38 -16.02
CA THR C 331 12.99 -46.15 -15.35
C THR C 331 12.37 -44.91 -15.99
N TYR C 332 12.05 -44.98 -17.29
CA TYR C 332 11.36 -43.85 -17.91
C TYR C 332 9.91 -43.77 -17.46
N VAL C 333 9.33 -44.89 -17.02
CA VAL C 333 8.04 -44.87 -16.36
C VAL C 333 8.20 -44.43 -14.91
N ALA C 334 9.32 -44.81 -14.28
CA ALA C 334 9.56 -44.46 -12.88
C ALA C 334 9.75 -42.96 -12.70
N ALA C 335 10.32 -42.28 -13.69
CA ALA C 335 10.49 -40.83 -13.57
C ALA C 335 9.16 -40.09 -13.69
N ASP C 336 8.28 -40.56 -14.59
CA ASP C 336 6.94 -39.99 -14.69
C ASP C 336 6.13 -40.22 -13.43
N ARG C 337 6.25 -41.40 -12.84
CA ARG C 337 5.50 -41.67 -11.61
C ARG C 337 6.07 -40.91 -10.42
N MET C 338 7.39 -40.69 -10.38
CA MET C 338 7.99 -39.81 -9.39
C MET C 338 7.41 -38.40 -9.48
N ALA C 339 7.34 -37.87 -10.70
CA ALA C 339 6.83 -36.50 -10.88
C ALA C 339 5.34 -36.40 -10.54
N GLU C 340 4.56 -37.39 -10.93
CA GLU C 340 3.13 -37.35 -10.65
C GLU C 340 2.83 -37.53 -9.16
N GLU C 341 3.61 -38.38 -8.47
CA GLU C 341 3.44 -38.49 -7.03
C GLU C 341 3.85 -37.22 -6.31
N ARG C 342 4.86 -36.49 -6.83
CA ARG C 342 5.19 -35.22 -6.21
C ARG C 342 4.08 -34.20 -6.40
N ILE C 343 3.46 -34.17 -7.59
CA ILE C 343 2.36 -33.22 -7.84
C ILE C 343 1.15 -33.53 -6.96
N GLU C 344 0.78 -34.81 -6.86
CA GLU C 344 -0.39 -35.18 -6.05
C GLU C 344 -0.15 -34.95 -4.56
N THR C 345 1.07 -35.25 -4.09
CA THR C 345 1.37 -35.06 -2.67
C THR C 345 1.45 -33.58 -2.31
N MET C 346 1.99 -32.75 -3.21
CA MET C 346 2.05 -31.34 -2.89
C MET C 346 0.71 -30.65 -3.07
N ARG C 347 -0.23 -31.26 -3.78
CA ARG C 347 -1.59 -30.75 -3.76
CA ARG C 347 -1.59 -30.75 -3.76
C ARG C 347 -2.30 -31.11 -2.46
N LYS C 348 -2.11 -32.35 -1.99
CA LYS C 348 -2.81 -32.78 -0.78
C LYS C 348 -2.15 -32.31 0.52
N ALA C 349 -0.91 -31.80 0.47
CA ALA C 349 -0.20 -31.41 1.68
C ALA C 349 -0.05 -29.91 1.87
N ARG C 350 -0.39 -29.12 0.87
CA ARG C 350 -0.42 -27.66 0.97
C ARG C 350 -1.84 -27.13 0.92
N SER C 351 -2.77 -27.82 1.58
CA SER C 351 -4.18 -27.54 1.43
C SER C 351 -4.76 -26.67 2.54
N GLN C 352 -4.08 -26.54 3.66
CA GLN C 352 -4.63 -25.74 4.76
C GLN C 352 -4.56 -24.25 4.43
N PHE C 353 -5.57 -23.53 4.92
CA PHE C 353 -5.81 -22.16 4.52
C PHE C 353 -4.77 -21.19 5.06
N LEU C 354 -4.33 -20.27 4.20
CA LEU C 354 -3.55 -19.12 4.58
C LEU C 354 -3.99 -17.96 3.71
N GLN C 355 -4.04 -16.76 4.27
CA GLN C 355 -4.37 -15.59 3.47
C GLN C 355 -3.14 -14.77 3.12
N ASN C 356 -1.96 -15.27 3.43
CA ASN C 356 -0.70 -14.61 3.11
C ASN C 356 0.35 -15.64 2.67
N GLY C 357 -0.05 -16.55 1.79
CA GLY C 357 0.85 -17.62 1.39
C GLY C 357 1.93 -17.15 0.43
N HIS C 358 3.08 -17.81 0.49
CA HIS C 358 4.20 -17.52 -0.39
C HIS C 358 4.21 -18.46 -1.57
N HIS C 359 4.67 -17.94 -2.70
CA HIS C 359 4.90 -18.69 -3.92
C HIS C 359 6.20 -18.19 -4.54
N ILE C 360 6.44 -18.55 -5.80
CA ILE C 360 7.72 -18.27 -6.42
C ILE C 360 7.84 -16.80 -6.77
N LEU C 361 6.73 -16.07 -6.84
CA LEU C 361 6.69 -14.68 -7.29
C LEU C 361 6.37 -13.74 -6.15
N SER C 362 6.43 -14.20 -4.92
CA SER C 362 6.07 -13.37 -3.79
C SER C 362 7.19 -12.40 -3.48
N ARG C 363 6.80 -11.22 -3.02
CA ARG C 363 7.76 -10.20 -2.60
C ARG C 363 7.94 -10.34 -1.09
N ARG C 364 9.12 -10.73 -0.67
CA ARG C 364 9.33 -11.06 0.73
C ARG C 364 10.49 -10.27 1.32
N ARG C 365 10.82 -10.59 2.56
CA ARG C 365 11.83 -9.85 3.30
CA ARG C 365 11.84 -9.86 3.31
C ARG C 365 13.22 -10.14 2.73
N ALA C 366 14.06 -9.10 2.70
CA ALA C 366 15.36 -9.19 2.05
C ALA C 366 16.31 -10.12 2.81
N ARG C 367 16.58 -9.79 4.08
CA ARG C 367 17.45 -10.54 4.98
C ARG C 367 18.86 -10.79 4.42
N MET D 1 -9.57 -25.16 -39.31
CA MET D 1 -10.26 -23.91 -39.57
C MET D 1 -9.26 -22.90 -40.16
N GLU D 2 -7.98 -23.19 -39.95
CA GLU D 2 -6.86 -22.27 -40.20
C GLU D 2 -7.06 -20.98 -39.41
N LEU D 3 -6.95 -21.15 -38.09
CA LEU D 3 -7.53 -20.20 -37.16
C LEU D 3 -6.74 -18.90 -37.07
N PHE D 4 -5.42 -18.94 -37.32
CA PHE D 4 -4.67 -17.69 -37.38
C PHE D 4 -4.99 -16.86 -38.62
N GLN D 5 -5.45 -17.48 -39.71
CA GLN D 5 -5.91 -16.69 -40.85
C GLN D 5 -7.17 -15.91 -40.50
N TYR D 6 -8.12 -16.57 -39.85
CA TYR D 6 -9.36 -15.90 -39.48
C TYR D 6 -9.11 -14.86 -38.39
N MET D 7 -8.13 -15.10 -37.51
CA MET D 7 -7.77 -14.05 -36.55
C MET D 7 -7.06 -12.89 -37.24
N GLU D 8 -6.20 -13.16 -38.22
CA GLU D 8 -5.40 -12.12 -38.84
C GLU D 8 -6.24 -11.22 -39.73
N LYS D 9 -7.30 -11.77 -40.35
CA LYS D 9 -8.16 -10.97 -41.22
C LYS D 9 -8.91 -9.89 -40.46
N TYR D 10 -9.37 -10.16 -39.23
CA TYR D 10 -10.18 -9.23 -38.49
C TYR D 10 -9.47 -8.63 -37.28
N ASP D 11 -8.21 -9.01 -37.04
CA ASP D 11 -7.40 -8.57 -35.91
C ASP D 11 -8.07 -8.92 -34.58
N TYR D 12 -8.30 -10.22 -34.40
CA TYR D 12 -8.65 -10.75 -33.10
C TYR D 12 -7.41 -10.79 -32.21
N GLU D 13 -7.55 -10.33 -30.97
CA GLU D 13 -6.40 -10.37 -30.07
C GLU D 13 -6.12 -11.79 -29.59
N GLN D 14 -7.08 -12.39 -28.89
CA GLN D 14 -6.86 -13.70 -28.30
C GLN D 14 -8.05 -14.61 -28.51
N VAL D 15 -7.76 -15.91 -28.60
CA VAL D 15 -8.70 -16.99 -28.37
C VAL D 15 -8.07 -17.87 -27.31
N LEU D 16 -8.88 -18.38 -26.39
CA LEU D 16 -8.33 -18.99 -25.18
C LEU D 16 -9.18 -20.17 -24.76
N PHE D 17 -8.60 -21.36 -24.77
CA PHE D 17 -9.35 -22.60 -24.54
C PHE D 17 -9.13 -23.04 -23.10
N CYS D 18 -10.16 -22.93 -22.28
CA CYS D 18 -10.11 -23.42 -20.91
C CYS D 18 -10.68 -24.83 -20.84
N GLN D 19 -10.11 -25.62 -19.93
CA GLN D 19 -10.52 -27.00 -19.76
C GLN D 19 -10.29 -27.38 -18.31
N ASP D 20 -11.23 -28.12 -17.74
CA ASP D 20 -11.04 -28.65 -16.39
C ASP D 20 -11.72 -30.02 -16.33
N LYS D 21 -10.95 -31.04 -15.94
CA LYS D 21 -11.38 -32.41 -16.11
C LYS D 21 -12.26 -32.90 -14.95
N GLU D 22 -11.92 -32.52 -13.72
CA GLU D 22 -12.69 -32.95 -12.57
C GLU D 22 -14.00 -32.20 -12.41
N SER D 23 -14.26 -31.20 -13.24
CA SER D 23 -15.54 -30.52 -13.26
C SER D 23 -16.24 -30.61 -14.61
N GLY D 24 -15.55 -30.98 -15.68
CA GLY D 24 -16.16 -31.10 -16.98
C GLY D 24 -16.25 -29.81 -17.77
N LEU D 25 -15.43 -28.82 -17.44
CA LEU D 25 -15.52 -27.53 -18.12
C LEU D 25 -14.76 -27.55 -19.43
N LYS D 26 -15.41 -27.08 -20.49
CA LYS D 26 -14.78 -26.83 -21.79
C LYS D 26 -15.27 -25.45 -22.23
N ALA D 27 -14.39 -24.45 -22.20
CA ALA D 27 -14.80 -23.08 -22.48
C ALA D 27 -13.88 -22.43 -23.51
N ILE D 28 -14.45 -21.52 -24.30
CA ILE D 28 -13.72 -20.80 -25.34
C ILE D 28 -13.96 -19.33 -25.06
N ILE D 29 -12.94 -18.62 -24.62
CA ILE D 29 -13.05 -17.18 -24.40
C ILE D 29 -12.36 -16.49 -25.55
N VAL D 30 -13.07 -15.60 -26.23
CA VAL D 30 -12.54 -14.92 -27.40
C VAL D 30 -12.56 -13.42 -27.14
N ILE D 31 -11.39 -12.80 -27.25
CA ILE D 31 -11.22 -11.37 -27.07
C ILE D 31 -10.82 -10.79 -28.43
N HIS D 32 -11.63 -9.88 -28.95
CA HIS D 32 -11.40 -9.28 -30.25
C HIS D 32 -10.56 -8.01 -30.16
N ASP D 33 -11.00 -7.04 -29.38
CA ASP D 33 -10.31 -5.76 -29.33
C ASP D 33 -10.45 -5.21 -27.92
N THR D 34 -9.35 -4.82 -27.32
CA THR D 34 -9.33 -4.16 -26.02
C THR D 34 -8.64 -2.81 -26.09
N THR D 35 -8.92 -2.07 -27.16
CA THR D 35 -8.39 -0.71 -27.29
C THR D 35 -9.12 0.26 -26.39
N LEU D 36 -10.46 0.23 -26.40
CA LEU D 36 -11.24 1.19 -25.62
C LEU D 36 -11.20 0.88 -24.13
N GLY D 37 -11.34 -0.39 -23.77
CA GLY D 37 -11.29 -0.80 -22.40
C GLY D 37 -11.18 -2.30 -22.28
N PRO D 38 -11.57 -2.85 -21.15
CA PRO D 38 -11.65 -4.30 -21.01
C PRO D 38 -12.76 -4.90 -21.84
N ALA D 39 -12.55 -6.14 -22.26
CA ALA D 39 -13.51 -6.82 -23.13
C ALA D 39 -14.67 -7.33 -22.28
N LEU D 40 -15.80 -6.64 -22.33
CA LEU D 40 -17.00 -7.16 -21.71
C LEU D 40 -17.73 -8.06 -22.69
N GLY D 41 -18.16 -9.21 -22.20
CA GLY D 41 -18.91 -10.12 -23.04
C GLY D 41 -19.75 -11.10 -22.26
N GLY D 42 -20.77 -11.65 -22.91
CA GLY D 42 -21.61 -12.62 -22.24
C GLY D 42 -20.95 -13.97 -22.13
N THR D 43 -21.45 -14.77 -21.19
CA THR D 43 -21.08 -16.16 -21.06
C THR D 43 -22.25 -17.00 -21.52
N ARG D 44 -22.08 -17.69 -22.63
CA ARG D 44 -23.17 -18.42 -23.27
CA ARG D 44 -23.17 -18.42 -23.26
C ARG D 44 -22.88 -19.91 -23.19
N MET D 45 -23.86 -20.69 -22.72
CA MET D 45 -23.71 -22.13 -22.57
C MET D 45 -24.71 -22.80 -23.49
N TRP D 46 -24.22 -23.61 -24.41
CA TRP D 46 -25.06 -24.27 -25.39
C TRP D 46 -24.32 -25.46 -25.96
N MET D 47 -25.06 -26.51 -26.31
CA MET D 47 -24.47 -27.75 -26.77
C MET D 47 -24.30 -27.72 -28.27
N TYR D 48 -23.08 -27.97 -28.74
CA TYR D 48 -22.75 -27.96 -30.15
C TYR D 48 -22.44 -29.36 -30.63
N ASN D 49 -22.52 -29.55 -31.95
CA ASN D 49 -22.18 -30.83 -32.53
C ASN D 49 -20.68 -31.05 -32.63
N SER D 50 -19.89 -29.98 -32.50
CA SER D 50 -18.45 -30.06 -32.66
C SER D 50 -17.80 -28.90 -31.92
N GLU D 51 -16.49 -28.82 -32.03
CA GLU D 51 -15.75 -27.69 -31.46
C GLU D 51 -15.77 -26.49 -32.39
N GLU D 52 -15.72 -26.74 -33.70
CA GLU D 52 -15.56 -25.67 -34.67
C GLU D 52 -16.80 -24.78 -34.74
N GLU D 53 -17.98 -25.35 -34.48
CA GLU D 53 -19.20 -24.56 -34.42
C GLU D 53 -19.14 -23.56 -33.27
N ALA D 54 -18.70 -24.02 -32.10
CA ALA D 54 -18.53 -23.16 -30.94
C ALA D 54 -17.48 -22.10 -31.18
N LEU D 55 -16.41 -22.45 -31.89
CA LEU D 55 -15.34 -21.51 -32.17
C LEU D 55 -15.81 -20.40 -33.10
N GLU D 56 -16.50 -20.76 -34.20
CA GLU D 56 -17.06 -19.76 -35.11
C GLU D 56 -18.07 -18.87 -34.42
N ASP D 57 -18.89 -19.46 -33.55
CA ASP D 57 -19.91 -18.71 -32.83
C ASP D 57 -19.29 -17.69 -31.88
N ALA D 58 -18.24 -18.08 -31.17
CA ALA D 58 -17.56 -17.18 -30.25
C ALA D 58 -16.84 -16.06 -30.99
N LEU D 59 -16.27 -16.37 -32.16
CA LEU D 59 -15.57 -15.34 -32.94
C LEU D 59 -16.53 -14.28 -33.48
N ARG D 60 -17.66 -14.73 -34.06
CA ARG D 60 -18.66 -13.79 -34.55
C ARG D 60 -19.24 -12.93 -33.44
N LEU D 61 -19.53 -13.53 -32.28
CA LEU D 61 -20.10 -12.74 -31.20
C LEU D 61 -19.09 -11.81 -30.54
N ALA D 62 -17.80 -12.15 -30.59
CA ALA D 62 -16.77 -11.24 -30.10
C ALA D 62 -16.66 -10.00 -30.97
N ARG D 63 -16.70 -10.18 -32.29
CA ARG D 63 -16.69 -9.02 -33.20
CA ARG D 63 -16.68 -9.01 -33.18
C ARG D 63 -17.94 -8.17 -33.02
N GLY D 64 -19.09 -8.83 -32.87
CA GLY D 64 -20.33 -8.09 -32.67
C GLY D 64 -20.36 -7.29 -31.38
N MET D 65 -19.82 -7.87 -30.30
CA MET D 65 -19.74 -7.11 -29.05
C MET D 65 -18.75 -5.97 -29.12
N THR D 66 -17.68 -6.10 -29.93
CA THR D 66 -16.78 -4.97 -30.14
C THR D 66 -17.51 -3.79 -30.76
N TYR D 67 -18.25 -4.04 -31.84
CA TYR D 67 -18.98 -2.92 -32.47
C TYR D 67 -20.12 -2.40 -31.60
N LYS D 68 -20.78 -3.28 -30.83
CA LYS D 68 -21.83 -2.82 -29.93
C LYS D 68 -21.30 -1.94 -28.81
N ASN D 69 -20.21 -2.36 -28.16
CA ASN D 69 -19.64 -1.55 -27.10
C ASN D 69 -19.06 -0.24 -27.63
N ALA D 70 -18.52 -0.26 -28.86
CA ALA D 70 -17.94 0.97 -29.40
C ALA D 70 -19.01 1.96 -29.79
N ALA D 71 -20.09 1.51 -30.44
CA ALA D 71 -21.13 2.43 -30.87
C ALA D 71 -21.98 2.94 -29.72
N ALA D 72 -22.00 2.24 -28.59
CA ALA D 72 -22.82 2.65 -27.46
C ALA D 72 -22.22 3.80 -26.68
N GLY D 73 -20.95 4.10 -26.88
CA GLY D 73 -20.28 5.12 -26.10
C GLY D 73 -19.63 4.62 -24.84
N LEU D 74 -19.30 3.34 -24.75
CA LEU D 74 -18.75 2.73 -23.56
C LEU D 74 -17.24 2.55 -23.71
N ASN D 75 -16.55 2.58 -22.57
CA ASN D 75 -15.11 2.36 -22.55
C ASN D 75 -14.82 0.89 -22.28
N LEU D 76 -15.30 0.06 -23.20
CA LEU D 76 -15.27 -1.38 -23.06
C LEU D 76 -14.96 -1.98 -24.42
N GLY D 77 -14.30 -3.12 -24.39
CA GLY D 77 -13.95 -3.84 -25.61
C GLY D 77 -14.95 -4.91 -25.95
N GLY D 78 -14.55 -5.78 -26.85
CA GLY D 78 -15.44 -6.85 -27.24
C GLY D 78 -14.88 -8.24 -27.04
N GLY D 79 -15.62 -9.08 -26.34
CA GLY D 79 -15.27 -10.47 -26.18
C GLY D 79 -16.53 -11.29 -26.01
N LYS D 80 -16.33 -12.60 -25.84
CA LYS D 80 -17.44 -13.53 -25.72
C LYS D 80 -16.91 -14.88 -25.26
N THR D 81 -17.59 -15.48 -24.31
CA THR D 81 -17.29 -16.83 -23.85
C THR D 81 -18.37 -17.77 -24.37
N VAL D 82 -17.96 -18.94 -24.84
CA VAL D 82 -18.86 -20.05 -25.11
C VAL D 82 -18.43 -21.22 -24.25
N ILE D 83 -19.30 -21.68 -23.37
CA ILE D 83 -19.08 -22.93 -22.66
C ILE D 83 -19.79 -24.04 -23.41
N ILE D 84 -19.06 -25.10 -23.71
CA ILE D 84 -19.62 -26.23 -24.45
C ILE D 84 -20.19 -27.21 -23.45
N GLY D 85 -21.52 -27.32 -23.43
CA GLY D 85 -22.18 -28.25 -22.53
C GLY D 85 -23.68 -28.09 -22.64
N ASP D 86 -24.39 -28.83 -21.82
CA ASP D 86 -25.84 -28.74 -21.78
C ASP D 86 -26.24 -28.01 -20.52
N PRO D 87 -26.94 -26.88 -20.59
CA PRO D 87 -27.34 -26.15 -19.38
C PRO D 87 -28.49 -26.79 -18.61
N ARG D 88 -28.99 -27.95 -19.05
CA ARG D 88 -30.03 -28.64 -18.32
C ARG D 88 -29.53 -29.87 -17.57
N LYS D 89 -28.39 -30.43 -17.98
CA LYS D 89 -27.85 -31.62 -17.33
C LYS D 89 -26.39 -31.51 -16.91
N ASP D 90 -25.68 -30.46 -17.27
CA ASP D 90 -24.22 -30.42 -17.11
C ASP D 90 -23.79 -29.13 -16.45
N LYS D 91 -24.45 -28.73 -15.37
CA LYS D 91 -23.99 -27.64 -14.54
C LYS D 91 -23.73 -28.12 -13.12
N ASN D 92 -22.67 -27.60 -12.52
CA ASN D 92 -22.39 -27.78 -11.11
C ASN D 92 -21.58 -26.60 -10.62
N GLU D 93 -21.22 -26.61 -9.35
CA GLU D 93 -20.48 -25.50 -8.77
C GLU D 93 -19.04 -25.49 -9.26
N ALA D 94 -18.47 -26.67 -9.49
CA ALA D 94 -17.04 -26.79 -9.69
C ALA D 94 -16.59 -26.20 -11.01
N MET D 95 -17.41 -26.29 -12.05
CA MET D 95 -17.04 -25.71 -13.33
C MET D 95 -17.10 -24.19 -13.29
N PHE D 96 -17.99 -23.60 -12.51
CA PHE D 96 -17.98 -22.14 -12.43
C PHE D 96 -16.93 -21.62 -11.47
N ARG D 97 -16.53 -22.39 -10.45
CA ARG D 97 -15.38 -21.98 -9.65
C ARG D 97 -14.10 -22.06 -10.46
N ALA D 98 -13.94 -23.11 -11.25
CA ALA D 98 -12.80 -23.22 -12.16
C ALA D 98 -12.80 -22.11 -13.20
N PHE D 99 -13.96 -21.80 -13.76
CA PHE D 99 -14.06 -20.76 -14.76
C PHE D 99 -13.86 -19.36 -14.17
N GLY D 100 -14.28 -19.13 -12.93
CA GLY D 100 -13.98 -17.86 -12.30
C GLY D 100 -12.50 -17.70 -12.00
N ARG D 101 -11.79 -18.80 -11.69
CA ARG D 101 -10.35 -18.68 -11.56
C ARG D 101 -9.66 -18.46 -12.89
N PHE D 102 -10.21 -18.99 -13.98
CA PHE D 102 -9.63 -18.67 -15.29
C PHE D 102 -9.89 -17.23 -15.70
N ILE D 103 -10.99 -16.63 -15.24
CA ILE D 103 -11.22 -15.20 -15.52
C ILE D 103 -10.30 -14.34 -14.67
N GLN D 104 -10.10 -14.72 -13.40
CA GLN D 104 -9.17 -14.03 -12.53
C GLN D 104 -7.72 -14.17 -13.03
N GLY D 105 -7.44 -15.23 -13.78
CA GLY D 105 -6.12 -15.38 -14.37
C GLY D 105 -5.86 -14.51 -15.58
N LEU D 106 -6.86 -13.73 -16.02
CA LEU D 106 -6.65 -12.74 -17.08
C LEU D 106 -6.39 -11.35 -16.53
N ASN D 107 -6.57 -11.13 -15.23
CA ASN D 107 -6.32 -9.87 -14.52
C ASN D 107 -7.15 -8.72 -15.11
N GLY D 108 -8.47 -8.90 -15.13
CA GLY D 108 -9.34 -7.80 -15.49
C GLY D 108 -9.39 -7.45 -16.96
N ARG D 109 -8.68 -8.19 -17.78
CA ARG D 109 -8.63 -8.01 -19.22
C ARG D 109 -9.91 -8.49 -19.90
N TYR D 110 -10.75 -9.25 -19.19
CA TYR D 110 -12.01 -9.75 -19.70
C TYR D 110 -13.05 -9.76 -18.59
N ILE D 111 -14.19 -9.12 -18.83
CA ILE D 111 -15.29 -9.00 -17.88
C ILE D 111 -16.48 -9.75 -18.44
N THR D 112 -17.11 -10.58 -17.61
CA THR D 112 -18.17 -11.46 -18.09
C THR D 112 -19.55 -11.03 -17.57
N ALA D 113 -20.57 -11.40 -18.34
CA ALA D 113 -21.96 -11.12 -18.00
C ALA D 113 -22.78 -12.36 -18.34
N GLU D 114 -24.08 -12.31 -18.08
CA GLU D 114 -24.90 -13.45 -18.43
C GLU D 114 -25.44 -13.30 -19.85
N ASP D 115 -25.86 -14.42 -20.41
CA ASP D 115 -26.28 -14.49 -21.80
C ASP D 115 -27.17 -15.72 -21.93
N VAL D 116 -27.41 -16.18 -23.16
CA VAL D 116 -28.24 -17.35 -23.41
C VAL D 116 -27.51 -18.58 -22.88
N GLY D 117 -28.03 -19.17 -21.82
CA GLY D 117 -27.43 -20.38 -21.30
C GLY D 117 -27.16 -20.31 -19.81
N THR D 118 -26.84 -19.13 -19.32
CA THR D 118 -26.54 -18.91 -17.91
C THR D 118 -27.57 -17.97 -17.31
N THR D 119 -27.68 -18.04 -15.98
CA THR D 119 -28.61 -17.24 -15.20
C THR D 119 -27.83 -16.41 -14.19
N VAL D 120 -28.51 -15.54 -13.45
CA VAL D 120 -27.83 -14.94 -12.30
C VAL D 120 -28.07 -15.81 -11.07
N ALA D 121 -27.51 -17.01 -11.13
CA ALA D 121 -27.09 -17.82 -10.00
C ALA D 121 -25.76 -18.47 -10.30
N ASP D 122 -25.38 -18.53 -11.57
CA ASP D 122 -24.08 -18.96 -12.01
C ASP D 122 -23.10 -17.80 -12.00
N MET D 123 -23.57 -16.58 -12.21
CA MET D 123 -22.76 -15.40 -11.93
C MET D 123 -22.83 -14.99 -10.47
N ASP D 124 -22.79 -15.92 -9.57
CA ASP D 124 -22.61 -15.78 -8.13
C ASP D 124 -21.62 -16.80 -7.64
N ILE D 125 -21.50 -17.92 -8.34
CA ILE D 125 -20.42 -18.84 -8.12
C ILE D 125 -19.14 -18.30 -8.72
N ILE D 126 -19.24 -17.65 -9.88
CA ILE D 126 -18.10 -16.96 -10.49
C ILE D 126 -17.67 -15.78 -9.64
N TYR D 127 -18.64 -15.07 -9.04
CA TYR D 127 -18.31 -13.92 -8.20
C TYR D 127 -17.53 -14.31 -6.95
N GLN D 128 -17.64 -15.56 -6.50
CA GLN D 128 -16.81 -16.03 -5.40
C GLN D 128 -15.34 -16.12 -5.78
N GLU D 129 -15.01 -16.21 -7.07
CA GLU D 129 -13.63 -16.34 -7.50
C GLU D 129 -13.08 -15.11 -8.19
N THR D 130 -13.90 -14.10 -8.49
CA THR D 130 -13.42 -12.95 -9.25
C THR D 130 -14.30 -11.74 -8.99
N ASP D 131 -13.75 -10.56 -9.29
CA ASP D 131 -14.51 -9.33 -9.38
C ASP D 131 -14.99 -9.01 -10.78
N TYR D 132 -14.48 -9.71 -11.79
CA TYR D 132 -14.68 -9.27 -13.16
C TYR D 132 -15.91 -9.97 -13.73
N VAL D 133 -17.04 -9.64 -13.13
CA VAL D 133 -18.34 -10.19 -13.48
C VAL D 133 -19.37 -9.15 -13.14
N THR D 134 -20.35 -8.98 -14.02
CA THR D 134 -21.37 -7.96 -13.83
C THR D 134 -22.76 -8.59 -13.89
N GLY D 135 -23.70 -7.97 -13.18
CA GLY D 135 -24.99 -8.56 -12.93
C GLY D 135 -25.08 -9.33 -11.63
N ILE D 136 -24.37 -8.91 -10.59
CA ILE D 136 -24.16 -9.75 -9.42
C ILE D 136 -24.81 -9.17 -8.18
N SER D 137 -24.88 -7.84 -8.09
CA SER D 137 -25.06 -7.17 -6.83
C SER D 137 -26.52 -7.18 -6.39
N PRO D 138 -26.78 -7.01 -5.09
CA PRO D 138 -28.17 -6.81 -4.67
C PRO D 138 -28.74 -5.47 -5.13
N GLU D 139 -27.89 -4.47 -5.39
CA GLU D 139 -28.37 -3.21 -5.94
C GLU D 139 -28.86 -3.38 -7.37
N PHE D 140 -28.04 -3.99 -8.22
CA PHE D 140 -28.50 -4.34 -9.56
C PHE D 140 -29.51 -5.48 -9.53
N GLY D 141 -29.48 -6.32 -8.50
CA GLY D 141 -30.49 -7.35 -8.35
C GLY D 141 -31.86 -6.81 -7.98
N SER D 142 -31.90 -5.62 -7.39
CA SER D 142 -33.17 -4.97 -7.07
C SER D 142 -33.62 -4.01 -8.18
N SER D 143 -32.81 -2.99 -8.46
CA SER D 143 -33.24 -1.89 -9.32
C SER D 143 -32.68 -1.97 -10.73
N GLY D 144 -32.18 -3.14 -11.14
CA GLY D 144 -31.51 -3.27 -12.42
C GLY D 144 -32.19 -4.19 -13.41
N ASN D 145 -33.50 -4.03 -13.58
CA ASN D 145 -34.25 -4.81 -14.58
C ASN D 145 -33.78 -4.45 -15.98
N PRO D 146 -33.33 -5.42 -16.79
CA PRO D 146 -32.75 -5.07 -18.10
C PRO D 146 -33.77 -4.62 -19.13
N SER D 147 -34.98 -5.16 -19.09
CA SER D 147 -36.00 -4.92 -20.11
C SER D 147 -36.58 -3.49 -20.13
N PRO D 148 -36.84 -2.81 -19.00
CA PRO D 148 -37.19 -1.37 -19.12
C PRO D 148 -36.08 -0.52 -19.69
N ALA D 149 -34.83 -0.88 -19.42
CA ALA D 149 -33.69 -0.15 -20.01
C ALA D 149 -33.63 -0.36 -21.51
N THR D 150 -33.81 -1.62 -21.96
CA THR D 150 -33.76 -1.91 -23.38
C THR D 150 -34.92 -1.26 -24.11
N ALA D 151 -36.10 -1.24 -23.48
CA ALA D 151 -37.25 -0.57 -24.09
C ALA D 151 -37.09 0.94 -24.10
N TYR D 152 -36.44 1.52 -23.09
CA TYR D 152 -36.19 2.96 -23.11
C TYR D 152 -35.20 3.34 -24.20
N GLY D 153 -34.22 2.47 -24.45
CA GLY D 153 -33.32 2.69 -25.57
C GLY D 153 -34.00 2.55 -26.92
N VAL D 154 -34.89 1.57 -27.06
CA VAL D 154 -35.66 1.42 -28.32
C VAL D 154 -36.57 2.62 -28.52
N TYR D 155 -37.13 3.15 -27.43
CA TYR D 155 -37.93 4.37 -27.46
C TYR D 155 -37.14 5.55 -28.01
N ARG D 156 -35.94 5.79 -27.47
CA ARG D 156 -35.13 6.93 -27.92
C ARG D 156 -34.65 6.75 -29.36
N GLY D 157 -34.26 5.54 -29.74
CA GLY D 157 -33.86 5.29 -31.12
C GLY D 157 -34.99 5.43 -32.10
N MET D 158 -36.20 5.08 -31.70
CA MET D 158 -37.36 5.27 -32.56
C MET D 158 -37.71 6.74 -32.69
N LYS D 159 -37.49 7.53 -31.64
CA LYS D 159 -37.59 8.99 -31.74
C LYS D 159 -36.62 9.56 -32.76
N ALA D 160 -35.37 9.08 -32.73
CA ALA D 160 -34.38 9.59 -33.68
C ALA D 160 -34.69 9.20 -35.12
N ALA D 161 -35.16 7.96 -35.32
CA ALA D 161 -35.56 7.54 -36.66
C ALA D 161 -36.81 8.27 -37.13
N ALA D 162 -37.70 8.62 -36.20
CA ALA D 162 -38.88 9.40 -36.55
C ALA D 162 -38.52 10.82 -36.96
N LYS D 163 -37.54 11.42 -36.28
CA LYS D 163 -37.11 12.75 -36.69
C LYS D 163 -36.32 12.71 -38.00
N GLU D 164 -35.67 11.59 -38.28
CA GLU D 164 -35.02 11.44 -39.59
C GLU D 164 -36.04 11.33 -40.71
N ALA D 165 -37.04 10.46 -40.55
CA ALA D 165 -37.94 10.16 -41.66
C ALA D 165 -39.14 11.10 -41.75
N PHE D 166 -39.45 11.85 -40.69
CA PHE D 166 -40.67 12.66 -40.63
C PHE D 166 -40.40 14.14 -40.45
N GLY D 167 -39.30 14.51 -39.79
CA GLY D 167 -39.01 15.92 -39.56
C GLY D 167 -39.10 16.28 -38.09
N SER D 168 -40.10 15.76 -37.40
CA SER D 168 -40.25 15.95 -35.97
C SER D 168 -40.30 14.60 -35.27
N ASP D 169 -39.81 14.57 -34.03
CA ASP D 169 -39.76 13.32 -33.28
C ASP D 169 -41.07 12.98 -32.58
N SER D 170 -42.12 13.79 -32.74
CA SER D 170 -43.38 13.52 -32.07
C SER D 170 -44.09 12.35 -32.73
N LEU D 171 -44.41 11.33 -31.94
CA LEU D 171 -45.14 10.16 -32.42
C LEU D 171 -46.63 10.22 -32.08
N GLU D 172 -47.13 11.39 -31.69
CA GLU D 172 -48.53 11.53 -31.30
C GLU D 172 -49.39 11.48 -32.56
N GLY D 173 -49.91 10.29 -32.86
CA GLY D 173 -50.70 10.06 -34.04
C GLY D 173 -50.08 9.10 -35.04
N LYS D 174 -49.16 8.24 -34.61
CA LYS D 174 -48.48 7.32 -35.51
C LYS D 174 -48.92 5.89 -35.22
N VAL D 175 -48.66 5.02 -36.19
CA VAL D 175 -49.12 3.63 -36.15
C VAL D 175 -47.88 2.74 -36.07
N VAL D 176 -47.69 2.10 -34.92
CA VAL D 176 -46.48 1.34 -34.63
C VAL D 176 -46.85 -0.14 -34.61
N ALA D 177 -46.26 -0.92 -35.50
CA ALA D 177 -46.50 -2.35 -35.57
C ALA D 177 -45.40 -3.10 -34.83
N VAL D 178 -45.78 -3.87 -33.82
CA VAL D 178 -44.84 -4.58 -32.94
C VAL D 178 -45.17 -6.06 -33.01
N GLN D 179 -44.15 -6.89 -33.26
CA GLN D 179 -44.33 -8.33 -33.13
C GLN D 179 -43.55 -8.83 -31.92
N GLY D 180 -44.15 -9.79 -31.21
CA GLY D 180 -43.68 -10.18 -29.90
C GLY D 180 -44.23 -9.26 -28.83
N VAL D 181 -44.78 -9.83 -27.75
CA VAL D 181 -45.27 -9.03 -26.63
C VAL D 181 -44.45 -9.52 -25.43
N GLY D 182 -43.17 -9.77 -25.68
CA GLY D 182 -42.22 -9.98 -24.60
C GLY D 182 -42.03 -8.75 -23.73
N ASN D 183 -41.15 -8.90 -22.74
CA ASN D 183 -41.01 -7.89 -21.68
C ASN D 183 -40.49 -6.56 -22.21
N VAL D 184 -39.50 -6.62 -23.11
CA VAL D 184 -38.98 -5.41 -23.75
C VAL D 184 -40.07 -4.77 -24.60
N ALA D 185 -40.78 -5.58 -25.37
CA ALA D 185 -41.85 -5.06 -26.22
C ALA D 185 -43.04 -4.56 -25.40
N TYR D 186 -43.30 -5.17 -24.25
CA TYR D 186 -44.41 -4.72 -23.41
C TYR D 186 -44.11 -3.36 -22.77
N HIS D 187 -42.88 -3.18 -22.28
CA HIS D 187 -42.49 -1.86 -21.78
C HIS D 187 -42.40 -0.82 -22.90
N LEU D 188 -42.01 -1.27 -24.11
CA LEU D 188 -42.03 -0.37 -25.27
C LEU D 188 -43.43 0.10 -25.60
N CYS D 189 -44.40 -0.83 -25.56
CA CYS D 189 -45.79 -0.46 -25.77
C CYS D 189 -46.32 0.46 -24.67
N ARG D 190 -45.83 0.29 -23.44
CA ARG D 190 -46.18 1.23 -22.37
C ARG D 190 -45.66 2.63 -22.65
N HIS D 191 -44.39 2.75 -23.08
CA HIS D 191 -43.84 4.06 -23.43
C HIS D 191 -44.57 4.70 -24.61
N LEU D 192 -44.90 3.90 -25.62
CA LEU D 192 -45.59 4.44 -26.79
C LEU D 192 -47.04 4.80 -26.48
N HIS D 193 -47.66 4.11 -25.53
CA HIS D 193 -49.03 4.47 -25.14
C HIS D 193 -49.05 5.70 -24.24
N GLU D 194 -48.05 5.86 -23.37
CA GLU D 194 -47.98 7.07 -22.57
C GLU D 194 -47.60 8.28 -23.42
N GLU D 195 -46.92 8.07 -24.55
CA GLU D 195 -46.75 9.18 -25.48
C GLU D 195 -48.06 9.50 -26.18
N GLY D 196 -48.86 8.47 -26.50
CA GLY D 196 -50.08 8.67 -27.25
C GLY D 196 -49.97 8.30 -28.71
N ALA D 197 -49.41 7.13 -29.00
CA ALA D 197 -49.31 6.61 -30.36
C ALA D 197 -50.23 5.40 -30.52
N LYS D 198 -50.72 5.21 -31.74
CA LYS D 198 -51.60 4.08 -32.04
C LYS D 198 -50.76 2.83 -32.26
N LEU D 199 -51.12 1.74 -31.59
CA LEU D 199 -50.30 0.55 -31.52
C LEU D 199 -51.03 -0.63 -32.16
N ILE D 200 -50.26 -1.50 -32.83
CA ILE D 200 -50.76 -2.74 -33.39
C ILE D 200 -49.79 -3.84 -33.02
N VAL D 201 -50.21 -4.77 -32.18
CA VAL D 201 -49.30 -5.73 -31.57
C VAL D 201 -49.66 -7.14 -32.02
N THR D 202 -48.67 -8.02 -31.98
CA THR D 202 -48.89 -9.44 -32.17
C THR D 202 -47.80 -10.23 -31.46
N ASP D 203 -48.05 -11.52 -31.28
CA ASP D 203 -47.15 -12.43 -30.61
C ASP D 203 -47.57 -13.85 -30.97
N ILE D 204 -46.67 -14.80 -30.74
CA ILE D 204 -46.98 -16.21 -30.96
C ILE D 204 -48.03 -16.69 -29.97
N ASN D 205 -47.92 -16.26 -28.71
CA ASN D 205 -48.87 -16.65 -27.67
C ASN D 205 -50.07 -15.72 -27.66
N LYS D 206 -51.26 -16.31 -27.52
CA LYS D 206 -52.50 -15.53 -27.54
C LYS D 206 -52.69 -14.76 -26.23
N GLU D 207 -52.12 -15.25 -25.14
CA GLU D 207 -52.33 -14.65 -23.83
C GLU D 207 -51.65 -13.29 -23.71
N ALA D 208 -50.43 -13.16 -24.26
CA ALA D 208 -49.75 -11.87 -24.23
C ALA D 208 -50.44 -10.85 -25.14
N VAL D 209 -50.98 -11.31 -26.26
CA VAL D 209 -51.75 -10.43 -27.14
C VAL D 209 -53.02 -9.94 -26.45
N ALA D 210 -53.68 -10.84 -25.71
CA ALA D 210 -54.88 -10.47 -24.98
C ALA D 210 -54.56 -9.49 -23.85
N ARG D 211 -53.44 -9.69 -23.17
CA ARG D 211 -52.99 -8.73 -22.15
C ARG D 211 -52.68 -7.37 -22.75
N ALA D 212 -52.03 -7.35 -23.93
CA ALA D 212 -51.70 -6.08 -24.56
C ALA D 212 -52.94 -5.34 -25.05
N VAL D 213 -53.94 -6.07 -25.54
CA VAL D 213 -55.19 -5.44 -25.97
C VAL D 213 -55.99 -4.92 -24.78
N GLU D 214 -56.01 -5.68 -23.67
CA GLU D 214 -56.67 -5.20 -22.46
C GLU D 214 -55.96 -3.99 -21.85
N GLU D 215 -54.64 -3.91 -21.95
CA GLU D 215 -53.94 -2.82 -21.28
C GLU D 215 -53.81 -1.56 -22.14
N PHE D 216 -53.28 -1.67 -23.36
CA PHE D 216 -52.85 -0.48 -24.08
C PHE D 216 -53.65 -0.22 -25.35
N GLY D 217 -54.70 -0.98 -25.60
CA GLY D 217 -55.63 -0.68 -26.69
C GLY D 217 -55.05 -0.87 -28.08
N ALA D 218 -54.78 -2.11 -28.46
CA ALA D 218 -54.19 -2.42 -29.75
C ALA D 218 -55.08 -3.43 -30.48
N LYS D 219 -54.59 -3.91 -31.63
CA LYS D 219 -55.32 -4.85 -32.47
C LYS D 219 -54.70 -6.23 -32.35
N ALA D 220 -55.53 -7.22 -32.03
CA ALA D 220 -55.09 -8.62 -31.99
C ALA D 220 -54.93 -9.13 -33.42
N VAL D 221 -53.69 -9.21 -33.87
CA VAL D 221 -53.36 -9.54 -35.25
C VAL D 221 -52.64 -10.88 -35.27
N ASP D 222 -52.90 -11.69 -36.29
CA ASP D 222 -52.22 -12.95 -36.47
C ASP D 222 -50.73 -12.73 -36.72
N PRO D 223 -49.88 -13.68 -36.30
CA PRO D 223 -48.42 -13.48 -36.42
C PRO D 223 -47.90 -13.56 -37.85
N ASN D 224 -48.68 -14.10 -38.80
CA ASN D 224 -48.19 -14.27 -40.15
C ASN D 224 -48.39 -13.05 -41.04
N ASP D 225 -49.35 -12.18 -40.70
CA ASP D 225 -49.67 -11.03 -41.54
C ASP D 225 -49.40 -9.70 -40.84
N ILE D 226 -48.40 -9.66 -39.96
CA ILE D 226 -47.99 -8.39 -39.36
C ILE D 226 -47.15 -7.57 -40.33
N TYR D 227 -46.60 -8.21 -41.36
CA TYR D 227 -45.71 -7.52 -42.28
C TYR D 227 -46.49 -6.63 -43.24
N GLY D 228 -47.67 -7.09 -43.68
CA GLY D 228 -48.53 -6.36 -44.57
C GLY D 228 -49.45 -5.35 -43.94
N VAL D 229 -49.33 -5.12 -42.63
CA VAL D 229 -50.12 -4.10 -41.97
C VAL D 229 -49.60 -2.73 -42.38
N GLU D 230 -50.51 -1.87 -42.84
CA GLU D 230 -50.13 -0.51 -43.22
C GLU D 230 -49.82 0.31 -41.96
N CYS D 231 -48.58 0.77 -41.85
CA CYS D 231 -48.11 1.49 -40.68
C CYS D 231 -46.94 2.37 -41.09
N ASP D 232 -46.47 3.17 -40.13
CA ASP D 232 -45.25 3.94 -40.33
C ASP D 232 -44.02 3.19 -39.81
N ILE D 233 -44.02 2.86 -38.53
CA ILE D 233 -42.87 2.26 -37.87
C ILE D 233 -43.18 0.80 -37.56
N PHE D 234 -42.31 -0.09 -38.03
CA PHE D 234 -42.35 -1.49 -37.67
C PHE D 234 -41.24 -1.78 -36.67
N ALA D 235 -41.58 -2.41 -35.55
CA ALA D 235 -40.65 -2.64 -34.45
C ALA D 235 -40.51 -4.13 -34.18
N PRO D 236 -39.62 -4.82 -34.90
CA PRO D 236 -39.47 -6.26 -34.69
C PRO D 236 -38.76 -6.57 -33.37
N CYS D 237 -39.35 -7.47 -32.58
CA CYS D 237 -38.85 -7.73 -31.25
C CYS D 237 -38.86 -9.21 -30.87
N ALA D 238 -38.90 -10.11 -31.85
CA ALA D 238 -39.05 -11.53 -31.54
C ALA D 238 -37.81 -12.35 -31.88
N LEU D 239 -37.39 -12.37 -33.15
CA LEU D 239 -36.29 -13.23 -33.57
C LEU D 239 -35.44 -12.48 -34.58
N GLY D 240 -34.50 -13.20 -35.20
CA GLY D 240 -33.67 -12.66 -36.25
C GLY D 240 -33.87 -13.42 -37.54
N GLY D 241 -33.20 -12.94 -38.58
CA GLY D 241 -33.42 -13.48 -39.90
C GLY D 241 -34.78 -13.14 -40.46
N ILE D 242 -35.35 -12.02 -40.02
CA ILE D 242 -36.69 -11.63 -40.44
C ILE D 242 -36.67 -11.13 -41.88
N ILE D 243 -35.88 -10.10 -42.14
CA ILE D 243 -35.88 -9.41 -43.43
C ILE D 243 -35.13 -10.30 -44.42
N ASN D 244 -35.89 -11.06 -45.22
CA ASN D 244 -35.33 -11.83 -46.31
C ASN D 244 -36.17 -11.67 -47.57
N ASP D 245 -35.92 -12.49 -48.59
CA ASP D 245 -36.57 -12.33 -49.89
C ASP D 245 -38.06 -12.64 -49.79
N GLN D 246 -38.46 -13.49 -48.83
CA GLN D 246 -39.87 -13.78 -48.64
C GLN D 246 -40.62 -12.61 -48.01
N THR D 247 -39.94 -11.76 -47.25
CA THR D 247 -40.62 -10.79 -46.39
C THR D 247 -40.46 -9.34 -46.83
N ILE D 248 -39.56 -9.05 -47.78
CA ILE D 248 -39.39 -7.66 -48.25
C ILE D 248 -40.63 -7.07 -48.92
N PRO D 249 -41.25 -7.67 -49.94
CA PRO D 249 -42.31 -6.96 -50.65
C PRO D 249 -43.66 -6.89 -49.93
N GLN D 250 -43.73 -7.17 -48.63
CA GLN D 250 -44.96 -6.98 -47.88
C GLN D 250 -44.96 -5.72 -47.01
N LEU D 251 -43.81 -5.06 -46.84
CA LEU D 251 -43.74 -3.88 -45.98
C LEU D 251 -44.45 -2.70 -46.61
N LYS D 252 -45.50 -2.23 -45.94
CA LYS D 252 -46.09 -0.92 -46.22
C LYS D 252 -45.51 0.17 -45.31
N ALA D 253 -44.45 -0.14 -44.57
CA ALA D 253 -43.85 0.79 -43.63
C ALA D 253 -42.63 1.47 -44.25
N LYS D 254 -42.07 2.42 -43.52
CA LYS D 254 -40.89 3.14 -43.96
C LYS D 254 -39.81 3.27 -42.89
N VAL D 255 -40.08 2.86 -41.66
CA VAL D 255 -39.11 2.90 -40.56
C VAL D 255 -39.11 1.54 -39.89
N ILE D 256 -37.93 0.94 -39.76
CA ILE D 256 -37.74 -0.29 -39.01
C ILE D 256 -36.83 0.00 -37.83
N ALA D 257 -37.34 -0.20 -36.61
CA ALA D 257 -36.55 0.07 -35.41
C ALA D 257 -37.10 -0.78 -34.27
N GLY D 258 -36.42 -1.89 -33.97
CA GLY D 258 -36.85 -2.80 -32.92
C GLY D 258 -35.68 -3.33 -32.12
N SER D 259 -36.01 -4.12 -31.10
CA SER D 259 -35.03 -4.67 -30.18
C SER D 259 -34.52 -6.04 -30.57
N ALA D 260 -34.75 -6.46 -31.80
CA ALA D 260 -34.37 -7.80 -32.21
C ALA D 260 -32.89 -7.83 -32.60
N ASN D 261 -32.27 -8.97 -32.35
CA ASN D 261 -30.88 -9.19 -32.73
C ASN D 261 -30.82 -9.86 -34.10
N ASN D 262 -29.83 -9.45 -34.91
CA ASN D 262 -29.54 -10.00 -36.23
C ASN D 262 -30.75 -9.86 -37.16
N GLN D 263 -31.21 -8.62 -37.33
CA GLN D 263 -32.46 -8.37 -38.03
C GLN D 263 -32.32 -8.59 -39.53
N LEU D 264 -31.28 -8.01 -40.12
CA LEU D 264 -31.00 -8.28 -41.52
C LEU D 264 -30.42 -9.67 -41.65
N LYS D 265 -31.03 -10.51 -42.49
CA LYS D 265 -30.55 -11.87 -42.65
C LYS D 265 -29.22 -11.90 -43.40
N GLU D 266 -29.10 -11.07 -44.44
CA GLU D 266 -27.90 -10.91 -45.24
C GLU D 266 -27.74 -9.43 -45.54
N PRO D 267 -26.52 -8.93 -45.74
CA PRO D 267 -26.34 -7.50 -46.02
C PRO D 267 -26.92 -7.03 -47.35
N ARG D 268 -27.17 -7.94 -48.29
CA ARG D 268 -27.84 -7.58 -49.54
CA ARG D 268 -27.83 -7.54 -49.54
C ARG D 268 -29.26 -7.09 -49.28
N HIS D 269 -29.90 -7.60 -48.22
CA HIS D 269 -31.24 -7.13 -47.87
C HIS D 269 -31.18 -5.73 -47.30
N GLY D 270 -30.10 -5.39 -46.59
CA GLY D 270 -29.88 -4.02 -46.19
C GLY D 270 -29.63 -3.10 -47.36
N ASP D 271 -28.95 -3.61 -48.40
CA ASP D 271 -28.79 -2.84 -49.63
C ASP D 271 -30.15 -2.61 -50.31
N MET D 272 -31.01 -3.62 -50.29
CA MET D 272 -32.35 -3.47 -50.89
C MET D 272 -33.20 -2.47 -50.11
N ILE D 273 -33.13 -2.49 -48.78
CA ILE D 273 -33.84 -1.52 -47.96
C ILE D 273 -33.30 -0.12 -48.20
N HIS D 274 -31.98 0.01 -48.38
CA HIS D 274 -31.40 1.31 -48.72
C HIS D 274 -31.83 1.78 -50.10
N GLU D 275 -32.09 0.86 -51.03
CA GLU D 275 -32.66 1.25 -52.31
C GLU D 275 -34.09 1.72 -52.17
N MET D 276 -34.91 1.00 -51.39
CA MET D 276 -36.34 1.31 -51.30
C MET D 276 -36.65 2.55 -50.48
N GLY D 277 -35.67 3.15 -49.83
CA GLY D 277 -35.93 4.34 -49.04
C GLY D 277 -36.54 4.09 -47.68
N ILE D 278 -36.65 2.83 -47.26
CA ILE D 278 -37.09 2.53 -45.90
C ILE D 278 -35.98 2.88 -44.94
N VAL D 279 -36.27 3.79 -44.00
CA VAL D 279 -35.27 4.25 -43.04
C VAL D 279 -35.00 3.13 -42.05
N TYR D 280 -33.84 2.51 -42.15
CA TYR D 280 -33.43 1.41 -41.29
C TYR D 280 -32.40 1.91 -40.28
N ALA D 281 -32.82 2.03 -39.03
CA ALA D 281 -31.80 2.25 -38.02
C ALA D 281 -31.21 0.90 -37.62
N PRO D 282 -29.88 0.82 -37.43
CA PRO D 282 -29.22 -0.48 -37.30
C PRO D 282 -29.53 -1.16 -35.98
N ASP D 283 -29.40 -2.49 -35.99
CA ASP D 283 -29.95 -3.29 -34.91
C ASP D 283 -29.13 -3.19 -33.62
N TYR D 284 -27.80 -3.25 -33.70
CA TYR D 284 -26.98 -3.26 -32.49
C TYR D 284 -26.74 -1.87 -31.91
N VAL D 285 -27.35 -0.82 -32.46
CA VAL D 285 -27.30 0.50 -31.85
C VAL D 285 -28.58 0.80 -31.09
N ILE D 286 -29.74 0.33 -31.57
CA ILE D 286 -31.01 0.60 -30.93
C ILE D 286 -31.12 -0.17 -29.62
N ASN D 287 -30.88 -1.49 -29.66
CA ASN D 287 -31.12 -2.35 -28.51
C ASN D 287 -29.96 -2.39 -27.53
N ALA D 288 -29.07 -1.40 -27.56
CA ALA D 288 -27.87 -1.40 -26.73
C ALA D 288 -28.12 -0.88 -25.32
N GLY D 289 -29.37 -0.79 -24.88
CA GLY D 289 -29.63 -0.27 -23.55
C GLY D 289 -29.31 -1.26 -22.45
N GLY D 290 -29.45 -2.55 -22.71
CA GLY D 290 -29.19 -3.54 -21.67
C GLY D 290 -27.72 -3.68 -21.36
N VAL D 291 -26.87 -3.54 -22.39
CA VAL D 291 -25.43 -3.61 -22.19
C VAL D 291 -24.93 -2.38 -21.44
N ILE D 292 -25.52 -1.22 -21.71
CA ILE D 292 -25.26 -0.02 -20.93
C ILE D 292 -25.71 -0.21 -19.47
N ASN D 293 -26.85 -0.87 -19.27
CA ASN D 293 -27.34 -1.07 -17.91
C ASN D 293 -26.44 -2.02 -17.12
N VAL D 294 -25.94 -3.08 -17.76
CA VAL D 294 -25.05 -3.98 -17.02
C VAL D 294 -23.63 -3.45 -16.96
N ALA D 295 -23.27 -2.48 -17.81
CA ALA D 295 -21.95 -1.87 -17.73
C ALA D 295 -21.88 -0.71 -16.76
N ASP D 296 -23.02 -0.12 -16.40
CA ASP D 296 -23.01 0.94 -15.41
C ASP D 296 -22.82 0.41 -14.00
N GLU D 297 -22.98 -0.89 -13.79
CA GLU D 297 -22.75 -1.52 -12.49
C GLU D 297 -21.29 -1.44 -12.05
N LEU D 298 -20.36 -1.33 -13.01
CA LEU D 298 -18.93 -1.29 -12.70
C LEU D 298 -18.52 -0.04 -11.94
N TYR D 299 -19.31 1.03 -12.01
CA TYR D 299 -19.08 2.24 -11.25
C TYR D 299 -19.62 2.18 -9.83
N GLY D 300 -20.37 1.13 -9.50
CA GLY D 300 -21.29 1.19 -8.38
C GLY D 300 -22.62 1.63 -8.93
N TYR D 301 -23.65 0.80 -8.78
CA TYR D 301 -24.85 0.94 -9.59
C TYR D 301 -25.70 2.12 -9.14
N ASN D 302 -26.15 2.90 -10.10
CA ASN D 302 -27.02 4.04 -9.84
C ASN D 302 -27.95 4.17 -11.03
N ARG D 303 -29.26 4.22 -10.76
CA ARG D 303 -30.26 4.15 -11.83
C ARG D 303 -30.31 5.43 -12.65
N GLU D 304 -30.09 6.58 -12.02
CA GLU D 304 -30.22 7.86 -12.71
C GLU D 304 -29.09 8.07 -13.71
N ARG D 305 -27.86 7.75 -13.31
CA ARG D 305 -26.72 7.83 -14.23
C ARG D 305 -26.86 6.85 -15.39
N ALA D 306 -27.38 5.65 -15.11
CA ALA D 306 -27.57 4.65 -16.15
C ALA D 306 -28.61 5.11 -17.17
N MET D 307 -29.75 5.62 -16.71
CA MET D 307 -30.79 6.05 -17.64
C MET D 307 -30.39 7.33 -18.38
N LYS D 308 -29.59 8.18 -17.74
CA LYS D 308 -29.02 9.34 -18.41
C LYS D 308 -28.05 8.92 -19.52
N LYS D 309 -27.37 7.78 -19.35
CA LYS D 309 -26.53 7.28 -20.43
C LYS D 309 -27.36 6.59 -21.52
N ILE D 310 -28.44 5.91 -21.16
CA ILE D 310 -29.30 5.24 -22.13
C ILE D 310 -30.05 6.26 -23.00
N GLU D 311 -30.25 7.48 -22.48
CA GLU D 311 -30.89 8.55 -23.25
C GLU D 311 -30.13 8.89 -24.54
N GLN D 312 -28.81 8.70 -24.58
CA GLN D 312 -27.99 9.13 -25.71
C GLN D 312 -28.07 8.21 -26.93
N ILE D 313 -28.94 7.20 -26.93
CA ILE D 313 -29.14 6.37 -28.13
C ILE D 313 -29.81 7.17 -29.23
N TYR D 314 -30.56 8.21 -28.84
CA TYR D 314 -31.04 9.24 -29.76
C TYR D 314 -29.90 9.86 -30.57
N ASP D 315 -28.88 10.36 -29.88
CA ASP D 315 -27.74 10.97 -30.56
C ASP D 315 -26.91 9.94 -31.30
N ASN D 316 -26.89 8.69 -30.83
CA ASN D 316 -26.16 7.63 -31.53
C ASN D 316 -26.78 7.33 -32.89
N ILE D 317 -28.10 7.13 -32.92
CA ILE D 317 -28.82 6.95 -34.18
C ILE D 317 -28.71 8.19 -35.07
N GLU D 318 -28.68 9.38 -34.46
CA GLU D 318 -28.50 10.61 -35.24
C GLU D 318 -27.13 10.67 -35.91
N LYS D 319 -26.08 10.21 -35.22
CA LYS D 319 -24.76 10.15 -35.83
C LYS D 319 -24.66 9.07 -36.91
N VAL D 320 -25.36 7.94 -36.73
CA VAL D 320 -25.40 6.92 -37.78
C VAL D 320 -26.02 7.47 -39.05
N PHE D 321 -27.14 8.18 -38.91
CA PHE D 321 -27.79 8.79 -40.07
C PHE D 321 -26.97 9.92 -40.67
N ALA D 322 -26.22 10.65 -39.84
CA ALA D 322 -25.33 11.69 -40.37
C ALA D 322 -24.20 11.10 -41.20
N ILE D 323 -23.58 10.00 -40.74
CA ILE D 323 -22.52 9.36 -41.50
C ILE D 323 -23.08 8.71 -42.77
N ALA D 324 -24.29 8.14 -42.69
CA ALA D 324 -24.90 7.52 -43.86
C ALA D 324 -25.24 8.55 -44.94
N LYS D 325 -25.71 9.74 -44.54
CA LYS D 325 -25.93 10.79 -45.51
C LYS D 325 -24.62 11.41 -45.99
N ARG D 326 -23.57 11.34 -45.16
CA ARG D 326 -22.29 11.95 -45.52
CA ARG D 326 -22.30 11.96 -45.53
C ARG D 326 -21.57 11.15 -46.60
N ASP D 327 -21.53 9.82 -46.44
CA ASP D 327 -20.74 8.99 -47.35
C ASP D 327 -21.62 8.28 -48.38
N ASN D 328 -22.94 8.47 -48.33
CA ASN D 328 -23.93 7.86 -49.24
C ASN D 328 -23.85 6.34 -49.22
N ILE D 329 -23.84 5.79 -48.02
CA ILE D 329 -23.69 4.35 -47.79
C ILE D 329 -24.91 3.88 -47.02
N PRO D 330 -25.21 2.59 -47.04
CA PRO D 330 -26.29 2.08 -46.18
C PRO D 330 -25.98 2.21 -44.70
N THR D 331 -27.03 2.15 -43.89
CA THR D 331 -26.89 2.49 -42.48
C THR D 331 -26.22 1.38 -41.68
N TYR D 332 -26.32 0.13 -42.13
CA TYR D 332 -25.61 -0.94 -41.43
C TYR D 332 -24.12 -0.86 -41.68
N VAL D 333 -23.70 -0.24 -42.78
CA VAL D 333 -22.29 0.07 -42.99
C VAL D 333 -21.92 1.32 -42.21
N ALA D 334 -22.86 2.27 -42.08
CA ALA D 334 -22.59 3.51 -41.36
C ALA D 334 -22.39 3.28 -39.87
N ALA D 335 -23.05 2.27 -39.30
CA ALA D 335 -22.85 1.98 -37.89
C ALA D 335 -21.48 1.36 -37.63
N ASP D 336 -21.04 0.47 -38.52
CA ASP D 336 -19.70 -0.10 -38.41
C ASP D 336 -18.63 0.97 -38.57
N ARG D 337 -18.83 1.90 -39.50
CA ARG D 337 -17.82 2.95 -39.68
C ARG D 337 -17.83 3.95 -38.55
N MET D 338 -18.99 4.22 -37.94
CA MET D 338 -19.06 5.00 -36.71
C MET D 338 -18.25 4.37 -35.59
N ALA D 339 -18.41 3.06 -35.40
CA ALA D 339 -17.70 2.38 -34.33
C ALA D 339 -16.19 2.33 -34.60
N GLU D 340 -15.79 2.08 -35.84
CA GLU D 340 -14.37 2.02 -36.17
C GLU D 340 -13.70 3.38 -36.07
N GLU D 341 -14.41 4.45 -36.47
CA GLU D 341 -13.85 5.78 -36.30
C GLU D 341 -13.73 6.16 -34.83
N ARG D 342 -14.66 5.68 -33.98
CA ARG D 342 -14.50 5.96 -32.56
C ARG D 342 -13.29 5.22 -31.99
N ILE D 343 -13.07 3.97 -32.41
CA ILE D 343 -11.92 3.21 -31.91
C ILE D 343 -10.60 3.84 -32.35
N GLU D 344 -10.50 4.24 -33.63
CA GLU D 344 -9.27 4.85 -34.14
C GLU D 344 -9.00 6.21 -33.50
N THR D 345 -10.05 7.02 -33.31
CA THR D 345 -9.87 8.34 -32.73
C THR D 345 -9.52 8.24 -31.26
N MET D 346 -10.10 7.29 -30.53
CA MET D 346 -9.74 7.18 -29.13
C MET D 346 -8.40 6.50 -28.92
N ARG D 347 -7.86 5.82 -29.94
CA ARG D 347 -6.48 5.38 -29.85
CA ARG D 347 -6.48 5.38 -29.84
C ARG D 347 -5.52 6.53 -30.11
N LYS D 348 -5.83 7.38 -31.09
CA LYS D 348 -4.93 8.48 -31.40
C LYS D 348 -5.06 9.69 -30.48
N ALA D 349 -6.10 9.77 -29.65
CA ALA D 349 -6.32 10.94 -28.81
C ALA D 349 -6.07 10.69 -27.34
N ARG D 350 -5.86 9.45 -26.92
CA ARG D 350 -5.49 9.10 -25.55
C ARG D 350 -4.06 8.57 -25.51
N SER D 351 -3.17 9.19 -26.26
CA SER D 351 -1.84 8.65 -26.46
C SER D 351 -0.78 9.28 -25.57
N GLN D 352 -1.04 10.45 -24.99
CA GLN D 352 -0.03 11.09 -24.16
C GLN D 352 0.14 10.37 -22.83
N PHE D 353 1.37 10.38 -22.34
CA PHE D 353 1.80 9.53 -21.23
C PHE D 353 1.20 9.98 -19.91
N LEU D 354 0.75 9.02 -19.13
CA LEU D 354 0.38 9.19 -17.72
C LEU D 354 0.80 7.94 -16.99
N GLN D 355 1.27 8.08 -15.77
CA GLN D 355 1.61 6.91 -14.97
C GLN D 355 0.55 6.62 -13.91
N ASN D 356 -0.58 7.32 -13.95
CA ASN D 356 -1.69 7.11 -13.04
C ASN D 356 -3.01 7.25 -13.79
N GLY D 357 -3.12 6.61 -14.96
CA GLY D 357 -4.30 6.76 -15.77
C GLY D 357 -5.48 5.97 -15.23
N HIS D 358 -6.68 6.48 -15.49
CA HIS D 358 -7.92 5.83 -15.10
C HIS D 358 -8.50 5.01 -16.24
N HIS D 359 -9.13 3.91 -15.88
CA HIS D 359 -9.88 3.07 -16.79
C HIS D 359 -11.15 2.63 -16.09
N ILE D 360 -11.83 1.62 -16.64
CA ILE D 360 -13.14 1.25 -16.13
C ILE D 360 -13.02 0.50 -14.81
N LEU D 361 -11.85 -0.03 -14.49
CA LEU D 361 -11.64 -0.87 -13.32
C LEU D 361 -10.79 -0.18 -12.27
N SER D 362 -10.59 1.13 -12.40
CA SER D 362 -9.73 1.84 -11.49
C SER D 362 -10.46 2.09 -10.17
N ARG D 363 -9.71 2.07 -9.08
CA ARG D 363 -10.25 2.38 -7.77
C ARG D 363 -10.00 3.85 -7.50
N ARG D 364 -11.07 4.63 -7.42
CA ARG D 364 -10.92 6.07 -7.34
C ARG D 364 -11.65 6.64 -6.13
N ARG D 365 -11.65 7.97 -6.04
CA ARG D 365 -12.22 8.65 -4.89
CA ARG D 365 -12.22 8.66 -4.90
C ARG D 365 -13.73 8.52 -4.88
N ALA D 366 -14.29 8.36 -3.67
CA ALA D 366 -15.71 8.08 -3.53
C ALA D 366 -16.57 9.28 -3.92
N ARG D 367 -16.38 10.41 -3.25
CA ARG D 367 -17.10 11.68 -3.48
C ARG D 367 -18.62 11.54 -3.44
N MET E 1 -1.73 -35.49 31.73
CA MET E 1 -0.65 -34.67 32.25
C MET E 1 -1.25 -33.54 33.10
N GLU E 2 -2.55 -33.30 32.89
CA GLU E 2 -3.27 -32.13 33.40
C GLU E 2 -2.59 -30.85 32.93
N LEU E 3 -2.70 -30.64 31.62
CA LEU E 3 -1.77 -29.77 30.91
C LEU E 3 -2.06 -28.30 31.18
N PHE E 4 -3.31 -27.93 31.47
CA PHE E 4 -3.56 -26.55 31.85
C PHE E 4 -3.02 -26.20 33.25
N GLN E 5 -2.87 -27.19 34.14
CA GLN E 5 -2.21 -26.90 35.41
C GLN E 5 -0.75 -26.56 35.20
N TYR E 6 -0.05 -27.34 34.36
CA TYR E 6 1.35 -27.09 34.10
C TYR E 6 1.53 -25.80 33.31
N MET E 7 0.58 -25.46 32.45
CA MET E 7 0.66 -24.16 31.78
C MET E 7 0.38 -23.02 32.75
N GLU E 8 -0.57 -23.19 33.67
CA GLU E 8 -0.97 -22.11 34.56
C GLU E 8 0.10 -21.81 35.60
N LYS E 9 0.86 -22.83 36.03
CA LYS E 9 1.90 -22.61 37.03
C LYS E 9 3.03 -21.72 36.51
N TYR E 10 3.40 -21.84 35.23
CA TYR E 10 4.54 -21.11 34.69
C TYR E 10 4.13 -20.03 33.70
N ASP E 11 2.84 -19.87 33.43
CA ASP E 11 2.28 -18.91 32.48
C ASP E 11 2.83 -19.15 31.07
N TYR E 12 2.60 -20.36 30.58
CA TYR E 12 2.80 -20.66 29.17
C TYR E 12 1.68 -20.05 28.37
N GLU E 13 2.02 -19.39 27.26
CA GLU E 13 0.96 -18.80 26.44
C GLU E 13 0.23 -19.87 25.64
N GLN E 14 0.93 -20.59 24.78
CA GLN E 14 0.30 -21.56 23.90
C GLN E 14 1.08 -22.85 23.83
N VAL E 15 0.33 -23.94 23.62
CA VAL E 15 0.85 -25.20 23.10
C VAL E 15 0.00 -25.51 21.88
N LEU E 16 0.61 -26.05 20.83
CA LEU E 16 -0.06 -26.11 19.55
C LEU E 16 0.33 -27.39 18.83
N PHE E 17 -0.63 -28.26 18.57
CA PHE E 17 -0.36 -29.58 18.02
C PHE E 17 -0.67 -29.57 16.53
N CYS E 18 0.37 -29.64 15.71
CA CYS E 18 0.22 -29.74 14.27
C CYS E 18 0.25 -31.19 13.84
N GLN E 19 -0.52 -31.50 12.80
CA GLN E 19 -0.63 -32.85 12.29
C GLN E 19 -0.92 -32.76 10.80
N ASP E 20 -0.26 -33.63 10.02
CA ASP E 20 -0.57 -33.72 8.59
C ASP E 20 -0.42 -35.18 8.18
N LYS E 21 -1.48 -35.74 7.60
CA LYS E 21 -1.58 -37.17 7.41
C LYS E 21 -0.89 -37.65 6.14
N GLU E 22 -1.01 -36.89 5.05
CA GLU E 22 -0.39 -37.28 3.79
C GLU E 22 1.11 -37.04 3.76
N SER E 23 1.67 -36.42 4.79
CA SER E 23 3.10 -36.26 4.93
C SER E 23 3.67 -36.91 6.18
N GLY E 24 2.85 -37.26 7.15
CA GLY E 24 3.31 -37.89 8.36
C GLY E 24 3.82 -36.95 9.43
N LEU E 25 3.43 -35.68 9.39
CA LEU E 25 3.93 -34.70 10.34
C LEU E 25 3.15 -34.76 11.65
N LYS E 26 3.88 -34.82 12.76
CA LYS E 26 3.33 -34.68 14.10
C LYS E 26 4.24 -33.72 14.85
N ALA E 27 3.79 -32.49 15.09
CA ALA E 27 4.64 -31.46 15.67
C ALA E 27 3.97 -30.80 16.87
N ILE E 28 4.78 -30.36 17.82
CA ILE E 28 4.32 -29.70 19.03
C ILE E 28 5.07 -28.39 19.11
N ILE E 29 4.39 -27.28 18.89
CA ILE E 29 5.02 -25.96 19.01
C ILE E 29 4.57 -25.37 20.33
N VAL E 30 5.51 -24.98 21.16
CA VAL E 30 5.20 -24.45 22.48
C VAL E 30 5.76 -23.05 22.59
N ILE E 31 4.90 -22.09 22.89
CA ILE E 31 5.24 -20.69 23.08
C ILE E 31 5.02 -20.35 24.53
N HIS E 32 6.08 -19.94 25.23
CA HIS E 32 6.02 -19.62 26.65
C HIS E 32 5.69 -18.16 26.90
N ASP E 33 6.48 -17.25 26.35
CA ASP E 33 6.28 -15.84 26.63
C ASP E 33 6.68 -15.06 25.39
N THR E 34 5.81 -14.17 24.95
CA THR E 34 6.09 -13.26 23.85
C THR E 34 5.92 -11.81 24.27
N THR E 35 6.40 -11.49 25.47
CA THR E 35 6.38 -10.11 25.95
C THR E 35 7.44 -9.27 25.26
N LEU E 36 8.68 -9.77 25.20
CA LEU E 36 9.78 -8.99 24.64
C LEU E 36 9.71 -8.92 23.13
N GLY E 37 9.39 -10.03 22.48
CA GLY E 37 9.26 -10.05 21.05
C GLY E 37 8.64 -11.34 20.59
N PRO E 38 8.87 -11.71 19.33
CA PRO E 38 8.42 -13.01 18.85
C PRO E 38 9.21 -14.15 19.46
N ALA E 39 8.56 -15.30 19.58
CA ALA E 39 9.18 -16.46 20.21
C ALA E 39 10.11 -17.12 19.22
N LEU E 40 11.41 -16.91 19.38
CA LEU E 40 12.38 -17.66 18.60
C LEU E 40 12.70 -18.97 19.32
N GLY E 41 12.71 -20.04 18.55
CA GLY E 41 13.05 -21.33 19.10
C GLY E 41 13.53 -22.33 18.08
N GLY E 42 14.25 -23.35 18.53
CA GLY E 42 14.72 -24.36 17.62
C GLY E 42 13.64 -25.33 17.22
N THR E 43 13.86 -26.00 16.10
CA THR E 43 13.03 -27.10 15.66
C THR E 43 13.81 -28.39 15.86
N ARG E 44 13.36 -29.21 16.77
CA ARG E 44 14.08 -30.41 17.17
CA ARG E 44 14.08 -30.41 17.17
C ARG E 44 13.28 -31.63 16.75
N MET E 45 13.94 -32.57 16.07
CA MET E 45 13.30 -33.78 15.59
C MET E 45 13.96 -34.97 16.27
N TRP E 46 13.16 -35.75 16.99
CA TRP E 46 13.68 -36.87 17.75
C TRP E 46 12.53 -37.82 18.06
N MET E 47 12.85 -39.12 18.11
CA MET E 47 11.83 -40.14 18.29
C MET E 47 11.61 -40.41 19.77
N TYR E 48 10.37 -40.31 20.21
CA TYR E 48 10.01 -40.52 21.60
C TYR E 48 9.19 -41.79 21.75
N ASN E 49 9.15 -42.30 22.97
CA ASN E 49 8.34 -43.48 23.26
C ASN E 49 6.87 -43.17 23.36
N SER E 50 6.51 -41.89 23.53
CA SER E 50 5.12 -41.50 23.73
C SER E 50 4.97 -40.04 23.31
N GLU E 51 3.75 -39.52 23.50
CA GLU E 51 3.49 -38.11 23.25
C GLU E 51 3.89 -37.24 24.43
N GLU E 52 3.70 -37.77 25.65
CA GLU E 52 3.90 -36.97 26.85
C GLU E 52 5.36 -36.63 27.07
N GLU E 53 6.27 -37.50 26.64
CA GLU E 53 7.70 -37.20 26.70
C GLU E 53 8.05 -36.00 25.83
N ALA E 54 7.52 -35.98 24.61
CA ALA E 54 7.73 -34.87 23.69
C ALA E 54 7.10 -33.59 24.22
N LEU E 55 5.95 -33.71 24.87
CA LEU E 55 5.28 -32.54 25.42
C LEU E 55 6.08 -31.92 26.56
N GLU E 56 6.53 -32.75 27.52
CA GLU E 56 7.37 -32.27 28.62
C GLU E 56 8.67 -31.66 28.11
N ASP E 57 9.26 -32.27 27.08
CA ASP E 57 10.51 -31.79 26.52
C ASP E 57 10.33 -30.42 25.88
N ALA E 58 9.24 -30.23 25.13
CA ALA E 58 8.97 -28.95 24.49
C ALA E 58 8.66 -27.86 25.50
N LEU E 59 7.97 -28.22 26.60
CA LEU E 59 7.63 -27.22 27.62
C LEU E 59 8.88 -26.74 28.36
N ARG E 60 9.75 -27.68 28.76
CA ARG E 60 11.01 -27.30 29.41
C ARG E 60 11.90 -26.47 28.51
N LEU E 61 12.01 -26.84 27.25
CA LEU E 61 12.88 -26.07 26.36
C LEU E 61 12.29 -24.72 25.99
N ALA E 62 10.96 -24.57 26.00
CA ALA E 62 10.35 -23.26 25.78
C ALA E 62 10.65 -22.32 26.93
N ARG E 63 10.56 -22.80 28.17
CA ARG E 63 10.91 -21.97 29.32
CA ARG E 63 10.91 -21.96 29.31
C ARG E 63 12.39 -21.60 29.31
N GLY E 64 13.25 -22.57 28.95
CA GLY E 64 14.68 -22.29 28.87
C GLY E 64 15.04 -21.28 27.81
N MET E 65 14.38 -21.35 26.65
CA MET E 65 14.62 -20.34 25.63
C MET E 65 14.10 -18.97 26.01
N THR E 66 13.03 -18.90 26.82
CA THR E 66 12.58 -17.61 27.33
C THR E 66 13.65 -16.95 28.17
N TYR E 67 14.21 -17.70 29.13
CA TYR E 67 15.25 -17.10 29.97
C TYR E 67 16.54 -16.82 29.20
N LYS E 68 16.88 -17.66 28.21
CA LYS E 68 18.07 -17.41 27.40
C LYS E 68 17.93 -16.16 26.55
N ASN E 69 16.79 -16.00 25.86
CA ASN E 69 16.60 -14.81 25.05
C ASN E 69 16.49 -13.55 25.91
N ALA E 70 15.93 -13.67 27.11
CA ALA E 70 15.80 -12.48 27.96
C ALA E 70 17.14 -12.05 28.53
N ALA E 71 17.95 -13.00 29.01
CA ALA E 71 19.23 -12.63 29.60
C ALA E 71 20.26 -12.21 28.57
N ALA E 72 20.08 -12.58 27.31
CA ALA E 72 21.03 -12.23 26.26
C ALA E 72 20.92 -10.79 25.81
N GLY E 73 19.82 -10.11 26.13
CA GLY E 73 19.59 -8.77 25.65
C GLY E 73 18.87 -8.69 24.33
N LEU E 74 18.11 -9.71 23.96
CA LEU E 74 17.44 -9.79 22.68
C LEU E 74 15.96 -9.45 22.84
N ASN E 75 15.38 -8.90 21.79
CA ASN E 75 13.95 -8.58 21.76
C ASN E 75 13.17 -9.75 21.17
N LEU E 76 13.29 -10.89 21.85
CA LEU E 76 12.74 -12.14 21.37
C LEU E 76 12.19 -12.90 22.55
N GLY E 77 11.16 -13.69 22.30
CA GLY E 77 10.53 -14.50 23.31
C GLY E 77 11.08 -15.91 23.35
N GLY E 78 10.35 -16.77 24.03
CA GLY E 78 10.78 -18.15 24.12
C GLY E 78 9.77 -19.16 23.62
N GLY E 79 10.21 -20.01 22.71
CA GLY E 79 9.39 -21.11 22.25
C GLY E 79 10.28 -22.25 21.82
N LYS E 80 9.65 -23.33 21.36
CA LYS E 80 10.35 -24.54 20.96
C LYS E 80 9.39 -25.46 20.23
N THR E 81 9.87 -26.02 19.12
CA THR E 81 9.12 -27.02 18.39
C THR E 81 9.77 -28.38 18.61
N VAL E 82 8.95 -29.40 18.81
CA VAL E 82 9.39 -30.79 18.76
C VAL E 82 8.61 -31.49 17.67
N ILE E 83 9.30 -32.00 16.67
CA ILE E 83 8.69 -32.89 15.68
C ILE E 83 8.92 -34.32 16.12
N ILE E 84 7.86 -35.10 16.20
CA ILE E 84 7.94 -36.49 16.63
C ILE E 84 8.18 -37.34 15.38
N GLY E 85 9.36 -37.91 15.28
CA GLY E 85 9.70 -38.76 14.16
C GLY E 85 11.14 -39.18 14.25
N ASP E 86 11.58 -39.90 13.23
CA ASP E 86 12.97 -40.33 13.16
C ASP E 86 13.67 -39.51 12.08
N PRO E 87 14.71 -38.75 12.40
CA PRO E 87 15.40 -37.95 11.37
C PRO E 87 16.28 -38.76 10.43
N ARG E 88 16.33 -40.08 10.55
CA ARG E 88 17.08 -40.91 9.63
C ARG E 88 16.21 -41.66 8.63
N LYS E 89 14.93 -41.85 8.95
CA LYS E 89 14.03 -42.59 8.07
C LYS E 89 12.73 -41.88 7.75
N ASP E 90 12.42 -40.75 8.38
CA ASP E 90 11.08 -40.17 8.29
C ASP E 90 11.15 -38.68 7.97
N LYS E 91 11.97 -38.30 7.00
CA LYS E 91 11.97 -36.96 6.47
C LYS E 91 11.62 -36.96 4.99
N ASN E 92 10.84 -35.98 4.58
CA ASN E 92 10.58 -35.70 3.18
C ASN E 92 10.24 -34.23 3.03
N GLU E 93 9.98 -33.81 1.80
CA GLU E 93 9.70 -32.40 1.53
C GLU E 93 8.34 -32.00 2.07
N ALA E 94 7.38 -32.93 2.06
CA ALA E 94 5.99 -32.57 2.28
C ALA E 94 5.72 -32.19 3.72
N MET E 95 6.41 -32.82 4.67
CA MET E 95 6.21 -32.46 6.06
C MET E 95 6.79 -31.09 6.39
N PHE E 96 7.88 -30.69 5.73
CA PHE E 96 8.39 -29.36 6.01
C PHE E 96 7.64 -28.28 5.24
N ARG E 97 7.04 -28.60 4.09
CA ARG E 97 6.15 -27.63 3.46
C ARG E 97 4.88 -27.43 4.29
N ALA E 98 4.33 -28.52 4.81
CA ALA E 98 3.18 -28.43 5.70
C ALA E 98 3.53 -27.67 6.98
N PHE E 99 4.70 -27.94 7.55
CA PHE E 99 5.12 -27.27 8.76
C PHE E 99 5.44 -25.79 8.54
N GLY E 100 5.98 -25.44 7.37
CA GLY E 100 6.17 -24.03 7.06
C GLY E 100 4.87 -23.30 6.89
N ARG E 101 3.84 -23.96 6.36
CA ARG E 101 2.53 -23.31 6.31
C ARG E 101 1.90 -23.18 7.70
N PHE E 102 2.18 -24.12 8.60
CA PHE E 102 1.70 -23.93 9.96
C PHE E 102 2.44 -22.82 10.69
N ILE E 103 3.70 -22.56 10.34
CA ILE E 103 4.39 -21.41 10.95
C ILE E 103 3.88 -20.10 10.36
N GLN E 104 3.63 -20.08 9.05
CA GLN E 104 3.03 -18.91 8.42
C GLN E 104 1.62 -18.65 8.93
N GLY E 105 0.93 -19.68 9.42
CA GLY E 105 -0.38 -19.49 10.02
C GLY E 105 -0.36 -18.90 11.41
N LEU E 106 0.82 -18.66 11.98
CA LEU E 106 0.94 -17.94 13.24
C LEU E 106 1.20 -16.46 13.05
N ASN E 107 1.52 -16.01 11.83
CA ASN E 107 1.76 -14.62 11.46
C ASN E 107 2.92 -14.01 12.27
N GLY E 108 4.07 -14.65 12.20
CA GLY E 108 5.27 -14.05 12.76
C GLY E 108 5.37 -14.09 14.27
N ARG E 109 4.40 -14.71 14.92
CA ARG E 109 4.37 -14.88 16.36
C ARG E 109 5.37 -15.92 16.85
N TYR E 110 5.90 -16.74 15.95
CA TYR E 110 6.89 -17.76 16.27
C TYR E 110 7.91 -17.87 15.15
N ILE E 111 9.19 -17.75 15.48
CA ILE E 111 10.29 -17.81 14.53
C ILE E 111 11.11 -19.05 14.84
N THR E 112 11.45 -19.82 13.82
CA THR E 112 12.11 -21.11 14.02
C THR E 112 13.57 -21.09 13.57
N ALA E 113 14.36 -21.97 14.18
CA ALA E 113 15.77 -22.13 13.85
C ALA E 113 16.08 -23.62 13.84
N GLU E 114 17.32 -23.97 13.55
CA GLU E 114 17.67 -25.38 13.59
C GLU E 114 18.16 -25.77 14.97
N ASP E 115 18.14 -27.06 15.22
CA ASP E 115 18.44 -27.60 16.54
C ASP E 115 18.83 -29.06 16.33
N VAL E 116 18.84 -29.86 17.41
CA VAL E 116 19.19 -31.26 17.33
C VAL E 116 18.09 -32.00 16.56
N GLY E 117 18.42 -32.46 15.36
CA GLY E 117 17.45 -33.22 14.60
C GLY E 117 17.29 -32.71 13.19
N THR E 118 17.43 -31.41 13.01
CA THR E 118 17.30 -30.77 11.71
C THR E 118 18.61 -30.14 11.30
N THR E 119 18.75 -29.93 10.00
CA THR E 119 19.94 -29.34 9.38
C THR E 119 19.54 -28.08 8.63
N VAL E 120 20.53 -27.36 8.09
CA VAL E 120 20.16 -26.31 7.15
C VAL E 120 20.13 -26.89 5.74
N ALA E 121 19.17 -27.78 5.53
CA ALA E 121 18.54 -28.10 4.27
C ALA E 121 17.06 -28.29 4.46
N ASP E 122 16.63 -28.51 5.69
CA ASP E 122 15.23 -28.54 6.07
C ASP E 122 14.72 -27.14 6.40
N MET E 123 15.60 -26.26 6.86
CA MET E 123 15.26 -24.83 6.91
C MET E 123 15.55 -24.14 5.58
N ASP E 124 15.22 -24.75 4.49
CA ASP E 124 15.16 -24.22 3.14
C ASP E 124 13.89 -24.67 2.46
N ILE E 125 13.35 -25.81 2.88
CA ILE E 125 12.03 -26.21 2.49
C ILE E 125 10.99 -25.41 3.26
N ILE E 126 11.27 -25.13 4.53
CA ILE E 126 10.43 -24.25 5.34
C ILE E 126 10.49 -22.83 4.81
N TYR E 127 11.66 -22.38 4.36
CA TYR E 127 11.80 -21.03 3.83
C TYR E 127 10.98 -20.81 2.56
N GLN E 128 10.66 -21.87 1.83
CA GLN E 128 9.77 -21.74 0.69
C GLN E 128 8.36 -21.39 1.09
N GLU E 129 7.96 -21.66 2.33
CA GLU E 129 6.61 -21.40 2.78
C GLU E 129 6.50 -20.25 3.77
N THR E 130 7.60 -19.70 4.27
CA THR E 130 7.53 -18.66 5.30
C THR E 130 8.79 -17.82 5.30
N ASP E 131 8.69 -16.64 5.89
CA ASP E 131 9.83 -15.81 6.23
C ASP E 131 10.33 -16.03 7.65
N TYR E 132 9.56 -16.73 8.49
CA TYR E 132 9.84 -16.72 9.92
C TYR E 132 10.72 -17.92 10.26
N VAL E 133 11.91 -17.88 9.70
CA VAL E 133 12.91 -18.92 9.84
C VAL E 133 14.27 -18.27 9.72
N THR E 134 15.20 -18.67 10.57
CA THR E 134 16.53 -18.07 10.58
C THR E 134 17.60 -19.14 10.44
N GLY E 135 18.72 -18.74 9.85
CA GLY E 135 19.72 -19.68 9.41
C GLY E 135 19.60 -20.10 7.96
N ILE E 136 19.14 -19.21 7.08
CA ILE E 136 18.69 -19.62 5.76
C ILE E 136 19.55 -19.03 4.65
N SER E 137 20.10 -17.84 4.89
CA SER E 137 20.56 -16.99 3.81
C SER E 137 21.94 -17.42 3.31
N PRO E 138 22.30 -17.05 2.08
CA PRO E 138 23.69 -17.25 1.66
C PRO E 138 24.67 -16.36 2.40
N GLU E 139 24.22 -15.21 2.92
CA GLU E 139 25.10 -14.37 3.74
C GLU E 139 25.43 -15.04 5.06
N PHE E 140 24.41 -15.51 5.79
CA PHE E 140 24.65 -16.30 6.99
C PHE E 140 25.20 -17.68 6.64
N GLY E 141 24.91 -18.19 5.44
CA GLY E 141 25.50 -19.44 5.00
C GLY E 141 26.98 -19.35 4.71
N SER E 142 27.48 -18.15 4.43
CA SER E 142 28.91 -17.94 4.21
C SER E 142 29.61 -17.49 5.50
N SER E 143 29.21 -16.35 6.06
CA SER E 143 29.96 -15.71 7.11
C SER E 143 29.34 -15.92 8.50
N GLY E 144 28.45 -16.90 8.64
CA GLY E 144 27.72 -17.08 9.87
C GLY E 144 27.98 -18.39 10.59
N ASN E 145 29.25 -18.76 10.73
CA ASN E 145 29.63 -19.95 11.48
C ASN E 145 29.27 -19.80 12.95
N PRO E 146 28.47 -20.71 13.52
CA PRO E 146 27.98 -20.49 14.90
C PRO E 146 29.05 -20.70 15.97
N SER E 147 29.99 -21.61 15.75
CA SER E 147 30.99 -21.99 16.74
C SER E 147 32.04 -20.92 17.08
N PRO E 148 32.56 -20.12 16.14
CA PRO E 148 33.40 -18.98 16.58
C PRO E 148 32.64 -17.95 17.38
N ALA E 149 31.35 -17.76 17.10
CA ALA E 149 30.53 -16.84 17.88
C ALA E 149 30.33 -17.37 19.29
N THR E 150 30.03 -18.67 19.42
CA THR E 150 29.81 -19.26 20.75
C THR E 150 31.09 -19.25 21.55
N ALA E 151 32.23 -19.50 20.90
CA ALA E 151 33.51 -19.45 21.59
C ALA E 151 33.90 -18.03 21.98
N TYR E 152 33.55 -17.04 21.16
CA TYR E 152 33.83 -15.66 21.52
C TYR E 152 32.99 -15.22 22.71
N GLY E 153 31.76 -15.72 22.79
CA GLY E 153 30.94 -15.48 23.97
C GLY E 153 31.46 -16.15 25.23
N VAL E 154 31.95 -17.39 25.09
CA VAL E 154 32.54 -18.10 26.23
C VAL E 154 33.82 -17.38 26.68
N TYR E 155 34.58 -16.84 25.72
CA TYR E 155 35.76 -16.03 26.00
C TYR E 155 35.41 -14.81 26.85
N ARG E 156 34.41 -14.04 26.44
CA ARG E 156 34.03 -12.83 27.18
C ARG E 156 33.46 -13.17 28.56
N GLY E 157 32.64 -14.22 28.65
CA GLY E 157 32.11 -14.62 29.95
C GLY E 157 33.18 -15.13 30.90
N MET E 158 34.21 -15.79 30.35
CA MET E 158 35.31 -16.23 31.19
C MET E 158 36.17 -15.05 31.66
N LYS E 159 36.28 -14.01 30.82
CA LYS E 159 36.90 -12.75 31.27
C LYS E 159 36.14 -12.13 32.44
N ALA E 160 34.81 -12.12 32.36
CA ALA E 160 34.01 -11.52 33.43
C ALA E 160 34.11 -12.34 34.72
N ALA E 161 34.09 -13.67 34.62
CA ALA E 161 34.26 -14.51 35.80
C ALA E 161 35.67 -14.41 36.36
N ALA E 162 36.67 -14.18 35.51
CA ALA E 162 38.03 -13.98 35.99
C ALA E 162 38.18 -12.67 36.73
N LYS E 163 37.51 -11.61 36.26
CA LYS E 163 37.56 -10.35 36.99
C LYS E 163 36.74 -10.42 38.28
N GLU E 164 35.72 -11.27 38.33
CA GLU E 164 35.01 -11.49 39.58
C GLU E 164 35.88 -12.22 40.60
N ALA E 165 36.51 -13.32 40.20
CA ALA E 165 37.20 -14.18 41.16
C ALA E 165 38.65 -13.77 41.43
N PHE E 166 39.25 -12.96 40.56
CA PHE E 166 40.66 -12.63 40.63
C PHE E 166 40.95 -11.15 40.82
N GLY E 167 40.10 -10.28 40.31
CA GLY E 167 40.32 -8.85 40.44
C GLY E 167 40.60 -8.20 39.10
N SER E 168 41.38 -8.86 38.26
CA SER E 168 41.66 -8.40 36.91
C SER E 168 41.26 -9.48 35.91
N ASP E 169 40.85 -9.04 34.73
CA ASP E 169 40.39 -9.96 33.69
C ASP E 169 41.52 -10.57 32.87
N SER E 170 42.77 -10.25 33.18
CA SER E 170 43.89 -10.78 32.41
C SER E 170 44.11 -12.25 32.74
N LEU E 171 44.07 -13.10 31.71
CA LEU E 171 44.32 -14.53 31.87
C LEU E 171 45.74 -14.92 31.49
N GLU E 172 46.65 -13.95 31.37
CA GLU E 172 48.03 -14.22 30.97
C GLU E 172 48.75 -14.87 32.13
N GLY E 173 48.82 -16.20 32.11
CA GLY E 173 49.40 -16.97 33.18
C GLY E 173 48.45 -17.86 33.94
N LYS E 174 47.30 -18.21 33.37
CA LYS E 174 46.30 -19.02 34.04
C LYS E 174 46.22 -20.40 33.42
N VAL E 175 45.62 -21.32 34.15
CA VAL E 175 45.56 -22.73 33.76
C VAL E 175 44.09 -23.07 33.53
N VAL E 176 43.74 -23.31 32.27
CA VAL E 176 42.35 -23.51 31.86
C VAL E 176 42.18 -24.97 31.47
N ALA E 177 41.31 -25.68 32.17
CA ALA E 177 41.03 -27.07 31.89
C ALA E 177 39.76 -27.19 31.05
N VAL E 178 39.89 -27.78 29.86
CA VAL E 178 38.80 -27.88 28.90
C VAL E 178 38.58 -29.35 28.59
N GLN E 179 37.33 -29.80 28.69
CA GLN E 179 36.97 -31.13 28.21
C GLN E 179 36.14 -31.02 26.94
N GLY E 180 36.39 -31.92 26.00
CA GLY E 180 35.86 -31.81 24.66
C GLY E 180 36.75 -30.92 23.82
N VAL E 181 37.10 -31.36 22.61
CA VAL E 181 37.90 -30.55 21.70
C VAL E 181 37.02 -30.42 20.45
N GLY E 182 35.72 -30.24 20.69
CA GLY E 182 34.80 -29.85 19.64
C GLY E 182 35.10 -28.45 19.09
N ASN E 183 34.27 -28.04 18.12
CA ASN E 183 34.54 -26.84 17.34
C ASN E 183 34.51 -25.58 18.20
N VAL E 184 33.52 -25.48 19.09
CA VAL E 184 33.44 -24.37 20.03
C VAL E 184 34.65 -24.37 20.96
N ALA E 185 34.99 -25.54 21.48
CA ALA E 185 36.13 -25.65 22.38
C ALA E 185 37.45 -25.43 21.65
N TYR E 186 37.54 -25.80 20.38
CA TYR E 186 38.77 -25.58 19.62
C TYR E 186 39.00 -24.10 19.35
N HIS E 187 37.93 -23.38 18.96
CA HIS E 187 38.07 -21.93 18.81
C HIS E 187 38.28 -21.22 20.15
N LEU E 188 37.73 -21.78 21.23
CA LEU E 188 38.00 -21.25 22.57
C LEU E 188 39.46 -21.40 22.94
N CYS E 189 40.04 -22.57 22.64
CA CYS E 189 41.47 -22.78 22.87
C CYS E 189 42.32 -21.88 21.99
N ARG E 190 41.87 -21.56 20.78
CA ARG E 190 42.58 -20.58 19.95
C ARG E 190 42.57 -19.19 20.58
N HIS E 191 41.42 -18.75 21.09
CA HIS E 191 41.35 -17.44 21.76
C HIS E 191 42.21 -17.40 23.01
N LEU E 192 42.18 -18.49 23.81
CA LEU E 192 42.97 -18.53 25.03
C LEU E 192 44.46 -18.63 24.75
N HIS E 193 44.85 -19.25 23.63
CA HIS E 193 46.26 -19.32 23.29
C HIS E 193 46.76 -18.01 22.70
N GLU E 194 45.93 -17.30 21.94
CA GLU E 194 46.32 -15.99 21.45
C GLU E 194 46.36 -14.96 22.58
N GLU E 195 45.60 -15.17 23.66
CA GLU E 195 45.80 -14.33 24.83
C GLU E 195 47.10 -14.68 25.54
N GLY E 196 47.45 -15.96 25.57
CA GLY E 196 48.63 -16.40 26.28
C GLY E 196 48.33 -17.04 27.63
N ALA E 197 47.40 -17.98 27.65
CA ALA E 197 47.06 -18.74 28.84
C ALA E 197 47.48 -20.19 28.68
N LYS E 198 47.81 -20.83 29.79
CA LYS E 198 48.22 -22.23 29.78
C LYS E 198 46.98 -23.11 29.74
N LEU E 199 46.96 -24.06 28.80
CA LEU E 199 45.78 -24.85 28.49
C LEU E 199 46.01 -26.32 28.80
N ILE E 200 44.96 -26.99 29.26
CA ILE E 200 44.96 -28.42 29.51
C ILE E 200 43.67 -28.98 28.93
N VAL E 201 43.77 -29.77 27.86
CA VAL E 201 42.61 -30.17 27.09
C VAL E 201 42.44 -31.69 27.17
N THR E 202 41.19 -32.12 26.97
CA THR E 202 40.90 -33.53 26.80
C THR E 202 39.62 -33.69 25.98
N ASP E 203 39.41 -34.90 25.48
CA ASP E 203 38.26 -35.24 24.66
C ASP E 203 38.15 -36.76 24.65
N ILE E 204 36.97 -37.24 24.25
CA ILE E 204 36.76 -38.68 24.10
C ILE E 204 37.62 -39.25 22.98
N ASN E 205 37.73 -38.52 21.87
CA ASN E 205 38.51 -38.97 20.73
C ASN E 205 39.97 -38.54 20.89
N LYS E 206 40.88 -39.47 20.56
CA LYS E 206 42.31 -39.21 20.71
C LYS E 206 42.82 -38.27 19.62
N GLU E 207 42.15 -38.25 18.45
CA GLU E 207 42.62 -37.47 17.32
C GLU E 207 42.48 -35.97 17.57
N ALA E 208 41.36 -35.55 18.17
CA ALA E 208 41.18 -34.14 18.49
C ALA E 208 42.14 -33.68 19.57
N VAL E 209 42.45 -34.55 20.54
CA VAL E 209 43.43 -34.23 21.56
C VAL E 209 44.81 -34.08 20.95
N ALA E 210 45.16 -34.96 20.00
CA ALA E 210 46.45 -34.87 19.31
C ALA E 210 46.54 -33.60 18.47
N ARG E 211 45.44 -33.21 17.81
CA ARG E 211 45.40 -31.95 17.07
C ARG E 211 45.58 -30.76 18.00
N ALA E 212 44.94 -30.78 19.16
CA ALA E 212 45.04 -29.67 20.10
C ALA E 212 46.44 -29.55 20.69
N VAL E 213 47.10 -30.69 20.95
CA VAL E 213 48.47 -30.66 21.47
C VAL E 213 49.44 -30.19 20.40
N GLU E 214 49.24 -30.62 19.14
CA GLU E 214 50.09 -30.14 18.05
C GLU E 214 49.89 -28.64 17.78
N GLU E 215 48.67 -28.13 17.96
CA GLU E 215 48.43 -26.74 17.60
C GLU E 215 48.73 -25.76 18.73
N PHE E 216 48.13 -25.96 19.90
CA PHE E 216 48.12 -24.90 20.91
C PHE E 216 48.91 -25.25 22.17
N GLY E 217 49.60 -26.38 22.18
CA GLY E 217 50.52 -26.70 23.26
C GLY E 217 49.87 -26.99 24.60
N ALA E 218 49.15 -28.10 24.68
CA ALA E 218 48.43 -28.48 25.89
C ALA E 218 48.87 -29.88 26.32
N LYS E 219 48.20 -30.41 27.34
CA LYS E 219 48.50 -31.72 27.90
C LYS E 219 47.45 -32.72 27.48
N ALA E 220 47.89 -33.84 26.91
CA ALA E 220 46.98 -34.94 26.55
C ALA E 220 46.59 -35.68 27.82
N VAL E 221 45.38 -35.42 28.30
CA VAL E 221 44.89 -35.93 29.58
C VAL E 221 43.75 -36.89 29.30
N ASP E 222 43.66 -37.96 30.09
CA ASP E 222 42.56 -38.91 29.99
C ASP E 222 41.23 -38.24 30.35
N PRO E 223 40.13 -38.69 29.74
CA PRO E 223 38.84 -38.02 29.99
C PRO E 223 38.25 -38.26 31.37
N ASN E 224 38.74 -39.23 32.14
CA ASN E 224 38.16 -39.54 33.44
C ASN E 224 38.75 -38.72 34.57
N ASP E 225 39.96 -38.19 34.41
CA ASP E 225 40.64 -37.46 35.49
C ASP E 225 40.89 -36.00 35.13
N ILE E 226 40.01 -35.40 34.33
CA ILE E 226 40.11 -33.97 34.07
C ILE E 226 39.58 -33.16 35.25
N TYR E 227 38.78 -33.79 36.12
CA TYR E 227 38.16 -33.06 37.22
C TYR E 227 39.17 -32.76 38.32
N GLY E 228 40.07 -33.71 38.60
CA GLY E 228 41.10 -33.58 39.60
C GLY E 228 42.35 -32.83 39.17
N VAL E 229 42.36 -32.26 37.97
CA VAL E 229 43.51 -31.46 37.54
C VAL E 229 43.49 -30.13 38.27
N GLU E 230 44.62 -29.78 38.88
CA GLU E 230 44.73 -28.51 39.59
C GLU E 230 44.78 -27.37 38.58
N CYS E 231 43.78 -26.48 38.64
CA CYS E 231 43.65 -25.39 37.70
C CYS E 231 42.86 -24.28 38.35
N ASP E 232 42.76 -23.16 37.64
CA ASP E 232 41.88 -22.07 38.06
C ASP E 232 40.49 -22.20 37.45
N ILE E 233 40.43 -22.19 36.11
CA ILE E 233 39.17 -22.16 35.38
C ILE E 233 38.94 -23.52 34.73
N PHE E 234 37.80 -24.13 35.00
CA PHE E 234 37.36 -25.32 34.32
C PHE E 234 36.26 -24.95 33.34
N ALA E 235 36.41 -25.38 32.08
CA ALA E 235 35.50 -24.99 31.00
C ALA E 235 34.86 -26.23 30.40
N PRO E 236 33.75 -26.71 30.95
CA PRO E 236 33.11 -27.91 30.41
C PRO E 236 32.40 -27.62 29.11
N CYS E 237 32.67 -28.46 28.10
CA CYS E 237 32.16 -28.19 26.76
C CYS E 237 31.67 -29.45 26.05
N ALA E 238 31.34 -30.51 26.77
CA ALA E 238 30.99 -31.77 26.13
C ALA E 238 29.53 -32.16 26.33
N LEU E 239 29.07 -32.33 27.56
CA LEU E 239 27.72 -32.82 27.81
C LEU E 239 27.14 -32.07 29.01
N GLY E 240 25.99 -32.54 29.48
CA GLY E 240 25.34 -32.02 30.66
C GLY E 240 25.21 -33.08 31.73
N GLY E 241 24.70 -32.65 32.89
CA GLY E 241 24.66 -33.54 34.03
C GLY E 241 26.03 -33.83 34.59
N ILE E 242 26.98 -32.92 34.41
CA ILE E 242 28.35 -33.14 34.86
C ILE E 242 28.44 -33.03 36.37
N ILE E 243 28.06 -31.87 36.91
CA ILE E 243 28.24 -31.56 38.31
C ILE E 243 27.20 -32.34 39.10
N ASN E 244 27.60 -33.49 39.65
CA ASN E 244 26.74 -34.24 40.56
C ASN E 244 27.54 -34.69 41.78
N ASP E 245 26.96 -35.59 42.59
CA ASP E 245 27.57 -35.98 43.85
C ASP E 245 28.87 -36.77 43.63
N GLN E 246 28.97 -37.45 42.48
CA GLN E 246 30.20 -38.17 42.16
C GLN E 246 31.34 -37.23 41.79
N THR E 247 31.03 -36.03 41.28
CA THR E 247 32.05 -35.19 40.66
C THR E 247 32.40 -33.93 41.43
N ILE E 248 31.63 -33.57 42.46
CA ILE E 248 31.94 -32.37 43.24
C ILE E 248 33.28 -32.43 43.99
N PRO E 249 33.59 -33.44 44.81
CA PRO E 249 34.81 -33.34 45.62
C PRO E 249 36.12 -33.58 44.87
N GLN E 250 36.15 -33.55 43.54
CA GLN E 250 37.40 -33.64 42.80
C GLN E 250 37.87 -32.29 42.26
N LEU E 251 37.04 -31.25 42.30
CA LEU E 251 37.44 -29.96 41.75
C LEU E 251 38.50 -29.29 42.62
N LYS E 252 39.68 -29.07 42.03
CA LYS E 252 40.67 -28.17 42.58
C LYS E 252 40.56 -26.77 42.00
N ALA E 253 39.48 -26.49 41.26
CA ALA E 253 39.29 -25.22 40.59
C ALA E 253 38.38 -24.31 41.39
N LYS E 254 38.22 -23.08 40.93
CA LYS E 254 37.36 -22.11 41.59
C LYS E 254 36.44 -21.36 40.64
N VAL E 255 36.61 -21.53 39.32
CA VAL E 255 35.77 -20.89 38.32
C VAL E 255 35.30 -21.96 37.34
N ILE E 256 34.00 -22.05 37.12
CA ILE E 256 33.42 -22.93 36.11
C ILE E 256 32.72 -22.05 35.08
N ALA E 257 33.18 -22.13 33.83
CA ALA E 257 32.58 -21.32 32.76
C ALA E 257 32.85 -22.01 31.42
N GLY E 258 31.83 -22.70 30.89
CA GLY E 258 31.97 -23.43 29.65
C GLY E 258 30.72 -23.31 28.80
N SER E 259 30.80 -23.90 27.61
CA SER E 259 29.73 -23.82 26.62
C SER E 259 28.75 -24.97 26.70
N ALA E 260 28.76 -25.73 27.79
CA ALA E 260 27.90 -26.90 27.88
C ALA E 260 26.50 -26.49 28.31
N ASN E 261 25.52 -27.25 27.83
CA ASN E 261 24.13 -27.05 28.20
C ASN E 261 23.78 -27.96 29.37
N ASN E 262 22.96 -27.43 30.30
CA ASN E 262 22.45 -28.13 31.47
C ASN E 262 23.58 -28.66 32.35
N GLN E 263 24.44 -27.73 32.78
CA GLN E 263 25.67 -28.12 33.46
C GLN E 263 25.38 -28.62 34.88
N LEU E 264 24.60 -27.88 35.65
CA LEU E 264 24.18 -28.35 36.95
C LEU E 264 23.13 -29.44 36.77
N LYS E 265 23.38 -30.61 37.35
CA LYS E 265 22.43 -31.71 37.21
C LYS E 265 21.15 -31.44 37.98
N GLU E 266 21.29 -30.90 39.19
CA GLU E 266 20.18 -30.52 40.06
C GLU E 266 20.56 -29.19 40.71
N PRO E 267 19.57 -28.36 41.09
CA PRO E 267 19.90 -27.06 41.71
C PRO E 267 20.55 -27.16 43.08
N ARG E 268 20.42 -28.30 43.77
CA ARG E 268 21.12 -28.50 45.03
CA ARG E 268 21.13 -28.46 45.03
C ARG E 268 22.64 -28.51 44.84
N HIS E 269 23.10 -28.95 43.66
CA HIS E 269 24.52 -28.91 43.37
C HIS E 269 25.00 -27.48 43.15
N GLY E 270 24.13 -26.63 42.59
CA GLY E 270 24.44 -25.21 42.53
C GLY E 270 24.47 -24.57 43.91
N ASP E 271 23.61 -25.04 44.82
CA ASP E 271 23.69 -24.58 46.20
C ASP E 271 25.00 -25.02 46.87
N MET E 272 25.46 -26.23 46.57
CA MET E 272 26.73 -26.71 47.11
C MET E 272 27.92 -25.92 46.56
N ILE E 273 27.89 -25.60 45.27
CA ILE E 273 28.95 -24.78 44.68
C ILE E 273 28.93 -23.38 45.26
N HIS E 274 27.73 -22.84 45.53
CA HIS E 274 27.63 -21.54 46.19
C HIS E 274 28.15 -21.59 47.63
N GLU E 275 28.02 -22.73 48.29
CA GLU E 275 28.62 -22.89 49.62
C GLU E 275 30.15 -22.95 49.53
N MET E 276 30.69 -23.70 48.57
CA MET E 276 32.13 -23.90 48.48
C MET E 276 32.89 -22.70 47.96
N GLY E 277 32.22 -21.65 47.52
CA GLY E 277 32.92 -20.48 47.02
C GLY E 277 33.46 -20.59 45.61
N ILE E 278 33.13 -21.67 44.90
CA ILE E 278 33.51 -21.78 43.49
C ILE E 278 32.63 -20.83 42.69
N VAL E 279 33.26 -19.90 41.99
CA VAL E 279 32.54 -18.90 41.22
C VAL E 279 31.93 -19.58 39.99
N TYR E 280 30.62 -19.75 40.00
CA TYR E 280 29.90 -20.40 38.91
C TYR E 280 29.16 -19.34 38.10
N ALA E 281 29.65 -19.08 36.90
CA ALA E 281 28.81 -18.29 36.02
C ALA E 281 27.79 -19.20 35.33
N PRO E 282 26.55 -18.75 35.19
CA PRO E 282 25.48 -19.67 34.79
C PRO E 282 25.58 -20.08 33.33
N ASP E 283 24.97 -21.23 33.02
CA ASP E 283 25.26 -21.90 31.76
C ASP E 283 24.59 -21.21 30.58
N TYR E 284 23.32 -20.81 30.70
CA TYR E 284 22.61 -20.24 29.57
C TYR E 284 22.90 -18.76 29.33
N VAL E 285 23.81 -18.16 30.09
CA VAL E 285 24.27 -16.81 29.81
C VAL E 285 25.61 -16.80 29.08
N ILE E 286 26.49 -17.75 29.40
CA ILE E 286 27.81 -17.81 28.77
C ILE E 286 27.69 -18.23 27.32
N ASN E 287 27.00 -19.35 27.06
CA ASN E 287 26.97 -19.94 25.73
C ASN E 287 25.91 -19.33 24.81
N ALA E 288 25.43 -18.13 25.13
CA ALA E 288 24.36 -17.51 24.37
C ALA E 288 24.83 -16.79 23.12
N GLY E 289 26.05 -17.04 22.65
CA GLY E 289 26.53 -16.35 21.48
C GLY E 289 25.93 -16.87 20.18
N GLY E 290 25.59 -18.15 20.13
CA GLY E 290 25.05 -18.71 18.90
C GLY E 290 23.63 -18.23 18.63
N VAL E 291 22.84 -18.05 19.69
CA VAL E 291 21.48 -17.56 19.54
C VAL E 291 21.49 -16.09 19.13
N ILE E 292 22.45 -15.32 19.65
CA ILE E 292 22.66 -13.95 19.18
C ILE E 292 23.08 -13.94 17.71
N ASN E 293 23.92 -14.89 17.30
CA ASN E 293 24.37 -14.93 15.91
C ASN E 293 23.23 -15.27 14.96
N VAL E 294 22.35 -16.20 15.35
CA VAL E 294 21.24 -16.53 14.47
C VAL E 294 20.10 -15.53 14.58
N ALA E 295 20.07 -14.73 15.65
CA ALA E 295 19.05 -13.69 15.78
C ALA E 295 19.45 -12.39 15.13
N ASP E 296 20.73 -12.17 14.87
CA ASP E 296 21.14 -10.97 14.16
C ASP E 296 20.83 -11.05 12.67
N GLU E 297 20.54 -12.24 12.15
CA GLU E 297 20.16 -12.41 10.75
C GLU E 297 18.85 -11.72 10.41
N LEU E 298 17.97 -11.51 11.40
CA LEU E 298 16.66 -10.90 11.17
C LEU E 298 16.76 -9.44 10.75
N TYR E 299 17.86 -8.77 11.04
CA TYR E 299 18.11 -7.41 10.60
C TYR E 299 18.66 -7.33 9.18
N GLY E 300 19.00 -8.46 8.58
CA GLY E 300 19.93 -8.47 7.47
C GLY E 300 21.32 -8.67 8.05
N TYR E 301 21.99 -9.75 7.65
CA TYR E 301 23.12 -10.24 8.43
C TYR E 301 24.35 -9.37 8.23
N ASN E 302 25.01 -9.05 9.33
CA ASN E 302 26.24 -8.27 9.30
C ASN E 302 27.10 -8.77 10.46
N ARG E 303 28.35 -9.12 10.16
CA ARG E 303 29.21 -9.79 11.12
C ARG E 303 29.67 -8.84 12.22
N GLU E 304 29.90 -7.57 11.89
CA GLU E 304 30.46 -6.63 12.87
C GLU E 304 29.43 -6.28 13.94
N ARG E 305 28.17 -6.03 13.54
CA ARG E 305 27.10 -5.78 14.49
C ARG E 305 26.84 -6.99 15.38
N ALA E 306 26.91 -8.19 14.79
CA ALA E 306 26.69 -9.41 15.56
C ALA E 306 27.77 -9.61 16.60
N MET E 307 29.05 -9.44 16.22
CA MET E 307 30.13 -9.64 17.19
C MET E 307 30.17 -8.52 18.22
N LYS E 308 29.74 -7.31 17.84
CA LYS E 308 29.60 -6.23 18.81
C LYS E 308 28.50 -6.52 19.81
N LYS E 309 27.47 -7.27 19.41
CA LYS E 309 26.46 -7.68 20.37
C LYS E 309 26.93 -8.85 21.24
N ILE E 310 27.72 -9.77 20.67
CA ILE E 310 28.25 -10.92 21.43
C ILE E 310 29.27 -10.47 22.48
N GLU E 311 29.91 -9.31 22.26
CA GLU E 311 30.85 -8.75 23.23
C GLU E 311 30.21 -8.48 24.60
N GLN E 312 28.91 -8.19 24.64
CA GLN E 312 28.24 -7.78 25.87
C GLN E 312 27.94 -8.93 26.85
N ILE E 313 28.39 -10.16 26.57
CA ILE E 313 28.22 -11.26 27.51
C ILE E 313 29.10 -11.04 28.75
N TYR E 314 30.18 -10.27 28.59
CA TYR E 314 30.96 -9.73 29.69
C TYR E 314 30.08 -8.96 30.68
N ASP E 315 29.32 -7.98 30.17
CA ASP E 315 28.45 -7.18 31.04
C ASP E 315 27.26 -8.00 31.55
N ASN E 316 26.83 -9.01 30.79
CA ASN E 316 25.74 -9.87 31.24
C ASN E 316 26.16 -10.69 32.47
N ILE E 317 27.32 -11.35 32.40
CA ILE E 317 27.87 -12.06 33.55
C ILE E 317 28.16 -11.11 34.70
N GLU E 318 28.58 -9.88 34.40
CA GLU E 318 28.82 -8.89 35.45
C GLU E 318 27.53 -8.52 36.18
N LYS E 319 26.42 -8.39 35.44
CA LYS E 319 25.14 -8.12 36.08
C LYS E 319 24.62 -9.32 36.88
N VAL E 320 24.88 -10.55 36.40
CA VAL E 320 24.50 -11.74 37.18
C VAL E 320 25.23 -11.76 38.51
N PHE E 321 26.53 -11.48 38.50
CA PHE E 321 27.30 -11.44 39.74
C PHE E 321 26.90 -10.27 40.64
N ALA E 322 26.49 -9.14 40.04
CA ALA E 322 26.01 -8.01 40.83
C ALA E 322 24.70 -8.34 41.55
N ILE E 323 23.77 -9.00 40.86
CA ILE E 323 22.52 -9.39 41.50
C ILE E 323 22.75 -10.48 42.55
N ALA E 324 23.69 -11.40 42.29
CA ALA E 324 23.98 -12.46 43.25
C ALA E 324 24.62 -11.90 44.51
N LYS E 325 25.48 -10.89 44.39
CA LYS E 325 26.02 -10.26 45.59
C LYS E 325 25.00 -9.34 46.24
N ARG E 326 24.03 -8.84 45.48
CA ARG E 326 23.04 -7.93 46.03
CA ARG E 326 23.05 -7.92 46.04
C ARG E 326 22.04 -8.65 46.91
N ASP E 327 21.53 -9.80 46.45
CA ASP E 327 20.47 -10.49 47.17
C ASP E 327 20.98 -11.69 47.95
N ASN E 328 22.30 -11.96 47.89
CA ASN E 328 22.96 -13.09 48.58
C ASN E 328 22.34 -14.43 48.21
N ILE E 329 22.20 -14.64 46.91
CA ILE E 329 21.54 -15.82 46.35
C ILE E 329 22.56 -16.50 45.44
N PRO E 330 22.38 -17.78 45.13
CA PRO E 330 23.25 -18.43 44.14
C PRO E 330 23.06 -17.84 42.75
N THR E 331 24.06 -18.07 41.90
CA THR E 331 24.11 -17.38 40.62
C THR E 331 23.14 -17.96 39.60
N TYR E 332 22.77 -19.24 39.74
CA TYR E 332 21.76 -19.78 38.84
C TYR E 332 20.37 -19.24 39.16
N VAL E 333 20.15 -18.80 40.40
CA VAL E 333 18.95 -18.06 40.75
C VAL E 333 19.08 -16.62 40.29
N ALA E 334 20.29 -16.06 40.36
CA ALA E 334 20.52 -14.68 39.97
C ALA E 334 20.30 -14.46 38.48
N ALA E 335 20.60 -15.46 37.66
CA ALA E 335 20.37 -15.32 36.22
C ALA E 335 18.88 -15.33 35.88
N ASP E 336 18.11 -16.20 36.55
CA ASP E 336 16.66 -16.21 36.37
C ASP E 336 16.03 -14.90 36.83
N ARG E 337 16.50 -14.35 37.94
CA ARG E 337 15.94 -13.09 38.42
C ARG E 337 16.35 -11.91 37.55
N MET E 338 17.56 -11.94 36.98
CA MET E 338 17.95 -10.97 35.97
C MET E 338 17.01 -10.98 34.78
N ALA E 339 16.72 -12.19 34.27
CA ALA E 339 15.84 -12.29 33.09
C ALA E 339 14.41 -11.86 33.40
N GLU E 340 13.90 -12.24 34.57
CA GLU E 340 12.54 -11.87 34.93
C GLU E 340 12.39 -10.38 35.20
N GLU E 341 13.42 -9.76 35.80
CA GLU E 341 13.38 -8.31 35.98
C GLU E 341 13.47 -7.58 34.66
N ARG E 342 14.21 -8.14 33.67
CA ARG E 342 14.21 -7.50 32.36
C ARG E 342 12.85 -7.60 31.69
N ILE E 343 12.18 -8.75 31.82
CA ILE E 343 10.85 -8.91 31.20
C ILE E 343 9.83 -7.98 31.84
N GLU E 344 9.83 -7.89 33.17
CA GLU E 344 8.86 -7.01 33.87
C GLU E 344 9.12 -5.54 33.59
N THR E 345 10.40 -5.14 33.55
CA THR E 345 10.73 -3.75 33.30
C THR E 345 10.42 -3.36 31.86
N MET E 346 10.66 -4.24 30.91
CA MET E 346 10.35 -3.89 29.54
C MET E 346 8.86 -3.98 29.25
N ARG E 347 8.08 -4.64 30.08
CA ARG E 347 6.64 -4.53 29.96
CA ARG E 347 6.64 -4.53 29.96
C ARG E 347 6.14 -3.21 30.52
N LYS E 348 6.69 -2.79 31.66
CA LYS E 348 6.22 -1.55 32.28
C LYS E 348 6.81 -0.28 31.67
N ALA E 349 7.85 -0.38 30.83
CA ALA E 349 8.50 0.80 30.27
C ALA E 349 8.24 1.01 28.79
N ARG E 350 7.64 0.06 28.11
CA ARG E 350 7.22 0.21 26.72
C ARG E 350 5.71 0.24 26.60
N SER E 351 5.05 0.94 27.53
CA SER E 351 3.60 0.88 27.64
C SER E 351 2.88 2.04 26.98
N GLN E 352 3.57 3.14 26.68
CA GLN E 352 2.89 4.27 26.07
C GLN E 352 2.53 4.00 24.62
N PHE E 353 1.40 4.56 24.21
CA PHE E 353 0.76 4.21 22.95
C PHE E 353 1.53 4.72 21.74
N LEU E 354 1.65 3.87 20.73
CA LEU E 354 2.11 4.24 19.41
C LEU E 354 1.31 3.42 18.41
N GLN E 355 0.97 4.01 17.27
CA GLN E 355 0.29 3.26 16.23
C GLN E 355 1.22 2.87 15.10
N ASN E 356 2.51 3.10 15.26
CA ASN E 356 3.52 2.73 14.28
C ASN E 356 4.78 2.20 14.97
N GLY E 357 4.59 1.32 15.95
CA GLY E 357 5.72 0.83 16.72
C GLY E 357 6.57 -0.17 15.96
N HIS E 358 7.85 -0.19 16.28
CA HIS E 358 8.79 -1.12 15.69
C HIS E 358 8.98 -2.35 16.57
N HIS E 359 9.22 -3.48 15.94
CA HIS E 359 9.57 -4.72 16.58
C HIS E 359 10.64 -5.40 15.74
N ILE E 360 10.89 -6.69 16.00
CA ILE E 360 12.00 -7.37 15.37
C ILE E 360 11.69 -7.68 13.92
N LEU E 361 10.41 -7.67 13.52
CA LEU E 361 9.97 -8.08 12.19
C LEU E 361 9.48 -6.90 11.39
N SER E 362 9.74 -5.69 11.83
CA SER E 362 9.24 -4.51 11.15
C SER E 362 10.07 -4.24 9.91
N ARG E 363 9.40 -3.73 8.88
CA ARG E 363 10.07 -3.33 7.65
C ARG E 363 10.37 -1.85 7.75
N ARG E 364 11.65 -1.50 7.81
CA ARG E 364 12.02 -0.13 8.08
C ARG E 364 12.96 0.41 7.01
N ARG E 365 13.44 1.64 7.24
CA ARG E 365 14.26 2.32 6.26
CA ARG E 365 14.27 2.33 6.27
C ARG E 365 15.63 1.67 6.15
N ALA E 366 16.15 1.62 4.92
CA ALA E 366 17.39 0.90 4.64
C ALA E 366 18.60 1.58 5.28
N ARG E 367 18.85 2.83 4.90
CA ARG E 367 19.95 3.67 5.40
C ARG E 367 21.33 3.02 5.25
N MET F 1 -4.80 -39.39 26.36
CA MET F 1 -5.82 -39.58 25.35
C MET F 1 -5.18 -40.19 24.09
N GLU F 2 -3.85 -40.07 24.03
CA GLU F 2 -3.04 -40.36 22.83
C GLU F 2 -3.54 -39.51 21.66
N LEU F 3 -3.30 -38.21 21.80
CA LEU F 3 -4.06 -37.22 21.06
C LEU F 3 -3.65 -37.14 19.60
N PHE F 4 -2.39 -37.47 19.27
CA PHE F 4 -2.02 -37.54 17.86
C PHE F 4 -2.63 -38.74 17.14
N GLN F 5 -2.97 -39.82 17.84
CA GLN F 5 -3.70 -40.90 17.20
C GLN F 5 -5.10 -40.46 16.79
N TYR F 6 -5.79 -39.77 17.70
CA TYR F 6 -7.14 -39.30 17.40
C TYR F 6 -7.11 -38.20 16.35
N MET F 7 -6.05 -37.40 16.31
CA MET F 7 -5.93 -36.43 15.22
C MET F 7 -5.62 -37.12 13.90
N GLU F 8 -4.77 -38.15 13.92
CA GLU F 8 -4.33 -38.79 12.68
C GLU F 8 -5.44 -39.61 12.04
N LYS F 9 -6.34 -40.19 12.85
CA LYS F 9 -7.45 -40.98 12.31
C LYS F 9 -8.41 -40.14 11.48
N TYR F 10 -8.70 -38.90 11.89
CA TYR F 10 -9.69 -38.08 11.23
C TYR F 10 -9.09 -36.91 10.47
N ASP F 11 -7.76 -36.75 10.49
CA ASP F 11 -7.03 -35.65 9.85
C ASP F 11 -7.49 -34.29 10.39
N TYR F 12 -7.35 -34.13 11.70
CA TYR F 12 -7.46 -32.83 12.33
C TYR F 12 -6.21 -32.03 12.03
N GLU F 13 -6.38 -30.76 11.65
CA GLU F 13 -5.22 -29.94 11.38
C GLU F 13 -4.53 -29.51 12.67
N GLN F 14 -5.24 -28.78 13.52
CA GLN F 14 -4.64 -28.25 14.73
C GLN F 14 -5.54 -28.40 15.93
N VAL F 15 -4.91 -28.54 17.09
CA VAL F 15 -5.51 -28.29 18.40
C VAL F 15 -4.60 -27.29 19.08
N LEU F 16 -5.17 -26.34 19.81
CA LEU F 16 -4.40 -25.19 20.25
C LEU F 16 -4.87 -24.76 21.63
N PHE F 17 -3.99 -24.83 22.62
CA PHE F 17 -4.35 -24.59 24.01
C PHE F 17 -3.92 -23.18 24.39
N CYS F 18 -4.89 -22.29 24.58
CA CYS F 18 -4.63 -20.95 25.05
C CYS F 18 -4.78 -20.88 26.56
N GLN F 19 -3.96 -20.04 27.18
CA GLN F 19 -3.97 -19.89 28.62
C GLN F 19 -3.55 -18.46 28.94
N ASP F 20 -4.21 -17.85 29.91
CA ASP F 20 -3.80 -16.53 30.39
C ASP F 20 -4.08 -16.47 31.89
N LYS F 21 -3.04 -16.16 32.66
CA LYS F 21 -3.08 -16.34 34.10
C LYS F 21 -3.72 -15.15 34.82
N GLU F 22 -3.43 -13.93 34.38
CA GLU F 22 -3.97 -12.74 35.02
C GLU F 22 -5.42 -12.49 34.66
N SER F 23 -5.99 -13.27 33.76
CA SER F 23 -7.42 -13.22 33.45
C SER F 23 -8.15 -14.52 33.72
N GLY F 24 -7.45 -15.63 33.88
CA GLY F 24 -8.09 -16.90 34.14
C GLY F 24 -8.57 -17.64 32.92
N LEU F 25 -8.04 -17.35 31.74
CA LEU F 25 -8.52 -17.96 30.52
C LEU F 25 -7.86 -19.32 30.31
N LYS F 26 -8.68 -20.33 30.03
CA LYS F 26 -8.23 -21.65 29.60
C LYS F 26 -9.10 -22.04 28.40
N ALA F 27 -8.54 -22.02 27.20
CA ALA F 27 -9.32 -22.24 25.99
C ALA F 27 -8.68 -23.30 25.11
N ILE F 28 -9.52 -24.03 24.38
CA ILE F 28 -9.09 -25.08 23.47
C ILE F 28 -9.70 -24.76 22.12
N ILE F 29 -8.89 -24.35 21.17
CA ILE F 29 -9.37 -24.08 19.82
C ILE F 29 -8.98 -25.26 18.95
N VAL F 30 -9.94 -25.87 18.29
CA VAL F 30 -9.69 -27.04 17.47
C VAL F 30 -10.10 -26.74 16.04
N ILE F 31 -9.16 -26.90 15.12
CA ILE F 31 -9.37 -26.70 13.69
C ILE F 31 -9.23 -28.05 13.01
N HIS F 32 -10.30 -28.50 12.35
CA HIS F 32 -10.32 -29.80 11.70
C HIS F 32 -9.86 -29.73 10.25
N ASP F 33 -10.49 -28.89 9.45
CA ASP F 33 -10.18 -28.84 8.03
C ASP F 33 -10.37 -27.41 7.56
N THR F 34 -9.39 -26.86 6.88
CA THR F 34 -9.46 -25.55 6.26
C THR F 34 -9.18 -25.62 4.77
N THR F 35 -9.71 -26.65 4.12
CA THR F 35 -9.59 -26.78 2.67
C THR F 35 -10.50 -25.79 1.95
N LEU F 36 -11.77 -25.73 2.34
CA LEU F 36 -12.73 -24.88 1.64
C LEU F 36 -12.52 -23.41 1.95
N GLY F 37 -12.28 -23.09 3.21
CA GLY F 37 -12.03 -21.73 3.60
C GLY F 37 -11.51 -21.66 5.02
N PRO F 38 -11.67 -20.52 5.67
CA PRO F 38 -11.33 -20.42 7.08
C PRO F 38 -12.29 -21.20 7.96
N ALA F 39 -11.78 -21.66 9.10
CA ALA F 39 -12.56 -22.49 10.00
C ALA F 39 -13.48 -21.59 10.81
N LEU F 40 -14.76 -21.55 10.46
CA LEU F 40 -15.74 -20.88 11.30
C LEU F 40 -16.25 -21.85 12.35
N GLY F 41 -16.32 -21.38 13.58
CA GLY F 41 -16.84 -22.18 14.66
C GLY F 41 -17.34 -21.39 15.83
N GLY F 42 -18.20 -21.99 16.64
CA GLY F 42 -18.70 -21.31 17.81
C GLY F 42 -17.69 -21.28 18.93
N THR F 43 -17.90 -20.33 19.84
CA THR F 43 -17.15 -20.26 21.08
C THR F 43 -18.07 -20.68 22.21
N ARG F 44 -17.80 -21.81 22.81
CA ARG F 44 -18.68 -22.41 23.80
CA ARG F 44 -18.68 -22.41 23.80
C ARG F 44 -17.98 -22.39 25.15
N MET F 45 -18.68 -21.88 26.18
CA MET F 45 -18.14 -21.78 27.52
C MET F 45 -18.98 -22.66 28.43
N TRP F 46 -18.34 -23.63 29.07
CA TRP F 46 -19.03 -24.58 29.92
C TRP F 46 -18.03 -25.23 30.86
N MET F 47 -18.47 -25.56 32.07
CA MET F 47 -17.60 -26.10 33.09
C MET F 47 -17.54 -27.61 32.99
N TYR F 48 -16.33 -28.14 32.90
CA TYR F 48 -16.11 -29.57 32.78
C TYR F 48 -15.45 -30.12 34.03
N ASN F 49 -15.56 -31.42 34.22
CA ASN F 49 -14.93 -32.07 35.36
C ASN F 49 -13.43 -32.25 35.15
N SER F 50 -12.96 -32.14 33.91
CA SER F 50 -11.56 -32.40 33.59
C SER F 50 -11.21 -31.65 32.31
N GLU F 51 -9.98 -31.84 31.86
CA GLU F 51 -9.54 -31.28 30.59
C GLU F 51 -9.94 -32.17 29.42
N GLU F 52 -9.91 -33.49 29.64
CA GLU F 52 -10.11 -34.43 28.55
C GLU F 52 -11.55 -34.41 28.04
N GLU F 53 -12.52 -34.10 28.91
CA GLU F 53 -13.89 -33.94 28.49
C GLU F 53 -14.04 -32.76 27.52
N ALA F 54 -13.41 -31.64 27.86
CA ALA F 54 -13.42 -30.47 27.00
C ALA F 54 -12.71 -30.73 25.68
N LEU F 55 -11.64 -31.51 25.73
CA LEU F 55 -10.88 -31.83 24.52
C LEU F 55 -11.70 -32.71 23.57
N GLU F 56 -12.33 -33.77 24.09
CA GLU F 56 -13.20 -34.62 23.27
C GLU F 56 -14.37 -33.84 22.70
N ASP F 57 -14.93 -32.94 23.51
CA ASP F 57 -16.08 -32.15 23.08
C ASP F 57 -15.70 -31.21 21.93
N ALA F 58 -14.54 -30.56 22.03
CA ALA F 58 -14.07 -29.67 20.99
C ALA F 58 -13.74 -30.41 19.71
N LEU F 59 -13.18 -31.63 19.83
CA LEU F 59 -12.83 -32.40 18.64
C LEU F 59 -14.08 -32.86 17.88
N ARG F 60 -15.08 -33.39 18.61
CA ARG F 60 -16.33 -33.79 17.98
C ARG F 60 -17.05 -32.62 17.33
N LEU F 61 -17.09 -31.48 18.00
CA LEU F 61 -17.79 -30.34 17.41
C LEU F 61 -17.03 -29.72 16.25
N ALA F 62 -15.70 -29.84 16.22
CA ALA F 62 -14.93 -29.38 15.06
C ALA F 62 -15.22 -30.23 13.83
N ARG F 63 -15.29 -31.55 13.99
CA ARG F 63 -15.66 -32.42 12.87
CA ARG F 63 -15.65 -32.41 12.86
C ARG F 63 -17.08 -32.15 12.40
N GLY F 64 -17.99 -31.95 13.35
CA GLY F 64 -19.37 -31.66 12.98
C GLY F 64 -19.53 -30.35 12.24
N MET F 65 -18.79 -29.32 12.65
CA MET F 65 -18.85 -28.06 11.92
C MET F 65 -18.21 -28.15 10.55
N THR F 66 -17.20 -29.03 10.37
CA THR F 66 -16.66 -29.26 9.03
C THR F 66 -17.72 -29.80 8.09
N TYR F 67 -18.43 -30.84 8.52
CA TYR F 67 -19.47 -31.39 7.64
C TYR F 67 -20.66 -30.44 7.46
N LYS F 68 -21.00 -29.66 8.50
CA LYS F 68 -22.08 -28.69 8.36
C LYS F 68 -21.73 -27.58 7.38
N ASN F 69 -20.54 -26.99 7.49
CA ASN F 69 -20.14 -25.95 6.56
C ASN F 69 -19.97 -26.48 5.15
N ALA F 70 -19.53 -27.73 5.00
CA ALA F 70 -19.34 -28.27 3.65
C ALA F 70 -20.67 -28.58 2.99
N ALA F 71 -21.63 -29.18 3.71
CA ALA F 71 -22.91 -29.52 3.11
C ALA F 71 -23.79 -28.31 2.86
N ALA F 72 -23.54 -27.20 3.56
CA ALA F 72 -24.37 -26.00 3.40
C ALA F 72 -24.06 -25.24 2.13
N GLY F 73 -22.93 -25.50 1.49
CA GLY F 73 -22.52 -24.74 0.34
C GLY F 73 -21.68 -23.52 0.66
N LEU F 74 -21.01 -23.50 1.80
CA LEU F 74 -20.23 -22.36 2.25
C LEU F 74 -18.75 -22.58 2.01
N ASN F 75 -18.02 -21.50 1.80
CA ASN F 75 -16.57 -21.56 1.62
C ASN F 75 -15.88 -21.35 2.95
N LEU F 76 -16.17 -22.27 3.87
CA LEU F 76 -15.74 -22.17 5.25
C LEU F 76 -15.36 -23.56 5.73
N GLY F 77 -14.41 -23.61 6.64
CA GLY F 77 -13.96 -24.85 7.22
C GLY F 77 -14.65 -25.17 8.52
N GLY F 78 -14.08 -26.12 9.24
CA GLY F 78 -14.67 -26.49 10.51
C GLY F 78 -13.74 -26.36 11.69
N GLY F 79 -14.18 -25.64 12.71
CA GLY F 79 -13.45 -25.55 13.95
C GLY F 79 -14.42 -25.32 15.09
N LYS F 80 -13.87 -25.21 16.29
CA LYS F 80 -14.67 -25.04 17.50
C LYS F 80 -13.76 -24.66 18.65
N THR F 81 -14.19 -23.68 19.44
CA THR F 81 -13.51 -23.29 20.65
C THR F 81 -14.32 -23.76 21.85
N VAL F 82 -13.64 -24.29 22.85
CA VAL F 82 -14.22 -24.54 24.16
C VAL F 82 -13.43 -23.74 25.18
N ILE F 83 -14.08 -22.83 25.87
CA ILE F 83 -13.48 -22.16 27.02
C ILE F 83 -13.90 -22.90 28.28
N ILE F 84 -12.94 -23.29 29.09
CA ILE F 84 -13.22 -24.02 30.32
C ILE F 84 -13.43 -23.01 31.44
N GLY F 85 -14.67 -22.92 31.91
CA GLY F 85 -14.99 -22.01 32.99
C GLY F 85 -16.48 -22.04 33.24
N ASP F 86 -16.91 -21.18 34.16
CA ASP F 86 -18.32 -21.07 34.47
C ASP F 86 -18.82 -19.76 33.90
N PRO F 87 -19.81 -19.77 33.00
CA PRO F 87 -20.32 -18.51 32.43
C PRO F 87 -21.20 -17.70 33.37
N ARG F 88 -21.39 -18.13 34.61
CA ARG F 88 -22.16 -17.36 35.57
C ARG F 88 -21.29 -16.68 36.62
N LYS F 89 -20.07 -17.17 36.84
CA LYS F 89 -19.19 -16.60 37.85
C LYS F 89 -17.79 -16.26 37.35
N ASP F 90 -17.42 -16.63 36.13
CA ASP F 90 -16.02 -16.54 35.70
C ASP F 90 -15.91 -15.87 34.35
N LYS F 91 -16.58 -14.74 34.16
CA LYS F 91 -16.39 -13.91 32.99
C LYS F 91 -15.93 -12.53 33.40
N ASN F 92 -15.01 -11.98 32.62
CA ASN F 92 -14.61 -10.59 32.73
C ASN F 92 -14.11 -10.12 31.37
N GLU F 93 -13.69 -8.86 31.30
CA GLU F 93 -13.24 -8.29 30.04
C GLU F 93 -11.89 -8.86 29.63
N ALA F 94 -11.04 -9.17 30.61
CA ALA F 94 -9.64 -9.45 30.32
C ALA F 94 -9.46 -10.78 29.61
N MET F 95 -10.29 -11.77 29.92
CA MET F 95 -10.17 -13.05 29.24
C MET F 95 -10.64 -12.97 27.80
N PHE F 96 -11.61 -12.12 27.48
CA PHE F 96 -12.00 -12.01 26.08
C PHE F 96 -11.07 -11.09 25.30
N ARG F 97 -10.41 -10.12 25.95
CA ARG F 97 -9.37 -9.38 25.24
C ARG F 97 -8.17 -10.26 24.96
N ALA F 98 -7.78 -11.09 25.92
CA ALA F 98 -6.71 -12.05 25.70
C ALA F 98 -7.07 -13.06 24.62
N PHE F 99 -8.31 -13.55 24.64
CA PHE F 99 -8.76 -14.51 23.65
C PHE F 99 -8.91 -13.90 22.26
N GLY F 100 -9.30 -12.63 22.17
CA GLY F 100 -9.31 -11.97 20.87
C GLY F 100 -7.92 -11.77 20.31
N ARG F 101 -6.92 -11.53 21.17
CA ARG F 101 -5.56 -11.46 20.67
C ARG F 101 -5.05 -12.84 20.25
N PHE F 102 -5.50 -13.90 20.90
CA PHE F 102 -5.10 -15.23 20.42
C PHE F 102 -5.78 -15.58 19.10
N ILE F 103 -6.97 -15.04 18.83
CA ILE F 103 -7.59 -15.27 17.51
C ILE F 103 -6.90 -14.45 16.44
N GLN F 104 -6.52 -13.21 16.77
CA GLN F 104 -5.76 -12.37 15.86
C GLN F 104 -4.37 -12.96 15.59
N GLY F 105 -3.85 -13.76 16.52
CA GLY F 105 -2.58 -14.43 16.30
C GLY F 105 -2.65 -15.63 15.37
N LEU F 106 -3.84 -15.98 14.90
CA LEU F 106 -3.98 -17.02 13.87
C LEU F 106 -4.07 -16.45 12.47
N ASN F 107 -4.23 -15.13 12.33
CA ASN F 107 -4.29 -14.41 11.06
C ASN F 107 -5.43 -14.91 10.17
N GLY F 108 -6.65 -14.87 10.71
CA GLY F 108 -7.81 -15.14 9.89
C GLY F 108 -8.05 -16.59 9.54
N ARG F 109 -7.21 -17.48 10.05
CA ARG F 109 -7.31 -18.91 9.85
C ARG F 109 -8.45 -19.52 10.65
N TYR F 110 -9.01 -18.80 11.62
CA TYR F 110 -10.11 -19.25 12.44
C TYR F 110 -11.03 -18.08 12.75
N ILE F 111 -12.32 -18.24 12.44
CA ILE F 111 -13.34 -17.21 12.64
C ILE F 111 -14.32 -17.72 13.69
N THR F 112 -14.65 -16.89 14.67
CA THR F 112 -15.46 -17.32 15.80
C THR F 112 -16.87 -16.73 15.77
N ALA F 113 -17.79 -17.45 16.40
CA ALA F 113 -19.18 -17.02 16.52
C ALA F 113 -19.64 -17.33 17.93
N GLU F 114 -20.89 -17.01 18.24
CA GLU F 114 -21.39 -17.34 19.56
C GLU F 114 -22.04 -18.72 19.54
N ASP F 115 -22.17 -19.28 20.73
CA ASP F 115 -22.64 -20.65 20.89
C ASP F 115 -23.17 -20.76 22.32
N VAL F 116 -23.36 -21.99 22.81
CA VAL F 116 -23.84 -22.22 24.16
C VAL F 116 -22.78 -21.77 25.15
N GLY F 117 -23.04 -20.70 25.88
CA GLY F 117 -22.11 -20.25 26.88
C GLY F 117 -21.77 -18.78 26.76
N THR F 118 -21.75 -18.28 25.54
CA THR F 118 -21.44 -16.89 25.26
C THR F 118 -22.65 -16.19 24.64
N THR F 119 -22.65 -14.87 24.76
CA THR F 119 -23.71 -14.00 24.25
C THR F 119 -23.12 -13.02 23.26
N VAL F 120 -23.97 -12.21 22.61
CA VAL F 120 -23.41 -11.10 21.87
C VAL F 120 -23.32 -9.88 22.78
N ALA F 121 -22.46 -10.00 23.78
CA ALA F 121 -21.76 -8.93 24.45
C ALA F 121 -20.33 -9.32 24.71
N ASP F 122 -20.03 -10.61 24.66
CA ASP F 122 -18.69 -11.13 24.70
C ASP F 122 -18.07 -11.16 23.32
N MET F 123 -18.87 -11.30 22.27
CA MET F 123 -18.39 -11.03 20.92
C MET F 123 -18.48 -9.56 20.56
N ASP F 124 -18.13 -8.69 21.45
CA ASP F 124 -17.90 -7.26 21.29
C ASP F 124 -16.64 -6.85 22.00
N ILE F 125 -16.27 -7.59 23.04
CA ILE F 125 -14.96 -7.46 23.63
C ILE F 125 -13.92 -8.12 22.75
N ILE F 126 -14.27 -9.25 22.14
CA ILE F 126 -13.40 -9.90 21.16
C ILE F 126 -13.26 -9.05 19.92
N TYR F 127 -14.34 -8.37 19.50
CA TYR F 127 -14.28 -7.52 18.32
C TYR F 127 -13.35 -6.33 18.49
N GLN F 128 -13.09 -5.92 19.73
CA GLN F 128 -12.10 -4.88 19.97
C GLN F 128 -10.68 -5.34 19.64
N GLU F 129 -10.43 -6.65 19.63
CA GLU F 129 -9.09 -7.16 19.37
C GLU F 129 -8.94 -7.85 18.02
N THR F 130 -10.02 -8.08 17.27
CA THR F 130 -9.92 -8.82 16.03
C THR F 130 -11.09 -8.48 15.11
N ASP F 131 -10.90 -8.77 13.83
CA ASP F 131 -11.97 -8.78 12.84
C ASP F 131 -12.60 -10.15 12.65
N TYR F 132 -11.99 -11.21 13.18
CA TYR F 132 -12.39 -12.56 12.79
C TYR F 132 -13.41 -13.08 13.79
N VAL F 133 -14.55 -12.39 13.79
CA VAL F 133 -15.67 -12.68 14.68
C VAL F 133 -16.93 -12.26 13.96
N THR F 134 -17.97 -13.07 14.06
CA THR F 134 -19.21 -12.80 13.36
C THR F 134 -20.38 -12.80 14.34
N GLY F 135 -21.40 -12.02 14.02
CA GLY F 135 -22.46 -11.71 14.94
C GLY F 135 -22.26 -10.43 15.72
N ILE F 136 -21.63 -9.42 15.13
CA ILE F 136 -21.12 -8.29 15.90
C ILE F 136 -21.83 -6.98 15.53
N SER F 137 -22.25 -6.87 14.28
CA SER F 137 -22.53 -5.57 13.69
C SER F 137 -23.89 -5.05 14.12
N PRO F 138 -24.10 -3.73 14.04
CA PRO F 138 -25.48 -3.22 14.23
C PRO F 138 -26.41 -3.61 13.10
N GLU F 139 -25.89 -3.89 11.90
CA GLU F 139 -26.72 -4.37 10.81
C GLU F 139 -27.24 -5.78 11.09
N PHE F 140 -26.34 -6.71 11.44
CA PHE F 140 -26.78 -8.03 11.89
C PHE F 140 -27.43 -7.96 13.26
N GLY F 141 -27.11 -6.96 14.07
CA GLY F 141 -27.78 -6.78 15.34
C GLY F 141 -29.22 -6.31 15.21
N SER F 142 -29.55 -5.70 14.07
CA SER F 142 -30.93 -5.29 13.80
C SER F 142 -31.69 -6.34 12.99
N SER F 143 -31.21 -6.64 11.78
CA SER F 143 -31.97 -7.43 10.84
C SER F 143 -31.51 -8.88 10.74
N GLY F 144 -30.74 -9.35 11.73
CA GLY F 144 -30.13 -10.66 11.65
C GLY F 144 -30.61 -11.64 12.71
N ASN F 145 -31.91 -11.73 12.92
CA ASN F 145 -32.48 -12.70 13.86
C ASN F 145 -32.22 -14.13 13.37
N PRO F 146 -31.57 -14.98 14.17
CA PRO F 146 -31.19 -16.31 13.65
C PRO F 146 -32.36 -17.27 13.50
N SER F 147 -33.37 -17.18 14.35
CA SER F 147 -34.48 -18.12 14.38
C SER F 147 -35.43 -18.07 13.17
N PRO F 148 -35.80 -16.92 12.59
CA PRO F 148 -36.53 -16.97 11.31
C PRO F 148 -35.74 -17.58 10.18
N ALA F 149 -34.42 -17.40 10.18
CA ALA F 149 -33.57 -18.02 9.17
C ALA F 149 -33.54 -19.53 9.34
N THR F 150 -33.39 -20.00 10.58
CA THR F 150 -33.36 -21.45 10.83
C THR F 150 -34.70 -22.08 10.52
N ALA F 151 -35.80 -21.39 10.83
CA ALA F 151 -37.12 -21.90 10.49
C ALA F 151 -37.39 -21.89 9.00
N TYR F 152 -36.86 -20.91 8.27
CA TYR F 152 -37.01 -20.88 6.83
C TYR F 152 -36.23 -22.02 6.18
N GLY F 153 -35.07 -22.35 6.74
CA GLY F 153 -34.33 -23.51 6.28
C GLY F 153 -35.04 -24.83 6.57
N VAL F 154 -35.63 -24.95 7.76
CA VAL F 154 -36.40 -26.15 8.10
C VAL F 154 -37.63 -26.28 7.19
N TYR F 155 -38.23 -25.14 6.85
CA TYR F 155 -39.34 -25.09 5.90
C TYR F 155 -38.94 -25.65 4.54
N ARG F 156 -37.82 -25.17 3.98
CA ARG F 156 -37.38 -25.63 2.66
C ARG F 156 -36.96 -27.11 2.68
N GLY F 157 -36.28 -27.54 3.74
CA GLY F 157 -35.91 -28.94 3.85
C GLY F 157 -37.11 -29.87 4.01
N MET F 158 -38.14 -29.39 4.69
CA MET F 158 -39.36 -30.19 4.82
C MET F 158 -40.11 -30.26 3.49
N LYS F 159 -40.04 -29.19 2.69
CA LYS F 159 -40.55 -29.25 1.31
C LYS F 159 -39.83 -30.30 0.48
N ALA F 160 -38.51 -30.37 0.60
CA ALA F 160 -37.75 -31.35 -0.18
C ALA F 160 -38.04 -32.77 0.28
N ALA F 161 -38.16 -33.00 1.59
CA ALA F 161 -38.51 -34.33 2.08
C ALA F 161 -39.94 -34.69 1.73
N ALA F 162 -40.83 -33.70 1.64
CA ALA F 162 -42.20 -33.97 1.21
C ALA F 162 -42.27 -34.35 -0.25
N LYS F 163 -41.45 -33.72 -1.10
CA LYS F 163 -41.43 -34.11 -2.50
C LYS F 163 -40.75 -35.46 -2.69
N GLU F 164 -39.83 -35.82 -1.79
CA GLU F 164 -39.25 -37.15 -1.84
C GLU F 164 -40.27 -38.23 -1.47
N ALA F 165 -40.99 -38.04 -0.36
CA ALA F 165 -41.83 -39.09 0.17
C ALA F 165 -43.25 -39.10 -0.41
N PHE F 166 -43.69 -38.00 -1.03
CA PHE F 166 -45.06 -37.84 -1.48
C PHE F 166 -45.20 -37.62 -2.98
N GLY F 167 -44.21 -37.02 -3.62
CA GLY F 167 -44.30 -36.76 -5.05
C GLY F 167 -44.39 -35.29 -5.36
N SER F 168 -45.17 -34.55 -4.57
CA SER F 168 -45.27 -33.11 -4.71
C SER F 168 -44.91 -32.45 -3.38
N ASP F 169 -44.35 -31.25 -3.47
CA ASP F 169 -43.91 -30.53 -2.28
C ASP F 169 -45.03 -29.76 -1.58
N SER F 170 -46.27 -29.84 -2.07
CA SER F 170 -47.37 -29.11 -1.46
C SER F 170 -47.77 -29.76 -0.15
N LEU F 171 -47.74 -28.98 0.93
CA LEU F 171 -48.16 -29.46 2.25
C LEU F 171 -49.58 -29.03 2.60
N GLU F 172 -50.35 -28.58 1.62
CA GLU F 172 -51.72 -28.11 1.87
C GLU F 172 -52.61 -29.31 2.14
N GLY F 173 -52.80 -29.61 3.43
CA GLY F 173 -53.57 -30.76 3.85
C GLY F 173 -52.78 -31.81 4.59
N LYS F 174 -51.63 -31.47 5.17
CA LYS F 174 -50.78 -32.42 5.87
C LYS F 174 -50.80 -32.16 7.36
N VAL F 175 -50.37 -33.16 8.12
CA VAL F 175 -50.43 -33.14 9.58
C VAL F 175 -49.00 -33.15 10.09
N VAL F 176 -48.56 -32.03 10.67
CA VAL F 176 -47.17 -31.84 11.07
C VAL F 176 -47.12 -31.83 12.60
N ALA F 177 -46.40 -32.78 13.17
CA ALA F 177 -46.25 -32.87 14.62
C ALA F 177 -44.93 -32.23 15.04
N VAL F 178 -45.02 -31.21 15.90
CA VAL F 178 -43.88 -30.42 16.33
C VAL F 178 -43.79 -30.51 17.85
N GLN F 179 -42.61 -30.85 18.36
CA GLN F 179 -42.37 -30.75 19.79
C GLN F 179 -41.41 -29.59 20.08
N GLY F 180 -41.68 -28.87 21.16
CA GLY F 180 -41.04 -27.61 21.44
C GLY F 180 -41.75 -26.48 20.72
N VAL F 181 -42.05 -25.39 21.42
CA VAL F 181 -42.68 -24.23 20.80
C VAL F 181 -41.67 -23.09 21.07
N GLY F 182 -40.40 -23.42 20.94
CA GLY F 182 -39.36 -22.41 20.90
C GLY F 182 -39.45 -21.51 19.67
N ASN F 183 -38.50 -20.57 19.59
CA ASN F 183 -38.58 -19.49 18.59
C ASN F 183 -38.48 -20.01 17.17
N VAL F 184 -37.57 -20.96 16.94
CA VAL F 184 -37.44 -21.60 15.63
C VAL F 184 -38.71 -22.37 15.30
N ALA F 185 -39.24 -23.12 16.27
CA ALA F 185 -40.45 -23.89 16.05
C ALA F 185 -41.67 -22.99 15.91
N TYR F 186 -41.69 -21.84 16.58
CA TYR F 186 -42.82 -20.93 16.46
C TYR F 186 -42.86 -20.27 15.08
N HIS F 187 -41.70 -19.85 14.57
CA HIS F 187 -41.66 -19.34 13.20
C HIS F 187 -41.92 -20.43 12.17
N LEU F 188 -41.51 -21.67 12.47
CA LEU F 188 -41.84 -22.80 11.60
C LEU F 188 -43.34 -23.04 11.54
N CYS F 189 -44.01 -22.96 12.69
CA CYS F 189 -45.46 -23.09 12.72
C CYS F 189 -46.15 -21.93 12.00
N ARG F 190 -45.55 -20.73 12.03
CA ARG F 190 -46.08 -19.62 11.24
C ARG F 190 -45.98 -19.89 9.73
N HIS F 191 -44.82 -20.40 9.28
CA HIS F 191 -44.67 -20.73 7.86
C HIS F 191 -45.62 -21.84 7.43
N LEU F 192 -45.79 -22.87 8.28
CA LEU F 192 -46.67 -23.98 7.94
C LEU F 192 -48.14 -23.57 7.99
N HIS F 193 -48.49 -22.60 8.84
CA HIS F 193 -49.87 -22.13 8.87
C HIS F 193 -50.18 -21.19 7.71
N GLU F 194 -49.20 -20.38 7.29
CA GLU F 194 -49.41 -19.55 6.11
C GLU F 194 -49.43 -20.38 4.83
N GLU F 195 -48.80 -21.55 4.84
CA GLU F 195 -49.00 -22.46 3.71
C GLU F 195 -50.39 -23.09 3.76
N GLY F 196 -50.89 -23.38 4.96
CA GLY F 196 -52.16 -24.06 5.11
C GLY F 196 -52.05 -25.54 5.40
N ALA F 197 -51.21 -25.89 6.39
CA ALA F 197 -51.06 -27.25 6.84
C ALA F 197 -51.62 -27.41 8.25
N LYS F 198 -52.12 -28.60 8.56
CA LYS F 198 -52.67 -28.88 9.87
C LYS F 198 -51.54 -29.19 10.84
N LEU F 199 -51.54 -28.53 11.99
CA LEU F 199 -50.43 -28.54 12.93
C LEU F 199 -50.84 -29.17 14.25
N ILE F 200 -49.91 -29.90 14.86
CA ILE F 200 -50.09 -30.48 16.19
C ILE F 200 -48.83 -30.20 16.98
N VAL F 201 -48.93 -29.34 18.00
CA VAL F 201 -47.75 -28.83 18.68
C VAL F 201 -47.74 -29.29 20.14
N THR F 202 -46.55 -29.33 20.71
CA THR F 202 -46.39 -29.54 22.13
C THR F 202 -45.07 -28.93 22.60
N ASP F 203 -44.95 -28.77 23.91
CA ASP F 203 -43.79 -28.18 24.54
C ASP F 203 -43.84 -28.56 26.03
N ILE F 204 -42.70 -28.41 26.69
CA ILE F 204 -42.62 -28.65 28.13
C ILE F 204 -43.44 -27.60 28.89
N ASN F 205 -43.37 -26.35 28.45
CA ASN F 205 -44.11 -25.27 29.11
C ASN F 205 -45.52 -25.16 28.53
N LYS F 206 -46.49 -24.97 29.43
CA LYS F 206 -47.89 -24.90 29.03
C LYS F 206 -48.20 -23.57 28.35
N GLU F 207 -47.45 -22.51 28.69
CA GLU F 207 -47.74 -21.17 28.18
C GLU F 207 -47.44 -21.07 26.68
N ALA F 208 -46.34 -21.67 26.22
CA ALA F 208 -46.04 -21.65 24.80
C ALA F 208 -47.03 -22.48 23.99
N VAL F 209 -47.51 -23.59 24.57
CA VAL F 209 -48.54 -24.39 23.91
C VAL F 209 -49.84 -23.62 23.81
N ALA F 210 -50.19 -22.87 24.87
CA ALA F 210 -51.40 -22.05 24.84
C ALA F 210 -51.28 -20.92 23.83
N ARG F 211 -50.11 -20.30 23.71
CA ARG F 211 -49.87 -19.30 22.69
C ARG F 211 -49.99 -19.88 21.29
N ALA F 212 -49.45 -21.08 21.07
CA ALA F 212 -49.52 -21.70 19.76
C ALA F 212 -50.94 -22.09 19.38
N VAL F 213 -51.73 -22.54 20.35
CA VAL F 213 -53.13 -22.90 20.08
C VAL F 213 -53.96 -21.64 19.81
N GLU F 214 -53.70 -20.55 20.56
CA GLU F 214 -54.39 -19.30 20.30
C GLU F 214 -54.01 -18.70 18.94
N GLU F 215 -52.77 -18.87 18.51
CA GLU F 215 -52.36 -18.21 17.28
C GLU F 215 -52.63 -19.04 16.02
N PHE F 216 -52.15 -20.28 15.97
CA PHE F 216 -52.12 -21.00 14.70
C PHE F 216 -53.04 -22.20 14.64
N GLY F 217 -53.86 -22.42 15.68
CA GLY F 217 -54.89 -23.44 15.63
C GLY F 217 -54.39 -24.86 15.63
N ALA F 218 -53.80 -25.30 16.74
CA ALA F 218 -53.24 -26.62 16.87
C ALA F 218 -53.86 -27.34 18.07
N LYS F 219 -53.33 -28.52 18.38
CA LYS F 219 -53.83 -29.34 19.47
C LYS F 219 -52.85 -29.30 20.63
N ALA F 220 -53.35 -28.97 21.82
CA ALA F 220 -52.55 -28.99 23.04
C ALA F 220 -52.34 -30.43 23.47
N VAL F 221 -51.16 -30.97 23.20
CA VAL F 221 -50.85 -32.38 23.41
C VAL F 221 -49.78 -32.47 24.50
N ASP F 222 -49.88 -33.49 25.34
CA ASP F 222 -48.89 -33.75 26.38
C ASP F 222 -47.53 -34.08 25.76
N PRO F 223 -46.43 -33.72 26.43
CA PRO F 223 -45.10 -33.93 25.83
C PRO F 223 -44.67 -35.39 25.76
N ASN F 224 -45.32 -36.31 26.47
CA ASN F 224 -44.89 -37.70 26.49
C ASN F 224 -45.48 -38.53 25.36
N ASP F 225 -46.60 -38.11 24.78
CA ASP F 225 -47.29 -38.90 23.76
C ASP F 225 -47.35 -38.18 22.42
N ILE F 226 -46.35 -37.36 22.11
CA ILE F 226 -46.26 -36.75 20.79
C ILE F 226 -45.75 -37.75 19.76
N TYR F 227 -45.11 -38.82 20.21
CA TYR F 227 -44.50 -39.78 19.28
C TYR F 227 -45.56 -40.65 18.63
N GLY F 228 -46.59 -41.05 19.40
CA GLY F 228 -47.68 -41.88 18.93
C GLY F 228 -48.79 -41.15 18.22
N VAL F 229 -48.65 -39.84 17.98
CA VAL F 229 -49.65 -39.11 17.21
C VAL F 229 -49.55 -39.50 15.75
N GLU F 230 -50.68 -39.88 15.17
CA GLU F 230 -50.71 -40.24 13.75
C GLU F 230 -50.55 -38.99 12.90
N CYS F 231 -49.48 -38.94 12.11
CA CYS F 231 -49.16 -37.78 11.31
C CYS F 231 -48.30 -38.22 10.14
N ASP F 232 -48.02 -37.28 9.24
CA ASP F 232 -47.06 -37.52 8.16
C ASP F 232 -45.65 -37.10 8.56
N ILE F 233 -45.48 -35.83 8.90
CA ILE F 233 -44.16 -35.24 9.16
C ILE F 233 -44.04 -34.97 10.65
N PHE F 234 -43.00 -35.51 11.26
CA PHE F 234 -42.63 -35.18 12.62
C PHE F 234 -41.42 -34.27 12.61
N ALA F 235 -41.50 -33.14 13.32
CA ALA F 235 -40.48 -32.11 13.30
C ALA F 235 -39.92 -31.90 14.70
N PRO F 236 -38.92 -32.67 15.11
CA PRO F 236 -38.37 -32.51 16.46
C PRO F 236 -37.52 -31.26 16.57
N CYS F 237 -37.79 -30.46 17.61
CA CYS F 237 -37.16 -29.15 17.74
C CYS F 237 -36.74 -28.84 19.16
N ALA F 238 -36.59 -29.82 20.04
CA ALA F 238 -36.33 -29.55 21.44
C ALA F 238 -34.94 -29.99 21.89
N LEU F 239 -34.61 -31.27 21.78
CA LEU F 239 -33.34 -31.78 22.30
C LEU F 239 -32.80 -32.81 21.33
N GLY F 240 -31.74 -33.50 21.76
CA GLY F 240 -31.15 -34.59 21.01
C GLY F 240 -31.22 -35.89 21.77
N GLY F 241 -30.77 -36.95 21.11
CA GLY F 241 -30.92 -38.28 21.68
C GLY F 241 -32.35 -38.74 21.71
N ILE F 242 -33.18 -38.24 20.80
CA ILE F 242 -34.60 -38.58 20.78
C ILE F 242 -34.81 -39.99 20.28
N ILE F 243 -34.35 -40.28 19.06
CA ILE F 243 -34.62 -41.54 18.40
C ILE F 243 -33.72 -42.60 19.03
N ASN F 244 -34.29 -43.36 19.97
CA ASN F 244 -33.61 -44.51 20.54
C ASN F 244 -34.54 -45.72 20.60
N ASP F 245 -34.14 -46.78 21.31
CA ASP F 245 -34.89 -48.02 21.32
C ASP F 245 -36.24 -47.86 22.03
N GLN F 246 -36.32 -46.90 22.96
CA GLN F 246 -37.58 -46.64 23.63
C GLN F 246 -38.58 -45.93 22.72
N THR F 247 -38.11 -45.17 21.72
CA THR F 247 -38.98 -44.27 20.98
C THR F 247 -39.25 -44.67 19.54
N ILE F 248 -38.53 -45.66 19.01
CA ILE F 248 -38.77 -46.09 17.62
C ILE F 248 -40.18 -46.68 17.38
N PRO F 249 -40.65 -47.67 18.12
CA PRO F 249 -41.93 -48.30 17.72
C PRO F 249 -43.19 -47.50 18.03
N GLN F 250 -43.09 -46.20 18.34
CA GLN F 250 -44.28 -45.38 18.50
C GLN F 250 -44.56 -44.48 17.30
N LEU F 251 -43.64 -44.36 16.35
CA LEU F 251 -43.83 -43.47 15.21
C LEU F 251 -44.88 -44.03 14.26
N LYS F 252 -45.97 -43.28 14.10
CA LYS F 252 -46.91 -43.48 13.01
C LYS F 252 -46.60 -42.59 11.82
N ALA F 253 -45.44 -41.93 11.82
CA ALA F 253 -45.07 -41.00 10.78
C ALA F 253 -44.12 -41.65 9.78
N LYS F 254 -43.79 -40.93 8.72
CA LYS F 254 -42.89 -41.42 7.69
C LYS F 254 -41.82 -40.42 7.29
N VAL F 255 -41.89 -39.17 7.77
CA VAL F 255 -40.91 -38.14 7.48
C VAL F 255 -40.49 -37.50 8.80
N ILE F 256 -39.18 -37.46 9.05
CA ILE F 256 -38.61 -36.75 10.19
C ILE F 256 -37.75 -35.63 9.67
N ALA F 257 -38.10 -34.39 10.02
CA ALA F 257 -37.34 -33.22 9.56
C ALA F 257 -37.56 -32.07 10.54
N GLY F 258 -36.59 -31.84 11.42
CA GLY F 258 -36.69 -30.81 12.43
C GLY F 258 -35.37 -30.10 12.63
N SER F 259 -35.41 -29.08 13.49
CA SER F 259 -34.26 -28.22 13.76
C SER F 259 -33.42 -28.69 14.93
N ALA F 260 -33.61 -29.92 15.39
CA ALA F 260 -32.89 -30.39 16.56
C ALA F 260 -31.50 -30.85 16.18
N ASN F 261 -30.57 -30.68 17.11
CA ASN F 261 -29.20 -31.14 16.94
C ASN F 261 -29.04 -32.53 17.55
N ASN F 262 -28.26 -33.38 16.88
CA ASN F 262 -27.92 -34.74 17.30
C ASN F 262 -29.18 -35.59 17.49
N GLN F 263 -29.97 -35.69 16.42
CA GLN F 263 -31.28 -36.31 16.52
C GLN F 263 -31.17 -37.82 16.67
N LEU F 264 -30.38 -38.47 15.82
CA LEU F 264 -30.13 -39.89 15.99
C LEU F 264 -29.19 -40.09 17.17
N LYS F 265 -29.61 -40.91 18.13
CA LYS F 265 -28.78 -41.14 19.30
C LYS F 265 -27.54 -41.96 18.96
N GLU F 266 -27.72 -42.98 18.12
CA GLU F 266 -26.66 -43.84 17.63
C GLU F 266 -26.94 -44.11 16.15
N PRO F 267 -25.91 -44.37 15.34
CA PRO F 267 -26.15 -44.62 13.90
C PRO F 267 -26.91 -45.90 13.60
N ARG F 268 -26.97 -46.85 14.53
CA ARG F 268 -27.79 -48.04 14.35
CA ARG F 268 -27.79 -48.04 14.31
C ARG F 268 -29.27 -47.69 14.28
N HIS F 269 -29.67 -46.62 14.96
CA HIS F 269 -31.07 -46.17 14.88
C HIS F 269 -31.36 -45.56 13.52
N GLY F 270 -30.37 -44.91 12.91
CA GLY F 270 -30.51 -44.48 11.53
C GLY F 270 -30.59 -45.64 10.56
N ASP F 271 -29.87 -46.73 10.86
CA ASP F 271 -30.00 -47.94 10.06
C ASP F 271 -31.41 -48.55 10.20
N MET F 272 -31.97 -48.50 11.41
CA MET F 272 -33.32 -49.01 11.63
C MET F 272 -34.37 -48.16 10.91
N ILE F 273 -34.21 -46.84 10.93
CA ILE F 273 -35.11 -45.96 10.20
C ILE F 273 -34.98 -46.18 8.70
N HIS F 274 -33.76 -46.44 8.21
CA HIS F 274 -33.58 -46.77 6.80
C HIS F 274 -34.22 -48.11 6.44
N GLU F 275 -34.26 -49.04 7.39
CA GLU F 275 -35.00 -50.29 7.16
C GLU F 275 -36.50 -50.05 7.10
N MET F 276 -37.04 -49.25 8.02
CA MET F 276 -38.48 -49.06 8.12
C MET F 276 -39.07 -48.18 7.03
N GLY F 277 -38.26 -47.57 6.19
CA GLY F 277 -38.78 -46.74 5.12
C GLY F 277 -39.21 -45.35 5.55
N ILE F 278 -38.94 -44.96 6.80
CA ILE F 278 -39.20 -43.59 7.22
C ILE F 278 -38.16 -42.68 6.58
N VAL F 279 -38.63 -41.71 5.81
CA VAL F 279 -37.74 -40.80 5.10
C VAL F 279 -37.11 -39.84 6.11
N TYR F 280 -35.83 -40.04 6.39
CA TYR F 280 -35.09 -39.23 7.34
C TYR F 280 -34.18 -38.27 6.59
N ALA F 281 -34.53 -37.00 6.61
CA ALA F 281 -33.55 -36.04 6.13
C ALA F 281 -32.58 -35.71 7.27
N PRO F 282 -31.28 -35.61 6.98
CA PRO F 282 -30.28 -35.56 8.06
C PRO F 282 -30.31 -34.23 8.81
N ASP F 283 -29.81 -34.29 10.05
CA ASP F 283 -30.05 -33.20 10.98
C ASP F 283 -29.22 -31.96 10.67
N TYR F 284 -27.94 -32.12 10.37
CA TYR F 284 -27.06 -30.97 10.16
C TYR F 284 -27.17 -30.35 8.77
N VAL F 285 -28.08 -30.84 7.92
CA VAL F 285 -28.36 -30.19 6.65
C VAL F 285 -29.62 -29.34 6.72
N ILE F 286 -30.64 -29.78 7.48
CA ILE F 286 -31.89 -29.05 7.58
C ILE F 286 -31.70 -27.76 8.36
N ASN F 287 -31.11 -27.86 9.57
CA ASN F 287 -31.03 -26.72 10.47
C ASN F 287 -29.84 -25.80 10.20
N ALA F 288 -29.26 -25.88 9.01
CA ALA F 288 -28.06 -25.11 8.69
C ALA F 288 -28.35 -23.68 8.28
N GLY F 289 -29.55 -23.15 8.53
CA GLY F 289 -29.86 -21.80 8.12
C GLY F 289 -29.21 -20.74 9.00
N GLY F 290 -29.01 -21.04 10.28
CA GLY F 290 -28.42 -20.05 11.16
C GLY F 290 -26.95 -19.83 10.90
N VAL F 291 -26.24 -20.89 10.52
CA VAL F 291 -24.82 -20.77 10.20
C VAL F 291 -24.63 -20.02 8.89
N ILE F 292 -25.54 -20.23 7.93
CA ILE F 292 -25.56 -19.42 6.71
C ILE F 292 -25.86 -17.96 7.03
N ASN F 293 -26.75 -17.70 7.99
CA ASN F 293 -27.09 -16.33 8.33
C ASN F 293 -25.91 -15.61 9.00
N VAL F 294 -25.18 -16.31 9.87
CA VAL F 294 -24.04 -15.66 10.51
C VAL F 294 -22.81 -15.65 9.61
N ALA F 295 -22.78 -16.49 8.57
CA ALA F 295 -21.68 -16.48 7.62
C ALA F 295 -21.87 -15.49 6.49
N ASP F 296 -23.11 -15.05 6.25
CA ASP F 296 -23.32 -14.03 5.23
C ASP F 296 -22.90 -12.64 5.71
N GLU F 297 -22.69 -12.46 7.01
CA GLU F 297 -22.22 -11.19 7.56
C GLU F 297 -20.81 -10.84 7.09
N LEU F 298 -20.00 -11.84 6.71
CA LEU F 298 -18.62 -11.61 6.29
C LEU F 298 -18.52 -10.84 4.98
N TYR F 299 -19.58 -10.84 4.17
CA TYR F 299 -19.64 -10.05 2.95
C TYR F 299 -20.05 -8.61 3.18
N GLY F 300 -20.47 -8.27 4.40
CA GLY F 300 -21.29 -7.10 4.60
C GLY F 300 -22.73 -7.56 4.54
N TYR F 301 -23.47 -7.37 5.63
CA TYR F 301 -24.71 -8.11 5.81
C TYR F 301 -25.82 -7.57 4.92
N ASN F 302 -26.53 -8.48 4.27
CA ASN F 302 -27.67 -8.14 3.42
C ASN F 302 -28.67 -9.28 3.54
N ARG F 303 -29.92 -8.94 3.85
CA ARG F 303 -30.92 -9.94 4.18
C ARG F 303 -31.38 -10.72 2.95
N GLU F 304 -31.44 -10.07 1.79
CA GLU F 304 -31.96 -10.72 0.59
C GLU F 304 -31.00 -11.78 0.06
N ARG F 305 -29.70 -11.46 0.04
CA ARG F 305 -28.69 -12.43 -0.36
C ARG F 305 -28.63 -13.62 0.61
N ALA F 306 -28.78 -13.33 1.91
CA ALA F 306 -28.76 -14.40 2.91
C ALA F 306 -29.94 -15.33 2.75
N MET F 307 -31.15 -14.79 2.57
CA MET F 307 -32.33 -15.65 2.43
C MET F 307 -32.33 -16.37 1.08
N LYS F 308 -31.76 -15.76 0.06
CA LYS F 308 -31.58 -16.44 -1.22
C LYS F 308 -30.60 -17.60 -1.10
N LYS F 309 -29.63 -17.51 -0.19
CA LYS F 309 -28.75 -18.64 0.05
C LYS F 309 -29.43 -19.71 0.92
N ILE F 310 -30.25 -19.30 1.88
CA ILE F 310 -30.96 -20.25 2.75
C ILE F 310 -32.01 -21.04 1.97
N GLU F 311 -32.51 -20.48 0.85
CA GLU F 311 -33.46 -21.18 -0.01
C GLU F 311 -32.91 -22.51 -0.56
N GLN F 312 -31.59 -22.62 -0.74
CA GLN F 312 -30.99 -23.77 -1.39
C GLN F 312 -30.90 -25.03 -0.50
N ILE F 313 -31.45 -25.01 0.71
CA ILE F 313 -31.49 -26.20 1.55
C ILE F 313 -32.43 -27.24 0.95
N TYR F 314 -33.40 -26.79 0.16
CA TYR F 314 -34.21 -27.64 -0.71
C TYR F 314 -33.33 -28.49 -1.62
N ASP F 315 -32.45 -27.85 -2.38
CA ASP F 315 -31.56 -28.58 -3.29
C ASP F 315 -30.53 -29.41 -2.53
N ASN F 316 -30.14 -28.96 -1.32
CA ASN F 316 -29.19 -29.73 -0.52
C ASN F 316 -29.79 -31.06 -0.08
N ILE F 317 -31.01 -31.03 0.48
CA ILE F 317 -31.73 -32.25 0.83
C ILE F 317 -32.01 -33.10 -0.40
N GLU F 318 -32.28 -32.47 -1.54
CA GLU F 318 -32.49 -33.21 -2.79
C GLU F 318 -31.23 -33.96 -3.22
N LYS F 319 -30.05 -33.34 -3.06
CA LYS F 319 -28.81 -34.04 -3.38
C LYS F 319 -28.49 -35.15 -2.38
N VAL F 320 -28.84 -34.96 -1.10
CA VAL F 320 -28.66 -36.04 -0.12
C VAL F 320 -29.49 -37.25 -0.49
N PHE F 321 -30.75 -37.03 -0.87
CA PHE F 321 -31.61 -38.13 -1.28
C PHE F 321 -31.18 -38.75 -2.60
N ALA F 322 -30.60 -37.95 -3.50
CA ALA F 322 -30.06 -38.49 -4.75
C ALA F 322 -28.87 -39.41 -4.51
N ILE F 323 -27.95 -39.00 -3.62
CA ILE F 323 -26.80 -39.85 -3.30
C ILE F 323 -27.24 -41.10 -2.53
N ALA F 324 -28.24 -40.98 -1.66
CA ALA F 324 -28.74 -42.13 -0.91
C ALA F 324 -29.41 -43.14 -1.81
N LYS F 325 -30.16 -42.68 -2.82
CA LYS F 325 -30.72 -43.62 -3.79
C LYS F 325 -29.66 -44.15 -4.74
N ARG F 326 -28.58 -43.39 -4.96
CA ARG F 326 -27.54 -43.81 -5.90
CA ARG F 326 -27.56 -43.81 -5.91
C ARG F 326 -26.70 -44.94 -5.34
N ASP F 327 -26.30 -44.83 -4.07
CA ASP F 327 -25.37 -45.80 -3.50
C ASP F 327 -26.08 -46.79 -2.58
N ASN F 328 -27.40 -46.66 -2.41
CA ASN F 328 -28.24 -47.53 -1.56
C ASN F 328 -27.74 -47.57 -0.12
N ILE F 329 -27.51 -46.38 0.43
CA ILE F 329 -26.95 -46.19 1.76
C ILE F 329 -27.95 -45.37 2.56
N PRO F 330 -27.89 -45.40 3.89
CA PRO F 330 -28.73 -44.51 4.69
C PRO F 330 -28.37 -43.04 4.49
N THR F 331 -29.32 -42.17 4.84
CA THR F 331 -29.19 -40.77 4.49
C THR F 331 -28.18 -40.03 5.39
N TYR F 332 -27.97 -40.51 6.61
CA TYR F 332 -26.95 -39.89 7.45
C TYR F 332 -25.55 -40.22 6.96
N VAL F 333 -25.39 -41.33 6.25
CA VAL F 333 -24.14 -41.62 5.55
C VAL F 333 -24.07 -40.81 4.26
N ALA F 334 -25.22 -40.61 3.61
CA ALA F 334 -25.27 -39.88 2.35
C ALA F 334 -24.91 -38.41 2.53
N ALA F 335 -25.23 -37.83 3.69
CA ALA F 335 -24.87 -36.43 3.93
C ALA F 335 -23.37 -36.27 4.15
N ASP F 336 -22.76 -37.21 4.88
CA ASP F 336 -21.31 -37.19 5.06
C ASP F 336 -20.59 -37.39 3.73
N ARG F 337 -21.09 -38.27 2.88
CA ARG F 337 -20.42 -38.49 1.60
C ARG F 337 -20.63 -37.32 0.65
N MET F 338 -21.78 -36.65 0.72
CA MET F 338 -21.99 -35.40 0.00
C MET F 338 -20.96 -34.35 0.39
N ALA F 339 -20.75 -34.18 1.71
CA ALA F 339 -19.81 -33.17 2.17
C ALA F 339 -18.37 -33.52 1.81
N GLU F 340 -18.00 -34.80 1.92
CA GLU F 340 -16.63 -35.20 1.58
C GLU F 340 -16.36 -35.11 0.09
N GLU F 341 -17.36 -35.44 -0.75
CA GLU F 341 -17.17 -35.26 -2.18
C GLU F 341 -17.07 -33.79 -2.56
N ARG F 342 -17.78 -32.90 -1.83
CA ARG F 342 -17.60 -31.48 -2.13
C ARG F 342 -16.21 -31.00 -1.74
N ILE F 343 -15.68 -31.48 -0.61
CA ILE F 343 -14.34 -31.06 -0.19
C ILE F 343 -13.28 -31.57 -1.16
N GLU F 344 -13.37 -32.83 -1.58
CA GLU F 344 -12.38 -33.39 -2.52
C GLU F 344 -12.46 -32.74 -3.89
N THR F 345 -13.67 -32.47 -4.38
CA THR F 345 -13.82 -31.86 -5.69
C THR F 345 -13.37 -30.40 -5.67
N MET F 346 -13.62 -29.67 -4.59
CA MET F 346 -13.16 -28.30 -4.56
C MET F 346 -11.67 -28.20 -4.28
N ARG F 347 -11.03 -29.25 -3.78
CA ARG F 347 -9.58 -29.26 -3.74
CA ARG F 347 -9.58 -29.26 -3.74
C ARG F 347 -8.99 -29.54 -5.11
N LYS F 348 -9.58 -30.47 -5.85
CA LYS F 348 -9.04 -30.82 -7.17
C LYS F 348 -9.44 -29.86 -8.28
N ALA F 349 -10.40 -28.97 -8.06
CA ALA F 349 -10.88 -28.07 -9.11
C ALA F 349 -10.48 -26.62 -8.92
N ARG F 350 -9.92 -26.26 -7.79
CA ARG F 350 -9.37 -24.93 -7.54
C ARG F 350 -7.86 -24.97 -7.42
N SER F 351 -7.22 -25.76 -8.27
CA SER F 351 -5.80 -26.05 -8.12
C SER F 351 -4.91 -25.20 -9.01
N GLN F 352 -5.43 -24.57 -10.05
CA GLN F 352 -4.59 -23.79 -10.94
C GLN F 352 -4.15 -22.49 -10.27
N PHE F 353 -2.93 -22.08 -10.61
CA PHE F 353 -2.22 -21.03 -9.91
C PHE F 353 -2.84 -19.65 -10.16
N LEU F 354 -2.96 -18.87 -9.10
CA LEU F 354 -3.27 -17.45 -9.15
C LEU F 354 -2.48 -16.77 -8.05
N GLN F 355 -1.98 -15.57 -8.30
CA GLN F 355 -1.29 -14.83 -7.26
C GLN F 355 -2.16 -13.72 -6.68
N ASN F 356 -3.44 -13.69 -7.05
CA ASN F 356 -4.39 -12.72 -6.53
C ASN F 356 -5.74 -13.38 -6.30
N GLY F 357 -5.75 -14.56 -5.67
CA GLY F 357 -6.98 -15.30 -5.50
C GLY F 357 -7.86 -14.72 -4.41
N HIS F 358 -9.16 -14.90 -4.58
CA HIS F 358 -10.15 -14.44 -3.61
C HIS F 358 -10.55 -15.57 -2.67
N HIS F 359 -10.84 -15.21 -1.44
CA HIS F 359 -11.39 -16.10 -0.43
C HIS F 359 -12.44 -15.33 0.34
N ILE F 360 -12.85 -15.87 1.50
CA ILE F 360 -13.98 -15.31 2.22
C ILE F 360 -13.58 -14.02 2.92
N LEU F 361 -12.28 -13.77 3.11
CA LEU F 361 -11.77 -12.64 3.88
C LEU F 361 -11.09 -11.63 2.99
N SER F 362 -11.26 -11.73 1.68
CA SER F 362 -10.57 -10.84 0.77
C SER F 362 -11.26 -9.49 0.74
N ARG F 363 -10.47 -8.45 0.57
CA ARG F 363 -10.98 -7.09 0.44
C ARG F 363 -11.12 -6.79 -1.04
N ARG F 364 -12.36 -6.63 -1.50
CA ARG F 364 -12.60 -6.52 -2.92
C ARG F 364 -13.39 -5.26 -3.25
N ARG F 365 -13.74 -5.13 -4.53
CA ARG F 365 -14.40 -3.92 -5.02
CA ARG F 365 -14.41 -3.93 -5.03
C ARG F 365 -15.82 -3.83 -4.48
N ALA F 366 -16.24 -2.60 -4.16
CA ALA F 366 -17.51 -2.38 -3.50
C ALA F 366 -18.69 -2.70 -4.41
N ARG F 367 -18.77 -2.00 -5.55
CA ARG F 367 -19.82 -2.16 -6.57
C ARG F 367 -21.24 -2.02 -6.03
N MET G 1 10.06 30.76 34.97
CA MET G 1 10.90 31.24 33.89
C MET G 1 10.06 32.15 32.97
N GLU G 2 8.74 32.03 33.10
CA GLU G 2 7.76 32.61 32.18
C GLU G 2 8.03 32.13 30.75
N LEU G 3 7.79 30.84 30.57
CA LEU G 3 8.40 30.10 29.47
C LEU G 3 7.73 30.43 28.14
N PHE G 4 6.45 30.80 28.13
CA PHE G 4 5.86 31.24 26.87
C PHE G 4 6.37 32.60 26.41
N GLN G 5 6.84 33.45 27.32
CA GLN G 5 7.47 34.69 26.88
C GLN G 5 8.77 34.41 26.15
N TYR G 6 9.60 33.52 26.70
CA TYR G 6 10.86 33.19 26.07
C TYR G 6 10.64 32.42 24.77
N MET G 7 9.57 31.62 24.69
CA MET G 7 9.25 30.99 23.41
C MET G 7 8.73 32.01 22.41
N GLU G 8 7.93 32.98 22.84
CA GLU G 8 7.30 33.91 21.93
C GLU G 8 8.31 34.90 21.36
N LYS G 9 9.34 35.25 22.13
CA LYS G 9 10.35 36.19 21.65
C LYS G 9 11.16 35.64 20.48
N TYR G 10 11.47 34.35 20.47
CA TYR G 10 12.32 33.76 19.46
C TYR G 10 11.58 32.82 18.52
N ASP G 11 10.27 32.64 18.71
CA ASP G 11 9.41 31.74 17.93
C ASP G 11 9.92 30.30 18.00
N TYR G 12 10.00 29.78 19.22
CA TYR G 12 10.19 28.36 19.44
C TYR G 12 8.89 27.63 19.14
N GLU G 13 8.96 26.53 18.40
CA GLU G 13 7.74 25.78 18.12
C GLU G 13 7.28 25.00 19.33
N GLN G 14 8.09 24.08 19.82
CA GLN G 14 7.70 23.22 20.92
C GLN G 14 8.79 23.07 21.95
N VAL G 15 8.36 22.87 23.20
CA VAL G 15 9.17 22.29 24.26
C VAL G 15 8.36 21.11 24.79
N LEU G 16 9.03 20.02 25.12
CA LEU G 16 8.31 18.77 25.35
C LEU G 16 8.99 17.98 26.46
N PHE G 17 8.29 17.77 27.56
CA PHE G 17 8.88 17.16 28.75
C PHE G 17 8.49 15.69 28.80
N CYS G 18 9.46 14.81 28.58
CA CYS G 18 9.24 13.38 28.70
C CYS G 18 9.64 12.91 30.09
N GLN G 19 8.92 11.90 30.58
CA GLN G 19 9.16 11.36 31.90
C GLN G 19 8.76 9.90 31.88
N ASP G 20 9.57 9.06 32.52
CA ASP G 20 9.21 7.65 32.68
C ASP G 20 9.73 7.19 34.04
N LYS G 21 8.83 6.65 34.86
CA LYS G 21 9.11 6.43 36.26
C LYS G 21 9.83 5.10 36.51
N GLU G 22 9.44 4.05 35.81
CA GLU G 22 10.06 2.74 36.00
C GLU G 22 11.43 2.63 35.35
N SER G 23 11.86 3.65 34.61
CA SER G 23 13.20 3.70 34.07
C SER G 23 14.00 4.90 34.55
N GLY G 24 13.37 5.92 35.13
CA GLY G 24 14.06 7.08 35.62
C GLY G 24 14.37 8.13 34.58
N LEU G 25 13.64 8.15 33.47
CA LEU G 25 13.92 9.10 32.41
C LEU G 25 13.26 10.45 32.69
N LYS G 26 14.05 11.52 32.56
CA LYS G 26 13.57 12.90 32.60
C LYS G 26 14.23 13.61 31.42
N ALA G 27 13.47 13.91 30.38
CA ALA G 27 14.05 14.47 29.16
C ALA G 27 13.29 15.72 28.72
N ILE G 28 14.02 16.65 28.09
CA ILE G 28 13.47 17.89 27.59
C ILE G 28 13.83 17.96 26.12
N ILE G 29 12.87 17.82 25.24
CA ILE G 29 13.12 17.94 23.81
C ILE G 29 12.61 19.29 23.37
N VAL G 30 13.46 20.09 22.75
CA VAL G 30 13.10 21.44 22.35
C VAL G 30 13.26 21.55 20.84
N ILE G 31 12.19 21.93 20.16
CA ILE G 31 12.15 22.13 18.73
C ILE G 31 11.94 23.61 18.48
N HIS G 32 12.88 24.25 17.80
CA HIS G 32 12.83 25.68 17.52
C HIS G 32 12.13 25.99 16.21
N ASP G 33 12.60 25.43 15.12
CA ASP G 33 12.05 25.76 13.81
C ASP G 33 12.14 24.52 12.94
N THR G 34 11.03 24.16 12.32
CA THR G 34 10.98 23.06 11.36
C THR G 34 10.45 23.53 10.01
N THR G 35 10.89 24.71 9.59
CA THR G 35 10.53 25.23 8.27
C THR G 35 11.28 24.51 7.17
N LEU G 36 12.60 24.37 7.31
CA LEU G 36 13.40 23.77 6.25
C LEU G 36 13.22 22.27 6.18
N GLY G 37 13.18 21.60 7.32
CA GLY G 37 12.97 20.18 7.36
C GLY G 37 12.70 19.72 8.77
N PRO G 38 12.94 18.45 9.05
CA PRO G 38 12.83 17.96 10.42
C PRO G 38 13.94 18.49 11.30
N ALA G 39 13.64 18.61 12.59
CA ALA G 39 14.59 19.18 13.54
C ALA G 39 15.60 18.11 13.91
N LEU G 40 16.80 18.20 13.35
CA LEU G 40 17.89 17.35 13.80
C LEU G 40 18.60 18.00 14.98
N GLY G 41 18.86 17.20 16.00
CA GLY G 41 19.57 17.70 17.15
C GLY G 41 20.24 16.63 17.97
N GLY G 42 21.24 17.01 18.75
CA GLY G 42 21.91 16.04 19.58
C GLY G 42 21.10 15.67 20.81
N THR G 43 21.43 14.53 21.38
CA THR G 43 20.90 14.09 22.66
C THR G 43 22.01 14.21 23.69
N ARG G 44 21.87 15.14 24.61
CA ARG G 44 22.92 15.46 25.57
CA ARG G 44 22.91 15.45 25.57
C ARG G 44 22.46 15.05 26.96
N MET G 45 23.30 14.30 27.67
CA MET G 45 22.99 13.82 29.01
C MET G 45 23.99 14.44 29.97
N TRP G 46 23.48 15.18 30.95
CA TRP G 46 24.34 15.88 31.90
C TRP G 46 23.51 16.22 33.13
N MET G 47 24.17 16.21 34.29
CA MET G 47 23.49 16.42 35.56
C MET G 47 23.44 17.90 35.89
N TYR G 48 22.25 18.42 36.15
CA TYR G 48 22.05 19.82 36.46
C TYR G 48 21.62 19.98 37.91
N ASN G 49 21.80 21.19 38.43
CA ASN G 49 21.36 21.48 39.79
C ASN G 49 19.87 21.69 39.89
N SER G 50 19.19 21.90 38.76
CA SER G 50 17.76 22.20 38.77
C SER G 50 17.19 21.83 37.41
N GLU G 51 15.89 22.10 37.24
CA GLU G 51 15.24 21.90 35.95
C GLU G 51 15.46 23.09 35.03
N GLU G 52 15.50 24.30 35.60
CA GLU G 52 15.55 25.51 34.79
C GLU G 52 16.87 25.66 34.06
N GLU G 53 17.96 25.15 34.64
CA GLU G 53 19.25 25.14 33.97
C GLU G 53 19.20 24.29 32.70
N ALA G 54 18.61 23.09 32.82
CA ALA G 54 18.45 22.21 31.68
C ALA G 54 17.53 22.81 30.63
N LEU G 55 16.50 23.52 31.06
CA LEU G 55 15.57 24.13 30.14
C LEU G 55 16.24 25.25 29.33
N GLU G 56 16.96 26.15 30.02
CA GLU G 56 17.70 27.21 29.33
C GLU G 56 18.76 26.65 28.38
N ASP G 57 19.42 25.57 28.80
CA ASP G 57 20.46 24.95 27.99
C ASP G 57 19.87 24.36 26.71
N ALA G 58 18.73 23.68 26.82
CA ALA G 58 18.08 23.09 25.66
C ALA G 58 17.54 24.16 24.71
N LEU G 59 17.05 25.27 25.25
CA LEU G 59 16.52 26.35 24.40
C LEU G 59 17.63 27.03 23.60
N ARG G 60 18.75 27.35 24.27
CA ARG G 60 19.90 27.94 23.57
C ARG G 60 20.46 27.02 22.51
N LEU G 61 20.59 25.72 22.83
CA LEU G 61 21.16 24.81 21.84
C LEU G 61 20.19 24.51 20.69
N ALA G 62 18.88 24.62 20.92
CA ALA G 62 17.93 24.47 19.83
C ALA G 62 18.03 25.63 18.85
N ARG G 63 18.15 26.86 19.35
CA ARG G 63 18.34 28.01 18.47
CA ARG G 63 18.33 27.99 18.45
C ARG G 63 19.66 27.91 17.71
N GLY G 64 20.72 27.48 18.40
CA GLY G 64 22.01 27.33 17.74
C GLY G 64 22.01 26.28 16.65
N MET G 65 21.33 25.16 16.89
CA MET G 65 21.22 24.14 15.84
C MET G 65 20.36 24.60 14.67
N THR G 66 19.37 25.46 14.91
CA THR G 66 18.62 26.04 13.80
C THR G 66 19.52 26.84 12.88
N TYR G 67 20.32 27.74 13.45
CA TYR G 67 21.21 28.53 12.60
C TYR G 67 22.33 27.71 11.97
N LYS G 68 22.82 26.68 12.67
CA LYS G 68 23.84 25.80 12.10
C LYS G 68 23.31 25.00 10.93
N ASN G 69 22.12 24.38 11.07
CA ASN G 69 21.57 23.62 9.97
C ASN G 69 21.17 24.52 8.80
N ALA G 70 20.74 25.75 9.08
CA ALA G 70 20.35 26.64 7.98
C ALA G 70 21.55 27.13 7.21
N ALA G 71 22.62 27.54 7.91
CA ALA G 71 23.78 28.06 7.21
C ALA G 71 24.59 26.98 6.50
N ALA G 72 24.44 25.72 6.90
CA ALA G 72 25.20 24.65 6.29
C ALA G 72 24.66 24.24 4.93
N GLY G 73 23.45 24.64 4.58
CA GLY G 73 22.83 24.21 3.35
C GLY G 73 22.03 22.94 3.46
N LEU G 74 21.56 22.59 4.64
CA LEU G 74 20.85 21.35 4.89
C LEU G 74 19.35 21.60 4.97
N ASN G 75 18.57 20.60 4.59
CA ASN G 75 17.12 20.67 4.68
C ASN G 75 16.65 20.09 6.00
N LEU G 76 17.11 20.72 7.07
CA LEU G 76 16.90 20.24 8.42
C LEU G 76 16.66 21.44 9.32
N GLY G 77 15.86 21.21 10.36
CA GLY G 77 15.55 22.25 11.33
C GLY G 77 16.46 22.20 12.53
N GLY G 78 16.04 22.91 13.57
CA GLY G 78 16.84 22.93 14.77
C GLY G 78 16.11 22.46 16.01
N GLY G 79 16.71 21.50 16.71
CA GLY G 79 16.19 21.05 17.97
C GLY G 79 17.34 20.55 18.83
N LYS G 80 16.99 20.09 20.03
CA LYS G 80 17.97 19.62 21.00
C LYS G 80 17.25 18.91 22.13
N THR G 81 17.80 17.77 22.53
CA THR G 81 17.31 17.04 23.69
C THR G 81 18.32 17.20 24.82
N VAL G 82 17.82 17.40 26.03
CA VAL G 82 18.62 17.30 27.24
C VAL G 82 17.99 16.24 28.12
N ILE G 83 18.73 15.18 28.41
CA ILE G 83 18.33 14.21 29.41
C ILE G 83 18.97 14.59 30.74
N ILE G 84 18.16 14.71 31.78
CA ILE G 84 18.65 15.09 33.10
C ILE G 84 19.03 13.82 33.84
N GLY G 85 20.32 13.63 34.06
CA GLY G 85 20.80 12.47 34.77
C GLY G 85 22.31 12.45 34.77
N ASP G 86 22.86 11.40 35.34
CA ASP G 86 24.31 11.23 35.36
C ASP G 86 24.68 10.14 34.38
N PRO G 87 25.50 10.42 33.36
CA PRO G 87 25.87 9.38 32.39
C PRO G 87 26.88 8.36 32.91
N ARG G 88 27.30 8.44 34.18
CA ARG G 88 28.19 7.46 34.75
C ARG G 88 27.50 6.49 35.70
N LYS G 89 26.34 6.88 36.25
CA LYS G 89 25.62 6.02 37.19
C LYS G 89 24.16 5.80 36.86
N ASP G 90 23.59 6.48 35.87
CA ASP G 90 22.14 6.49 35.67
C ASP G 90 21.78 6.21 34.22
N LYS G 91 22.40 5.20 33.62
CA LYS G 91 22.00 4.71 32.32
C LYS G 91 21.57 3.25 32.41
N ASN G 92 20.53 2.91 31.67
CA ASN G 92 20.11 1.54 31.46
C ASN G 92 19.38 1.45 30.13
N GLU G 93 18.93 0.26 29.79
CA GLU G 93 18.26 0.05 28.51
C GLU G 93 16.88 0.68 28.50
N ALA G 94 16.21 0.68 29.66
CA ALA G 94 14.79 1.00 29.70
C ALA G 94 14.52 2.46 29.42
N MET G 95 15.42 3.35 29.85
CA MET G 95 15.22 4.77 29.58
C MET G 95 15.43 5.10 28.11
N PHE G 96 16.32 4.38 27.41
CA PHE G 96 16.46 4.67 25.99
C PHE G 96 15.40 3.98 25.15
N ARG G 97 14.84 2.85 25.61
CA ARG G 97 13.68 2.31 24.91
C ARG G 97 12.45 3.21 25.08
N ALA G 98 12.26 3.73 26.29
CA ALA G 98 11.18 4.70 26.53
C ALA G 98 11.39 5.97 25.72
N PHE G 99 12.63 6.47 25.66
CA PHE G 99 12.93 7.67 24.91
C PHE G 99 12.82 7.46 23.40
N GLY G 100 13.16 6.28 22.90
CA GLY G 100 12.94 6.01 21.49
C GLY G 100 11.48 5.92 21.14
N ARG G 101 10.63 5.43 22.06
CA ARG G 101 9.21 5.49 21.79
C ARG G 101 8.65 6.90 21.86
N PHE G 102 9.23 7.77 22.69
CA PHE G 102 8.80 9.16 22.66
C PHE G 102 9.26 9.88 21.39
N ILE G 103 10.37 9.46 20.79
CA ILE G 103 10.76 10.06 19.51
C ILE G 103 9.88 9.55 18.38
N GLN G 104 9.55 8.25 18.41
CA GLN G 104 8.61 7.69 17.45
C GLN G 104 7.22 8.29 17.59
N GLY G 105 6.87 8.79 18.78
CA GLY G 105 5.60 9.46 18.96
C GLY G 105 5.54 10.86 18.40
N LEU G 106 6.64 11.37 17.85
CA LEU G 106 6.64 12.65 17.14
C LEU G 106 6.48 12.49 15.64
N ASN G 107 6.59 11.27 15.12
CA ASN G 107 6.42 10.92 13.71
C ASN G 107 7.41 11.68 12.82
N GLY G 108 8.69 11.52 13.11
CA GLY G 108 9.71 12.03 12.21
C GLY G 108 9.91 13.53 12.24
N ARG G 109 9.19 14.22 13.11
CA ARG G 109 9.30 15.65 13.29
C ARG G 109 10.57 16.05 14.03
N TYR G 110 11.25 15.10 14.66
CA TYR G 110 12.50 15.33 15.38
C TYR G 110 13.43 14.14 15.19
N ILE G 111 14.65 14.40 14.73
CA ILE G 111 15.66 13.40 14.47
C ILE G 111 16.81 13.63 15.44
N THR G 112 17.29 12.56 16.07
CA THR G 112 18.28 12.69 17.13
C THR G 112 19.64 12.15 16.71
N ALA G 113 20.69 12.69 17.34
CA ALA G 113 22.06 12.28 17.11
C ALA G 113 22.77 12.21 18.45
N GLU G 114 24.04 11.83 18.44
CA GLU G 114 24.75 11.81 19.71
C GLU G 114 25.42 13.16 19.96
N ASP G 115 25.77 13.38 21.22
CA ASP G 115 26.29 14.66 21.67
C ASP G 115 27.06 14.39 22.96
N VAL G 116 27.34 15.43 23.74
CA VAL G 116 28.06 15.30 24.99
C VAL G 116 27.16 14.57 25.99
N GLY G 117 27.52 13.34 26.33
CA GLY G 117 26.75 12.62 27.32
C GLY G 117 26.37 11.23 26.86
N THR G 118 26.14 11.08 25.57
CA THR G 118 25.75 9.81 24.97
C THR G 118 26.81 9.34 24.00
N THR G 119 26.81 8.03 23.74
CA THR G 119 27.75 7.37 22.85
C THR G 119 26.98 6.68 21.73
N VAL G 120 27.69 6.11 20.76
CA VAL G 120 26.99 5.22 19.84
C VAL G 120 27.03 3.80 20.39
N ALA G 121 26.35 3.62 21.51
CA ALA G 121 25.75 2.38 21.97
C ALA G 121 24.39 2.66 22.56
N ASP G 122 24.11 3.91 22.92
CA ASP G 122 22.81 4.37 23.33
C ASP G 122 21.96 4.75 22.13
N MET G 123 22.59 5.20 21.04
CA MET G 123 21.87 5.30 19.77
C MET G 123 21.88 3.99 19.00
N ASP G 124 21.66 2.90 19.67
CA ASP G 124 21.37 1.56 19.16
C ASP G 124 20.23 0.95 19.93
N ILE G 125 20.05 1.37 21.18
CA ILE G 125 18.87 1.05 21.93
C ILE G 125 17.70 1.90 21.45
N ILE G 126 17.98 3.16 21.12
CA ILE G 126 16.98 4.03 20.52
C ILE G 126 16.61 3.55 19.13
N TYR G 127 17.58 3.04 18.37
CA TYR G 127 17.32 2.54 17.02
C TYR G 127 16.39 1.33 17.02
N GLN G 128 16.32 0.58 18.12
CA GLN G 128 15.36 -0.50 18.23
C GLN G 128 13.94 0.00 18.28
N GLU G 129 13.72 1.26 18.67
CA GLU G 129 12.37 1.79 18.79
C GLU G 129 12.01 2.82 17.73
N THR G 130 12.95 3.26 16.90
CA THR G 130 12.67 4.32 15.94
C THR G 130 13.65 4.27 14.78
N ASP G 131 13.26 4.90 13.68
CA ASP G 131 14.15 5.20 12.57
C ASP G 131 14.78 6.58 12.66
N TYR G 132 14.29 7.44 13.55
CA TYR G 132 14.64 8.85 13.49
C TYR G 132 15.83 9.10 14.40
N VAL G 133 16.93 8.48 14.03
CA VAL G 133 18.18 8.54 14.76
C VAL G 133 19.31 8.35 13.76
N THR G 134 20.37 9.14 13.90
CA THR G 134 21.47 9.09 12.96
C THR G 134 22.79 8.85 13.69
N GLY G 135 23.71 8.21 13.00
CA GLY G 135 24.90 7.68 13.61
C GLY G 135 24.81 6.23 14.03
N ILE G 136 24.07 5.41 13.30
CA ILE G 136 23.66 4.10 13.80
C ILE G 136 24.27 2.97 12.98
N SER G 137 24.48 3.21 11.69
CA SER G 137 24.62 2.13 10.73
C SER G 137 26.03 1.55 10.76
N PRO G 138 26.19 0.31 10.29
CA PRO G 138 27.56 -0.20 10.10
C PRO G 138 28.30 0.51 8.98
N GLU G 139 27.59 1.09 8.01
CA GLU G 139 28.25 1.87 6.97
C GLU G 139 28.84 3.16 7.54
N PHE G 140 28.04 3.92 8.27
CA PHE G 140 28.56 5.08 8.99
C PHE G 140 29.44 4.67 10.16
N GLY G 141 29.23 3.47 10.71
CA GLY G 141 30.11 2.97 11.75
C GLY G 141 31.48 2.59 11.25
N SER G 142 31.62 2.31 9.96
CA SER G 142 32.92 2.02 9.36
C SER G 142 33.55 3.28 8.76
N SER G 143 32.88 3.88 7.78
CA SER G 143 33.50 4.93 6.96
C SER G 143 33.06 6.33 7.35
N GLY G 144 32.48 6.50 8.54
CA GLY G 144 31.90 7.77 8.93
C GLY G 144 32.56 8.43 10.12
N ASN G 145 33.89 8.49 10.13
CA ASN G 145 34.62 9.18 11.18
C ASN G 145 34.32 10.66 11.15
N PRO G 146 33.84 11.26 12.25
CA PRO G 146 33.41 12.67 12.20
C PRO G 146 34.56 13.67 12.11
N SER G 147 35.69 13.37 12.73
CA SER G 147 36.82 14.29 12.83
C SER G 147 37.55 14.60 11.51
N PRO G 148 37.79 13.65 10.59
CA PRO G 148 38.30 14.08 9.27
C PRO G 148 37.33 14.95 8.50
N ALA G 149 36.03 14.74 8.66
CA ALA G 149 35.04 15.61 8.02
C ALA G 149 35.09 17.01 8.60
N THR G 150 35.16 17.12 9.93
CA THR G 150 35.19 18.43 10.57
C THR G 150 36.48 19.16 10.22
N ALA G 151 37.59 18.43 10.14
CA ALA G 151 38.85 19.06 9.75
C ALA G 151 38.86 19.45 8.28
N TYR G 152 38.19 18.69 7.41
CA TYR G 152 38.12 19.08 6.00
C TYR G 152 37.26 20.33 5.84
N GLY G 153 36.22 20.46 6.66
CA GLY G 153 35.45 21.70 6.66
C GLY G 153 36.22 22.89 7.18
N VAL G 154 37.01 22.70 8.24
CA VAL G 154 37.84 23.78 8.77
C VAL G 154 38.91 24.17 7.74
N TYR G 155 39.41 23.19 7.00
CA TYR G 155 40.35 23.43 5.90
C TYR G 155 39.74 24.33 4.83
N ARG G 156 38.54 24.00 4.36
CA ARG G 156 37.90 24.79 3.31
C ARG G 156 37.52 26.20 3.80
N GLY G 157 37.04 26.30 5.04
CA GLY G 157 36.72 27.62 5.58
C GLY G 157 37.94 28.48 5.79
N MET G 158 39.08 27.87 6.14
CA MET G 158 40.31 28.63 6.27
C MET G 158 40.83 29.07 4.91
N LYS G 159 40.61 28.27 3.86
CA LYS G 159 40.88 28.72 2.49
C LYS G 159 40.06 29.94 2.12
N ALA G 160 38.77 29.93 2.47
CA ALA G 160 37.91 31.08 2.13
C ALA G 160 38.32 32.33 2.91
N ALA G 161 38.64 32.18 4.19
CA ALA G 161 39.11 33.33 4.96
C ALA G 161 40.48 33.82 4.48
N ALA G 162 41.32 32.91 3.98
CA ALA G 162 42.60 33.31 3.42
C ALA G 162 42.43 34.09 2.12
N LYS G 163 41.47 33.69 1.29
CA LYS G 163 41.23 34.45 0.07
C LYS G 163 40.54 35.79 0.38
N GLU G 164 39.80 35.86 1.47
CA GLU G 164 39.25 37.15 1.90
C GLU G 164 40.35 38.09 2.37
N ALA G 165 41.23 37.63 3.25
CA ALA G 165 42.19 38.53 3.89
C ALA G 165 43.48 38.71 3.11
N PHE G 166 43.78 37.83 2.15
CA PHE G 166 45.06 37.84 1.45
C PHE G 166 44.94 38.05 -0.05
N GLY G 167 43.85 37.63 -0.66
CA GLY G 167 43.69 37.77 -2.10
C GLY G 167 43.68 36.44 -2.81
N SER G 168 44.56 35.54 -2.40
CA SER G 168 44.62 34.19 -2.93
C SER G 168 44.47 33.18 -1.80
N ASP G 169 43.88 32.03 -2.12
CA ASP G 169 43.63 31.01 -1.12
C ASP G 169 44.83 30.11 -0.85
N SER G 170 45.96 30.35 -1.50
CA SER G 170 47.13 29.50 -1.31
C SER G 170 47.76 29.78 0.05
N LEU G 171 47.89 28.73 0.86
CA LEU G 171 48.53 28.83 2.17
C LEU G 171 49.98 28.37 2.15
N GLU G 172 50.58 28.22 0.96
CA GLU G 172 51.95 27.72 0.85
C GLU G 172 52.90 28.83 1.29
N GLY G 173 53.32 28.77 2.55
CA GLY G 173 54.16 29.77 3.13
C GLY G 173 53.53 30.57 4.26
N LYS G 174 52.49 30.04 4.91
CA LYS G 174 51.79 30.76 5.97
C LYS G 174 52.05 30.09 7.31
N VAL G 175 51.78 30.84 8.37
CA VAL G 175 52.08 30.42 9.74
C VAL G 175 50.75 30.26 10.47
N VAL G 176 50.40 29.01 10.78
CA VAL G 176 49.10 28.68 11.34
C VAL G 176 49.30 28.25 12.79
N ALA G 177 48.71 28.99 13.72
CA ALA G 177 48.80 28.69 15.14
C ALA G 177 47.56 27.91 15.58
N VAL G 178 47.77 26.71 16.10
CA VAL G 178 46.69 25.79 16.48
C VAL G 178 46.86 25.46 17.96
N GLN G 179 45.79 25.62 18.73
CA GLN G 179 45.79 25.13 20.10
C GLN G 179 44.87 23.91 20.21
N GLY G 180 45.30 22.94 21.00
CA GLY G 180 44.68 21.63 21.02
C GLY G 180 45.23 20.76 19.91
N VAL G 181 45.62 19.52 20.23
CA VAL G 181 46.10 18.59 19.22
C VAL G 181 45.14 17.41 19.33
N GLY G 182 43.86 17.71 19.51
CA GLY G 182 42.81 16.73 19.37
C GLY G 182 42.68 16.21 17.94
N ASN G 183 41.71 15.31 17.76
CA ASN G 183 41.58 14.55 16.51
C ASN G 183 41.27 15.44 15.33
N VAL G 184 40.35 16.40 15.52
CA VAL G 184 40.03 17.37 14.48
C VAL G 184 41.24 18.22 14.16
N ALA G 185 41.93 18.69 15.20
CA ALA G 185 43.11 19.51 15.00
C ALA G 185 44.27 18.73 14.42
N TYR G 186 44.38 17.43 14.73
CA TYR G 186 45.45 16.62 14.18
C TYR G 186 45.23 16.36 12.68
N HIS G 187 43.99 16.07 12.28
CA HIS G 187 43.72 15.94 10.85
C HIS G 187 43.83 17.29 10.13
N LEU G 188 43.51 18.39 10.83
CA LEU G 188 43.71 19.73 10.26
C LEU G 188 45.18 20.00 10.01
N CYS G 189 46.04 19.64 10.97
CA CYS G 189 47.48 19.78 10.78
C CYS G 189 48.00 18.88 9.67
N ARG G 190 47.40 17.70 9.47
CA ARG G 190 47.76 16.87 8.33
C ARG G 190 47.41 17.54 7.00
N HIS G 191 46.21 18.11 6.90
CA HIS G 191 45.84 18.83 5.67
C HIS G 191 46.73 20.04 5.41
N LEU G 192 47.05 20.79 6.47
CA LEU G 192 47.90 21.97 6.30
C LEU G 192 49.34 21.60 6.00
N HIS G 193 49.81 20.45 6.47
CA HIS G 193 51.15 20.01 6.14
C HIS G 193 51.24 19.45 4.74
N GLU G 194 50.20 18.75 4.27
CA GLU G 194 50.19 18.28 2.90
C GLU G 194 50.02 19.43 1.91
N GLU G 195 49.42 20.54 2.34
CA GLU G 195 49.45 21.73 1.49
C GLU G 195 50.84 22.35 1.48
N GLY G 196 51.53 22.32 2.61
CA GLY G 196 52.83 22.96 2.73
C GLY G 196 52.80 24.29 3.43
N ALA G 197 52.16 24.33 4.60
CA ALA G 197 52.12 25.53 5.43
C ALA G 197 52.90 25.29 6.71
N LYS G 198 53.47 26.37 7.25
CA LYS G 198 54.24 26.29 8.48
C LYS G 198 53.29 26.30 9.66
N LEU G 199 53.48 25.34 10.58
CA LEU G 199 52.54 25.08 11.65
C LEU G 199 53.18 25.34 13.00
N ILE G 200 52.38 25.84 13.94
CA ILE G 200 52.79 26.03 15.32
C ILE G 200 51.67 25.52 16.21
N VAL G 201 51.92 24.43 16.93
CA VAL G 201 50.86 23.72 17.63
C VAL G 201 51.12 23.76 19.13
N THR G 202 50.02 23.61 19.88
CA THR G 202 50.12 23.43 21.32
C THR G 202 48.89 22.67 21.81
N ASP G 203 48.98 22.16 23.03
CA ASP G 203 47.92 21.39 23.66
C ASP G 203 48.23 21.35 25.16
N ILE G 204 47.20 20.99 25.94
CA ILE G 204 47.38 20.83 27.38
C ILE G 204 48.29 19.64 27.68
N ASN G 205 48.13 18.54 26.93
CA ASN G 205 48.93 17.35 27.13
C ASN G 205 50.22 17.43 26.32
N LYS G 206 51.33 17.03 26.96
CA LYS G 206 52.64 17.09 26.32
C LYS G 206 52.80 16.01 25.26
N GLU G 207 52.09 14.89 25.42
CA GLU G 207 52.25 13.75 24.53
C GLU G 207 51.72 14.05 23.12
N ALA G 208 50.57 14.73 23.03
CA ALA G 208 50.03 15.10 21.73
C ALA G 208 50.89 16.14 21.04
N VAL G 209 51.49 17.06 21.80
CA VAL G 209 52.41 18.04 21.23
C VAL G 209 53.65 17.35 20.71
N ALA G 210 54.16 16.34 21.44
CA ALA G 210 55.33 15.60 20.99
C ALA G 210 55.03 14.79 19.74
N ARG G 211 53.82 14.20 19.66
CA ARG G 211 53.40 13.50 18.45
C ARG G 211 53.30 14.44 17.27
N ALA G 212 52.76 15.65 17.48
CA ALA G 212 52.61 16.61 16.39
C ALA G 212 53.96 17.12 15.90
N VAL G 213 54.93 17.31 16.82
CA VAL G 213 56.26 17.75 16.42
C VAL G 213 57.00 16.64 15.69
N GLU G 214 56.84 15.38 16.14
CA GLU G 214 57.46 14.26 15.43
C GLU G 214 56.84 14.04 14.05
N GLU G 215 55.55 14.31 13.89
CA GLU G 215 54.91 14.01 12.62
C GLU G 215 55.00 15.14 11.60
N PHE G 216 54.55 16.35 11.97
CA PHE G 216 54.31 17.38 10.97
C PHE G 216 55.25 18.58 11.10
N GLY G 217 56.23 18.52 12.00
CA GLY G 217 57.27 19.54 12.07
C GLY G 217 56.80 20.90 12.54
N ALA G 218 56.42 20.99 13.80
CA ALA G 218 55.91 22.23 14.39
C ALA G 218 56.74 22.60 15.62
N LYS G 219 56.31 23.63 16.33
CA LYS G 219 56.99 24.14 17.50
C LYS G 219 56.23 23.76 18.75
N ALA G 220 56.92 23.12 19.70
CA ALA G 220 56.33 22.79 21.00
C ALA G 220 56.23 24.06 21.83
N VAL G 221 55.03 24.61 21.92
CA VAL G 221 54.78 25.90 22.56
C VAL G 221 53.93 25.66 23.80
N ASP G 222 54.19 26.43 24.86
CA ASP G 222 53.39 26.35 26.07
C ASP G 222 51.95 26.81 25.80
N PRO G 223 50.97 26.26 26.53
CA PRO G 223 49.57 26.60 26.24
C PRO G 223 49.16 28.01 26.65
N ASN G 224 49.95 28.72 27.46
CA ASN G 224 49.55 30.03 27.93
C ASN G 224 49.97 31.16 26.99
N ASP G 225 50.97 30.94 26.14
CA ASP G 225 51.50 31.99 25.27
C ASP G 225 51.31 31.68 23.80
N ILE G 226 50.26 30.94 23.45
CA ILE G 226 49.94 30.71 22.04
C ILE G 226 49.29 31.94 21.42
N TYR G 227 48.75 32.84 22.25
CA TYR G 227 48.03 34.00 21.74
C TYR G 227 48.98 35.05 21.19
N GLY G 228 50.12 35.24 21.86
CA GLY G 228 51.14 36.18 21.46
C GLY G 228 52.10 35.71 20.39
N VAL G 229 51.90 34.52 19.83
CA VAL G 229 52.73 34.04 18.74
C VAL G 229 52.40 34.82 17.48
N GLU G 230 53.43 35.38 16.84
CA GLU G 230 53.24 36.11 15.59
C GLU G 230 52.90 35.14 14.47
N CYS G 231 51.71 35.28 13.89
CA CYS G 231 51.23 34.37 12.86
C CYS G 231 50.21 35.10 12.02
N ASP G 232 49.75 34.43 10.96
CA ASP G 232 48.64 34.94 10.16
C ASP G 232 47.30 34.39 10.66
N ILE G 233 47.16 33.08 10.66
CA ILE G 233 45.89 32.41 10.97
C ILE G 233 46.01 31.73 12.32
N PHE G 234 45.09 32.06 13.23
CA PHE G 234 44.96 31.37 14.49
C PHE G 234 43.73 30.46 14.42
N ALA G 235 43.92 29.19 14.78
CA ALA G 235 42.87 28.17 14.64
C ALA G 235 42.56 27.57 16.00
N PRO G 236 41.66 28.18 16.77
CA PRO G 236 41.33 27.65 18.09
C PRO G 236 40.49 26.38 18.00
N CYS G 237 40.91 25.34 18.72
CA CYS G 237 40.27 24.04 18.59
C CYS G 237 40.09 23.32 19.92
N ALA G 238 40.12 24.04 21.05
CA ALA G 238 40.09 23.38 22.34
C ALA G 238 38.80 23.65 23.12
N LEU G 239 38.49 24.91 23.43
CA LEU G 239 37.34 25.22 24.27
C LEU G 239 36.66 26.47 23.72
N GLY G 240 35.71 26.99 24.49
CA GLY G 240 35.02 28.23 24.18
C GLY G 240 35.25 29.27 25.25
N GLY G 241 34.72 30.46 24.99
CA GLY G 241 35.00 31.58 25.87
C GLY G 241 36.43 32.06 25.78
N ILE G 242 37.07 31.84 24.65
CA ILE G 242 38.47 32.20 24.48
C ILE G 242 38.63 33.71 24.37
N ILE G 243 37.98 34.30 23.36
CA ILE G 243 38.16 35.71 23.04
C ILE G 243 37.42 36.52 24.08
N ASN G 244 38.16 37.02 25.08
CA ASN G 244 37.60 37.96 26.05
C ASN G 244 38.57 39.11 26.28
N ASP G 245 38.30 39.92 27.31
CA ASP G 245 39.09 41.14 27.54
C ASP G 245 40.52 40.81 27.93
N GLN G 246 40.73 39.64 28.54
CA GLN G 246 42.09 39.23 28.89
C GLN G 246 42.91 38.82 27.67
N THR G 247 42.25 38.37 26.60
CA THR G 247 42.96 37.71 25.50
C THR G 247 43.00 38.50 24.20
N ILE G 248 42.22 39.58 24.09
CA ILE G 248 42.25 40.39 22.85
C ILE G 248 43.59 41.05 22.55
N PRO G 249 44.22 41.82 23.45
CA PRO G 249 45.42 42.56 23.03
C PRO G 249 46.69 41.74 22.89
N GLN G 250 46.63 40.40 22.84
CA GLN G 250 47.80 39.58 22.58
C GLN G 250 47.86 39.06 21.14
N LEU G 251 46.79 39.19 20.37
CA LEU G 251 46.77 38.65 19.01
C LEU G 251 47.66 39.47 18.08
N LYS G 252 48.69 38.82 17.55
CA LYS G 252 49.43 39.33 16.41
C LYS G 252 48.91 38.80 15.09
N ALA G 253 47.75 38.13 15.11
CA ALA G 253 47.18 37.51 13.92
C ALA G 253 46.10 38.40 13.32
N LYS G 254 45.59 37.99 12.17
CA LYS G 254 44.54 38.72 11.48
C LYS G 254 43.39 37.83 11.00
N VAL G 255 43.50 36.52 11.11
CA VAL G 255 42.47 35.57 10.71
C VAL G 255 42.25 34.60 11.86
N ILE G 256 41.01 34.46 12.30
CA ILE G 256 40.63 33.45 13.29
C ILE G 256 39.66 32.48 12.63
N ALA G 257 40.04 31.20 12.55
CA ALA G 257 39.18 30.20 11.93
C ALA G 257 39.53 28.83 12.51
N GLY G 258 38.72 28.35 13.44
CA GLY G 258 38.97 27.07 14.09
C GLY G 258 37.68 26.30 14.31
N SER G 259 37.84 25.09 14.84
CA SER G 259 36.73 24.17 15.05
C SER G 259 36.12 24.27 16.42
N ALA G 260 36.40 25.33 17.17
CA ALA G 260 35.90 25.44 18.52
C ALA G 260 34.47 25.97 18.53
N ASN G 261 33.70 25.52 19.51
CA ASN G 261 32.34 25.98 19.71
C ASN G 261 32.33 27.14 20.69
N ASN G 262 31.45 28.13 20.42
CA ASN G 262 31.23 29.31 21.25
C ASN G 262 32.51 30.10 21.46
N GLN G 263 33.11 30.52 20.34
CA GLN G 263 34.45 31.11 20.38
C GLN G 263 34.40 32.53 20.96
N LEU G 264 33.49 33.35 20.46
CA LEU G 264 33.29 34.67 21.05
C LEU G 264 32.58 34.51 22.38
N LYS G 265 33.18 35.06 23.45
CA LYS G 265 32.55 34.94 24.76
C LYS G 265 31.31 35.79 24.86
N GLU G 266 31.36 37.01 24.32
CA GLU G 266 30.25 37.95 24.27
C GLU G 266 30.29 38.61 22.90
N PRO G 267 29.13 39.06 22.37
CA PRO G 267 29.14 39.70 21.04
C PRO G 267 29.88 41.03 20.97
N ARG G 268 30.11 41.69 22.11
CA ARG G 268 30.92 42.91 22.13
CA ARG G 268 30.91 42.91 22.09
C ARG G 268 32.36 42.62 21.71
N HIS G 269 32.85 41.41 22.00
CA HIS G 269 34.18 41.04 21.57
C HIS G 269 34.24 40.83 20.06
N GLY G 270 33.14 40.34 19.47
CA GLY G 270 33.05 40.32 18.03
C GLY G 270 32.98 41.70 17.41
N ASP G 271 32.35 42.65 18.11
CA ASP G 271 32.39 44.04 17.66
C ASP G 271 33.80 44.61 17.73
N MET G 272 34.55 44.25 18.77
CA MET G 272 35.94 44.71 18.89
C MET G 272 36.83 44.12 17.80
N ILE G 273 36.64 42.83 17.48
CA ILE G 273 37.39 42.20 16.40
C ILE G 273 37.02 42.84 15.06
N HIS G 274 35.75 43.18 14.87
CA HIS G 274 35.34 43.89 13.66
C HIS G 274 35.94 45.28 13.58
N GLU G 275 36.16 45.93 14.73
CA GLU G 275 36.87 47.20 14.72
C GLU G 275 38.34 47.02 14.36
N MET G 276 39.01 46.01 14.92
CA MET G 276 40.45 45.84 14.72
C MET G 276 40.82 45.32 13.35
N GLY G 277 39.85 44.94 12.52
CA GLY G 277 40.17 44.44 11.19
C GLY G 277 40.63 43.00 11.14
N ILE G 278 40.57 42.28 12.26
CA ILE G 278 40.87 40.85 12.25
C ILE G 278 39.72 40.13 11.57
N VAL G 279 40.03 39.42 10.49
CA VAL G 279 39.01 38.71 9.72
C VAL G 279 38.54 37.51 10.52
N TYR G 280 37.32 37.58 11.05
CA TYR G 280 36.74 36.53 11.85
C TYR G 280 35.69 35.79 11.03
N ALA G 281 36.01 34.57 10.64
CA ALA G 281 34.93 33.75 10.09
C ALA G 281 34.16 33.11 11.24
N PRO G 282 32.83 33.05 11.15
CA PRO G 282 32.03 32.68 12.32
C PRO G 282 32.15 31.21 12.67
N ASP G 283 31.87 30.91 13.94
CA ASP G 283 32.24 29.62 14.49
C ASP G 283 31.34 28.48 13.99
N TYR G 284 30.01 28.69 13.96
CA TYR G 284 29.10 27.62 13.59
C TYR G 284 28.97 27.42 12.09
N VAL G 285 29.73 28.14 11.27
CA VAL G 285 29.78 27.87 9.84
C VAL G 285 31.02 27.07 9.46
N ILE G 286 32.14 27.30 10.14
CA ILE G 286 33.38 26.60 9.82
C ILE G 286 33.29 25.14 10.24
N ASN G 287 32.92 24.89 11.50
CA ASN G 287 32.97 23.55 12.06
C ASN G 287 31.72 22.72 11.76
N ALA G 288 30.96 23.09 10.74
CA ALA G 288 29.71 22.42 10.43
C ALA G 288 29.89 21.15 9.60
N GLY G 289 31.10 20.61 9.50
CA GLY G 289 31.30 19.43 8.69
C GLY G 289 30.78 18.16 9.33
N GLY G 290 30.80 18.08 10.66
CA GLY G 290 30.35 16.88 11.33
C GLY G 290 28.84 16.70 11.26
N VAL G 291 28.10 17.82 11.32
CA VAL G 291 26.65 17.76 11.21
C VAL G 291 26.24 17.39 9.80
N ILE G 292 26.98 17.87 8.80
CA ILE G 292 26.78 17.43 7.41
C ILE G 292 27.08 15.94 7.27
N ASN G 293 28.12 15.46 7.95
CA ASN G 293 28.48 14.04 7.84
C ASN G 293 27.42 13.16 8.48
N VAL G 294 26.86 13.57 9.62
CA VAL G 294 25.82 12.73 10.23
C VAL G 294 24.46 12.95 9.59
N ALA G 295 24.28 14.04 8.83
CA ALA G 295 23.02 14.26 8.12
C ALA G 295 23.01 13.62 6.74
N ASP G 296 24.16 13.29 6.18
CA ASP G 296 24.19 12.59 4.91
C ASP G 296 23.82 11.13 5.05
N GLU G 297 23.83 10.58 6.27
CA GLU G 297 23.43 9.21 6.52
C GLU G 297 21.95 8.96 6.21
N LEU G 298 21.12 10.01 6.27
CA LEU G 298 19.68 9.88 6.04
C LEU G 298 19.35 9.50 4.60
N TYR G 299 20.24 9.73 3.66
CA TYR G 299 20.08 9.32 2.27
C TYR G 299 20.50 7.88 2.03
N GLY G 300 21.10 7.23 3.02
CA GLY G 300 21.92 6.06 2.75
C GLY G 300 23.34 6.56 2.58
N TYR G 301 24.25 6.09 3.43
CA TYR G 301 25.52 6.78 3.60
C TYR G 301 26.45 6.54 2.42
N ASN G 302 27.07 7.61 1.94
CA ASN G 302 28.04 7.54 0.85
C ASN G 302 29.07 8.62 1.11
N ARG G 303 30.35 8.23 1.10
CA ARG G 303 31.42 9.14 1.52
C ARG G 303 31.68 10.23 0.50
N GLU G 304 31.52 9.93 -0.79
CA GLU G 304 31.86 10.89 -1.84
C GLU G 304 30.85 12.03 -1.90
N ARG G 305 29.55 11.70 -1.78
CA ARG G 305 28.51 12.73 -1.72
C ARG G 305 28.65 13.59 -0.47
N ALA G 306 29.00 12.98 0.66
CA ALA G 306 29.18 13.71 1.90
C ALA G 306 30.34 14.70 1.81
N MET G 307 31.49 14.25 1.29
CA MET G 307 32.64 15.14 1.20
C MET G 307 32.44 16.21 0.12
N LYS G 308 31.68 15.88 -0.93
CA LYS G 308 31.30 16.88 -1.92
C LYS G 308 30.39 17.95 -1.33
N LYS G 309 29.59 17.58 -0.33
CA LYS G 309 28.79 18.59 0.36
C LYS G 309 29.62 19.38 1.36
N ILE G 310 30.59 18.75 2.02
CA ILE G 310 31.46 19.43 2.99
C ILE G 310 32.38 20.43 2.29
N GLU G 311 32.66 20.22 1.00
CA GLU G 311 33.48 21.15 0.21
C GLU G 311 32.88 22.56 0.14
N GLN G 312 31.55 22.69 0.23
CA GLN G 312 30.87 23.97 0.03
C GLN G 312 30.96 24.92 1.23
N ILE G 313 31.70 24.58 2.28
CA ILE G 313 31.91 25.51 3.40
C ILE G 313 32.77 26.69 2.96
N TYR G 314 33.59 26.49 1.92
CA TYR G 314 34.25 27.57 1.20
C TYR G 314 33.26 28.63 0.71
N ASP G 315 32.24 28.19 -0.03
CA ASP G 315 31.24 29.12 -0.55
C ASP G 315 30.35 29.68 0.57
N ASN G 316 30.17 28.92 1.66
CA ASN G 316 29.39 29.41 2.79
C ASN G 316 30.08 30.58 3.47
N ILE G 317 31.38 30.43 3.78
CA ILE G 317 32.17 31.52 4.33
C ILE G 317 32.26 32.69 3.36
N GLU G 318 32.31 32.40 2.05
CA GLU G 318 32.33 33.46 1.05
C GLU G 318 31.05 34.27 1.05
N LYS G 319 29.90 33.60 1.22
CA LYS G 319 28.64 34.33 1.32
C LYS G 319 28.52 35.11 2.63
N VAL G 320 29.07 34.59 3.74
CA VAL G 320 29.08 35.35 4.99
C VAL G 320 29.87 36.64 4.83
N PHE G 321 31.04 36.56 4.20
CA PHE G 321 31.85 37.76 3.96
C PHE G 321 31.20 38.70 2.96
N ALA G 322 30.46 38.16 1.98
CA ALA G 322 29.74 39.02 1.04
C ALA G 322 28.62 39.80 1.72
N ILE G 323 27.86 39.15 2.61
CA ILE G 323 26.81 39.84 3.33
C ILE G 323 27.39 40.85 4.33
N ALA G 324 28.52 40.51 4.95
CA ALA G 324 29.17 41.42 5.89
C ALA G 324 29.70 42.66 5.20
N LYS G 325 30.26 42.52 4.00
CA LYS G 325 30.67 43.69 3.25
C LYS G 325 29.48 44.44 2.67
N ARG G 326 28.36 43.74 2.43
CA ARG G 326 27.20 44.37 1.83
CA ARG G 326 27.21 44.38 1.82
C ARG G 326 26.49 45.29 2.81
N ASP G 327 26.30 44.83 4.05
CA ASP G 327 25.50 45.58 5.01
C ASP G 327 26.37 46.31 6.03
N ASN G 328 27.70 46.16 5.94
CA ASN G 328 28.70 46.79 6.84
C ASN G 328 28.45 46.41 8.30
N ILE G 329 28.28 45.12 8.53
CA ILE G 329 27.94 44.57 9.84
C ILE G 329 29.04 43.58 10.20
N PRO G 330 29.20 43.25 11.48
CA PRO G 330 30.15 42.18 11.85
C PRO G 330 29.72 40.82 11.32
N THR G 331 30.69 39.91 11.26
CA THR G 331 30.47 38.64 10.56
C THR G 331 29.63 37.67 11.38
N TYR G 332 29.63 37.80 12.70
CA TYR G 332 28.75 36.94 13.50
C TYR G 332 27.29 37.36 13.36
N VAL G 333 27.04 38.62 13.01
CA VAL G 333 25.70 39.05 12.64
C VAL G 333 25.40 38.64 11.21
N ALA G 334 26.42 38.65 10.34
CA ALA G 334 26.24 38.28 8.94
C ALA G 334 25.87 36.81 8.77
N ALA G 335 26.38 35.94 9.65
CA ALA G 335 26.04 34.53 9.56
C ALA G 335 24.59 34.28 9.97
N ASP G 336 24.13 34.97 11.02
CA ASP G 336 22.73 34.87 11.43
C ASP G 336 21.79 35.41 10.35
N ARG G 337 22.17 36.51 9.71
CA ARG G 337 21.31 37.04 8.66
C ARG G 337 21.33 36.19 7.40
N MET G 338 22.46 35.55 7.09
CA MET G 338 22.51 34.54 6.04
C MET G 338 21.53 33.40 6.29
N ALA G 339 21.55 32.88 7.52
CA ALA G 339 20.66 31.76 7.85
C ALA G 339 19.19 32.17 7.84
N GLU G 340 18.88 33.35 8.36
CA GLU G 340 17.49 33.80 8.38
C GLU G 340 16.96 34.11 6.99
N GLU G 341 17.81 34.68 6.11
CA GLU G 341 17.39 34.90 4.74
C GLU G 341 17.20 33.58 3.99
N ARG G 342 17.99 32.56 4.32
CA ARG G 342 17.74 31.27 3.68
C ARG G 342 16.42 30.67 4.15
N ILE G 343 16.10 30.79 5.44
CA ILE G 343 14.83 30.26 5.95
C ILE G 343 13.63 30.98 5.34
N GLU G 344 13.69 32.32 5.27
CA GLU G 344 12.56 33.09 4.71
C GLU G 344 12.40 32.83 3.21
N THR G 345 13.51 32.73 2.48
CA THR G 345 13.43 32.51 1.04
C THR G 345 12.94 31.10 0.74
N MET G 346 13.35 30.11 1.51
CA MET G 346 12.87 28.77 1.24
C MET G 346 11.45 28.55 1.73
N ARG G 347 10.94 29.42 2.60
CA ARG G 347 9.51 29.38 2.89
CA ARG G 347 9.51 29.37 2.88
C ARG G 347 8.71 30.01 1.76
N LYS G 348 9.19 31.13 1.21
CA LYS G 348 8.43 31.80 0.16
C LYS G 348 8.61 31.19 -1.23
N ALA G 349 9.59 30.30 -1.43
CA ALA G 349 9.86 29.75 -2.75
C ALA G 349 9.46 28.29 -2.90
N ARG G 350 9.09 27.61 -1.83
CA ARG G 350 8.57 26.25 -1.87
C ARG G 350 7.10 26.23 -1.49
N SER G 351 6.33 27.20 -1.97
CA SER G 351 4.97 27.41 -1.51
C SER G 351 3.92 26.82 -2.44
N GLN G 352 4.26 26.51 -3.69
CA GLN G 352 3.26 25.98 -4.60
C GLN G 352 2.90 24.54 -4.25
N PHE G 353 1.63 24.21 -4.49
CA PHE G 353 1.04 22.98 -3.99
C PHE G 353 1.56 21.75 -4.70
N LEU G 354 1.84 20.71 -3.93
CA LEU G 354 2.10 19.36 -4.43
C LEU G 354 1.49 18.40 -3.44
N GLN G 355 0.93 17.30 -3.92
CA GLN G 355 0.41 16.28 -3.02
C GLN G 355 1.34 15.08 -2.92
N ASN G 356 2.53 15.17 -3.49
CA ASN G 356 3.54 14.12 -3.43
C ASN G 356 4.93 14.73 -3.26
N GLY G 357 5.05 15.69 -2.34
CA GLY G 357 6.32 16.38 -2.18
C GLY G 357 7.36 15.54 -1.45
N HIS G 358 8.62 15.78 -1.78
CA HIS G 358 9.74 15.12 -1.15
C HIS G 358 10.32 15.96 -0.02
N HIS G 359 10.81 15.27 1.00
CA HIS G 359 11.52 15.87 2.11
C HIS G 359 12.69 14.94 2.45
N ILE G 360 13.29 15.15 3.63
CA ILE G 360 14.50 14.43 3.97
C ILE G 360 14.20 12.99 4.34
N LEU G 361 12.95 12.68 4.68
CA LEU G 361 12.55 11.37 5.17
C LEU G 361 11.70 10.61 4.17
N SER G 362 11.66 11.09 2.93
CA SER G 362 10.81 10.47 1.93
C SER G 362 11.45 9.18 1.42
N ARG G 363 10.60 8.21 1.11
CA ARG G 363 11.06 6.96 0.53
C ARG G 363 10.96 7.08 -0.98
N ARG G 364 12.08 7.08 -1.66
CA ARG G 364 12.09 7.37 -3.08
C ARG G 364 12.77 6.26 -3.87
N ARG G 365 12.91 6.49 -5.18
CA ARG G 365 13.45 5.49 -6.08
CA ARG G 365 13.46 5.50 -6.09
C ARG G 365 14.94 5.29 -5.83
N ALA G 366 15.37 4.02 -5.93
CA ALA G 366 16.74 3.66 -5.58
C ALA G 366 17.75 4.24 -6.56
N ARG G 367 17.63 3.89 -7.84
CA ARG G 367 18.49 4.34 -8.94
C ARG G 367 19.98 4.10 -8.70
N MET H 1 7.83 25.46 39.50
CA MET H 1 6.84 24.50 39.95
C MET H 1 7.54 23.20 40.34
N GLU H 2 8.78 23.05 39.86
CA GLU H 2 9.56 21.81 39.90
C GLU H 2 8.77 20.69 39.21
N LEU H 3 8.66 20.86 37.90
CA LEU H 3 7.61 20.18 37.14
C LEU H 3 7.90 18.71 36.94
N PHE H 4 9.17 18.30 36.91
CA PHE H 4 9.46 16.87 36.85
C PHE H 4 9.15 16.15 38.17
N GLN H 5 9.16 16.85 39.31
CA GLN H 5 8.72 16.20 40.54
C GLN H 5 7.23 15.90 40.50
N TYR H 6 6.44 16.86 40.03
CA TYR H 6 4.99 16.65 39.95
C TYR H 6 4.65 15.64 38.88
N MET H 7 5.45 15.55 37.81
CA MET H 7 5.23 14.49 36.83
C MET H 7 5.64 13.13 37.39
N GLU H 8 6.73 13.08 38.15
CA GLU H 8 7.25 11.79 38.63
C GLU H 8 6.36 11.20 39.71
N LYS H 9 5.71 12.05 40.53
CA LYS H 9 4.83 11.54 41.59
C LYS H 9 3.62 10.79 41.04
N TYR H 10 3.04 11.26 39.93
CA TYR H 10 1.82 10.67 39.40
C TYR H 10 2.03 9.92 38.10
N ASP H 11 3.26 9.87 37.58
CA ASP H 11 3.62 9.22 36.33
C ASP H 11 2.84 9.83 35.15
N TYR H 12 3.01 11.13 34.98
CA TYR H 12 2.60 11.79 33.76
C TYR H 12 3.56 11.45 32.64
N GLU H 13 3.02 11.12 31.47
CA GLU H 13 3.90 10.81 30.35
C GLU H 13 4.52 12.06 29.77
N GLN H 14 3.70 12.98 29.27
CA GLN H 14 4.20 14.17 28.60
C GLN H 14 3.45 15.41 29.01
N VAL H 15 4.17 16.52 28.99
CA VAL H 15 3.61 17.86 28.93
C VAL H 15 4.26 18.53 27.72
N LEU H 16 3.50 19.32 26.98
CA LEU H 16 3.94 19.74 25.66
C LEU H 16 3.46 21.15 25.39
N PHE H 17 4.39 22.09 25.23
CA PHE H 17 4.07 23.51 25.12
C PHE H 17 4.12 23.91 23.65
N CYS H 18 2.95 24.18 23.07
CA CYS H 18 2.87 24.67 21.70
C CYS H 18 2.80 26.19 21.70
N GLN H 19 3.40 26.79 20.67
CA GLN H 19 3.44 28.23 20.54
C GLN H 19 3.47 28.56 19.06
N ASP H 20 2.73 29.59 18.67
CA ASP H 20 2.79 30.08 17.29
C ASP H 20 2.61 31.58 17.33
N LYS H 21 3.57 32.31 16.75
CA LYS H 21 3.67 33.75 16.95
C LYS H 21 2.78 34.52 15.99
N GLU H 22 2.70 34.10 14.74
CA GLU H 22 1.89 34.81 13.75
C GLU H 22 0.41 34.54 13.90
N SER H 23 0.01 33.65 14.80
CA SER H 23 -1.39 33.43 15.13
C SER H 23 -1.72 33.70 16.59
N GLY H 24 -0.73 33.78 17.47
CA GLY H 24 -0.98 34.06 18.87
C GLY H 24 -1.32 32.85 19.70
N LEU H 25 -0.96 31.65 19.25
CA LEU H 25 -1.33 30.44 19.97
C LEU H 25 -0.35 30.16 21.09
N LYS H 26 -0.87 29.88 22.28
CA LYS H 26 -0.11 29.40 23.43
C LYS H 26 -0.91 28.25 24.02
N ALA H 27 -0.45 27.01 23.84
CA ALA H 27 -1.22 25.85 24.25
C ALA H 27 -0.37 24.90 25.08
N ILE H 28 -1.03 24.20 26.00
CA ILE H 28 -0.38 23.24 26.89
C ILE H 28 -1.14 21.93 26.73
N ILE H 29 -0.54 20.95 26.10
CA ILE H 29 -1.16 19.63 25.96
C ILE H 29 -0.51 18.70 26.97
N VAL H 30 -1.31 18.08 27.81
CA VAL H 30 -0.80 17.22 28.86
C VAL H 30 -1.37 15.83 28.68
N ILE H 31 -0.48 14.85 28.55
CA ILE H 31 -0.83 13.45 28.41
C ILE H 31 -0.37 12.72 29.65
N HIS H 32 -1.31 12.11 30.38
CA HIS H 32 -1.02 11.41 31.62
C HIS H 32 -0.69 9.94 31.41
N ASP H 33 -1.58 9.20 30.77
CA ASP H 33 -1.38 7.77 30.61
C ASP H 33 -1.99 7.36 29.29
N THR H 34 -1.23 6.64 28.48
CA THR H 34 -1.70 6.07 27.24
C THR H 34 -1.50 4.56 27.21
N THR H 35 -1.78 3.91 28.34
CA THR H 35 -1.72 2.45 28.41
C THR H 35 -2.90 1.81 27.70
N LEU H 36 -4.12 2.28 28.00
CA LEU H 36 -5.32 1.66 27.43
C LEU H 36 -5.49 2.00 25.97
N GLY H 37 -5.28 3.25 25.61
CA GLY H 37 -5.38 3.68 24.24
C GLY H 37 -4.81 5.06 24.05
N PRO H 38 -5.23 5.75 23.00
CA PRO H 38 -4.85 7.14 22.83
C PRO H 38 -5.50 8.05 23.85
N ALA H 39 -4.81 9.13 24.17
CA ALA H 39 -5.28 10.07 25.19
C ALA H 39 -6.36 10.95 24.58
N LEU H 40 -7.61 10.68 24.90
CA LEU H 40 -8.68 11.58 24.53
C LEU H 40 -8.84 12.64 25.61
N GLY H 41 -8.96 13.89 25.19
CA GLY H 41 -9.17 14.97 26.12
C GLY H 41 -9.79 16.19 25.51
N GLY H 42 -10.40 17.03 26.34
CA GLY H 42 -11.00 18.23 25.83
C GLY H 42 -9.97 19.30 25.53
N THR H 43 -10.37 20.25 24.69
CA THR H 43 -9.58 21.45 24.44
C THR H 43 -10.29 22.61 25.11
N ARG H 44 -9.67 23.17 26.12
CA ARG H 44 -10.29 24.19 26.95
CA ARG H 44 -10.29 24.19 26.95
C ARG H 44 -9.55 25.50 26.76
N MET H 45 -10.29 26.57 26.47
CA MET H 45 -9.71 27.88 26.24
C MET H 45 -10.22 28.83 27.33
N TRP H 46 -9.30 29.40 28.10
CA TRP H 46 -9.65 30.26 29.21
C TRP H 46 -8.46 31.11 29.57
N MET H 47 -8.72 32.33 30.02
CA MET H 47 -7.66 33.29 30.31
C MET H 47 -7.20 33.14 31.75
N TYR H 48 -5.90 32.96 31.92
CA TYR H 48 -5.30 32.79 33.24
C TYR H 48 -4.44 34.00 33.60
N ASN H 49 -4.18 34.15 34.88
CA ASN H 49 -3.32 35.23 35.35
C ASN H 49 -1.85 34.93 35.11
N SER H 50 -1.50 33.67 34.86
CA SER H 50 -0.12 33.27 34.71
C SER H 50 -0.06 31.99 33.89
N GLU H 51 1.15 31.47 33.72
CA GLU H 51 1.33 30.18 33.05
C GLU H 51 1.11 29.02 34.00
N GLU H 52 1.52 29.19 35.27
CA GLU H 52 1.51 28.09 36.22
C GLU H 52 0.09 27.66 36.58
N GLU H 53 -0.86 28.60 36.56
CA GLU H 53 -2.25 28.25 36.78
C GLU H 53 -2.78 27.34 35.68
N ALA H 54 -2.46 27.67 34.43
CA ALA H 54 -2.84 26.84 33.29
C ALA H 54 -2.17 25.48 33.34
N LEU H 55 -0.92 25.45 33.79
CA LEU H 55 -0.19 24.18 33.88
C LEU H 55 -0.80 23.26 34.93
N GLU H 56 -1.07 23.79 36.14
CA GLU H 56 -1.73 23.00 37.19
C GLU H 56 -3.10 22.52 36.75
N ASP H 57 -3.84 23.38 36.04
CA ASP H 57 -5.18 23.04 35.59
C ASP H 57 -5.14 21.90 34.58
N ALA H 58 -4.21 21.96 33.63
CA ALA H 58 -4.07 20.91 32.63
C ALA H 58 -3.63 19.59 33.24
N LEU H 59 -2.75 19.64 34.26
CA LEU H 59 -2.28 18.42 34.90
C LEU H 59 -3.40 17.72 35.67
N ARG H 60 -4.17 18.49 36.46
CA ARG H 60 -5.30 17.92 37.18
C ARG H 60 -6.35 17.34 36.25
N LEU H 61 -6.66 18.04 35.17
CA LEU H 61 -7.68 17.54 34.26
C LEU H 61 -7.20 16.35 33.44
N ALA H 62 -5.88 16.24 33.20
CA ALA H 62 -5.35 15.05 32.53
C ALA H 62 -5.47 13.81 33.41
N ARG H 63 -5.17 13.95 34.70
CA ARG H 63 -5.35 12.82 35.62
CA ARG H 63 -5.34 12.82 35.60
C ARG H 63 -6.82 12.44 35.75
N GLY H 64 -7.69 13.44 35.81
CA GLY H 64 -9.12 13.17 35.91
C GLY H 64 -9.68 12.48 34.68
N MET H 65 -9.22 12.87 33.49
CA MET H 65 -9.67 12.18 32.29
C MET H 65 -9.11 10.78 32.19
N THR H 66 -7.92 10.51 32.76
CA THR H 66 -7.42 9.14 32.81
C THR H 66 -8.35 8.25 33.61
N TYR H 67 -8.72 8.68 34.82
CA TYR H 67 -9.62 7.86 35.62
C TYR H 67 -11.03 7.78 35.03
N LYS H 68 -11.51 8.84 34.38
CA LYS H 68 -12.82 8.79 33.74
C LYS H 68 -12.85 7.83 32.57
N ASN H 69 -11.86 7.90 31.68
CA ASN H 69 -11.83 6.97 30.55
C ASN H 69 -11.61 5.54 31.00
N ALA H 70 -10.85 5.32 32.08
CA ALA H 70 -10.61 3.96 32.54
C ALA H 70 -11.84 3.36 33.19
N ALA H 71 -12.55 4.12 34.04
CA ALA H 71 -13.72 3.58 34.71
C ALA H 71 -14.91 3.42 33.78
N ALA H 72 -14.93 4.14 32.66
CA ALA H 72 -16.07 4.06 31.73
C ALA H 72 -16.06 2.80 30.90
N GLY H 73 -14.94 2.09 30.83
CA GLY H 73 -14.83 0.94 29.97
C GLY H 73 -14.34 1.24 28.57
N LEU H 74 -13.63 2.34 28.38
CA LEU H 74 -13.17 2.77 27.08
C LEU H 74 -11.69 2.45 26.89
N ASN H 75 -11.31 2.23 25.65
CA ASN H 75 -9.91 1.96 25.30
C ASN H 75 -9.22 3.26 24.92
N LEU H 76 -9.19 4.17 25.90
CA LEU H 76 -8.71 5.52 25.69
C LEU H 76 -7.94 5.94 26.93
N GLY H 77 -6.96 6.79 26.74
CA GLY H 77 -6.15 7.30 27.81
C GLY H 77 -6.64 8.64 28.33
N GLY H 78 -5.79 9.29 29.09
CA GLY H 78 -6.17 10.58 29.62
C GLY H 78 -5.24 11.70 29.26
N GLY H 79 -5.79 12.77 28.70
CA GLY H 79 -5.04 13.97 28.43
C GLY H 79 -5.97 15.16 28.48
N LYS H 80 -5.39 16.34 28.24
CA LYS H 80 -6.13 17.60 28.31
C LYS H 80 -5.29 18.70 27.70
N THR H 81 -5.92 19.54 26.89
CA THR H 81 -5.29 20.73 26.35
C THR H 81 -5.86 21.94 27.03
N VAL H 82 -5.00 22.90 27.37
CA VAL H 82 -5.41 24.23 27.78
C VAL H 82 -4.80 25.23 26.81
N ILE H 83 -5.64 25.97 26.11
CA ILE H 83 -5.17 27.11 25.32
C ILE H 83 -5.29 28.36 26.17
N ILE H 84 -4.21 29.12 26.28
CA ILE H 84 -4.20 30.34 27.08
C ILE H 84 -4.61 31.49 26.17
N GLY H 85 -5.79 32.04 26.43
CA GLY H 85 -6.29 33.16 25.66
C GLY H 85 -7.69 33.49 26.10
N ASP H 86 -8.28 34.45 25.41
CA ASP H 86 -9.64 34.86 25.69
C ASP H 86 -10.52 34.34 24.56
N PRO H 87 -11.52 33.50 24.83
CA PRO H 87 -12.39 33.01 23.75
C PRO H 87 -13.40 34.02 23.23
N ARG H 88 -13.39 35.26 23.71
CA ARG H 88 -14.27 36.28 23.19
C ARG H 88 -13.56 37.30 22.31
N LYS H 89 -12.24 37.44 22.45
CA LYS H 89 -11.49 38.40 21.67
C LYS H 89 -10.26 37.84 20.95
N ASP H 90 -9.88 36.59 21.19
CA ASP H 90 -8.59 36.08 20.72
C ASP H 90 -8.76 34.73 20.02
N LYS H 91 -9.72 34.63 19.13
CA LYS H 91 -9.84 33.47 18.26
C LYS H 91 -9.75 33.90 16.81
N ASN H 92 -9.07 33.08 16.02
CA ASN H 92 -9.05 33.20 14.57
C ASN H 92 -8.79 31.83 13.97
N GLU H 93 -8.73 31.78 12.64
CA GLU H 93 -8.54 30.50 11.96
C GLU H 93 -7.12 29.99 12.13
N ALA H 94 -6.15 30.91 12.21
CA ALA H 94 -4.75 30.54 12.09
C ALA H 94 -4.26 29.79 13.31
N MET H 95 -4.76 30.12 14.49
CA MET H 95 -4.34 29.39 15.68
C MET H 95 -4.90 27.99 15.71
N PHE H 96 -6.09 27.75 15.16
CA PHE H 96 -6.58 26.38 15.14
C PHE H 96 -5.99 25.56 13.99
N ARG H 97 -5.58 26.20 12.89
CA ARG H 97 -4.83 25.46 11.88
C ARG H 97 -3.45 25.08 12.40
N ALA H 98 -2.79 26.00 13.10
CA ALA H 98 -1.52 25.69 13.73
C ALA H 98 -1.66 24.60 14.78
N PHE H 99 -2.71 24.68 15.60
CA PHE H 99 -2.94 23.68 16.63
C PHE H 99 -3.34 22.33 16.07
N GLY H 100 -4.07 22.29 14.95
CA GLY H 100 -4.34 21.03 14.31
C GLY H 100 -3.10 20.39 13.73
N ARG H 101 -2.15 21.20 13.23
CA ARG H 101 -0.89 20.63 12.79
C ARG H 101 -0.05 20.14 13.97
N PHE H 102 -0.15 20.78 15.12
CA PHE H 102 0.56 20.24 16.28
C PHE H 102 -0.08 18.94 16.79
N ILE H 103 -1.39 18.76 16.59
CA ILE H 103 -2.00 17.48 16.97
C ILE H 103 -1.63 16.40 15.98
N GLN H 104 -1.59 16.74 14.68
CA GLN H 104 -1.14 15.80 13.66
C GLN H 104 0.34 15.45 13.84
N GLY H 105 1.11 16.32 14.48
CA GLY H 105 2.50 16.00 14.78
C GLY H 105 2.71 15.05 15.93
N LEU H 106 1.63 14.64 16.60
CA LEU H 106 1.71 13.59 17.62
C LEU H 106 1.37 12.21 17.08
N ASN H 107 0.86 12.12 15.85
CA ASN H 107 0.52 10.87 15.16
C ASN H 107 -0.49 10.04 15.95
N GLY H 108 -1.64 10.64 16.25
CA GLY H 108 -2.73 9.88 16.82
C GLY H 108 -2.58 9.52 18.27
N ARG H 109 -1.51 9.95 18.90
CA ARG H 109 -1.22 9.72 20.30
C ARG H 109 -2.10 10.55 21.22
N TYR H 110 -2.77 11.58 20.69
CA TYR H 110 -3.66 12.45 21.43
C TYR H 110 -4.84 12.85 20.57
N ILE H 111 -6.05 12.60 21.06
CA ILE H 111 -7.30 12.89 20.36
C ILE H 111 -8.03 13.97 21.13
N THR H 112 -8.51 15.00 20.44
CA THR H 112 -9.10 16.16 21.08
C THR H 112 -10.62 16.23 20.90
N ALA H 113 -11.27 16.89 21.85
CA ALA H 113 -12.71 17.10 21.82
C ALA H 113 -12.98 18.53 22.27
N GLU H 114 -14.25 18.91 22.30
CA GLU H 114 -14.56 20.25 22.78
C GLU H 114 -14.80 20.24 24.28
N ASP H 115 -14.70 21.42 24.87
CA ASP H 115 -14.77 21.56 26.31
C ASP H 115 -15.15 23.01 26.58
N VAL H 116 -14.97 23.48 27.82
CA VAL H 116 -15.28 24.85 28.19
C VAL H 116 -14.32 25.79 27.48
N GLY H 117 -14.82 26.57 26.53
CA GLY H 117 -13.98 27.53 25.85
C GLY H 117 -14.06 27.43 24.34
N THR H 118 -14.27 26.21 23.85
CA THR H 118 -14.36 25.97 22.42
C THR H 118 -15.75 25.44 22.07
N THR H 119 -16.11 25.58 20.80
CA THR H 119 -17.39 25.17 20.26
C THR H 119 -17.16 24.17 19.13
N VAL H 120 -18.24 23.60 18.59
CA VAL H 120 -18.05 22.85 17.35
C VAL H 120 -18.25 23.79 16.16
N ALA H 121 -17.32 24.73 16.05
CA ALA H 121 -16.90 25.41 14.85
C ALA H 121 -15.40 25.57 14.83
N ASP H 122 -14.76 25.45 15.99
CA ASP H 122 -13.33 25.41 16.12
C ASP H 122 -12.81 24.00 15.96
N MET H 123 -13.61 22.99 16.30
CA MET H 123 -13.31 21.62 15.90
C MET H 123 -13.82 21.31 14.50
N ASP H 124 -13.67 22.21 13.58
CA ASP H 124 -13.85 22.06 12.15
C ASP H 124 -12.71 22.72 11.41
N ILE H 125 -12.08 23.70 12.03
CA ILE H 125 -10.83 24.24 11.56
C ILE H 125 -9.70 23.27 11.89
N ILE H 126 -9.77 22.65 13.07
CA ILE H 126 -8.82 21.61 13.45
C ILE H 126 -8.99 20.38 12.57
N TYR H 127 -10.24 20.05 12.21
CA TYR H 127 -10.49 18.89 11.36
C TYR H 127 -9.92 19.04 9.97
N GLN H 128 -9.69 20.28 9.51
CA GLN H 128 -9.01 20.48 8.25
C GLN H 128 -7.55 20.07 8.30
N GLU H 129 -6.95 20.00 9.48
CA GLU H 129 -5.55 19.64 9.61
C GLU H 129 -5.30 18.27 10.21
N THR H 130 -6.32 17.58 10.72
CA THR H 130 -6.10 16.32 11.39
C THR H 130 -7.37 15.48 11.37
N ASP H 131 -7.19 14.18 11.59
CA ASP H 131 -8.28 13.25 11.88
C ASP H 131 -8.52 13.07 13.36
N TYR H 132 -7.61 13.52 14.22
CA TYR H 132 -7.65 13.13 15.63
C TYR H 132 -8.43 14.17 16.42
N VAL H 133 -9.70 14.25 16.07
CA VAL H 133 -10.64 15.19 16.66
C VAL H 133 -12.01 14.55 16.60
N THR H 134 -12.78 14.70 17.67
CA THR H 134 -14.09 14.07 17.73
C THR H 134 -15.15 15.12 18.07
N GLY H 135 -16.37 14.87 17.59
CA GLY H 135 -17.41 15.87 17.60
C GLY H 135 -17.52 16.68 16.33
N ILE H 136 -17.22 16.08 15.17
CA ILE H 136 -17.00 16.85 13.95
C ILE H 136 -18.06 16.56 12.89
N SER H 137 -18.57 15.34 12.88
CA SER H 137 -19.24 14.80 11.70
C SER H 137 -20.66 15.32 11.58
N PRO H 138 -21.23 15.30 10.37
CA PRO H 138 -22.67 15.57 10.26
C PRO H 138 -23.53 14.49 10.88
N GLU H 139 -23.03 13.26 10.99
CA GLU H 139 -23.77 12.19 11.67
C GLU H 139 -23.86 12.48 13.17
N PHE H 140 -22.73 12.75 13.82
CA PHE H 140 -22.75 13.17 15.21
C PHE H 140 -23.31 14.58 15.34
N GLY H 141 -23.22 15.41 14.30
CA GLY H 141 -23.84 16.72 14.33
C GLY H 141 -25.36 16.67 14.27
N SER H 142 -25.92 15.59 13.76
CA SER H 142 -27.37 15.41 13.74
C SER H 142 -27.86 14.62 14.95
N SER H 143 -27.40 13.37 15.10
CA SER H 143 -27.97 12.44 16.05
C SER H 143 -27.14 12.29 17.31
N GLY H 144 -26.20 13.21 17.57
CA GLY H 144 -25.27 13.07 18.66
C GLY H 144 -25.39 14.12 19.74
N ASN H 145 -26.61 14.41 20.19
CA ASN H 145 -26.82 15.34 21.29
C ASN H 145 -26.22 14.79 22.58
N PRO H 146 -25.31 15.53 23.24
CA PRO H 146 -24.62 14.96 24.41
C PRO H 146 -25.48 14.84 25.65
N SER H 147 -26.43 15.76 25.85
CA SER H 147 -27.23 15.82 27.06
C SER H 147 -28.23 14.68 27.26
N PRO H 148 -28.94 14.14 26.24
CA PRO H 148 -29.70 12.92 26.48
C PRO H 148 -28.85 11.73 26.84
N ALA H 149 -27.64 11.64 26.29
CA ALA H 149 -26.71 10.57 26.65
C ALA H 149 -26.26 10.70 28.10
N THR H 150 -25.92 11.91 28.53
CA THR H 150 -25.47 12.12 29.91
C THR H 150 -26.60 11.86 30.88
N ALA H 151 -27.83 12.27 30.52
CA ALA H 151 -28.98 11.99 31.37
C ALA H 151 -29.33 10.52 31.42
N TYR H 152 -29.14 9.79 30.32
CA TYR H 152 -29.38 8.35 30.32
C TYR H 152 -28.36 7.62 31.19
N GLY H 153 -27.12 8.12 31.20
CA GLY H 153 -26.13 7.57 32.11
C GLY H 153 -26.42 7.87 33.58
N VAL H 154 -26.89 9.09 33.87
CA VAL H 154 -27.28 9.43 35.24
C VAL H 154 -28.48 8.61 35.68
N TYR H 155 -29.39 8.33 34.76
CA TYR H 155 -30.53 7.44 34.99
C TYR H 155 -30.08 6.04 35.40
N ARG H 156 -29.17 5.44 34.63
CA ARG H 156 -28.70 4.08 34.94
C ARG H 156 -27.91 4.03 36.24
N GLY H 157 -27.06 5.05 36.49
CA GLY H 157 -26.31 5.09 37.73
C GLY H 157 -27.20 5.28 38.95
N MET H 158 -28.28 6.04 38.79
CA MET H 158 -29.22 6.21 39.89
C MET H 158 -30.01 4.93 40.15
N LYS H 159 -30.29 4.15 39.09
CA LYS H 159 -30.85 2.81 39.27
C LYS H 159 -29.92 1.92 40.08
N ALA H 160 -28.62 1.95 39.78
CA ALA H 160 -27.68 1.11 40.50
C ALA H 160 -27.53 1.54 41.96
N ALA H 161 -27.50 2.85 42.22
CA ALA H 161 -27.45 3.33 43.60
C ALA H 161 -28.75 3.05 44.34
N ALA H 162 -29.88 3.03 43.64
CA ALA H 162 -31.14 2.68 44.27
C ALA H 162 -31.19 1.21 44.63
N LYS H 163 -30.64 0.33 43.79
CA LYS H 163 -30.60 -1.08 44.15
C LYS H 163 -29.59 -1.35 45.25
N GLU H 164 -28.55 -0.51 45.36
CA GLU H 164 -27.63 -0.63 46.48
C GLU H 164 -28.30 -0.24 47.80
N ALA H 165 -28.96 0.92 47.82
CA ALA H 165 -29.46 1.46 49.08
C ALA H 165 -30.85 0.96 49.46
N PHE H 166 -31.61 0.41 48.52
CA PHE H 166 -33.01 0.04 48.74
C PHE H 166 -33.29 -1.44 48.55
N GLY H 167 -32.55 -2.13 47.69
CA GLY H 167 -32.79 -3.53 47.45
C GLY H 167 -33.30 -3.80 46.06
N SER H 168 -34.20 -2.95 45.57
CA SER H 168 -34.70 -3.02 44.21
C SER H 168 -34.45 -1.71 43.49
N ASP H 169 -34.25 -1.79 42.19
CA ASP H 169 -33.95 -0.61 41.39
C ASP H 169 -35.19 0.18 40.97
N SER H 170 -36.39 -0.24 41.37
CA SER H 170 -37.60 0.45 40.98
C SER H 170 -37.73 1.76 41.73
N LEU H 171 -37.84 2.86 40.98
CA LEU H 171 -38.03 4.18 41.57
C LEU H 171 -39.49 4.62 41.56
N GLU H 172 -40.42 3.71 41.32
CA GLU H 172 -41.83 4.05 41.25
C GLU H 172 -42.34 4.34 42.65
N GLY H 173 -42.37 5.62 43.01
CA GLY H 173 -42.76 6.06 44.33
C GLY H 173 -41.67 6.73 45.13
N LYS H 174 -40.62 7.25 44.49
CA LYS H 174 -39.51 7.86 45.18
C LYS H 174 -39.50 9.36 44.96
N VAL H 175 -38.77 10.07 45.81
CA VAL H 175 -38.74 11.52 45.82
C VAL H 175 -37.33 11.95 45.44
N VAL H 176 -37.17 12.53 44.25
CA VAL H 176 -35.87 12.87 43.69
C VAL H 176 -35.73 14.38 43.69
N ALA H 177 -34.74 14.89 44.41
CA ALA H 177 -34.47 16.32 44.48
C ALA H 177 -33.37 16.68 43.50
N VAL H 178 -33.67 17.57 42.56
CA VAL H 178 -32.76 17.96 41.49
C VAL H 178 -32.56 19.46 41.56
N GLN H 179 -31.30 19.90 41.58
CA GLN H 179 -31.01 21.32 41.43
C GLN H 179 -30.39 21.58 40.05
N GLY H 180 -30.77 22.71 39.45
CA GLY H 180 -30.48 22.97 38.07
C GLY H 180 -31.52 22.33 37.16
N VAL H 181 -32.07 23.07 36.21
CA VAL H 181 -33.02 22.52 35.25
C VAL H 181 -32.35 22.76 33.89
N GLY H 182 -31.05 22.56 33.85
CA GLY H 182 -30.33 22.50 32.59
C GLY H 182 -30.74 21.30 31.74
N ASN H 183 -30.09 21.18 30.57
CA ASN H 183 -30.52 20.23 29.55
C ASN H 183 -30.38 18.78 30.01
N VAL H 184 -29.25 18.47 30.67
CA VAL H 184 -29.04 17.15 31.23
C VAL H 184 -30.07 16.87 32.32
N ALA H 185 -30.30 17.84 33.19
CA ALA H 185 -31.27 17.67 34.27
C ALA H 185 -32.71 17.62 33.73
N TYR H 186 -32.99 18.33 32.64
CA TYR H 186 -34.34 18.30 32.07
C TYR H 186 -34.64 16.94 31.44
N HIS H 187 -33.67 16.38 30.70
CA HIS H 187 -33.86 15.03 30.18
C HIS H 187 -33.88 13.98 31.29
N LEU H 188 -33.13 14.22 32.38
CA LEU H 188 -33.19 13.35 33.55
C LEU H 188 -34.57 13.36 34.19
N CYS H 189 -35.17 14.54 34.31
CA CYS H 189 -36.52 14.65 34.83
C CYS H 189 -37.54 14.00 33.89
N ARG H 190 -37.29 14.04 32.58
CA ARG H 190 -38.15 13.31 31.65
C ARG H 190 -38.08 11.80 31.87
N HIS H 191 -36.86 11.27 32.03
CA HIS H 191 -36.71 9.84 32.29
C HIS H 191 -37.35 9.43 33.62
N LEU H 192 -37.17 10.25 34.66
CA LEU H 192 -37.74 9.94 35.96
C LEU H 192 -39.25 10.09 35.97
N HIS H 193 -39.80 10.98 35.15
CA HIS H 193 -41.26 11.10 35.08
C HIS H 193 -41.88 9.99 34.25
N GLU H 194 -41.19 9.53 33.19
CA GLU H 194 -41.70 8.39 32.43
C GLU H 194 -41.57 7.10 33.22
N GLU H 195 -40.64 7.03 34.18
CA GLU H 195 -40.65 5.89 35.09
C GLU H 195 -41.81 6.01 36.08
N GLY H 196 -42.14 7.22 36.51
CA GLY H 196 -43.17 7.41 37.51
C GLY H 196 -42.63 7.67 38.91
N ALA H 197 -41.68 8.59 39.03
CA ALA H 197 -41.13 8.99 40.30
C ALA H 197 -41.53 10.43 40.62
N LYS H 198 -41.66 10.72 41.91
CA LYS H 198 -42.04 12.07 42.35
C LYS H 198 -40.80 12.96 42.35
N LEU H 199 -40.91 14.12 41.72
CA LEU H 199 -39.78 14.99 41.44
C LEU H 199 -39.93 16.31 42.18
N ILE H 200 -38.79 16.86 42.62
CA ILE H 200 -38.72 18.18 43.25
C ILE H 200 -37.53 18.89 42.63
N VAL H 201 -37.80 19.95 41.86
CA VAL H 201 -36.77 20.58 41.05
C VAL H 201 -36.55 22.01 41.50
N THR H 202 -35.35 22.52 41.23
CA THR H 202 -35.04 23.92 41.40
C THR H 202 -33.92 24.33 40.46
N ASP H 203 -33.77 25.64 40.29
CA ASP H 203 -32.77 26.22 39.40
C ASP H 203 -32.62 27.68 39.80
N ILE H 204 -31.53 28.29 39.35
CA ILE H 204 -31.30 29.72 39.57
C ILE H 204 -32.32 30.55 38.80
N ASN H 205 -32.62 30.15 37.57
CA ASN H 205 -33.58 30.87 36.75
C ASN H 205 -35.00 30.39 37.03
N LYS H 206 -35.93 31.35 37.12
CA LYS H 206 -37.32 31.02 37.42
C LYS H 206 -38.03 30.41 36.21
N GLU H 207 -37.57 30.73 35.00
CA GLU H 207 -38.24 30.27 33.79
C GLU H 207 -38.09 28.77 33.60
N ALA H 208 -36.90 28.22 33.86
CA ALA H 208 -36.70 26.79 33.75
C ALA H 208 -37.48 26.02 34.81
N VAL H 209 -37.60 26.59 36.01
CA VAL H 209 -38.40 25.97 37.06
C VAL H 209 -39.88 25.97 36.67
N ALA H 210 -40.35 27.06 36.06
CA ALA H 210 -41.73 27.13 35.60
C ALA H 210 -42.00 26.14 34.47
N ARG H 211 -41.03 25.98 33.56
CA ARG H 211 -41.16 24.97 32.50
C ARG H 211 -41.19 23.57 33.09
N ALA H 212 -40.37 23.29 34.09
CA ALA H 212 -40.35 21.96 34.70
C ALA H 212 -41.63 21.65 35.45
N VAL H 213 -42.20 22.66 36.12
CA VAL H 213 -43.46 22.45 36.84
C VAL H 213 -44.63 22.27 35.85
N GLU H 214 -44.63 23.03 34.75
CA GLU H 214 -45.65 22.84 33.72
C GLU H 214 -45.53 21.49 33.02
N GLU H 215 -44.32 20.98 32.85
CA GLU H 215 -44.17 19.75 32.09
C GLU H 215 -44.29 18.48 32.94
N PHE H 216 -43.51 18.37 34.01
CA PHE H 216 -43.35 17.08 34.67
C PHE H 216 -43.91 17.05 36.08
N GLY H 217 -44.57 18.11 36.53
CA GLY H 217 -45.29 18.09 37.80
C GLY H 217 -44.41 18.02 39.03
N ALA H 218 -43.67 19.09 39.29
CA ALA H 218 -42.75 19.15 40.43
C ALA H 218 -43.08 20.36 41.29
N LYS H 219 -42.22 20.61 42.28
CA LYS H 219 -42.41 21.71 43.22
C LYS H 219 -41.41 22.81 42.92
N ALA H 220 -41.91 24.04 42.76
CA ALA H 220 -41.06 25.21 42.57
C ALA H 220 -40.44 25.58 43.91
N VAL H 221 -39.18 25.23 44.10
CA VAL H 221 -38.47 25.37 45.36
C VAL H 221 -37.36 26.39 45.17
N ASP H 222 -37.11 27.20 46.20
CA ASP H 222 -36.03 28.17 46.19
C ASP H 222 -34.68 27.46 46.11
N PRO H 223 -33.67 28.09 45.49
CA PRO H 223 -32.38 27.41 45.31
C PRO H 223 -31.57 27.26 46.59
N ASN H 224 -31.91 27.99 47.66
CA ASN H 224 -31.11 27.95 48.88
C ASN H 224 -31.51 26.83 49.83
N ASP H 225 -32.75 26.33 49.73
CA ASP H 225 -33.25 25.33 50.67
C ASP H 225 -33.60 24.01 49.97
N ILE H 226 -32.87 23.67 48.90
CA ILE H 226 -33.04 22.37 48.28
C ILE H 226 -32.35 21.28 49.09
N TYR H 227 -31.41 21.66 49.95
CA TYR H 227 -30.62 20.68 50.69
C TYR H 227 -31.44 20.07 51.82
N GLY H 228 -32.27 20.88 52.48
CA GLY H 228 -33.12 20.45 53.58
C GLY H 228 -34.43 19.82 53.17
N VAL H 229 -34.66 19.61 51.88
CA VAL H 229 -35.87 18.93 51.44
C VAL H 229 -35.76 17.44 51.77
N GLU H 230 -36.78 16.91 52.44
CA GLU H 230 -36.81 15.49 52.78
C GLU H 230 -37.05 14.67 51.52
N CYS H 231 -36.08 13.84 51.17
CA CYS H 231 -36.14 13.05 49.95
C CYS H 231 -35.27 11.81 50.13
N ASP H 232 -35.31 10.93 49.14
CA ASP H 232 -34.40 9.80 49.09
C ASP H 232 -33.13 10.12 48.31
N ILE H 233 -33.29 10.48 47.04
CA ILE H 233 -32.17 10.68 46.12
C ILE H 233 -32.04 12.16 45.84
N PHE H 234 -30.85 12.70 46.08
CA PHE H 234 -30.50 14.06 45.68
C PHE H 234 -29.59 14.00 44.47
N ALA H 235 -29.93 14.75 43.42
CA ALA H 235 -29.24 14.70 42.14
C ALA H 235 -28.67 16.06 41.80
N PRO H 236 -27.47 16.39 42.27
CA PRO H 236 -26.89 17.71 41.98
C PRO H 236 -26.42 17.80 40.55
N CYS H 237 -26.83 18.89 39.87
CA CYS H 237 -26.57 19.01 38.44
C CYS H 237 -26.17 20.43 38.04
N ALA H 238 -25.70 21.26 38.97
CA ALA H 238 -25.43 22.65 38.64
C ALA H 238 -23.95 23.01 38.69
N LEU H 239 -23.29 22.84 39.83
CA LEU H 239 -21.90 23.26 39.97
C LEU H 239 -21.15 22.23 40.80
N GLY H 240 -19.93 22.58 41.18
CA GLY H 240 -19.11 21.77 42.05
C GLY H 240 -18.76 22.51 43.33
N GLY H 241 -18.09 21.79 44.23
CA GLY H 241 -17.84 22.32 45.55
C GLY H 241 -19.08 22.43 46.39
N ILE H 242 -20.08 21.58 46.12
CA ILE H 242 -21.35 21.64 46.84
C ILE H 242 -21.19 21.10 48.25
N ILE H 243 -20.75 19.86 48.38
CA ILE H 243 -20.70 19.18 49.67
C ILE H 243 -19.51 19.73 50.44
N ASN H 244 -19.79 20.67 51.34
CA ASN H 244 -18.79 21.17 52.27
C ASN H 244 -19.35 21.25 53.68
N ASP H 245 -18.63 21.90 54.60
CA ASP H 245 -19.01 21.92 56.00
C ASP H 245 -20.30 22.71 56.22
N GLN H 246 -20.59 23.66 55.34
CA GLN H 246 -21.83 24.41 55.44
C GLN H 246 -23.04 23.59 55.02
N THR H 247 -22.86 22.59 54.15
CA THR H 247 -23.98 21.93 53.51
C THR H 247 -24.22 20.50 53.94
N ILE H 248 -23.29 19.89 54.70
CA ILE H 248 -23.50 18.51 55.17
C ILE H 248 -24.70 18.33 56.11
N PRO H 249 -24.85 19.08 57.21
CA PRO H 249 -25.92 18.73 58.16
C PRO H 249 -27.33 19.12 57.74
N GLN H 250 -27.57 19.47 56.47
CA GLN H 250 -28.93 19.72 56.00
C GLN H 250 -29.52 18.57 55.20
N LEU H 251 -28.72 17.57 54.82
CA LEU H 251 -29.23 16.47 54.01
C LEU H 251 -30.14 15.56 54.82
N LYS H 252 -31.40 15.48 54.40
CA LYS H 252 -32.31 14.45 54.84
C LYS H 252 -32.33 13.26 53.88
N ALA H 253 -31.40 13.23 52.93
CA ALA H 253 -31.37 12.18 51.92
C ALA H 253 -30.34 11.12 52.28
N LYS H 254 -30.29 10.06 51.47
CA LYS H 254 -29.35 8.97 51.69
C LYS H 254 -28.63 8.54 50.43
N VAL H 255 -29.01 9.06 49.26
CA VAL H 255 -28.36 8.73 47.99
C VAL H 255 -28.05 10.04 47.28
N ILE H 256 -26.79 10.21 46.88
CA ILE H 256 -26.37 11.36 46.06
C ILE H 256 -25.88 10.81 44.74
N ALA H 257 -26.54 11.21 43.64
CA ALA H 257 -26.15 10.75 42.31
C ALA H 257 -26.62 11.77 41.28
N GLY H 258 -25.69 12.60 40.80
CA GLY H 258 -26.01 13.64 39.85
C GLY H 258 -24.93 13.79 38.79
N SER H 259 -25.18 14.68 37.84
CA SER H 259 -24.30 14.90 36.70
C SER H 259 -23.30 16.01 36.93
N ALA H 260 -23.11 16.44 38.17
CA ALA H 260 -22.22 17.55 38.43
C ALA H 260 -20.77 17.08 38.50
N ASN H 261 -19.87 17.96 38.10
CA ASN H 261 -18.44 17.69 38.17
C ASN H 261 -17.87 18.25 39.46
N ASN H 262 -16.92 17.52 40.05
CA ASN H 262 -16.20 17.89 41.28
C ASN H 262 -17.16 18.13 42.43
N GLN H 263 -17.97 17.10 42.73
CA GLN H 263 -19.05 17.26 43.69
C GLN H 263 -18.53 17.35 45.12
N LEU H 264 -17.64 16.45 45.50
CA LEU H 264 -17.00 16.56 46.80
C LEU H 264 -15.96 17.68 46.75
N LYS H 265 -16.09 18.64 47.67
CA LYS H 265 -15.15 19.75 47.68
C LYS H 265 -13.77 19.30 48.14
N GLU H 266 -13.71 18.47 49.16
CA GLU H 266 -12.48 17.88 49.68
C GLU H 266 -12.77 16.42 50.00
N PRO H 267 -11.77 15.54 49.96
CA PRO H 267 -12.02 14.11 50.25
C PRO H 267 -12.42 13.82 51.68
N ARG H 268 -12.15 14.72 52.62
CA ARG H 268 -12.64 14.55 53.99
CA ARG H 268 -12.63 14.51 53.98
C ARG H 268 -14.15 14.58 54.06
N HIS H 269 -14.80 15.32 53.15
CA HIS H 269 -16.25 15.33 53.10
C HIS H 269 -16.79 13.99 52.57
N GLY H 270 -16.06 13.36 51.67
CA GLY H 270 -16.40 11.99 51.28
C GLY H 270 -16.22 11.01 52.41
N ASP H 271 -15.21 11.22 53.25
CA ASP H 271 -15.05 10.40 54.45
C ASP H 271 -16.23 10.60 55.42
N MET H 272 -16.70 11.86 55.55
CA MET H 272 -17.85 12.14 56.41
C MET H 272 -19.13 11.50 55.87
N ILE H 273 -19.34 11.55 54.56
CA ILE H 273 -20.49 10.89 53.94
C ILE H 273 -20.40 9.37 54.11
N HIS H 274 -19.20 8.81 54.02
CA HIS H 274 -19.02 7.38 54.27
C HIS H 274 -19.29 7.03 55.72
N GLU H 275 -19.02 7.96 56.65
CA GLU H 275 -19.40 7.72 58.04
C GLU H 275 -20.91 7.77 58.22
N MET H 276 -21.58 8.74 57.61
CA MET H 276 -23.01 8.93 57.83
C MET H 276 -23.89 7.90 57.13
N GLY H 277 -23.32 7.02 56.33
CA GLY H 277 -24.13 6.02 55.65
C GLY H 277 -24.88 6.51 54.43
N ILE H 278 -24.66 7.74 54.00
CA ILE H 278 -25.25 8.22 52.76
C ILE H 278 -24.55 7.56 51.59
N VAL H 279 -25.31 6.84 50.78
CA VAL H 279 -24.75 6.10 49.65
C VAL H 279 -24.35 7.10 48.57
N TYR H 280 -23.04 7.30 48.41
CA TYR H 280 -22.49 8.24 47.44
C TYR H 280 -21.93 7.45 46.26
N ALA H 281 -22.61 7.52 45.13
CA ALA H 281 -21.96 7.03 43.94
C ALA H 281 -21.05 8.11 43.36
N PRO H 282 -19.84 7.76 42.91
CA PRO H 282 -18.83 8.78 42.60
C PRO H 282 -19.17 9.56 41.34
N ASP H 283 -18.61 10.76 41.27
CA ASP H 283 -19.07 11.75 40.30
C ASP H 283 -18.64 11.42 38.88
N TYR H 284 -17.37 11.04 38.68
CA TYR H 284 -16.87 10.82 37.33
C TYR H 284 -17.23 9.45 36.75
N VAL H 285 -18.03 8.64 37.45
CA VAL H 285 -18.54 7.42 36.89
C VAL H 285 -19.99 7.58 36.43
N ILE H 286 -20.79 8.38 37.14
CA ILE H 286 -22.18 8.58 36.78
C ILE H 286 -22.31 9.39 35.49
N ASN H 287 -21.65 10.54 35.44
CA ASN H 287 -21.82 11.48 34.34
C ASN H 287 -20.95 11.16 33.12
N ALA H 288 -20.44 9.93 33.02
CA ALA H 288 -19.52 9.57 31.95
C ALA H 288 -20.22 9.21 30.65
N GLY H 289 -21.49 9.57 30.47
CA GLY H 289 -22.19 9.21 29.26
C GLY H 289 -21.79 10.07 28.06
N GLY H 290 -21.45 11.33 28.31
CA GLY H 290 -21.09 12.21 27.21
C GLY H 290 -19.76 11.87 26.59
N VAL H 291 -18.80 11.42 27.41
CA VAL H 291 -17.50 11.02 26.91
C VAL H 291 -17.61 9.72 26.12
N ILE H 292 -18.48 8.81 26.56
CA ILE H 292 -18.80 7.62 25.77
C ILE H 292 -19.47 7.99 24.45
N ASN H 293 -20.33 9.01 24.46
CA ASN H 293 -21.01 9.41 23.23
C ASN H 293 -20.03 10.04 22.23
N VAL H 294 -19.08 10.84 22.71
CA VAL H 294 -18.13 11.43 21.78
C VAL H 294 -17.01 10.45 21.43
N ALA H 295 -16.82 9.40 22.21
CA ALA H 295 -15.82 8.39 21.88
C ALA H 295 -16.34 7.30 20.98
N ASP H 296 -17.67 7.14 20.88
CA ASP H 296 -18.21 6.17 19.95
C ASP H 296 -18.17 6.65 18.51
N GLU H 297 -17.93 7.94 18.29
CA GLU H 297 -17.78 8.50 16.95
C GLU H 297 -16.56 7.97 16.22
N LEU H 298 -15.53 7.52 16.95
CA LEU H 298 -14.30 7.02 16.35
C LEU H 298 -14.50 5.73 15.57
N TYR H 299 -15.56 4.98 15.85
CA TYR H 299 -15.91 3.79 15.09
C TYR H 299 -16.69 4.09 13.82
N GLY H 300 -17.11 5.33 13.62
CA GLY H 300 -18.20 5.62 12.73
C GLY H 300 -19.46 5.63 13.56
N TYR H 301 -20.16 6.76 13.59
CA TYR H 301 -21.14 6.99 14.65
C TYR H 301 -22.40 6.17 14.42
N ASN H 302 -22.88 5.55 15.49
CA ASN H 302 -24.11 4.79 15.46
C ASN H 302 -24.75 4.93 16.83
N ARG H 303 -26.03 5.31 16.85
CA ARG H 303 -26.70 5.68 18.10
C ARG H 303 -27.00 4.45 18.96
N GLU H 304 -27.32 3.31 18.33
CA GLU H 304 -27.71 2.13 19.09
C GLU H 304 -26.53 1.51 19.84
N ARG H 305 -25.38 1.42 19.18
CA ARG H 305 -24.16 0.94 19.83
C ARG H 305 -23.72 1.86 20.96
N ALA H 306 -23.86 3.19 20.75
CA ALA H 306 -23.50 4.16 21.76
C ALA H 306 -24.37 4.04 23.00
N MET H 307 -25.69 3.95 22.80
CA MET H 307 -26.60 3.85 23.95
C MET H 307 -26.49 2.48 24.63
N LYS H 308 -26.17 1.43 23.87
CA LYS H 308 -25.89 0.13 24.45
C LYS H 308 -24.63 0.17 25.31
N LYS H 309 -23.66 1.02 24.97
CA LYS H 309 -22.49 1.18 25.82
C LYS H 309 -22.80 2.06 27.04
N ILE H 310 -23.64 3.08 26.88
CA ILE H 310 -24.02 3.96 28.00
C ILE H 310 -24.85 3.21 29.04
N GLU H 311 -25.55 2.14 28.63
CA GLU H 311 -26.32 1.32 29.55
C GLU H 311 -25.47 0.70 30.67
N GLN H 312 -24.19 0.44 30.41
CA GLN H 312 -23.34 -0.27 31.35
C GLN H 312 -22.85 0.56 32.54
N ILE H 313 -23.31 1.82 32.68
CA ILE H 313 -22.96 2.61 33.86
C ILE H 313 -23.62 2.04 35.11
N TYR H 314 -24.73 1.33 34.93
CA TYR H 314 -25.32 0.48 35.96
C TYR H 314 -24.31 -0.51 36.53
N ASP H 315 -23.68 -1.30 35.66
CA ASP H 315 -22.69 -2.27 36.11
C ASP H 315 -21.43 -1.61 36.63
N ASN H 316 -21.09 -0.42 36.11
CA ASN H 316 -19.92 0.32 36.60
C ASN H 316 -20.11 0.76 38.04
N ILE H 317 -21.25 1.37 38.36
CA ILE H 317 -21.59 1.74 39.74
C ILE H 317 -21.70 0.51 40.62
N GLU H 318 -22.20 -0.61 40.07
CA GLU H 318 -22.28 -1.85 40.82
C GLU H 318 -20.89 -2.38 41.19
N LYS H 319 -19.93 -2.28 40.27
CA LYS H 319 -18.56 -2.68 40.60
C LYS H 319 -17.89 -1.74 41.59
N VAL H 320 -18.19 -0.43 41.52
CA VAL H 320 -17.67 0.51 42.52
C VAL H 320 -18.16 0.15 43.91
N PHE H 321 -19.45 -0.15 44.04
CA PHE H 321 -20.00 -0.54 45.33
C PHE H 321 -19.50 -1.90 45.79
N ALA H 322 -19.22 -2.81 44.85
CA ALA H 322 -18.64 -4.10 45.21
C ALA H 322 -17.22 -3.95 45.77
N ILE H 323 -16.39 -3.11 45.13
CA ILE H 323 -15.04 -2.88 45.64
C ILE H 323 -15.07 -2.12 46.96
N ALA H 324 -16.01 -1.19 47.14
CA ALA H 324 -16.12 -0.45 48.39
C ALA H 324 -16.55 -1.35 49.53
N LYS H 325 -17.46 -2.30 49.28
CA LYS H 325 -17.80 -3.25 50.33
C LYS H 325 -16.70 -4.29 50.54
N ARG H 326 -15.89 -4.53 49.51
CA ARG H 326 -14.84 -5.55 49.61
CA ARG H 326 -14.85 -5.55 49.62
C ARG H 326 -13.68 -5.07 50.47
N ASP H 327 -13.24 -3.83 50.28
CA ASP H 327 -12.05 -3.34 50.95
C ASP H 327 -12.41 -2.40 52.12
N ASN H 328 -13.69 -2.15 52.36
CA ASN H 328 -14.21 -1.29 53.43
C ASN H 328 -13.63 0.13 53.35
N ILE H 329 -13.70 0.69 52.15
CA ILE H 329 -13.13 2.00 51.84
C ILE H 329 -14.26 2.87 51.33
N PRO H 330 -14.11 4.20 51.36
CA PRO H 330 -15.11 5.07 50.74
C PRO H 330 -15.18 4.89 49.23
N THR H 331 -16.31 5.31 48.65
CA THR H 331 -16.58 5.01 47.27
C THR H 331 -15.77 5.86 46.29
N TYR H 332 -15.35 7.06 46.71
CA TYR H 332 -14.49 7.85 45.84
C TYR H 332 -13.09 7.28 45.77
N VAL H 333 -12.68 6.52 46.78
CA VAL H 333 -11.44 5.75 46.71
C VAL H 333 -11.68 4.48 45.90
N ALA H 334 -12.88 3.90 46.01
CA ALA H 334 -13.20 2.66 45.31
C ALA H 334 -13.25 2.87 43.80
N ALA H 335 -13.65 4.06 43.34
CA ALA H 335 -13.67 4.31 41.90
C ALA H 335 -12.26 4.46 41.34
N ASP H 336 -11.37 5.12 42.08
CA ASP H 336 -9.97 5.21 41.67
C ASP H 336 -9.31 3.85 41.65
N ARG H 337 -9.60 3.00 42.63
CA ARG H 337 -8.98 1.68 42.64
C ARG H 337 -9.56 0.77 41.56
N MET H 338 -10.85 0.93 41.22
CA MET H 338 -11.43 0.25 40.07
C MET H 338 -10.71 0.63 38.79
N ALA H 339 -10.47 1.92 38.58
CA ALA H 339 -9.81 2.37 37.36
C ALA H 339 -8.35 1.91 37.30
N GLU H 340 -7.64 1.96 38.42
CA GLU H 340 -6.24 1.54 38.43
C GLU H 340 -6.10 0.03 38.25
N GLU H 341 -7.02 -0.75 38.83
CA GLU H 341 -6.98 -2.20 38.59
C GLU H 341 -7.31 -2.53 37.15
N ARG H 342 -8.19 -1.75 36.49
CA ARG H 342 -8.42 -2.00 35.08
C ARG H 342 -7.20 -1.68 34.24
N ILE H 343 -6.48 -0.60 34.56
CA ILE H 343 -5.28 -0.24 33.80
C ILE H 343 -4.19 -1.30 33.98
N GLU H 344 -3.96 -1.75 35.22
CA GLU H 344 -2.92 -2.75 35.48
C GLU H 344 -3.26 -4.10 34.86
N THR H 345 -4.53 -4.50 34.92
CA THR H 345 -4.92 -5.79 34.36
C THR H 345 -4.88 -5.76 32.84
N MET H 346 -5.26 -4.64 32.22
CA MET H 346 -5.18 -4.60 30.77
C MET H 346 -3.76 -4.40 30.27
N ARG H 347 -2.83 -3.97 31.11
CA ARG H 347 -1.43 -4.01 30.72
CA ARG H 347 -1.43 -4.01 30.72
C ARG H 347 -0.88 -5.42 30.81
N LYS H 348 -1.24 -6.16 31.86
CA LYS H 348 -0.71 -7.50 32.03
C LYS H 348 -1.42 -8.57 31.20
N ALA H 349 -2.58 -8.27 30.61
CA ALA H 349 -3.35 -9.26 29.87
C ALA H 349 -3.35 -9.07 28.37
N ARG H 350 -2.83 -7.94 27.89
CA ARG H 350 -2.66 -7.70 26.46
C ARG H 350 -1.19 -7.67 26.08
N SER H 351 -0.41 -8.57 26.66
CA SER H 351 1.04 -8.52 26.54
C SER H 351 1.61 -9.43 25.47
N GLN H 352 0.87 -10.41 25.00
CA GLN H 352 1.40 -11.33 24.00
C GLN H 352 1.51 -10.65 22.64
N PHE H 353 2.55 -11.05 21.91
CA PHE H 353 2.98 -10.37 20.71
C PHE H 353 2.00 -10.54 19.55
N LEU H 354 1.74 -9.44 18.85
CA LEU H 354 1.05 -9.44 17.57
C LEU H 354 1.69 -8.37 16.71
N GLN H 355 1.83 -8.62 15.42
CA GLN H 355 2.35 -7.60 14.53
C GLN H 355 1.25 -6.93 13.71
N ASN H 356 -0.01 -7.22 14.02
CA ASN H 356 -1.15 -6.62 13.36
C ASN H 356 -2.25 -6.33 14.37
N GLY H 357 -1.89 -5.74 15.51
CA GLY H 357 -2.86 -5.52 16.56
C GLY H 357 -3.80 -4.36 16.26
N HIS H 358 -5.01 -4.46 16.79
CA HIS H 358 -6.03 -3.42 16.63
C HIS H 358 -6.04 -2.50 17.84
N HIS H 359 -6.34 -1.25 17.59
CA HIS H 359 -6.55 -0.23 18.60
C HIS H 359 -7.73 0.63 18.16
N ILE H 360 -7.90 1.79 18.81
CA ILE H 360 -9.09 2.59 18.59
C ILE H 360 -9.01 3.30 17.24
N LEU H 361 -7.82 3.43 16.65
CA LEU H 361 -7.60 4.18 15.43
C LEU H 361 -7.27 3.29 14.26
N SER H 362 -7.49 1.99 14.39
CA SER H 362 -7.13 1.07 13.34
C SER H 362 -8.17 1.12 12.23
N ARG H 363 -7.70 0.92 11.00
CA ARG H 363 -8.57 0.87 9.84
C ARG H 363 -8.89 -0.59 9.57
N ARG H 364 -10.15 -0.97 9.75
CA ARG H 364 -10.50 -2.38 9.69
C ARG H 364 -11.62 -2.63 8.69
N ARG H 365 -12.07 -3.87 8.66
CA ARG H 365 -13.07 -4.29 7.67
CA ARG H 365 -13.07 -4.30 7.68
C ARG H 365 -14.42 -3.66 7.98
N ALA H 366 -15.14 -3.29 6.91
CA ALA H 366 -16.38 -2.54 7.05
C ALA H 366 -17.48 -3.40 7.68
N ARG H 367 -17.83 -4.51 7.01
CA ARG H 367 -18.85 -5.47 7.44
C ARG H 367 -20.22 -4.84 7.71
#